data_7MW4
#
_entry.id   7MW4
#
_cell.length_a   1.00
_cell.length_b   1.00
_cell.length_c   1.00
_cell.angle_alpha   90.00
_cell.angle_beta   90.00
_cell.angle_gamma   90.00
#
_symmetry.space_group_name_H-M   'P 1'
#
loop_
_entity.id
_entity.type
_entity.pdbx_description
1 polymer 'Spike glycoprotein'
2 polymer 'Fab of antibody clone 6, light chain'
3 polymer 'Fab of antibody clone 6, heavy chain'
4 branched 2-acetamido-2-deoxy-beta-D-glucopyranose-(1-3)-2-acetamido-2-deoxy-beta-D-glucopyranose
5 branched 2-acetamido-2-deoxy-beta-D-glucopyranose-(1-4)-2-acetamido-2-deoxy-beta-D-glucopyranose
6 non-polymer 2-acetamido-2-deoxy-beta-D-glucopyranose
#
loop_
_entity_poly.entity_id
_entity_poly.type
_entity_poly.pdbx_seq_one_letter_code
_entity_poly.pdbx_strand_id
1 'polypeptide(L)'
;MFVFLVLLPLVSSQCVNLTTRTQLPPAYTNSFTRGVYYPDKVFRSSVLHSTQDLFLPFFSNVTWFHAIHVSGTNGTKRFD
NPVLPFNDGVYFASTEKSNIIRGWIFGTTLDSKTQSLLIVNNATNVVIKVCEFQFCNDPFLGVYYHKNNKSWMESEFRVY
SSANNCTFEYVSQPFLMDLEGKQGNFKNLREFVFKNIDGYFKIYSKHTPINLVRDLPQGFSALEPLVDLPIGINITRFQT
LLALHRSYLTPGDSSSGWTAGAAAYYVGYLQPRTFLLKYNENGTITDAVDCALDPLSETKCTLKSFTVEKGIYQTSNFRV
QPTESIVRFPNITNLCPFGEVFNATRFASVYAWNRKRISNCVADYSVLYNSASFSTFKCYGVSPTKLNDLCFTNVYADSF
VIRGDEVRQIAPGQTGKIADYNYKLPDDFTGCVIAWNSNNLDSKVGGNYNYLYRLFRKSNLKPFERDISTEIYQAGSTPC
NGVEGFNCYFPLQSYGFQPTNGVGYQPYRVVVLSFELLHAPATVCGPKKSTNLVKNKCVNFNFNGLTGTGVLTESNKKFL
PFQQFGRDIADTTDAVRDPQTLEILDITPCSFGGVSVITPGTNTSNQVAVLYQDVNCTEVPVAIHADQLTPTWRVYSTGS
NVFQTRAGCLIGAEHVNNSYECDIPIGAGICASYQTQTNSPGSASSVASQSIIAYTMSLGAENSVAYSNNSIAIPTNFTI
SVTTEILPVSMTKTSVDCTMYICGDSTECSNLLLQYGSFCTQLNRALTGIAVEQDKNTQEVFAQVKQIYKTPPIKDFGGF
NFSQILPDPSKPSKRSFIEDLLFNKVTLADAGFIKQYGDCLGDIAARDLICAQKFNGLTVLPPLLTDEMIAQYTSALLAG
TITSGWTFGAGAALQIPFAMQMAYRFNGIGVTQNVLYENQKLIANQFNSAIGKIQDSLSSTASALGKLQDVVNQNAQALN
TLVKQLSSNFGAISSVLNDILSRLDPPEAEVQIDRLITGRLQSLQTYVTQQLIRAAEIRASANLAATKMSECVLGQSKRV
DFCGKGYHLMSFPQSAPHGVVFLHVTYVPAQEKNFTTAPAICHDGKAHFPREGVFVSNGTHWFVTQRNFYEPQIITTDNT
FVSGNCDVVIGIVNNTVYDPLQPELDSFKEELDKYFKNHTSPDVDLGDISGINASVVNIQKEIDRLNEVAKNLNESLIDL
QELGKYEQGSGYIPEAPRDGQAYVRKDGEWVLLSTFLGRSLEVLFQGPGHHHHHHHHSAWSHPQFEKGGGSGGGGSGGSA
WSHPQFEK
;
C,A,B
2 'polypeptide(L)'
;MEKDTLLLWVLLLWVPGSTGDIVLTQSPASLAVSLGQRATISCRASESVDNYGISFMNWFQQTPGQPPKLLIYGSSNQGS
GVPARFSGSGSGTDFSLNIHPMEEDDTAMYFCQQSKEVPYTFGGGTKLEIKRTVAAPSVFIFPPSDEQLKSGTASVVCLL
NNFYPREAKVQWKVDNALQSGNSQESVTEQDSKDSTYSLSSTLTLSKADYEKHKVYACEVTHQGLSSPVTKSFNRGEA
;
L,E,G
3 'polypeptide(L)'
;MERHWIFLFLLSVTAGVHSQVQLQQSAAELARPGASVKMSCKASGYTFTSYTMHWVKQRPGQGLEWIGYINPTSGYTEYN
QNFKDKTTLTADKSSSTAYMQLNSLTSEDSAVYYCAREGHRVGPAYWGQGTLVTVSAASTKGPSVFPLAPSSKSTSGGTA
ALGCLVKDYFPEPVTVSWNSGALTSGVHTFPAVLQSSGLYSLSSVVTVPSSSLGTQTYICNVNHKPSNTKVDKKVEP
;
H,D,F
#
loop_
_chem_comp.id
_chem_comp.type
_chem_comp.name
_chem_comp.formula
NAG D-saccharide, beta linking 2-acetamido-2-deoxy-beta-D-glucopyranose 'C8 H15 N O6'
#
# COMPACT_ATOMS: atom_id res chain seq x y z
N ALA A 27 42.92 -29.66 9.21
CA ALA A 27 42.57 -30.29 7.94
C ALA A 27 41.07 -30.19 7.66
N TYR A 28 40.47 -31.33 7.33
CA TYR A 28 39.03 -31.40 7.05
C TYR A 28 38.51 -32.77 7.43
N THR A 29 37.21 -32.85 7.68
CA THR A 29 36.59 -34.12 8.07
C THR A 29 35.17 -34.16 7.54
N ASN A 30 34.76 -35.34 7.09
CA ASN A 30 33.45 -35.55 6.48
C ASN A 30 32.39 -35.74 7.56
N SER A 31 31.45 -34.81 7.64
CA SER A 31 30.31 -34.93 8.55
C SER A 31 29.21 -35.67 7.80
N PHE A 32 29.05 -36.96 8.13
CA PHE A 32 28.19 -37.83 7.33
C PHE A 32 26.73 -37.42 7.40
N THR A 33 26.13 -37.51 8.59
CA THR A 33 24.70 -37.24 8.72
C THR A 33 24.37 -36.31 9.89
N ARG A 34 25.37 -35.72 10.54
CA ARG A 34 25.12 -34.89 11.70
C ARG A 34 24.67 -33.50 11.29
N GLY A 35 24.24 -32.72 12.27
CA GLY A 35 23.84 -31.35 12.04
C GLY A 35 22.37 -31.09 11.92
N VAL A 36 21.52 -32.07 12.21
CA VAL A 36 20.07 -31.92 12.12
C VAL A 36 19.52 -31.55 13.50
N TYR A 37 18.51 -30.68 13.52
CA TYR A 37 17.92 -30.23 14.77
C TYR A 37 16.42 -30.02 14.56
N TYR A 38 15.69 -30.02 15.67
CA TYR A 38 14.26 -29.82 15.63
C TYR A 38 13.95 -28.39 15.21
N PRO A 39 13.47 -28.14 13.99
CA PRO A 39 13.29 -26.74 13.55
C PRO A 39 12.27 -25.97 14.38
N ASP A 40 11.27 -26.64 14.94
CA ASP A 40 10.18 -25.96 15.62
C ASP A 40 9.69 -26.81 16.79
N LYS A 41 8.95 -26.15 17.68
CA LYS A 41 8.45 -26.79 18.89
C LYS A 41 7.29 -27.76 18.63
N VAL A 42 6.98 -28.07 17.37
CA VAL A 42 5.75 -28.79 17.07
C VAL A 42 5.97 -30.29 17.22
N PHE A 43 4.94 -30.96 17.73
CA PHE A 43 4.91 -32.41 17.84
C PHE A 43 4.32 -33.02 16.58
N ARG A 44 5.06 -33.92 15.96
CA ARG A 44 4.57 -34.70 14.83
C ARG A 44 4.82 -36.18 15.08
N SER A 45 3.84 -37.00 14.71
CA SER A 45 3.88 -38.43 15.02
C SER A 45 3.70 -39.24 13.74
N SER A 46 4.68 -40.11 13.46
CA SER A 46 4.61 -41.07 12.36
C SER A 46 4.29 -40.38 11.03
N VAL A 47 4.97 -39.26 10.78
CA VAL A 47 4.78 -38.50 9.55
C VAL A 47 6.14 -38.06 9.03
N LEU A 48 6.22 -37.88 7.72
CA LEU A 48 7.39 -37.34 7.05
C LEU A 48 7.12 -35.88 6.71
N HIS A 49 7.92 -34.97 7.26
CA HIS A 49 7.66 -33.55 7.18
C HIS A 49 8.80 -32.86 6.44
N SER A 50 8.45 -31.99 5.49
CA SER A 50 9.44 -31.25 4.72
C SER A 50 9.57 -29.85 5.29
N THR A 51 10.82 -29.38 5.41
CA THR A 51 11.10 -28.06 5.95
C THR A 51 12.20 -27.40 5.14
N GLN A 52 12.23 -26.07 5.18
CA GLN A 52 13.25 -25.28 4.50
C GLN A 52 13.89 -24.35 5.52
N ASP A 53 15.08 -24.72 6.01
CA ASP A 53 15.71 -23.98 7.09
C ASP A 53 17.22 -24.07 6.94
N LEU A 54 17.94 -23.53 7.91
CA LEU A 54 19.40 -23.52 7.91
C LEU A 54 19.88 -24.85 8.48
N PHE A 55 20.39 -25.72 7.60
CA PHE A 55 20.82 -27.05 7.98
C PHE A 55 22.26 -27.26 7.55
N LEU A 56 22.90 -28.26 8.14
CA LEU A 56 24.23 -28.65 7.71
C LEU A 56 24.10 -29.66 6.56
N PRO A 57 24.60 -29.35 5.36
CA PRO A 57 24.44 -30.29 4.25
C PRO A 57 25.12 -31.62 4.55
N PHE A 58 24.45 -32.70 4.12
CA PHE A 58 24.97 -34.04 4.37
C PHE A 58 26.27 -34.28 3.62
N PHE A 59 27.15 -35.05 4.26
CA PHE A 59 28.41 -35.48 3.65
C PHE A 59 29.26 -34.29 3.22
N SER A 60 29.14 -33.19 3.96
CA SER A 60 29.97 -32.02 3.72
C SER A 60 31.22 -32.07 4.59
N ASN A 61 32.26 -31.38 4.14
CA ASN A 61 33.51 -31.33 4.89
C ASN A 61 33.49 -30.15 5.86
N VAL A 62 34.00 -30.37 7.06
CA VAL A 62 34.03 -29.38 8.12
C VAL A 62 35.47 -29.25 8.61
N THR A 63 35.82 -28.05 9.08
CA THR A 63 37.16 -27.81 9.57
C THR A 63 37.40 -28.55 10.88
N TRP A 64 38.61 -29.03 11.06
CA TRP A 64 39.00 -29.84 12.21
C TRP A 64 40.13 -29.12 12.94
N PHE A 65 39.95 -28.90 14.23
CA PHE A 65 40.97 -28.25 15.05
C PHE A 65 41.27 -29.13 16.25
N HIS A 66 42.46 -29.72 16.29
CA HIS A 66 42.84 -30.66 17.33
C HIS A 66 43.85 -30.00 18.26
N ALA A 67 43.58 -30.06 19.56
CA ALA A 67 44.46 -29.46 20.56
C ALA A 67 45.40 -30.50 21.14
N PHE A 79 46.72 -27.11 20.24
CA PHE A 79 46.06 -25.95 20.82
C PHE A 79 45.86 -24.88 19.74
N ASP A 80 44.66 -24.86 19.15
CA ASP A 80 44.42 -24.04 17.96
C ASP A 80 43.69 -22.74 18.27
N ASN A 81 42.45 -22.84 18.76
CA ASN A 81 41.48 -21.78 19.07
C ASN A 81 41.60 -20.53 18.20
N PRO A 82 41.45 -20.62 16.88
CA PRO A 82 41.50 -19.42 16.04
C PRO A 82 40.20 -18.61 16.12
N VAL A 83 40.26 -17.41 15.56
CA VAL A 83 39.05 -16.68 15.24
C VAL A 83 38.47 -17.20 13.94
N LEU A 84 37.19 -17.54 13.95
CA LEU A 84 36.54 -18.13 12.79
C LEU A 84 35.31 -17.33 12.40
N PRO A 85 34.99 -17.28 11.11
CA PRO A 85 33.77 -16.60 10.66
C PRO A 85 32.53 -17.34 11.12
N PHE A 86 31.41 -16.61 11.15
CA PHE A 86 30.14 -17.15 11.61
C PHE A 86 29.29 -17.68 10.47
N ASN A 87 28.97 -16.84 9.49
CA ASN A 87 28.24 -17.25 8.29
C ASN A 87 26.86 -17.84 8.63
N ASP A 88 26.00 -16.99 9.18
CA ASP A 88 24.58 -17.28 9.34
C ASP A 88 24.29 -18.36 10.38
N GLY A 89 25.33 -18.90 11.01
CA GLY A 89 25.12 -19.96 11.99
C GLY A 89 26.15 -21.06 11.85
N VAL A 90 26.49 -21.72 12.96
CA VAL A 90 27.58 -22.69 12.95
C VAL A 90 27.13 -23.99 13.60
N TYR A 91 27.78 -25.08 13.20
CA TYR A 91 27.62 -26.38 13.82
C TYR A 91 28.96 -26.74 14.46
N PHE A 92 28.93 -26.95 15.78
CA PHE A 92 30.12 -27.18 16.57
C PHE A 92 30.05 -28.57 17.19
N ALA A 93 31.16 -29.28 17.21
CA ALA A 93 31.23 -30.58 17.85
C ALA A 93 32.52 -30.71 18.62
N SER A 94 32.46 -31.37 19.77
CA SER A 94 33.63 -31.56 20.63
C SER A 94 33.89 -33.05 20.79
N THR A 95 34.95 -33.37 21.54
CA THR A 95 35.29 -34.76 21.82
C THR A 95 36.15 -34.88 23.08
N SER A 98 37.66 -34.94 30.32
CA SER A 98 38.44 -34.17 29.36
C SER A 98 37.73 -32.87 29.01
N ASN A 99 37.29 -32.13 30.03
CA ASN A 99 36.53 -30.90 29.82
C ASN A 99 37.49 -29.79 29.37
N ILE A 100 37.99 -29.96 28.15
CA ILE A 100 38.95 -29.01 27.60
C ILE A 100 38.23 -27.89 26.86
N ILE A 101 37.31 -28.23 25.97
CA ILE A 101 36.48 -27.23 25.33
C ILE A 101 35.58 -26.61 26.39
N ARG A 102 35.68 -25.30 26.58
CA ARG A 102 35.09 -24.68 27.75
C ARG A 102 34.03 -23.65 27.40
N GLY A 103 34.21 -22.90 26.31
CA GLY A 103 33.24 -21.88 26.00
C GLY A 103 33.42 -21.33 24.61
N TRP A 104 32.66 -20.28 24.33
CA TRP A 104 32.69 -19.62 23.03
C TRP A 104 32.51 -18.11 23.20
N ILE A 105 33.01 -17.38 22.20
CA ILE A 105 32.92 -15.93 22.12
C ILE A 105 32.36 -15.58 20.76
N PHE A 106 31.34 -14.71 20.74
CA PHE A 106 30.69 -14.32 19.51
C PHE A 106 30.70 -12.81 19.36
N GLY A 107 30.74 -12.34 18.12
CA GLY A 107 30.71 -10.92 17.87
C GLY A 107 31.25 -10.60 16.50
N THR A 108 31.39 -9.30 16.24
CA THR A 108 31.95 -8.80 14.99
C THR A 108 33.40 -8.36 15.13
N THR A 109 33.71 -7.58 16.15
CA THR A 109 35.07 -7.09 16.35
C THR A 109 35.78 -7.71 17.54
N LEU A 110 35.04 -8.30 18.50
CA LEU A 110 35.61 -8.84 19.72
C LEU A 110 36.42 -7.78 20.46
N ASP A 111 35.95 -6.53 20.39
CA ASP A 111 36.64 -5.40 20.99
C ASP A 111 35.61 -4.55 21.72
N SER A 112 36.10 -3.71 22.64
CA SER A 112 35.22 -2.93 23.50
C SER A 112 34.38 -1.92 22.71
N LYS A 113 34.78 -1.62 21.46
CA LYS A 113 34.02 -0.68 20.66
C LYS A 113 32.61 -1.18 20.40
N THR A 114 32.47 -2.43 19.97
CA THR A 114 31.17 -3.04 19.72
C THR A 114 30.82 -3.98 20.86
N GLN A 115 29.72 -4.72 20.68
CA GLN A 115 29.22 -5.63 21.71
C GLN A 115 29.52 -7.07 21.32
N SER A 116 29.80 -7.90 22.33
CA SER A 116 30.17 -9.29 22.10
C SER A 116 29.50 -10.17 23.15
N LEU A 117 29.37 -11.45 22.83
CA LEU A 117 28.70 -12.42 23.67
C LEU A 117 29.73 -13.45 24.14
N LEU A 118 29.58 -13.91 25.39
CA LEU A 118 30.49 -14.85 26.01
C LEU A 118 29.71 -15.96 26.68
N ILE A 119 30.13 -17.20 26.47
CA ILE A 119 29.53 -18.38 27.10
C ILE A 119 30.68 -19.21 27.67
N VAL A 120 30.75 -19.33 29.00
CA VAL A 120 31.78 -20.13 29.67
C VAL A 120 31.13 -20.87 30.83
N ASN A 121 31.52 -22.13 31.00
CA ASN A 121 31.12 -22.92 32.16
C ASN A 121 32.38 -23.38 32.92
N ASN A 122 32.85 -22.50 33.81
CA ASN A 122 34.16 -22.68 34.43
C ASN A 122 34.19 -23.90 35.35
N ALA A 123 33.41 -23.88 36.43
CA ALA A 123 33.32 -25.07 37.27
C ALA A 123 32.11 -25.91 36.86
N THR A 124 30.91 -25.35 37.04
CA THR A 124 29.67 -25.86 36.48
C THR A 124 28.76 -24.73 36.03
N ASN A 125 29.23 -23.50 36.13
CA ASN A 125 28.37 -22.32 36.00
C ASN A 125 28.43 -21.79 34.57
N VAL A 126 27.40 -22.11 33.80
CA VAL A 126 27.25 -21.52 32.47
C VAL A 126 26.90 -20.04 32.66
N VAL A 127 27.72 -19.16 32.09
CA VAL A 127 27.61 -17.73 32.31
C VAL A 127 27.52 -17.07 30.94
N ILE A 128 26.31 -16.76 30.51
CA ILE A 128 26.13 -16.01 29.27
C ILE A 128 26.18 -14.52 29.60
N LYS A 129 27.06 -13.81 28.93
CA LYS A 129 27.21 -12.37 29.16
C LYS A 129 27.46 -11.63 27.87
N VAL A 130 26.65 -10.62 27.57
CA VAL A 130 26.80 -9.88 26.32
C VAL A 130 27.39 -8.51 26.64
N CYS A 131 28.14 -8.43 27.73
CA CYS A 131 28.82 -7.19 28.08
C CYS A 131 29.83 -6.83 27.00
N GLU A 132 30.03 -5.53 26.79
CA GLU A 132 31.13 -5.08 25.96
C GLU A 132 32.45 -5.56 26.55
N PHE A 133 33.23 -6.27 25.74
CA PHE A 133 34.41 -6.98 26.21
C PHE A 133 35.65 -6.47 25.50
N GLN A 134 36.77 -6.49 26.21
CA GLN A 134 38.08 -6.25 25.61
C GLN A 134 38.88 -7.55 25.71
N PHE A 135 38.87 -8.33 24.63
CA PHE A 135 39.40 -9.68 24.65
C PHE A 135 40.88 -9.71 24.31
N CYS A 136 41.56 -10.73 24.80
CA CYS A 136 42.96 -10.94 24.50
C CYS A 136 43.14 -11.50 23.09
N ASN A 137 44.38 -11.49 22.61
CA ASN A 137 44.67 -12.06 21.31
C ASN A 137 44.40 -13.56 21.30
N ASP A 138 44.73 -14.25 22.39
CA ASP A 138 44.47 -15.67 22.54
C ASP A 138 43.72 -15.89 23.86
N PRO A 139 42.39 -15.76 23.87
CA PRO A 139 41.62 -16.01 25.10
C PRO A 139 41.68 -17.49 25.48
N PHE A 140 41.92 -17.75 26.77
CA PHE A 140 42.05 -19.11 27.26
C PHE A 140 41.51 -19.17 28.69
N LEU A 141 41.66 -20.34 29.31
CA LEU A 141 41.22 -20.54 30.69
C LEU A 141 42.41 -20.62 31.63
N PHE A 157 40.48 -17.42 34.99
CA PHE A 157 40.74 -17.36 33.56
C PHE A 157 41.26 -15.98 33.14
N ARG A 158 41.68 -15.89 31.88
CA ARG A 158 42.25 -14.66 31.33
C ARG A 158 41.59 -14.32 30.00
N VAL A 159 40.29 -14.56 29.88
CA VAL A 159 39.62 -14.48 28.58
C VAL A 159 39.51 -13.03 28.10
N TYR A 160 39.20 -12.10 29.00
CA TYR A 160 39.09 -10.70 28.62
C TYR A 160 39.91 -9.83 29.55
N SER A 161 40.17 -8.61 29.08
CA SER A 161 40.85 -7.62 29.91
C SER A 161 39.87 -6.78 30.71
N SER A 162 38.79 -6.34 30.07
CA SER A 162 37.78 -5.53 30.76
C SER A 162 36.40 -5.88 30.22
N ALA A 163 35.40 -5.72 31.09
CA ALA A 163 34.00 -5.94 30.75
C ALA A 163 33.18 -4.78 31.27
N ASN A 164 32.34 -4.20 30.41
CA ASN A 164 31.55 -3.05 30.81
C ASN A 164 30.35 -2.93 29.88
N ASN A 165 29.34 -2.17 30.34
CA ASN A 165 28.11 -1.95 29.58
C ASN A 165 27.34 -3.26 29.37
N CYS A 166 27.12 -4.00 30.45
CA CYS A 166 26.41 -5.27 30.37
C CYS A 166 24.95 -5.05 30.03
N THR A 167 24.44 -5.88 29.12
CA THR A 167 23.03 -5.83 28.73
C THR A 167 22.26 -7.04 29.23
N PHE A 168 22.84 -8.23 29.06
CA PHE A 168 22.17 -9.49 29.41
C PHE A 168 23.17 -10.39 30.12
N GLU A 169 22.99 -10.58 31.42
CA GLU A 169 23.85 -11.43 32.23
C GLU A 169 23.01 -12.56 32.80
N TYR A 170 23.15 -13.75 32.22
CA TYR A 170 22.42 -14.93 32.65
C TYR A 170 23.40 -15.95 33.21
N VAL A 171 23.01 -16.59 34.31
CA VAL A 171 23.85 -17.58 34.95
C VAL A 171 23.01 -18.84 35.18
N SER A 172 23.68 -19.99 35.14
CA SER A 172 23.08 -21.27 35.46
C SER A 172 23.90 -21.91 36.59
N GLN A 173 23.24 -22.19 37.70
CA GLN A 173 23.89 -22.71 38.89
C GLN A 173 24.48 -24.09 38.67
N LYS A 187 35.65 -39.71 24.93
CA LYS A 187 34.73 -40.83 24.95
C LYS A 187 33.28 -40.35 24.89
N ASN A 188 33.09 -39.05 24.79
CA ASN A 188 31.77 -38.44 24.67
C ASN A 188 31.81 -37.38 23.58
N LEU A 189 30.71 -37.25 22.85
CA LEU A 189 30.57 -36.29 21.76
C LEU A 189 29.53 -35.27 22.14
N ARG A 190 29.91 -33.99 22.14
CA ARG A 190 29.03 -32.89 22.51
C ARG A 190 28.82 -32.03 21.28
N GLU A 191 27.57 -31.96 20.80
CA GLU A 191 27.23 -31.24 19.59
C GLU A 191 26.34 -30.05 19.91
N PHE A 192 26.61 -28.94 19.25
CA PHE A 192 25.82 -27.72 19.37
C PHE A 192 25.58 -27.13 18.00
N VAL A 193 24.44 -26.47 17.86
CA VAL A 193 24.08 -25.73 16.66
C VAL A 193 23.69 -24.33 17.11
N PHE A 194 24.45 -23.33 16.66
CA PHE A 194 24.19 -21.94 17.02
C PHE A 194 23.61 -21.21 15.83
N LYS A 195 22.46 -20.55 16.04
CA LYS A 195 21.78 -19.85 14.95
C LYS A 195 21.27 -18.51 15.47
N ASN A 196 21.69 -17.42 14.83
CA ASN A 196 21.29 -16.08 15.22
C ASN A 196 20.29 -15.56 14.19
N ILE A 197 19.01 -15.52 14.55
CA ILE A 197 17.95 -15.14 13.63
C ILE A 197 16.95 -14.24 14.36
N ASP A 198 16.56 -13.15 13.69
CA ASP A 198 15.54 -12.22 14.19
C ASP A 198 15.90 -11.68 15.57
N GLY A 199 17.18 -11.43 15.79
CA GLY A 199 17.65 -10.92 17.06
C GLY A 199 17.77 -11.96 18.16
N TYR A 200 17.35 -13.18 17.92
CA TYR A 200 17.41 -14.25 18.91
C TYR A 200 18.58 -15.18 18.60
N PHE A 201 19.37 -15.47 19.61
CA PHE A 201 20.48 -16.41 19.51
C PHE A 201 20.02 -17.74 20.08
N LYS A 202 19.78 -18.70 19.20
CA LYS A 202 19.21 -19.99 19.57
C LYS A 202 20.31 -21.05 19.55
N ILE A 203 20.30 -21.90 20.57
CA ILE A 203 21.29 -22.96 20.74
C ILE A 203 20.60 -24.30 20.80
N TYR A 204 21.11 -25.27 20.05
CA TYR A 204 20.62 -26.63 20.08
C TYR A 204 21.76 -27.54 20.54
N SER A 205 21.46 -28.51 21.40
CA SER A 205 22.53 -29.27 22.03
C SER A 205 22.20 -30.76 22.03
N LYS A 206 23.26 -31.57 22.10
CA LYS A 206 23.12 -33.02 22.24
C LYS A 206 24.42 -33.67 22.70
N HIS A 207 24.36 -34.46 23.76
CA HIS A 207 25.52 -35.17 24.28
C HIS A 207 25.30 -36.68 24.09
N THR A 208 26.28 -37.35 23.49
CA THR A 208 26.15 -38.76 23.19
C THR A 208 27.44 -39.50 23.52
N PRO A 209 27.36 -40.60 24.26
CA PRO A 209 28.58 -41.36 24.59
C PRO A 209 29.06 -42.22 23.43
N ILE A 210 30.16 -41.83 22.79
CA ILE A 210 30.75 -42.57 21.68
C ILE A 210 32.18 -42.93 22.07
N ASN A 211 32.50 -44.22 22.03
CA ASN A 211 33.81 -44.68 22.49
C ASN A 211 34.89 -44.38 21.47
N LEU A 212 34.53 -44.32 20.18
CA LEU A 212 35.51 -44.12 19.12
C LEU A 212 36.25 -42.80 19.27
N VAL A 213 37.56 -42.80 19.01
CA VAL A 213 38.39 -41.61 19.19
C VAL A 213 39.17 -41.33 17.92
N ARG A 214 38.62 -41.70 16.76
CA ARG A 214 39.34 -41.53 15.50
C ARG A 214 38.93 -40.25 14.78
N ASP A 215 37.65 -40.11 14.48
CA ASP A 215 37.13 -38.96 13.75
C ASP A 215 35.70 -38.68 14.19
N LEU A 216 35.00 -37.87 13.41
CA LEU A 216 33.61 -37.57 13.71
C LEU A 216 32.75 -38.81 13.46
N PRO A 217 32.04 -39.31 14.46
CA PRO A 217 31.31 -40.56 14.28
C PRO A 217 30.19 -40.44 13.27
N GLN A 218 29.95 -41.55 12.57
CA GLN A 218 28.89 -41.63 11.55
C GLN A 218 27.63 -42.14 12.22
N GLY A 219 26.72 -41.23 12.54
CA GLY A 219 25.45 -41.60 13.13
C GLY A 219 24.49 -40.44 13.06
N PHE A 220 23.22 -40.76 13.30
CA PHE A 220 22.14 -39.78 13.25
C PHE A 220 21.77 -39.39 14.67
N SER A 221 21.83 -38.09 14.97
CA SER A 221 21.53 -37.56 16.29
C SER A 221 20.96 -36.16 16.15
N ALA A 222 19.66 -36.03 16.37
CA ALA A 222 19.02 -34.72 16.34
C ALA A 222 19.39 -33.92 17.58
N LEU A 223 19.32 -32.60 17.45
CA LEU A 223 19.71 -31.68 18.51
C LEU A 223 18.49 -30.94 19.02
N GLU A 224 18.24 -31.01 20.33
CA GLU A 224 17.11 -30.31 20.92
C GLU A 224 17.50 -28.92 21.37
N PRO A 225 16.60 -27.95 21.25
CA PRO A 225 16.93 -26.58 21.66
C PRO A 225 17.17 -26.48 23.16
N LEU A 226 18.05 -25.55 23.53
CA LEU A 226 18.29 -25.21 24.93
C LEU A 226 17.85 -23.79 25.26
N VAL A 227 18.37 -22.80 24.55
CA VAL A 227 18.07 -21.40 24.83
C VAL A 227 17.75 -20.67 23.54
N ASP A 228 16.95 -19.60 23.68
CA ASP A 228 16.54 -18.73 22.59
C ASP A 228 16.81 -17.28 23.01
N LEU A 229 18.05 -17.05 23.42
CA LEU A 229 18.40 -15.84 24.17
C LEU A 229 18.09 -14.60 23.36
N PRO A 230 17.35 -13.64 23.91
CA PRO A 230 17.12 -12.37 23.21
C PRO A 230 18.32 -11.44 23.35
N ILE A 231 19.08 -11.27 22.27
CA ILE A 231 20.30 -10.47 22.32
C ILE A 231 20.25 -9.37 21.28
N GLY A 232 20.05 -9.76 20.02
CA GLY A 232 19.94 -8.77 18.95
C GLY A 232 21.23 -8.03 18.66
N ILE A 233 22.35 -8.73 18.63
CA ILE A 233 23.64 -8.16 18.26
C ILE A 233 24.14 -8.90 17.02
N ASN A 234 24.77 -8.17 16.11
CA ASN A 234 25.34 -8.80 14.93
C ASN A 234 26.51 -9.69 15.33
N ILE A 235 26.60 -10.85 14.70
CA ILE A 235 27.67 -11.80 14.95
C ILE A 235 28.23 -12.27 13.62
N THR A 236 29.54 -12.07 13.42
CA THR A 236 30.21 -12.51 12.21
C THR A 236 31.48 -13.30 12.46
N ARG A 237 32.03 -13.26 13.68
CA ARG A 237 33.23 -14.01 14.02
C ARG A 237 33.03 -14.65 15.39
N PHE A 238 33.60 -15.84 15.56
CA PHE A 238 33.52 -16.51 16.85
C PHE A 238 34.82 -17.25 17.11
N GLN A 239 35.15 -17.38 18.40
CA GLN A 239 36.37 -18.04 18.83
C GLN A 239 36.05 -19.05 19.92
N THR A 240 36.78 -20.15 19.92
CA THR A 240 36.57 -21.25 20.84
C THR A 240 37.54 -21.11 22.02
N LEU A 241 37.06 -21.43 23.22
CA LEU A 241 37.88 -21.36 24.42
C LEU A 241 38.31 -22.76 24.82
N LEU A 242 39.62 -22.96 24.96
CA LEU A 242 40.14 -24.24 25.41
C LEU A 242 40.64 -24.14 26.84
N ALA A 243 40.88 -25.29 27.45
CA ALA A 243 41.38 -25.36 28.82
C ALA A 243 42.75 -26.02 28.83
N LEU A 244 43.73 -25.33 29.40
CA LEU A 244 45.08 -25.87 29.49
C LEU A 244 45.31 -26.52 30.85
N HIS A 245 46.21 -27.49 30.87
CA HIS A 245 46.54 -28.20 32.10
C HIS A 245 47.97 -27.93 32.52
N ALA A 263 42.23 -32.70 23.38
CA ALA A 263 40.87 -32.64 22.83
C ALA A 263 40.87 -32.04 21.43
N ALA A 264 39.75 -32.17 20.73
CA ALA A 264 39.61 -31.68 19.38
C ALA A 264 38.17 -31.28 19.14
N TYR A 265 37.96 -30.41 18.16
CA TYR A 265 36.61 -29.98 17.81
C TYR A 265 36.48 -29.84 16.29
N TYR A 266 35.23 -29.91 15.85
CA TYR A 266 34.87 -29.83 14.43
C TYR A 266 33.90 -28.67 14.24
N VAL A 267 34.14 -27.85 13.24
CA VAL A 267 33.33 -26.67 12.97
C VAL A 267 32.84 -26.71 11.53
N GLY A 268 31.53 -26.59 11.33
CA GLY A 268 30.94 -26.49 10.02
C GLY A 268 29.95 -25.32 9.97
N TYR A 269 29.48 -25.03 8.77
CA TYR A 269 28.63 -23.87 8.53
C TYR A 269 27.28 -24.31 7.97
N LEU A 270 26.21 -23.73 8.49
CA LEU A 270 24.86 -24.05 8.04
C LEU A 270 24.56 -23.30 6.74
N GLN A 271 23.67 -23.88 5.94
CA GLN A 271 23.23 -23.30 4.69
C GLN A 271 21.73 -23.46 4.55
N PRO A 272 21.06 -22.56 3.81
CA PRO A 272 19.62 -22.71 3.59
C PRO A 272 19.31 -23.91 2.71
N ARG A 273 18.73 -24.96 3.29
CA ARG A 273 18.46 -26.19 2.57
C ARG A 273 17.07 -26.70 2.92
N THR A 274 16.56 -27.57 2.04
CA THR A 274 15.31 -28.28 2.27
C THR A 274 15.61 -29.69 2.77
N PHE A 275 14.88 -30.10 3.81
CA PHE A 275 15.10 -31.38 4.44
C PHE A 275 13.77 -32.10 4.59
N LEU A 276 13.84 -33.42 4.64
CA LEU A 276 12.69 -34.28 4.92
C LEU A 276 12.98 -35.08 6.18
N LEU A 277 12.25 -34.77 7.25
CA LEU A 277 12.47 -35.39 8.55
C LEU A 277 11.41 -36.45 8.82
N LYS A 278 11.83 -37.54 9.45
CA LYS A 278 10.95 -38.63 9.85
C LYS A 278 10.68 -38.53 11.34
N TYR A 279 9.44 -38.24 11.70
CA TYR A 279 9.04 -38.14 13.09
C TYR A 279 8.51 -39.47 13.59
N ASN A 280 9.03 -39.93 14.72
CA ASN A 280 8.66 -41.20 15.30
C ASN A 280 7.33 -41.08 16.03
N GLU A 281 6.80 -42.23 16.47
CA GLU A 281 5.64 -42.22 17.34
C GLU A 281 5.94 -41.47 18.63
N ASN A 282 7.18 -41.58 19.12
CA ASN A 282 7.63 -40.75 20.23
C ASN A 282 7.53 -39.27 19.93
N GLY A 283 7.61 -38.89 18.65
CA GLY A 283 7.71 -37.51 18.26
C GLY A 283 9.11 -37.03 17.96
N THR A 284 10.09 -37.94 17.94
CA THR A 284 11.48 -37.58 17.70
C THR A 284 11.85 -37.82 16.23
N ILE A 285 12.95 -37.21 15.82
CA ILE A 285 13.41 -37.27 14.43
C ILE A 285 14.40 -38.45 14.36
N THR A 286 13.91 -39.57 13.82
CA THR A 286 14.76 -40.75 13.70
C THR A 286 15.70 -40.65 12.51
N ASP A 287 15.27 -40.02 11.43
CA ASP A 287 16.06 -39.94 10.21
C ASP A 287 15.71 -38.69 9.42
N ALA A 288 16.58 -38.33 8.49
CA ALA A 288 16.38 -37.15 7.66
C ALA A 288 17.02 -37.37 6.30
N VAL A 289 16.52 -36.62 5.32
CA VAL A 289 16.99 -36.70 3.94
C VAL A 289 17.23 -35.30 3.43
N ASP A 290 18.40 -35.07 2.83
CA ASP A 290 18.75 -33.79 2.23
C ASP A 290 18.42 -33.84 0.75
N CYS A 291 17.43 -33.04 0.33
CA CYS A 291 16.94 -33.12 -1.04
C CYS A 291 18.01 -32.72 -2.05
N ALA A 292 18.79 -31.69 -1.75
CA ALA A 292 19.74 -31.17 -2.72
C ALA A 292 20.97 -32.06 -2.84
N LEU A 293 21.09 -33.09 -2.01
CA LEU A 293 22.31 -33.89 -2.00
C LEU A 293 22.42 -34.75 -3.25
N ASP A 294 21.49 -35.67 -3.45
CA ASP A 294 21.60 -36.66 -4.50
C ASP A 294 20.26 -36.75 -5.24
N PRO A 295 20.28 -37.20 -6.50
CA PRO A 295 19.00 -37.41 -7.21
C PRO A 295 18.06 -38.36 -6.50
N LEU A 296 18.59 -39.42 -5.89
CA LEU A 296 17.75 -40.34 -5.13
C LEU A 296 17.15 -39.65 -3.92
N SER A 297 17.91 -38.81 -3.24
CA SER A 297 17.35 -38.00 -2.17
C SER A 297 16.29 -37.05 -2.71
N GLU A 298 16.51 -36.51 -3.91
CA GLU A 298 15.53 -35.63 -4.52
C GLU A 298 14.22 -36.34 -4.80
N THR A 299 14.28 -37.59 -5.29
CA THR A 299 13.04 -38.32 -5.55
C THR A 299 12.38 -38.78 -4.25
N LYS A 300 13.19 -39.04 -3.22
CA LYS A 300 12.61 -39.28 -1.90
C LYS A 300 11.82 -38.07 -1.42
N CYS A 301 12.38 -36.87 -1.61
CA CYS A 301 11.68 -35.66 -1.20
C CYS A 301 10.42 -35.44 -2.02
N THR A 302 10.50 -35.64 -3.33
CA THR A 302 9.32 -35.42 -4.18
C THR A 302 8.21 -36.42 -3.86
N LEU A 303 8.56 -37.69 -3.67
CA LEU A 303 7.57 -38.70 -3.32
C LEU A 303 7.21 -38.68 -1.84
N LYS A 304 7.91 -37.87 -1.03
CA LYS A 304 7.65 -37.76 0.40
C LYS A 304 7.71 -39.13 1.08
N SER A 305 8.72 -39.92 0.70
CA SER A 305 8.89 -41.26 1.27
C SER A 305 10.38 -41.60 1.32
N PHE A 306 10.72 -42.52 2.22
CA PHE A 306 12.08 -42.98 2.38
C PHE A 306 12.38 -44.23 1.56
N THR A 307 11.39 -44.78 0.86
CA THR A 307 11.58 -45.93 -0.02
C THR A 307 10.97 -45.63 -1.38
N VAL A 308 11.71 -45.96 -2.44
CA VAL A 308 11.32 -45.70 -3.81
C VAL A 308 11.22 -47.04 -4.53
N GLU A 309 10.28 -47.13 -5.49
CA GLU A 309 9.92 -48.41 -6.09
C GLU A 309 10.08 -48.37 -7.61
N LYS A 310 11.29 -48.65 -8.08
CA LYS A 310 11.63 -48.99 -9.46
C LYS A 310 10.80 -48.26 -10.53
N GLY A 311 10.88 -46.94 -10.57
CA GLY A 311 10.14 -46.21 -11.57
C GLY A 311 10.90 -44.99 -12.03
N ILE A 312 10.26 -44.21 -12.89
CA ILE A 312 10.77 -42.93 -13.36
C ILE A 312 9.97 -41.83 -12.69
N TYR A 313 10.67 -40.89 -12.06
CA TYR A 313 10.06 -39.85 -11.25
C TYR A 313 10.63 -38.50 -11.65
N GLN A 314 9.80 -37.66 -12.27
CA GLN A 314 10.23 -36.32 -12.61
C GLN A 314 10.40 -35.50 -11.34
N THR A 315 11.65 -35.19 -11.00
CA THR A 315 11.96 -34.51 -9.76
C THR A 315 11.92 -32.99 -9.86
N SER A 316 12.42 -32.42 -10.95
CA SER A 316 12.51 -30.98 -11.09
C SER A 316 12.55 -30.63 -12.58
N ASN A 317 12.89 -29.38 -12.88
CA ASN A 317 13.00 -28.89 -14.24
C ASN A 317 14.45 -28.52 -14.52
N PHE A 318 14.88 -28.74 -15.75
CA PHE A 318 16.21 -28.37 -16.19
C PHE A 318 16.10 -27.30 -17.27
N ARG A 319 16.58 -26.10 -16.96
CA ARG A 319 16.64 -25.01 -17.91
C ARG A 319 18.07 -24.51 -18.04
N VAL A 320 18.50 -24.30 -19.29
CA VAL A 320 19.79 -23.66 -19.50
C VAL A 320 19.65 -22.17 -19.21
N GLN A 321 20.23 -21.74 -18.11
CA GLN A 321 20.11 -20.34 -17.71
C GLN A 321 20.91 -19.46 -18.66
N PRO A 322 20.31 -18.43 -19.25
CA PRO A 322 21.02 -17.64 -20.25
C PRO A 322 22.24 -16.94 -19.67
N THR A 323 23.30 -16.89 -20.47
CA THR A 323 24.52 -16.17 -20.13
C THR A 323 24.79 -15.14 -21.22
N GLU A 324 25.19 -13.93 -20.81
CA GLU A 324 25.50 -12.82 -21.69
C GLU A 324 24.24 -12.26 -22.34
N SER A 325 24.18 -10.93 -22.49
CA SER A 325 23.06 -10.27 -23.13
C SER A 325 23.60 -9.31 -24.18
N ILE A 326 22.92 -9.24 -25.32
CA ILE A 326 23.37 -8.45 -26.46
C ILE A 326 22.28 -7.45 -26.82
N VAL A 327 22.68 -6.21 -27.09
CA VAL A 327 21.77 -5.17 -27.55
C VAL A 327 22.36 -4.50 -28.79
N ARG A 328 21.70 -4.68 -29.94
CA ARG A 328 22.15 -4.08 -31.18
C ARG A 328 21.02 -3.21 -31.74
N PHE A 329 20.91 -1.99 -31.19
CA PHE A 329 19.80 -1.13 -31.58
C PHE A 329 20.02 -0.42 -32.91
N PRO A 330 21.02 0.48 -33.06
CA PRO A 330 21.11 1.29 -34.28
C PRO A 330 22.06 0.70 -35.31
N ASN A 331 22.25 1.43 -36.41
CA ASN A 331 23.49 1.35 -37.16
C ASN A 331 24.32 2.63 -37.03
N ILE A 332 23.80 3.65 -36.34
CA ILE A 332 24.47 4.92 -36.14
C ILE A 332 24.79 5.52 -37.51
N THR A 333 23.74 5.87 -38.27
CA THR A 333 23.91 6.38 -39.62
C THR A 333 24.30 7.85 -39.63
N ASN A 334 23.45 8.71 -39.08
CA ASN A 334 23.71 10.13 -39.12
C ASN A 334 23.94 10.70 -37.72
N LEU A 335 24.47 11.92 -37.68
CA LEU A 335 24.74 12.64 -36.44
C LEU A 335 23.98 13.95 -36.46
N CYS A 336 23.43 14.33 -35.32
CA CYS A 336 22.66 15.56 -35.23
C CYS A 336 23.59 16.78 -35.32
N PRO A 337 23.16 17.85 -36.01
CA PRO A 337 24.01 19.04 -36.17
C PRO A 337 24.06 19.91 -34.92
N PHE A 338 24.96 19.54 -33.99
CA PHE A 338 25.22 20.38 -32.83
C PHE A 338 26.54 21.14 -32.95
N GLY A 339 27.53 20.53 -33.60
CA GLY A 339 28.86 21.12 -33.63
C GLY A 339 28.89 22.49 -34.28
N GLU A 340 28.07 22.68 -35.32
CA GLU A 340 28.00 23.99 -35.95
C GLU A 340 27.47 25.04 -34.99
N VAL A 341 26.49 24.67 -34.16
CA VAL A 341 25.99 25.60 -33.14
C VAL A 341 27.08 25.89 -32.11
N PHE A 342 27.78 24.85 -31.64
CA PHE A 342 28.79 25.05 -30.61
C PHE A 342 30.08 25.64 -31.19
N ASN A 343 30.34 25.44 -32.48
CA ASN A 343 31.57 25.91 -33.08
C ASN A 343 31.32 26.79 -34.31
N ALA A 344 30.34 27.69 -34.24
CA ALA A 344 30.09 28.61 -35.33
C ALA A 344 31.18 29.67 -35.41
N THR A 345 31.31 30.31 -36.57
CA THR A 345 32.33 31.33 -36.75
C THR A 345 32.11 32.51 -35.81
N ARG A 346 30.86 32.99 -35.70
CA ARG A 346 30.54 34.12 -34.85
C ARG A 346 29.08 34.06 -34.45
N PHE A 347 28.81 34.18 -33.14
CA PHE A 347 27.44 34.20 -32.64
C PHE A 347 26.86 35.61 -32.77
N ALA A 348 25.71 35.83 -32.15
CA ALA A 348 25.06 37.13 -32.18
C ALA A 348 24.88 37.64 -30.76
N SER A 349 24.33 38.85 -30.64
CA SER A 349 24.16 39.48 -29.35
C SER A 349 23.04 38.79 -28.55
N VAL A 350 22.94 39.17 -27.27
CA VAL A 350 21.95 38.54 -26.41
C VAL A 350 20.54 38.96 -26.81
N TYR A 351 20.36 40.24 -27.17
CA TYR A 351 19.03 40.70 -27.55
C TYR A 351 18.56 40.01 -28.81
N ALA A 352 19.43 39.84 -29.80
CA ALA A 352 19.14 39.09 -31.01
C ALA A 352 19.84 37.74 -30.88
N TRP A 353 19.21 36.84 -30.13
CA TRP A 353 19.75 35.51 -29.86
C TRP A 353 19.33 34.54 -30.97
N ASN A 354 20.30 33.80 -31.51
CA ASN A 354 20.02 32.97 -32.67
C ASN A 354 19.29 31.70 -32.26
N ARG A 355 18.23 31.38 -32.99
CA ARG A 355 17.42 30.18 -32.73
C ARG A 355 17.56 29.23 -33.89
N LYS A 356 17.94 27.99 -33.60
CA LYS A 356 17.97 26.91 -34.59
C LYS A 356 17.00 25.83 -34.17
N ARG A 357 16.14 25.40 -35.10
CA ARG A 357 15.23 24.31 -34.85
C ARG A 357 15.89 22.99 -35.22
N ILE A 358 15.91 22.04 -34.30
CA ILE A 358 16.62 20.78 -34.45
C ILE A 358 15.65 19.64 -34.23
N SER A 359 15.55 18.75 -35.21
CA SER A 359 14.63 17.62 -35.14
C SER A 359 15.04 16.57 -36.16
N ASN A 360 14.52 15.36 -35.98
CA ASN A 360 14.75 14.25 -36.90
C ASN A 360 16.24 13.96 -37.07
N CYS A 361 16.87 13.55 -35.97
CA CYS A 361 18.30 13.29 -35.96
C CYS A 361 18.64 12.35 -34.81
N VAL A 362 19.85 11.82 -34.86
CA VAL A 362 20.41 11.08 -33.73
C VAL A 362 21.20 12.09 -32.90
N ALA A 363 20.59 12.58 -31.82
CA ALA A 363 21.17 13.66 -31.03
C ALA A 363 22.22 13.08 -30.09
N ASP A 364 23.49 13.26 -30.44
CA ASP A 364 24.59 12.81 -29.62
C ASP A 364 24.95 13.90 -28.62
N TYR A 365 25.00 13.52 -27.34
CA TYR A 365 25.43 14.42 -26.28
C TYR A 365 26.76 13.99 -25.67
N SER A 366 27.40 12.95 -26.22
CA SER A 366 28.71 12.54 -25.73
C SER A 366 29.75 13.63 -25.95
N VAL A 367 29.64 14.35 -27.06
CA VAL A 367 30.58 15.45 -27.33
C VAL A 367 30.43 16.53 -26.28
N LEU A 368 29.20 16.78 -25.82
CA LEU A 368 28.99 17.75 -24.75
C LEU A 368 29.68 17.31 -23.47
N TYR A 369 29.62 16.01 -23.16
CA TYR A 369 30.25 15.51 -21.94
C TYR A 369 31.77 15.55 -22.04
N ASN A 370 32.31 15.17 -23.20
CA ASN A 370 33.75 14.96 -23.32
C ASN A 370 34.52 16.28 -23.19
N SER A 371 34.01 17.34 -23.80
CA SER A 371 34.72 18.62 -23.81
C SER A 371 34.81 19.19 -22.40
N ALA A 372 36.01 19.69 -22.06
CA ALA A 372 36.24 20.21 -20.73
C ALA A 372 36.29 21.74 -20.70
N SER A 373 36.34 22.38 -21.87
CA SER A 373 36.43 23.84 -21.92
C SER A 373 35.19 24.50 -21.35
N PHE A 374 34.06 23.80 -21.35
CA PHE A 374 32.81 24.38 -20.90
C PHE A 374 32.84 24.67 -19.40
N SER A 375 32.04 25.66 -18.98
CA SER A 375 31.96 26.06 -17.58
C SER A 375 30.70 25.55 -16.89
N THR A 376 29.52 25.73 -17.49
CA THR A 376 28.27 25.39 -16.84
C THR A 376 27.42 24.50 -17.74
N PHE A 377 26.92 23.40 -17.17
CA PHE A 377 25.96 22.48 -17.79
C PHE A 377 24.67 22.44 -16.97
N LYS A 378 24.15 23.61 -16.62
CA LYS A 378 23.05 23.63 -15.65
C LYS A 378 21.76 23.15 -16.30
N CYS A 379 21.22 22.05 -15.78
CA CYS A 379 20.07 21.39 -16.38
C CYS A 379 18.89 21.40 -15.42
N TYR A 380 17.73 21.77 -15.94
CA TYR A 380 16.50 21.83 -15.15
C TYR A 380 15.50 20.85 -15.74
N GLY A 381 14.99 19.96 -14.90
CA GLY A 381 13.99 18.99 -15.32
C GLY A 381 14.53 17.80 -16.08
N VAL A 382 15.86 17.68 -16.23
CA VAL A 382 16.46 16.59 -17.00
C VAL A 382 17.85 16.32 -16.45
N SER A 383 18.25 15.05 -16.49
CA SER A 383 19.54 14.55 -16.06
C SER A 383 20.53 14.56 -17.22
N PRO A 384 21.67 15.24 -17.05
CA PRO A 384 22.64 15.30 -18.16
C PRO A 384 23.14 13.95 -18.62
N THR A 385 23.29 13.00 -17.69
CA THR A 385 23.85 11.70 -18.06
C THR A 385 22.86 10.87 -18.86
N LYS A 386 21.58 11.21 -18.80
CA LYS A 386 20.54 10.45 -19.48
C LYS A 386 19.98 11.19 -20.70
N LEU A 387 20.72 12.15 -21.25
CA LEU A 387 20.27 12.82 -22.45
C LEU A 387 20.20 11.86 -23.63
N ASN A 388 21.18 10.95 -23.73
CA ASN A 388 21.18 9.94 -24.79
C ASN A 388 20.10 8.89 -24.60
N ASP A 389 19.43 8.87 -23.44
CA ASP A 389 18.45 7.83 -23.13
C ASP A 389 17.04 8.17 -23.57
N LEU A 390 16.64 9.44 -23.45
CA LEU A 390 15.27 9.83 -23.74
C LEU A 390 15.11 10.28 -25.19
N CYS A 391 13.86 10.31 -25.64
CA CYS A 391 13.51 10.76 -26.98
C CYS A 391 12.69 12.04 -26.86
N PHE A 392 13.08 13.06 -27.63
CA PHE A 392 12.55 14.40 -27.50
C PHE A 392 11.77 14.77 -28.75
N THR A 393 10.64 15.48 -28.55
CA THR A 393 9.80 15.87 -29.67
C THR A 393 10.51 16.85 -30.59
N ASN A 394 11.12 17.88 -30.02
CA ASN A 394 11.79 18.90 -30.82
C ASN A 394 12.79 19.63 -29.94
N VAL A 395 13.86 20.15 -30.56
CA VAL A 395 14.92 20.84 -29.84
C VAL A 395 15.06 22.25 -30.40
N TYR A 396 15.27 23.21 -29.50
CA TYR A 396 15.53 24.59 -29.90
C TYR A 396 16.88 25.00 -29.34
N ALA A 397 17.78 25.43 -30.21
CA ALA A 397 19.12 25.84 -29.82
C ALA A 397 19.21 27.36 -29.86
N ASP A 398 19.39 27.97 -28.70
CA ASP A 398 19.52 29.42 -28.57
C ASP A 398 20.97 29.78 -28.29
N SER A 399 21.61 30.45 -29.24
CA SER A 399 23.02 30.80 -29.12
C SER A 399 23.15 32.30 -28.96
N PHE A 400 24.00 32.70 -28.01
CA PHE A 400 24.30 34.11 -27.82
C PHE A 400 25.57 34.26 -27.00
N VAL A 401 25.96 35.50 -26.75
CA VAL A 401 27.16 35.83 -25.98
C VAL A 401 26.76 36.84 -24.91
N ILE A 402 27.21 36.60 -23.67
CA ILE A 402 26.80 37.38 -22.51
C ILE A 402 28.05 37.76 -21.73
N ARG A 403 27.87 38.68 -20.78
CA ARG A 403 28.93 38.96 -19.82
C ARG A 403 28.92 37.92 -18.71
N GLY A 404 30.11 37.63 -18.18
CA GLY A 404 30.24 36.58 -17.18
C GLY A 404 29.41 36.86 -15.93
N ASP A 405 29.48 38.09 -15.42
CA ASP A 405 28.71 38.44 -14.23
C ASP A 405 27.23 38.28 -14.45
N GLU A 406 26.78 38.25 -15.70
CA GLU A 406 25.37 38.10 -16.02
C GLU A 406 24.96 36.65 -16.26
N VAL A 407 25.88 35.68 -16.18
CA VAL A 407 25.50 34.30 -16.47
C VAL A 407 24.55 33.77 -15.40
N ARG A 408 24.42 34.46 -14.28
CA ARG A 408 23.48 34.03 -13.25
C ARG A 408 22.05 34.39 -13.64
N GLN A 409 21.86 35.33 -14.56
CA GLN A 409 20.52 35.74 -14.96
C GLN A 409 19.89 34.79 -15.97
N ILE A 410 20.67 33.92 -16.60
CA ILE A 410 20.10 32.94 -17.51
C ILE A 410 19.70 31.73 -16.68
N ALA A 411 18.51 31.78 -16.11
CA ALA A 411 18.02 30.76 -15.20
C ALA A 411 16.53 30.98 -14.99
N PRO A 412 15.76 29.92 -14.77
CA PRO A 412 14.32 30.10 -14.53
C PRO A 412 14.06 30.84 -13.22
N GLY A 413 13.06 31.71 -13.25
CA GLY A 413 12.70 32.50 -12.08
C GLY A 413 13.82 33.40 -11.62
N GLN A 414 14.44 34.11 -12.56
CA GLN A 414 15.55 35.01 -12.26
C GLN A 414 15.26 36.37 -12.91
N THR A 415 15.82 37.42 -12.32
CA THR A 415 15.58 38.79 -12.78
C THR A 415 16.91 39.47 -13.06
N GLY A 416 16.85 40.49 -13.90
CA GLY A 416 18.02 41.24 -14.29
C GLY A 416 17.79 41.89 -15.64
N LYS A 417 18.71 42.79 -16.00
CA LYS A 417 18.57 43.51 -17.26
C LYS A 417 18.58 42.55 -18.44
N ILE A 418 19.50 41.58 -18.46
CA ILE A 418 19.50 40.57 -19.51
C ILE A 418 18.21 39.74 -19.45
N ALA A 419 17.81 39.34 -18.25
CA ALA A 419 16.60 38.54 -18.11
C ALA A 419 15.36 39.33 -18.51
N ASP A 420 15.28 40.60 -18.07
CA ASP A 420 14.06 41.37 -18.30
C ASP A 420 13.94 41.84 -19.74
N TYR A 421 15.04 42.32 -20.33
CA TYR A 421 14.97 43.02 -21.61
C TYR A 421 15.65 42.30 -22.77
N ASN A 422 16.44 41.26 -22.50
CA ASN A 422 17.21 40.59 -23.54
C ASN A 422 16.75 39.17 -23.79
N TYR A 423 16.63 38.35 -22.75
CA TYR A 423 16.30 36.93 -22.91
C TYR A 423 15.69 36.42 -21.62
N LYS A 424 14.48 35.85 -21.72
CA LYS A 424 13.74 35.33 -20.57
C LYS A 424 13.56 33.83 -20.73
N LEU A 425 13.81 33.10 -19.65
CA LEU A 425 13.70 31.65 -19.62
C LEU A 425 12.48 31.22 -18.81
N PRO A 426 11.71 30.26 -19.31
CA PRO A 426 10.50 29.82 -18.60
C PRO A 426 10.86 29.12 -17.28
N ASP A 427 9.90 29.18 -16.35
CA ASP A 427 10.14 28.66 -15.01
C ASP A 427 10.37 27.16 -15.01
N ASP A 428 9.61 26.41 -15.80
CA ASP A 428 9.83 24.97 -15.87
C ASP A 428 11.08 24.64 -16.65
N PHE A 429 11.12 24.98 -17.93
CA PHE A 429 12.30 24.86 -18.79
C PHE A 429 12.98 23.50 -18.63
N THR A 430 12.31 22.47 -19.14
CA THR A 430 12.96 21.17 -19.17
C THR A 430 14.07 21.22 -20.22
N GLY A 431 15.28 21.55 -19.78
CA GLY A 431 16.38 21.74 -20.71
C GLY A 431 17.64 22.17 -19.99
N CYS A 432 18.69 22.40 -20.78
CA CYS A 432 20.01 22.65 -20.24
C CYS A 432 20.58 23.94 -20.82
N VAL A 433 21.23 24.72 -19.95
CA VAL A 433 21.99 25.89 -20.35
C VAL A 433 23.48 25.54 -20.22
N ILE A 434 24.21 25.72 -21.32
CA ILE A 434 25.63 25.38 -21.40
C ILE A 434 26.39 26.65 -21.73
N ALA A 435 27.29 27.05 -20.83
CA ALA A 435 28.03 28.28 -21.02
C ALA A 435 29.52 28.02 -20.84
N TRP A 436 30.33 28.65 -21.69
CA TRP A 436 31.78 28.52 -21.58
C TRP A 436 32.44 29.87 -21.87
N ASN A 437 33.54 30.12 -21.16
CA ASN A 437 34.29 31.34 -21.34
C ASN A 437 34.91 31.38 -22.73
N SER A 438 34.90 32.56 -23.34
CA SER A 438 35.44 32.79 -24.67
C SER A 438 36.22 34.09 -24.73
N ASN A 439 37.05 34.34 -23.72
CA ASN A 439 37.78 35.60 -23.64
C ASN A 439 38.74 35.75 -24.82
N ASN A 440 39.47 34.68 -25.16
CA ASN A 440 40.44 34.75 -26.24
C ASN A 440 39.75 34.99 -27.59
N LEU A 441 38.62 34.31 -27.82
CA LEU A 441 37.96 34.40 -29.11
C LEU A 441 37.19 35.70 -29.27
N ASP A 442 36.55 36.17 -28.20
CA ASP A 442 35.60 37.28 -28.29
C ASP A 442 36.06 38.53 -27.56
N SER A 443 37.37 38.78 -27.52
CA SER A 443 37.91 40.04 -27.02
C SER A 443 39.01 40.49 -27.97
N LYS A 444 39.05 41.80 -28.23
CA LYS A 444 39.98 42.39 -29.18
C LYS A 444 40.80 43.49 -28.51
N VAL A 445 41.95 43.79 -29.10
CA VAL A 445 42.71 44.96 -28.68
C VAL A 445 41.84 46.20 -28.89
N GLY A 446 41.84 47.08 -27.91
CA GLY A 446 40.86 48.16 -27.91
C GLY A 446 39.56 47.68 -27.31
N GLY A 447 38.47 47.82 -28.04
CA GLY A 447 37.18 47.38 -27.55
C GLY A 447 36.40 46.60 -28.59
N ASN A 448 35.82 45.48 -28.15
CA ASN A 448 34.94 44.68 -28.99
C ASN A 448 33.51 45.19 -28.80
N TYR A 449 33.14 46.19 -29.58
CA TYR A 449 31.83 46.82 -29.48
C TYR A 449 30.81 46.20 -30.43
N ASN A 450 31.18 45.12 -31.12
CA ASN A 450 30.26 44.51 -32.09
C ASN A 450 29.04 43.92 -31.40
N TYR A 451 29.19 43.50 -30.15
CA TYR A 451 28.10 42.84 -29.43
C TYR A 451 27.42 43.82 -28.48
N LEU A 452 26.09 43.86 -28.51
CA LEU A 452 25.32 44.86 -27.78
C LEU A 452 24.22 44.19 -26.97
N TYR A 453 23.75 44.87 -25.93
CA TYR A 453 22.59 44.44 -25.17
C TYR A 453 21.63 45.62 -25.01
N ARG A 454 20.35 45.31 -24.85
CA ARG A 454 19.29 46.31 -24.79
C ARG A 454 19.22 46.89 -23.38
N LEU A 455 19.62 48.15 -23.23
CA LEU A 455 19.57 48.80 -21.92
C LEU A 455 18.12 49.00 -21.47
N PHE A 456 17.29 49.62 -22.30
CA PHE A 456 16.00 50.13 -21.88
C PHE A 456 14.89 49.53 -22.72
N ARG A 457 13.79 49.17 -22.07
CA ARG A 457 12.62 48.62 -22.74
C ARG A 457 11.39 49.00 -21.92
N LYS A 458 10.25 49.10 -22.60
CA LYS A 458 9.03 49.55 -21.94
C LYS A 458 8.59 48.56 -20.87
N SER A 459 8.64 47.26 -21.17
CA SER A 459 8.19 46.24 -20.24
C SER A 459 9.03 44.99 -20.42
N ASN A 460 8.98 44.12 -19.41
CA ASN A 460 9.72 42.88 -19.47
C ASN A 460 9.12 41.95 -20.52
N LEU A 461 9.99 41.42 -21.39
CA LEU A 461 9.56 40.54 -22.46
C LEU A 461 9.20 39.17 -21.91
N LYS A 462 8.21 38.53 -22.53
CA LYS A 462 7.74 37.23 -22.10
C LYS A 462 8.79 36.16 -22.42
N PRO A 463 8.72 35.00 -21.76
CA PRO A 463 9.73 33.96 -22.00
C PRO A 463 9.84 33.60 -23.46
N PHE A 464 11.08 33.46 -23.93
CA PHE A 464 11.40 33.10 -25.32
C PHE A 464 10.87 34.15 -26.30
N GLU A 465 11.07 35.42 -25.99
CA GLU A 465 10.69 36.52 -26.87
C GLU A 465 11.96 37.30 -27.25
N ARG A 466 12.07 37.61 -28.54
CA ARG A 466 13.22 38.33 -29.08
CA ARG A 466 13.23 38.33 -29.07
C ARG A 466 12.78 39.72 -29.53
N ASP A 467 13.49 40.75 -29.08
CA ASP A 467 13.19 42.13 -29.42
C ASP A 467 14.37 42.70 -30.19
N ILE A 468 14.25 42.74 -31.51
CA ILE A 468 15.29 43.30 -32.38
C ILE A 468 15.02 44.77 -32.68
N SER A 469 14.08 45.40 -31.98
CA SER A 469 13.74 46.79 -32.24
C SER A 469 14.89 47.71 -31.85
N THR A 470 15.17 48.69 -32.70
CA THR A 470 16.19 49.69 -32.45
C THR A 470 15.60 51.08 -32.26
N GLU A 471 14.30 51.17 -31.99
CA GLU A 471 13.65 52.46 -31.81
C GLU A 471 14.11 53.11 -30.50
N ILE A 472 14.25 54.43 -30.53
CA ILE A 472 14.72 55.17 -29.36
C ILE A 472 13.68 55.07 -28.25
N TYR A 473 14.13 54.71 -27.05
CA TYR A 473 13.25 54.60 -25.89
C TYR A 473 13.00 55.98 -25.30
N GLN A 474 11.76 56.23 -24.89
CA GLN A 474 11.37 57.50 -24.28
C GLN A 474 11.32 57.30 -22.77
N ALA A 475 12.36 57.79 -22.07
CA ALA A 475 12.39 57.68 -20.62
C ALA A 475 11.71 58.86 -19.94
N GLY A 476 11.35 59.89 -20.69
CA GLY A 476 10.72 61.07 -20.16
C GLY A 476 9.25 61.19 -20.54
N SER A 477 8.64 62.27 -20.04
CA SER A 477 7.22 62.51 -20.33
C SER A 477 7.04 63.06 -21.74
N THR A 478 7.97 63.89 -22.19
CA THR A 478 7.84 64.51 -23.51
C THR A 478 7.91 63.46 -24.60
N PRO A 479 7.13 63.60 -25.68
CA PRO A 479 7.24 62.65 -26.79
C PRO A 479 8.64 62.67 -27.39
N CYS A 480 9.12 61.49 -27.78
CA CYS A 480 10.50 61.38 -28.24
C CYS A 480 10.62 61.61 -29.74
N ASN A 481 9.70 61.03 -30.53
CA ASN A 481 9.61 61.28 -31.96
C ASN A 481 10.88 60.90 -32.72
N GLY A 482 11.53 59.82 -32.32
CA GLY A 482 12.62 59.27 -33.10
C GLY A 482 13.94 59.98 -33.02
N VAL A 483 14.09 60.93 -32.09
CA VAL A 483 15.35 61.62 -31.89
C VAL A 483 15.98 61.11 -30.60
N GLU A 484 17.23 61.52 -30.36
CA GLU A 484 17.91 61.23 -29.12
C GLU A 484 18.14 62.52 -28.36
N GLY A 485 17.69 62.56 -27.11
CA GLY A 485 17.78 63.77 -26.31
C GLY A 485 18.14 63.51 -24.86
N PHE A 486 17.67 64.38 -23.97
CA PHE A 486 17.94 64.21 -22.55
C PHE A 486 17.33 62.92 -22.01
N ASN A 487 16.08 62.62 -22.41
CA ASN A 487 15.39 61.43 -21.94
C ASN A 487 15.13 60.43 -23.06
N CYS A 488 15.62 60.69 -24.26
CA CYS A 488 15.59 59.72 -25.35
C CYS A 488 16.92 58.98 -25.36
N TYR A 489 16.86 57.65 -25.25
CA TYR A 489 18.06 56.83 -25.16
C TYR A 489 17.98 55.70 -26.17
N PHE A 490 19.12 55.42 -26.81
CA PHE A 490 19.21 54.26 -27.68
C PHE A 490 19.05 52.99 -26.85
N PRO A 491 18.19 52.06 -27.25
CA PRO A 491 17.99 50.86 -26.43
C PRO A 491 19.25 50.03 -26.25
N LEU A 492 20.11 49.99 -27.26
CA LEU A 492 21.24 49.08 -27.24
C LEU A 492 22.52 49.78 -26.80
N GLN A 493 23.43 49.00 -26.23
CA GLN A 493 24.72 49.49 -25.79
C GLN A 493 25.73 48.35 -25.88
N SER A 494 26.94 48.67 -26.33
CA SER A 494 27.93 47.65 -26.64
C SER A 494 28.55 47.06 -25.38
N TYR A 495 28.96 45.79 -25.46
CA TYR A 495 29.69 45.17 -24.37
C TYR A 495 31.02 45.86 -24.10
N GLY A 496 31.77 46.17 -25.14
CA GLY A 496 33.07 46.79 -24.99
C GLY A 496 34.09 45.86 -24.35
N PHE A 497 34.46 44.79 -25.05
CA PHE A 497 35.35 43.78 -24.48
C PHE A 497 36.80 44.15 -24.76
N GLN A 498 37.66 43.95 -23.76
CA GLN A 498 39.06 44.29 -23.89
C GLN A 498 39.91 43.06 -23.68
N PRO A 499 41.17 43.08 -24.14
CA PRO A 499 41.93 41.85 -23.99
C PRO A 499 42.09 41.50 -22.53
N THR A 500 42.35 42.49 -21.69
CA THR A 500 42.44 42.24 -20.26
C THR A 500 41.13 42.69 -19.65
N ASN A 501 40.42 41.74 -19.04
CA ASN A 501 39.16 42.06 -18.44
C ASN A 501 38.98 41.14 -17.25
N GLY A 502 38.12 41.51 -16.31
CA GLY A 502 37.84 40.64 -15.18
C GLY A 502 37.10 39.40 -15.65
N VAL A 503 37.29 38.29 -14.95
CA VAL A 503 36.55 37.08 -15.30
C VAL A 503 35.09 37.44 -15.43
N GLY A 504 34.56 38.18 -14.47
CA GLY A 504 33.19 38.64 -14.56
C GLY A 504 32.90 39.39 -15.85
N TYR A 505 33.81 40.27 -16.25
CA TYR A 505 33.52 41.11 -17.41
C TYR A 505 34.10 40.57 -18.70
N GLN A 506 34.48 39.30 -18.70
CA GLN A 506 34.95 38.73 -19.94
C GLN A 506 33.81 37.98 -20.68
N PRO A 507 33.89 37.86 -22.03
CA PRO A 507 32.74 37.25 -22.71
C PRO A 507 32.53 35.79 -22.35
N TYR A 508 31.27 35.36 -22.41
CA TYR A 508 30.89 33.97 -22.17
C TYR A 508 29.90 33.58 -23.25
N ARG A 509 30.23 32.54 -24.01
CA ARG A 509 29.32 32.03 -25.03
C ARG A 509 28.33 31.06 -24.39
N VAL A 510 27.05 31.27 -24.66
CA VAL A 510 25.97 30.52 -24.00
C VAL A 510 25.08 29.91 -25.06
N VAL A 511 24.75 28.63 -24.87
CA VAL A 511 23.79 27.90 -25.70
C VAL A 511 22.73 27.31 -24.79
N VAL A 512 21.48 27.56 -25.11
CA VAL A 512 20.33 27.13 -24.31
C VAL A 512 19.54 26.12 -25.14
N LEU A 513 19.24 24.97 -24.54
CA LEU A 513 18.49 23.93 -25.22
C LEU A 513 17.07 23.86 -24.66
N SER A 514 16.10 24.17 -25.51
CA SER A 514 14.68 24.17 -25.16
C SER A 514 14.10 22.85 -25.63
N PHE A 515 14.05 21.88 -24.72
CA PHE A 515 13.55 20.55 -25.02
C PHE A 515 12.03 20.55 -24.80
N GLU A 516 11.28 20.61 -25.89
CA GLU A 516 9.81 20.68 -25.82
C GLU A 516 9.24 19.26 -25.81
N LEU A 517 9.19 18.69 -24.61
CA LEU A 517 8.62 17.36 -24.43
C LEU A 517 7.14 17.35 -24.81
N LEU A 518 6.75 16.36 -25.61
CA LEU A 518 5.37 16.24 -26.05
C LEU A 518 5.12 14.80 -26.49
N HIS A 519 3.83 14.45 -26.56
CA HIS A 519 3.46 13.11 -27.02
C HIS A 519 3.56 13.01 -28.54
N ALA A 520 3.80 14.14 -29.21
CA ALA A 520 3.97 14.20 -30.66
C ALA A 520 5.11 13.29 -31.10
N PRO A 521 5.18 12.91 -32.39
CA PRO A 521 6.27 12.06 -32.88
C PRO A 521 7.66 12.47 -32.38
N ALA A 522 8.37 11.53 -31.77
CA ALA A 522 9.69 11.81 -31.18
C ALA A 522 10.70 11.99 -32.30
N THR A 523 10.94 13.24 -32.68
CA THR A 523 11.89 13.52 -33.76
C THR A 523 13.34 13.37 -33.28
N VAL A 524 13.60 13.71 -32.02
CA VAL A 524 14.94 13.75 -31.47
C VAL A 524 15.12 12.58 -30.51
N CYS A 525 16.10 11.73 -30.78
CA CYS A 525 16.39 10.58 -29.94
C CYS A 525 17.91 10.46 -29.76
N GLY A 526 18.32 10.07 -28.57
CA GLY A 526 19.72 9.87 -28.28
C GLY A 526 20.24 8.56 -28.83
N PRO A 527 21.55 8.46 -29.01
CA PRO A 527 22.12 7.19 -29.50
C PRO A 527 21.93 6.08 -28.47
N LYS A 528 21.54 4.90 -28.96
CA LYS A 528 21.17 3.79 -28.10
C LYS A 528 22.33 2.86 -27.78
N LYS A 529 23.50 3.09 -28.36
CA LYS A 529 24.68 2.24 -28.17
C LYS A 529 24.41 0.84 -28.71
N SER A 530 25.42 -0.03 -28.70
CA SER A 530 25.27 -1.36 -29.26
C SER A 530 26.29 -2.29 -28.62
N THR A 531 26.11 -3.58 -28.85
CA THR A 531 27.00 -4.62 -28.35
C THR A 531 27.36 -5.55 -29.50
N ASN A 532 28.38 -6.38 -29.28
CA ASN A 532 28.78 -7.36 -30.27
C ASN A 532 27.76 -8.48 -30.36
N LEU A 533 27.68 -9.10 -31.53
CA LEU A 533 26.80 -10.25 -31.69
C LEU A 533 27.42 -11.49 -31.04
N VAL A 534 26.59 -12.50 -30.83
CA VAL A 534 27.01 -13.75 -30.21
C VAL A 534 26.47 -14.91 -31.03
N LYS A 535 27.33 -15.90 -31.28
CA LYS A 535 26.99 -17.10 -32.03
C LYS A 535 26.27 -18.09 -31.15
N ASN A 536 26.29 -19.38 -31.53
CA ASN A 536 25.33 -20.36 -31.06
C ASN A 536 25.53 -20.60 -29.56
N LYS A 537 24.81 -19.81 -28.77
CA LYS A 537 24.84 -19.91 -27.32
C LYS A 537 23.58 -19.24 -26.76
N CYS A 538 23.09 -19.79 -25.66
CA CYS A 538 21.87 -19.26 -25.05
C CYS A 538 22.14 -17.90 -24.43
N VAL A 539 21.55 -16.85 -24.99
CA VAL A 539 21.81 -15.48 -24.57
C VAL A 539 20.48 -14.72 -24.51
N ASN A 540 20.49 -13.62 -23.78
CA ASN A 540 19.42 -12.63 -23.86
C ASN A 540 19.73 -11.64 -24.98
N PHE A 541 18.68 -11.04 -25.52
CA PHE A 541 18.85 -10.10 -26.63
C PHE A 541 17.74 -9.07 -26.61
N ASN A 542 18.01 -7.94 -27.26
CA ASN A 542 17.07 -6.83 -27.39
C ASN A 542 17.12 -6.26 -28.80
N PHE A 543 17.09 -7.14 -29.81
CA PHE A 543 17.13 -6.70 -31.19
C PHE A 543 15.94 -5.79 -31.50
N ASN A 544 16.24 -4.62 -32.09
CA ASN A 544 15.22 -3.69 -32.56
C ASN A 544 14.28 -3.26 -31.45
N GLY A 545 14.67 -3.47 -30.19
CA GLY A 545 13.80 -3.26 -29.06
C GLY A 545 13.02 -4.48 -28.63
N LEU A 546 13.17 -5.61 -29.33
CA LEU A 546 12.47 -6.83 -28.98
C LEU A 546 13.31 -7.63 -28.00
N THR A 547 12.88 -7.67 -26.73
CA THR A 547 13.57 -8.43 -25.70
C THR A 547 13.21 -9.90 -25.84
N GLY A 548 14.20 -10.77 -25.63
CA GLY A 548 13.95 -12.20 -25.72
C GLY A 548 15.15 -12.98 -25.21
N THR A 549 14.96 -14.29 -25.12
CA THR A 549 15.99 -15.21 -24.67
C THR A 549 16.04 -16.38 -25.63
N GLY A 550 17.26 -16.77 -26.04
CA GLY A 550 17.39 -17.89 -26.95
C GLY A 550 18.78 -18.02 -27.54
N VAL A 551 18.94 -18.98 -28.45
CA VAL A 551 20.16 -19.12 -29.23
C VAL A 551 19.89 -18.57 -30.62
N LEU A 552 20.92 -17.96 -31.21
CA LEU A 552 20.81 -17.33 -32.51
C LEU A 552 21.59 -18.15 -33.52
N THR A 553 20.93 -18.56 -34.59
CA THR A 553 21.54 -19.37 -35.64
C THR A 553 21.47 -18.63 -36.96
N GLU A 554 22.50 -18.78 -37.78
CA GLU A 554 22.41 -18.27 -39.14
C GLU A 554 21.37 -19.06 -39.91
N SER A 555 20.53 -18.34 -40.66
CA SER A 555 19.31 -18.91 -41.22
C SER A 555 19.33 -18.81 -42.74
N ASN A 556 18.29 -19.38 -43.34
CA ASN A 556 18.05 -19.33 -44.77
C ASN A 556 16.82 -18.51 -45.13
N LYS A 557 16.07 -18.03 -44.14
CA LYS A 557 14.92 -17.19 -44.42
C LYS A 557 15.36 -15.86 -45.01
N LYS A 558 14.65 -15.42 -46.04
CA LYS A 558 15.01 -14.22 -46.79
C LYS A 558 13.81 -13.30 -46.92
N PHE A 559 14.10 -12.01 -46.98
CA PHE A 559 13.09 -10.96 -47.12
C PHE A 559 13.78 -9.65 -47.47
N LEU A 560 13.01 -8.57 -47.47
CA LEU A 560 13.48 -7.27 -47.96
C LEU A 560 13.28 -6.19 -46.91
N PRO A 561 13.80 -4.95 -47.12
CA PRO A 561 13.60 -3.88 -46.14
C PRO A 561 12.15 -3.59 -45.78
N PHE A 562 11.20 -4.27 -46.44
CA PHE A 562 9.81 -4.18 -46.01
C PHE A 562 9.60 -4.80 -44.63
N GLN A 563 10.67 -5.33 -44.03
CA GLN A 563 10.62 -6.06 -42.77
C GLN A 563 11.79 -5.68 -41.88
N GLN A 564 11.58 -5.74 -40.57
CA GLN A 564 12.69 -5.73 -39.62
C GLN A 564 12.82 -7.08 -38.93
N PHE A 565 11.73 -7.58 -38.35
CA PHE A 565 11.80 -8.83 -37.60
C PHE A 565 10.78 -9.84 -38.12
N GLY A 566 11.01 -11.11 -37.83
CA GLY A 566 10.22 -12.21 -38.36
C GLY A 566 9.49 -12.96 -37.26
N ARG A 567 8.45 -13.68 -37.67
CA ARG A 567 7.59 -14.46 -36.79
C ARG A 567 7.17 -15.75 -37.49
N ASP A 568 6.25 -16.48 -36.88
CA ASP A 568 5.70 -17.68 -37.49
C ASP A 568 4.28 -17.90 -36.98
N ILE A 569 3.78 -19.13 -37.16
CA ILE A 569 2.47 -19.49 -36.64
C ILE A 569 2.46 -19.32 -35.13
N ALA A 570 1.29 -18.95 -34.60
CA ALA A 570 1.05 -18.72 -33.17
C ALA A 570 1.79 -17.51 -32.63
N ASP A 571 2.23 -16.60 -33.51
CA ASP A 571 2.82 -15.32 -33.10
C ASP A 571 4.07 -15.51 -32.25
N THR A 572 4.99 -16.34 -32.73
CA THR A 572 6.25 -16.59 -32.05
C THR A 572 7.40 -16.07 -32.89
N THR A 573 8.23 -15.22 -32.30
CA THR A 573 9.38 -14.68 -33.02
C THR A 573 10.43 -15.77 -33.19
N ASP A 574 10.75 -16.09 -34.45
CA ASP A 574 11.71 -17.15 -34.74
C ASP A 574 12.76 -16.70 -35.76
N ALA A 575 12.84 -15.41 -36.04
CA ALA A 575 13.83 -14.87 -36.96
C ALA A 575 13.84 -13.35 -36.81
N VAL A 576 15.00 -12.76 -37.09
CA VAL A 576 15.16 -11.31 -37.03
C VAL A 576 16.47 -10.93 -37.73
N ARG A 577 16.48 -9.77 -38.39
CA ARG A 577 17.73 -9.24 -38.95
C ARG A 577 18.36 -8.31 -37.94
N ASP A 578 19.66 -8.45 -37.74
CA ASP A 578 20.37 -7.54 -36.87
C ASP A 578 20.58 -6.20 -37.58
N PRO A 579 20.30 -5.08 -36.92
CA PRO A 579 20.48 -3.78 -37.58
C PRO A 579 21.90 -3.50 -38.02
N GLN A 580 22.89 -4.01 -37.30
CA GLN A 580 24.28 -3.66 -37.58
C GLN A 580 24.80 -4.35 -38.84
N THR A 581 24.29 -5.55 -39.14
CA THR A 581 24.79 -6.33 -40.26
C THR A 581 23.71 -6.59 -41.31
N LEU A 582 22.44 -6.40 -40.96
CA LEU A 582 21.31 -6.76 -41.82
C LEU A 582 21.35 -8.25 -42.16
N GLU A 583 21.72 -9.05 -41.17
CA GLU A 583 21.82 -10.49 -41.30
C GLU A 583 20.65 -11.13 -40.57
N ILE A 584 20.05 -12.15 -41.19
CA ILE A 584 18.82 -12.76 -40.68
C ILE A 584 19.21 -13.99 -39.86
N LEU A 585 18.70 -14.08 -38.64
CA LEU A 585 19.02 -15.16 -37.72
C LEU A 585 17.75 -15.78 -37.17
N ASP A 586 17.77 -17.11 -37.03
CA ASP A 586 16.70 -17.85 -36.36
C ASP A 586 16.91 -17.76 -34.86
N ILE A 587 15.84 -17.41 -34.13
CA ILE A 587 15.85 -17.48 -32.68
C ILE A 587 15.27 -18.82 -32.27
N THR A 588 16.03 -19.58 -31.49
CA THR A 588 15.57 -20.88 -31.02
C THR A 588 15.53 -20.87 -29.51
N PRO A 589 14.47 -21.38 -28.88
CA PRO A 589 14.40 -21.36 -27.42
C PRO A 589 15.57 -22.12 -26.80
N CYS A 590 16.05 -21.61 -25.67
CA CYS A 590 17.17 -22.24 -24.98
C CYS A 590 16.78 -23.64 -24.53
N SER A 591 17.76 -24.55 -24.55
CA SER A 591 17.50 -25.94 -24.22
C SER A 591 16.88 -26.05 -22.83
N PHE A 592 15.79 -26.80 -22.75
CA PHE A 592 15.06 -26.95 -21.49
C PHE A 592 14.29 -28.25 -21.55
N GLY A 593 13.83 -28.69 -20.39
CA GLY A 593 13.04 -29.89 -20.30
C GLY A 593 13.07 -30.46 -18.90
N GLY A 594 12.23 -31.46 -18.69
CA GLY A 594 12.17 -32.11 -17.40
C GLY A 594 13.37 -32.99 -17.14
N VAL A 595 13.57 -33.30 -15.87
CA VAL A 595 14.61 -34.21 -15.43
C VAL A 595 13.94 -35.30 -14.61
N SER A 596 14.32 -36.54 -14.85
CA SER A 596 13.72 -37.69 -14.19
C SER A 596 14.83 -38.58 -13.64
N VAL A 597 14.51 -39.34 -12.60
CA VAL A 597 15.47 -40.23 -11.95
C VAL A 597 14.95 -41.65 -12.13
N ILE A 598 15.84 -42.54 -12.54
CA ILE A 598 15.50 -43.94 -12.80
C ILE A 598 16.21 -44.77 -11.75
N THR A 599 15.43 -45.47 -10.93
CA THR A 599 15.99 -46.25 -9.84
C THR A 599 15.49 -47.68 -9.90
N PRO A 600 16.29 -48.64 -9.44
CA PRO A 600 15.79 -50.02 -9.31
C PRO A 600 14.93 -50.18 -8.07
N GLY A 601 15.05 -49.22 -7.16
CA GLY A 601 14.36 -49.27 -5.89
C GLY A 601 15.33 -49.16 -4.73
N THR A 602 14.95 -48.41 -3.70
CA THR A 602 15.81 -48.29 -2.52
C THR A 602 16.05 -49.65 -1.88
N ASN A 603 15.12 -50.59 -2.07
CA ASN A 603 15.33 -51.97 -1.64
C ASN A 603 16.42 -52.68 -2.43
N THR A 604 16.86 -52.11 -3.56
CA THR A 604 17.80 -52.78 -4.45
C THR A 604 18.89 -51.78 -4.85
N SER A 605 19.50 -51.17 -3.82
CA SER A 605 20.67 -50.30 -3.92
C SER A 605 20.27 -48.88 -4.30
N ASN A 606 21.16 -47.92 -4.01
CA ASN A 606 20.87 -46.51 -4.23
C ASN A 606 21.41 -45.98 -5.56
N GLN A 607 21.96 -46.85 -6.40
CA GLN A 607 22.42 -46.43 -7.71
C GLN A 607 21.25 -46.01 -8.57
N VAL A 608 21.35 -44.84 -9.21
CA VAL A 608 20.29 -44.30 -10.03
C VAL A 608 20.87 -43.77 -11.33
N ALA A 609 20.01 -43.61 -12.33
CA ALA A 609 20.32 -42.94 -13.58
C ALA A 609 19.49 -41.67 -13.66
N VAL A 610 19.90 -40.73 -14.50
CA VAL A 610 19.22 -39.45 -14.63
C VAL A 610 18.92 -39.22 -16.11
N LEU A 611 17.66 -38.98 -16.42
CA LEU A 611 17.22 -38.73 -17.80
C LEU A 611 16.82 -37.27 -17.94
N TYR A 612 17.52 -36.54 -18.80
CA TYR A 612 17.15 -35.17 -19.15
C TYR A 612 16.32 -35.25 -20.42
N GLN A 613 15.02 -35.00 -20.30
CA GLN A 613 14.11 -35.20 -21.43
C GLN A 613 14.32 -34.14 -22.50
N ASP A 614 14.37 -34.59 -23.75
CA ASP A 614 14.46 -33.70 -24.91
C ASP A 614 15.65 -32.74 -24.80
N VAL A 615 16.79 -33.26 -24.37
CA VAL A 615 18.01 -32.47 -24.22
C VAL A 615 19.15 -33.18 -24.93
N ASN A 616 19.78 -32.49 -25.86
CA ASN A 616 20.98 -33.00 -26.51
C ASN A 616 22.09 -33.17 -25.48
N CYS A 617 22.81 -34.30 -25.57
CA CYS A 617 23.82 -34.61 -24.57
C CYS A 617 24.98 -33.63 -24.58
N THR A 618 25.10 -32.81 -25.63
CA THR A 618 26.14 -31.78 -25.65
C THR A 618 25.96 -30.83 -24.47
N GLU A 619 24.72 -30.41 -24.22
CA GLU A 619 24.40 -29.66 -23.01
C GLU A 619 24.42 -30.60 -21.81
N VAL A 620 24.67 -30.06 -20.63
CA VAL A 620 24.70 -30.86 -19.41
C VAL A 620 23.32 -31.44 -19.12
N ASN A 641 28.73 -42.15 -17.58
CA ASN A 641 28.45 -42.53 -18.96
C ASN A 641 27.18 -41.83 -19.45
N VAL A 642 27.20 -41.39 -20.69
CA VAL A 642 26.08 -40.67 -21.30
C VAL A 642 25.62 -41.41 -22.54
N PHE A 643 24.31 -41.44 -22.75
CA PHE A 643 23.69 -42.08 -23.91
C PHE A 643 22.61 -41.15 -24.45
N GLN A 644 22.58 -40.98 -25.77
CA GLN A 644 21.57 -40.15 -26.40
C GLN A 644 20.45 -41.02 -26.95
N THR A 645 19.22 -40.75 -26.50
CA THR A 645 18.04 -41.45 -26.96
C THR A 645 17.09 -40.47 -27.64
N ARG A 646 16.03 -41.02 -28.24
CA ARG A 646 14.99 -40.16 -28.79
C ARG A 646 14.19 -39.49 -27.68
N ALA A 647 14.29 -40.01 -26.46
CA ALA A 647 13.63 -39.40 -25.31
C ALA A 647 14.47 -38.25 -24.76
N GLY A 648 15.73 -38.52 -24.45
CA GLY A 648 16.60 -37.49 -23.91
C GLY A 648 17.99 -38.04 -23.64
N CYS A 649 18.76 -37.27 -22.87
CA CYS A 649 20.10 -37.66 -22.50
C CYS A 649 20.05 -38.48 -21.21
N LEU A 650 20.57 -39.70 -21.26
CA LEU A 650 20.54 -40.60 -20.11
C LEU A 650 21.94 -40.74 -19.55
N ILE A 651 22.11 -40.40 -18.28
CA ILE A 651 23.41 -40.39 -17.61
C ILE A 651 23.39 -41.42 -16.49
N GLY A 652 24.39 -42.29 -16.46
CA GLY A 652 24.50 -43.30 -15.43
C GLY A 652 24.02 -44.67 -15.84
N ALA A 653 23.62 -44.86 -17.09
CA ALA A 653 23.17 -46.16 -17.59
C ALA A 653 23.98 -46.50 -18.84
N GLU A 654 24.41 -47.76 -18.94
CA GLU A 654 25.19 -48.21 -20.07
C GLU A 654 24.29 -48.92 -21.08
N HIS A 655 24.48 -48.60 -22.36
CA HIS A 655 23.67 -49.19 -23.42
C HIS A 655 24.21 -50.57 -23.76
N VAL A 656 23.30 -51.53 -23.97
CA VAL A 656 23.65 -52.89 -24.29
C VAL A 656 22.87 -53.32 -25.53
N ASN A 657 23.52 -54.11 -26.40
CA ASN A 657 22.86 -54.60 -27.60
C ASN A 657 21.68 -55.49 -27.28
N ASN A 658 21.80 -56.32 -26.24
CA ASN A 658 20.79 -57.33 -25.96
C ASN A 658 19.48 -56.68 -25.52
N SER A 659 18.38 -57.32 -25.89
CA SER A 659 17.04 -56.83 -25.59
C SER A 659 16.36 -57.77 -24.60
N TYR A 660 15.60 -57.19 -23.68
CA TYR A 660 14.85 -57.93 -22.68
C TYR A 660 13.47 -57.33 -22.57
N GLU A 661 12.62 -57.96 -21.75
CA GLU A 661 11.30 -57.41 -21.49
C GLU A 661 11.44 -56.07 -20.78
N CYS A 662 10.61 -55.11 -21.18
CA CYS A 662 10.72 -53.77 -20.62
C CYS A 662 10.43 -53.78 -19.12
N ASP A 663 11.32 -53.15 -18.36
CA ASP A 663 11.18 -53.02 -16.92
C ASP A 663 10.83 -51.61 -16.47
N ILE A 664 11.61 -50.63 -16.90
CA ILE A 664 11.34 -49.22 -16.60
C ILE A 664 11.22 -48.48 -17.93
N PRO A 665 10.03 -48.06 -18.34
CA PRO A 665 9.87 -47.48 -19.67
C PRO A 665 10.49 -46.10 -19.79
N ILE A 666 11.63 -46.01 -20.48
CA ILE A 666 12.26 -44.71 -20.69
C ILE A 666 11.52 -43.92 -21.76
N GLY A 667 11.28 -44.55 -22.90
CA GLY A 667 10.57 -43.89 -23.98
C GLY A 667 11.15 -44.18 -25.35
N ALA A 668 10.32 -44.02 -26.38
CA ALA A 668 10.71 -44.27 -27.77
C ALA A 668 11.27 -45.67 -27.97
N GLY A 669 10.81 -46.62 -27.16
CA GLY A 669 11.24 -47.99 -27.22
C GLY A 669 12.35 -48.35 -26.25
N ILE A 670 13.06 -47.34 -25.74
CA ILE A 670 14.15 -47.58 -24.80
C ILE A 670 13.56 -47.86 -23.43
N CYS A 671 14.06 -48.91 -22.77
CA CYS A 671 13.66 -49.27 -21.42
C CYS A 671 14.93 -49.56 -20.61
N ALA A 672 14.88 -49.24 -19.32
CA ALA A 672 16.01 -49.45 -18.43
C ALA A 672 15.71 -50.54 -17.42
N SER A 673 16.76 -51.22 -16.99
CA SER A 673 16.63 -52.29 -16.00
C SER A 673 17.92 -52.38 -15.20
N TYR A 674 17.82 -52.98 -14.02
CA TYR A 674 18.98 -53.19 -13.15
C TYR A 674 19.46 -54.61 -13.35
N GLN A 675 20.69 -54.76 -13.85
CA GLN A 675 21.21 -56.09 -14.16
C GLN A 675 22.73 -56.04 -14.35
N GLN A 690 24.55 -55.57 -11.75
CA GLN A 690 25.41 -54.75 -10.89
C GLN A 690 25.36 -53.28 -11.28
N SER A 691 24.60 -52.97 -12.34
CA SER A 691 24.46 -51.60 -12.82
C SER A 691 23.15 -51.47 -13.59
N ILE A 692 22.82 -50.22 -13.95
CA ILE A 692 21.62 -49.91 -14.69
C ILE A 692 21.95 -49.91 -16.17
N ILE A 693 21.18 -50.66 -16.96
CA ILE A 693 21.37 -50.78 -18.39
C ILE A 693 20.14 -50.22 -19.10
N ALA A 694 20.38 -49.66 -20.28
CA ALA A 694 19.33 -49.12 -21.13
C ALA A 694 19.37 -49.86 -22.46
N TYR A 695 18.23 -50.40 -22.88
CA TYR A 695 18.17 -51.26 -24.05
C TYR A 695 16.88 -51.03 -24.81
N THR A 696 16.91 -51.29 -26.11
CA THR A 696 15.68 -51.34 -26.88
C THR A 696 14.85 -52.54 -26.43
N MET A 697 13.62 -52.29 -26.01
CA MET A 697 12.81 -53.32 -25.38
C MET A 697 12.50 -54.45 -26.36
N SER A 698 12.46 -55.67 -25.83
CA SER A 698 12.13 -56.85 -26.61
C SER A 698 10.62 -57.03 -26.62
N LEU A 699 10.05 -57.25 -27.81
CA LEU A 699 8.61 -57.36 -27.92
C LEU A 699 8.10 -58.65 -27.30
N GLY A 700 8.90 -59.71 -27.38
CA GLY A 700 8.53 -61.00 -26.85
C GLY A 700 9.48 -62.08 -27.32
N ALA A 701 8.94 -63.25 -27.68
CA ALA A 701 9.73 -64.33 -28.22
C ALA A 701 9.31 -64.62 -29.65
N GLU A 702 10.31 -64.78 -30.52
CA GLU A 702 10.06 -65.04 -31.93
C GLU A 702 9.72 -66.51 -32.10
N ASN A 703 8.43 -66.80 -32.21
CA ASN A 703 7.93 -68.17 -32.35
C ASN A 703 7.26 -68.32 -33.70
N SER A 704 7.94 -68.95 -34.64
CA SER A 704 7.39 -69.23 -35.97
C SER A 704 6.62 -70.54 -35.88
N VAL A 705 5.30 -70.44 -35.92
CA VAL A 705 4.45 -71.62 -35.80
C VAL A 705 4.67 -72.51 -37.01
N ALA A 706 4.84 -73.80 -36.76
CA ALA A 706 5.03 -74.76 -37.81
C ALA A 706 3.74 -74.91 -38.55
N TYR A 707 3.61 -74.24 -39.67
CA TYR A 707 2.36 -74.28 -40.40
C TYR A 707 2.53 -75.11 -41.66
N SER A 708 1.57 -76.00 -41.89
CA SER A 708 1.55 -76.82 -43.10
C SER A 708 0.09 -77.06 -43.48
N ASN A 709 -0.13 -77.33 -44.76
CA ASN A 709 -1.48 -77.52 -45.26
C ASN A 709 -2.07 -78.86 -44.83
N ASN A 710 -1.25 -79.71 -44.23
CA ASN A 710 -1.73 -80.99 -43.70
C ASN A 710 -1.12 -81.24 -42.32
N SER A 711 -1.18 -80.23 -41.45
CA SER A 711 -0.63 -80.38 -40.10
C SER A 711 -1.47 -79.56 -39.13
N ILE A 712 -1.94 -80.20 -38.06
CA ILE A 712 -2.73 -79.54 -37.03
C ILE A 712 -2.15 -79.96 -35.68
N ALA A 713 -2.38 -79.13 -34.66
CA ALA A 713 -1.96 -79.44 -33.30
C ALA A 713 -3.22 -79.58 -32.43
N ILE A 714 -3.37 -80.71 -31.77
CA ILE A 714 -4.56 -81.02 -30.98
C ILE A 714 -4.18 -81.00 -29.50
N PRO A 715 -4.94 -80.30 -28.66
CA PRO A 715 -4.58 -80.20 -27.23
C PRO A 715 -4.83 -81.47 -26.45
N THR A 716 -3.87 -82.38 -26.42
CA THR A 716 -4.04 -83.64 -25.69
C THR A 716 -4.27 -83.46 -24.18
N ASN A 717 -4.27 -82.27 -23.58
CA ASN A 717 -4.46 -82.12 -22.14
C ASN A 717 -4.92 -80.69 -21.86
N PHE A 718 -5.21 -80.41 -20.60
CA PHE A 718 -5.69 -79.08 -20.19
C PHE A 718 -5.07 -78.70 -18.86
N THR A 719 -5.03 -77.39 -18.61
CA THR A 719 -4.38 -76.81 -17.45
C THR A 719 -5.28 -75.73 -16.83
N ILE A 720 -6.55 -76.11 -16.58
CA ILE A 720 -7.59 -75.21 -16.08
C ILE A 720 -7.03 -74.24 -15.03
N SER A 721 -7.28 -72.95 -15.24
CA SER A 721 -6.62 -71.89 -14.49
C SER A 721 -7.62 -70.86 -14.02
N VAL A 722 -7.38 -70.30 -12.84
CA VAL A 722 -8.25 -69.30 -12.25
C VAL A 722 -7.44 -68.01 -12.10
N THR A 723 -7.98 -66.90 -12.60
CA THR A 723 -7.28 -65.62 -12.64
C THR A 723 -8.10 -64.55 -11.97
N THR A 724 -7.46 -63.49 -11.53
CA THR A 724 -8.12 -62.40 -10.82
C THR A 724 -8.20 -61.15 -11.66
N GLU A 725 -9.30 -60.41 -11.50
CA GLU A 725 -9.51 -59.14 -12.19
C GLU A 725 -10.12 -58.16 -11.21
N ILE A 726 -9.45 -57.03 -10.99
CA ILE A 726 -9.89 -56.03 -10.02
C ILE A 726 -10.46 -54.84 -10.77
N LEU A 727 -11.68 -54.43 -10.43
CA LEU A 727 -12.36 -53.34 -11.11
C LEU A 727 -12.95 -52.38 -10.08
N PRO A 728 -12.57 -51.11 -10.08
CA PRO A 728 -13.23 -50.14 -9.21
C PRO A 728 -14.70 -50.00 -9.58
N VAL A 729 -15.53 -49.84 -8.55
CA VAL A 729 -16.96 -49.60 -8.77
C VAL A 729 -17.46 -48.33 -8.13
N SER A 730 -16.82 -47.80 -7.09
CA SER A 730 -17.32 -46.62 -6.40
C SER A 730 -16.15 -45.87 -5.77
N MET A 731 -16.43 -44.63 -5.41
CA MET A 731 -15.47 -43.74 -4.78
C MET A 731 -16.15 -42.99 -3.65
N THR A 732 -15.34 -42.37 -2.79
CA THR A 732 -15.87 -41.77 -1.58
C THR A 732 -16.91 -40.71 -1.89
N LYS A 733 -18.04 -40.77 -1.18
CA LYS A 733 -19.14 -39.83 -1.37
C LYS A 733 -18.87 -38.55 -0.59
N THR A 734 -17.91 -37.77 -1.10
CA THR A 734 -17.52 -36.53 -0.46
C THR A 734 -18.56 -35.44 -0.70
N SER A 735 -18.58 -34.47 0.21
CA SER A 735 -19.45 -33.30 0.09
C SER A 735 -18.75 -32.13 0.74
N VAL A 736 -18.59 -31.05 -0.02
CA VAL A 736 -17.85 -29.87 0.43
C VAL A 736 -18.85 -28.73 0.56
N ASP A 737 -18.93 -28.16 1.75
CA ASP A 737 -19.77 -26.99 1.96
C ASP A 737 -19.09 -25.76 1.37
N CYS A 738 -19.80 -25.06 0.49
CA CYS A 738 -19.21 -23.92 -0.19
C CYS A 738 -18.93 -22.77 0.78
N THR A 739 -19.93 -22.40 1.59
CA THR A 739 -19.78 -21.24 2.45
C THR A 739 -18.73 -21.47 3.54
N MET A 740 -18.75 -22.65 4.17
CA MET A 740 -17.78 -22.95 5.21
C MET A 740 -16.35 -22.98 4.66
N TYR A 741 -16.17 -23.51 3.45
CA TYR A 741 -14.84 -23.55 2.86
C TYR A 741 -14.35 -22.16 2.47
N ILE A 742 -15.21 -21.39 1.80
CA ILE A 742 -14.78 -20.09 1.29
C ILE A 742 -14.58 -19.08 2.42
N CYS A 743 -15.52 -19.00 3.36
CA CYS A 743 -15.52 -17.94 4.35
C CYS A 743 -15.45 -18.43 5.80
N GLY A 744 -15.48 -19.73 6.04
CA GLY A 744 -15.46 -20.21 7.40
C GLY A 744 -16.71 -19.76 8.16
N ASP A 745 -16.49 -19.22 9.35
CA ASP A 745 -17.58 -18.76 10.22
C ASP A 745 -17.68 -17.23 10.25
N SER A 746 -17.17 -16.56 9.23
CA SER A 746 -17.18 -15.11 9.17
C SER A 746 -18.39 -14.64 8.37
N THR A 747 -19.16 -13.72 8.94
CA THR A 747 -20.36 -13.23 8.26
C THR A 747 -20.02 -12.26 7.14
N GLU A 748 -19.00 -11.42 7.35
CA GLU A 748 -18.67 -10.39 6.37
C GLU A 748 -18.24 -10.99 5.03
N CYS A 749 -17.44 -12.05 5.08
CA CYS A 749 -17.07 -12.73 3.84
C CYS A 749 -18.28 -13.36 3.17
N SER A 750 -19.17 -13.98 3.96
CA SER A 750 -20.36 -14.57 3.40
C SER A 750 -21.25 -13.53 2.71
N ASN A 751 -21.25 -12.30 3.23
CA ASN A 751 -22.01 -11.24 2.58
C ASN A 751 -21.48 -10.95 1.18
N LEU A 752 -20.16 -10.91 1.03
CA LEU A 752 -19.57 -10.69 -0.28
C LEU A 752 -19.86 -11.83 -1.24
N LEU A 753 -19.94 -13.06 -0.73
CA LEU A 753 -20.18 -14.21 -1.59
C LEU A 753 -21.56 -14.16 -2.24
N LEU A 754 -22.48 -13.39 -1.66
CA LEU A 754 -23.80 -13.24 -2.27
C LEU A 754 -23.73 -12.58 -3.64
N GLN A 755 -22.69 -11.77 -3.87
CA GLN A 755 -22.56 -11.08 -5.15
C GLN A 755 -22.34 -12.05 -6.31
N TYR A 756 -21.58 -13.12 -6.07
CA TYR A 756 -21.30 -14.08 -7.14
C TYR A 756 -22.55 -14.86 -7.52
N GLY A 757 -23.42 -15.13 -6.56
CA GLY A 757 -24.71 -15.72 -6.88
C GLY A 757 -24.89 -17.17 -6.48
N SER A 758 -25.07 -18.04 -7.48
CA SER A 758 -25.43 -19.43 -7.25
C SER A 758 -24.31 -20.40 -7.61
N PHE A 759 -23.05 -19.98 -7.53
CA PHE A 759 -21.95 -20.91 -7.71
C PHE A 759 -21.95 -21.99 -6.64
N CYS A 760 -22.22 -21.59 -5.40
CA CYS A 760 -22.20 -22.52 -4.28
C CYS A 760 -23.24 -23.62 -4.44
N THR A 761 -24.47 -23.24 -4.83
CA THR A 761 -25.53 -24.22 -5.03
C THR A 761 -25.19 -25.19 -6.15
N GLN A 762 -24.63 -24.68 -7.25
CA GLN A 762 -24.25 -25.56 -8.36
C GLN A 762 -23.16 -26.53 -7.96
N LEU A 763 -22.15 -26.06 -7.22
CA LEU A 763 -21.09 -26.95 -6.77
C LEU A 763 -21.63 -28.02 -5.83
N ASN A 764 -22.47 -27.62 -4.89
CA ASN A 764 -23.07 -28.58 -3.97
C ASN A 764 -23.91 -29.62 -4.71
N ARG A 765 -24.65 -29.16 -5.73
CA ARG A 765 -25.49 -30.09 -6.48
C ARG A 765 -24.65 -31.06 -7.29
N ALA A 766 -23.54 -30.59 -7.87
CA ALA A 766 -22.67 -31.49 -8.61
C ALA A 766 -22.08 -32.55 -7.69
N LEU A 767 -21.64 -32.14 -6.49
CA LEU A 767 -21.11 -33.11 -5.55
C LEU A 767 -22.18 -34.10 -5.12
N THR A 768 -23.41 -33.63 -4.90
CA THR A 768 -24.50 -34.52 -4.53
C THR A 768 -24.80 -35.52 -5.64
N GLY A 769 -24.78 -35.06 -6.90
CA GLY A 769 -24.97 -35.95 -8.01
C GLY A 769 -23.90 -37.03 -8.09
N ILE A 770 -22.65 -36.65 -7.87
CA ILE A 770 -21.59 -37.65 -7.83
C ILE A 770 -21.84 -38.65 -6.71
N ALA A 771 -22.22 -38.16 -5.53
CA ALA A 771 -22.42 -39.02 -4.38
C ALA A 771 -23.52 -40.04 -4.64
N VAL A 772 -24.65 -39.59 -5.19
CA VAL A 772 -25.74 -40.52 -5.46
C VAL A 772 -25.40 -41.46 -6.60
N GLU A 773 -24.60 -40.99 -7.56
CA GLU A 773 -24.16 -41.86 -8.64
C GLU A 773 -23.28 -43.00 -8.12
N GLN A 774 -22.48 -42.73 -7.09
CA GLN A 774 -21.68 -43.80 -6.51
C GLN A 774 -22.55 -44.91 -5.91
N ASP A 775 -23.60 -44.55 -5.18
CA ASP A 775 -24.52 -45.56 -4.66
C ASP A 775 -25.22 -46.29 -5.78
N LYS A 776 -25.63 -45.59 -6.83
CA LYS A 776 -26.23 -46.25 -7.99
C LYS A 776 -25.28 -47.27 -8.60
N ASN A 777 -23.99 -46.90 -8.73
CA ASN A 777 -23.00 -47.82 -9.27
C ASN A 777 -22.87 -49.06 -8.40
N THR A 778 -22.74 -48.86 -7.09
CA THR A 778 -22.58 -49.99 -6.19
C THR A 778 -23.79 -50.91 -6.23
N GLN A 779 -24.99 -50.35 -6.31
CA GLN A 779 -26.19 -51.17 -6.45
C GLN A 779 -26.25 -51.90 -7.78
N GLU A 780 -25.85 -51.26 -8.88
CA GLU A 780 -25.88 -51.93 -10.17
C GLU A 780 -24.91 -53.10 -10.22
N VAL A 781 -23.71 -52.93 -9.66
CA VAL A 781 -22.71 -53.99 -9.74
C VAL A 781 -23.14 -55.21 -8.93
N PHE A 782 -23.63 -54.99 -7.71
CA PHE A 782 -23.84 -56.11 -6.80
C PHE A 782 -25.29 -56.58 -6.72
N ALA A 783 -26.26 -55.66 -6.68
CA ALA A 783 -27.66 -56.04 -6.52
C ALA A 783 -28.24 -56.52 -7.85
N GLN A 784 -27.56 -57.51 -8.43
CA GLN A 784 -28.02 -58.18 -9.64
C GLN A 784 -28.77 -59.47 -9.32
N VAL A 785 -28.93 -59.78 -8.04
CA VAL A 785 -29.60 -61.00 -7.61
C VAL A 785 -30.71 -60.63 -6.64
N LYS A 786 -31.90 -61.17 -6.87
CA LYS A 786 -32.99 -61.08 -5.93
C LYS A 786 -33.15 -62.43 -5.25
N GLN A 787 -33.34 -62.40 -3.93
CA GLN A 787 -33.37 -63.56 -3.04
C GLN A 787 -31.95 -63.93 -2.64
N ILE A 788 -31.63 -63.78 -1.35
CA ILE A 788 -30.30 -64.06 -0.85
C ILE A 788 -30.15 -65.58 -0.70
N TYR A 789 -29.35 -66.19 -1.56
CA TYR A 789 -29.16 -67.63 -1.51
C TYR A 789 -28.17 -68.00 -0.41
N LYS A 790 -28.25 -69.25 0.03
CA LYS A 790 -27.37 -69.78 1.06
C LYS A 790 -26.79 -71.10 0.60
N THR A 791 -25.55 -71.35 1.02
CA THR A 791 -24.90 -72.60 0.65
C THR A 791 -25.41 -73.76 1.52
N PRO A 792 -25.50 -74.96 0.94
CA PRO A 792 -25.96 -76.10 1.71
C PRO A 792 -25.02 -76.39 2.88
N PRO A 793 -25.55 -76.91 3.98
CA PRO A 793 -24.65 -77.40 5.05
C PRO A 793 -23.71 -78.50 4.56
N ILE A 794 -24.21 -79.41 3.74
CA ILE A 794 -23.39 -80.47 3.16
C ILE A 794 -22.72 -79.92 1.90
N LYS A 795 -21.42 -79.65 1.99
CA LYS A 795 -20.68 -79.01 0.89
C LYS A 795 -19.96 -80.08 0.07
N ASP A 796 -20.77 -80.90 -0.59
CA ASP A 796 -20.28 -81.96 -1.47
C ASP A 796 -20.45 -81.50 -2.91
N PHE A 797 -19.39 -80.90 -3.48
CA PHE A 797 -19.44 -80.34 -4.83
C PHE A 797 -18.58 -81.12 -5.81
N GLY A 798 -18.46 -82.43 -5.63
CA GLY A 798 -17.74 -83.25 -6.59
C GLY A 798 -16.25 -83.26 -6.36
N GLY A 799 -15.78 -82.51 -5.37
CA GLY A 799 -14.37 -82.40 -5.09
C GLY A 799 -13.90 -80.97 -5.13
N PHE A 800 -14.61 -80.13 -5.88
CA PHE A 800 -14.30 -78.71 -5.95
C PHE A 800 -14.45 -78.11 -4.55
N ASN A 801 -13.44 -77.37 -4.13
CA ASN A 801 -13.37 -76.84 -2.77
C ASN A 801 -13.56 -75.33 -2.81
N PHE A 802 -14.70 -74.87 -2.31
CA PHE A 802 -15.03 -73.45 -2.26
C PHE A 802 -14.91 -72.88 -0.85
N SER A 803 -14.14 -73.53 0.03
CA SER A 803 -14.03 -73.05 1.39
C SER A 803 -13.40 -71.67 1.46
N GLN A 804 -12.36 -71.42 0.65
CA GLN A 804 -11.68 -70.14 0.71
C GLN A 804 -12.51 -69.03 0.08
N ILE A 805 -13.42 -69.40 -0.83
CA ILE A 805 -14.17 -68.38 -1.55
C ILE A 805 -15.51 -68.09 -0.86
N LEU A 806 -16.06 -69.07 -0.14
CA LEU A 806 -17.31 -68.91 0.59
C LEU A 806 -17.10 -68.12 1.88
N PRO A 807 -18.15 -67.45 2.38
CA PRO A 807 -18.00 -66.69 3.62
C PRO A 807 -17.70 -67.60 4.81
N ASP A 808 -16.95 -67.04 5.77
CA ASP A 808 -16.56 -67.76 6.98
C ASP A 808 -17.30 -67.13 8.15
N PRO A 809 -18.09 -67.90 8.91
CA PRO A 809 -18.84 -67.32 10.03
C PRO A 809 -17.97 -66.86 11.18
N SER A 810 -16.67 -67.20 11.18
CA SER A 810 -15.79 -66.76 12.27
C SER A 810 -15.69 -65.24 12.32
N LYS A 811 -15.54 -64.60 11.16
CA LYS A 811 -15.46 -63.15 11.13
C LYS A 811 -16.84 -62.53 11.40
N PRO A 812 -16.88 -61.46 12.20
CA PRO A 812 -18.16 -60.77 12.41
C PRO A 812 -18.75 -60.23 11.12
N SER A 813 -17.91 -59.77 10.19
CA SER A 813 -18.40 -59.23 8.93
C SER A 813 -18.92 -60.33 8.01
N LYS A 814 -18.64 -61.59 8.34
CA LYS A 814 -19.05 -62.75 7.52
C LYS A 814 -18.51 -62.63 6.09
N ARG A 815 -17.21 -62.34 5.99
CA ARG A 815 -16.53 -62.24 4.72
C ARG A 815 -15.67 -63.49 4.50
N SER A 816 -15.44 -63.79 3.23
CA SER A 816 -14.60 -64.93 2.89
C SER A 816 -13.13 -64.65 3.20
N PHE A 817 -12.32 -65.70 3.17
CA PHE A 817 -10.90 -65.55 3.41
C PHE A 817 -10.26 -64.66 2.35
N ILE A 818 -10.60 -64.89 1.08
CA ILE A 818 -10.07 -64.07 0.00
C ILE A 818 -10.54 -62.63 0.15
N GLU A 819 -11.82 -62.44 0.51
CA GLU A 819 -12.33 -61.09 0.73
C GLU A 819 -11.60 -60.40 1.88
N ASP A 820 -11.33 -61.14 2.95
CA ASP A 820 -10.56 -60.57 4.06
C ASP A 820 -9.16 -60.17 3.63
N LEU A 821 -8.51 -61.01 2.82
CA LEU A 821 -7.20 -60.65 2.28
C LEU A 821 -7.27 -59.39 1.43
N LEU A 822 -8.30 -59.28 0.58
CA LEU A 822 -8.45 -58.09 -0.24
C LEU A 822 -8.64 -56.85 0.61
N PHE A 823 -9.45 -56.95 1.67
CA PHE A 823 -9.66 -55.81 2.55
C PHE A 823 -8.40 -55.44 3.32
N ASN A 824 -7.56 -56.42 3.67
CA ASN A 824 -6.33 -56.09 4.38
C ASN A 824 -5.26 -55.49 3.47
N LYS A 825 -5.14 -55.99 2.24
CA LYS A 825 -4.07 -55.54 1.35
C LYS A 825 -4.20 -54.07 0.95
N VAL A 826 -5.40 -53.50 1.03
CA VAL A 826 -5.64 -52.11 0.64
C VAL A 826 -6.23 -51.37 1.83
N THR A 827 -5.71 -50.17 2.08
CA THR A 827 -6.15 -49.36 3.21
C THR A 827 -7.53 -48.75 2.94
N LYS A 854 -13.24 -34.89 9.67
CA LYS A 854 -14.03 -33.74 9.22
C LYS A 854 -13.33 -32.44 9.54
N PHE A 855 -12.88 -31.72 8.50
CA PHE A 855 -12.15 -30.48 8.68
C PHE A 855 -12.48 -29.53 7.54
N ASN A 856 -12.82 -28.29 7.90
CA ASN A 856 -12.98 -27.19 6.94
C ASN A 856 -14.07 -27.48 5.91
N GLY A 857 -15.26 -27.86 6.40
CA GLY A 857 -16.41 -27.98 5.55
C GLY A 857 -16.47 -29.23 4.69
N LEU A 858 -15.56 -30.17 4.88
CA LEU A 858 -15.56 -31.40 4.10
C LEU A 858 -16.18 -32.53 4.92
N THR A 859 -17.08 -33.28 4.28
CA THR A 859 -17.75 -34.40 4.94
C THR A 859 -17.72 -35.61 4.02
N VAL A 860 -17.40 -36.77 4.60
CA VAL A 860 -17.40 -38.03 3.85
C VAL A 860 -18.69 -38.76 4.18
N LEU A 861 -19.66 -38.68 3.28
CA LEU A 861 -20.93 -39.35 3.50
C LEU A 861 -20.77 -40.86 3.40
N PRO A 862 -21.31 -41.62 4.36
CA PRO A 862 -21.15 -43.07 4.31
C PRO A 862 -21.92 -43.65 3.14
N PRO A 863 -21.44 -44.75 2.56
CA PRO A 863 -22.20 -45.39 1.48
C PRO A 863 -23.49 -46.01 2.00
N LEU A 864 -24.48 -46.10 1.10
CA LEU A 864 -25.76 -46.68 1.48
C LEU A 864 -25.61 -48.15 1.84
N LEU A 865 -24.85 -48.91 1.06
CA LEU A 865 -24.63 -50.32 1.31
C LEU A 865 -23.35 -50.49 2.13
N THR A 866 -23.48 -51.04 3.33
CA THR A 866 -22.32 -51.30 4.16
C THR A 866 -21.53 -52.48 3.60
N ASP A 867 -20.29 -52.62 4.08
CA ASP A 867 -19.44 -53.71 3.60
C ASP A 867 -20.05 -55.07 3.93
N GLU A 868 -20.79 -55.15 5.04
CA GLU A 868 -21.49 -56.39 5.35
C GLU A 868 -22.55 -56.71 4.32
N MET A 869 -23.28 -55.69 3.86
CA MET A 869 -24.34 -55.93 2.88
C MET A 869 -23.76 -56.29 1.51
N ILE A 870 -22.66 -55.65 1.12
CA ILE A 870 -21.99 -56.01 -0.13
C ILE A 870 -21.46 -57.43 -0.04
N ALA A 871 -20.91 -57.81 1.12
CA ALA A 871 -20.45 -59.18 1.31
C ALA A 871 -21.62 -60.16 1.24
N GLN A 872 -22.78 -59.76 1.76
CA GLN A 872 -23.96 -60.61 1.66
C GLN A 872 -24.40 -60.79 0.21
N TYR A 873 -24.37 -59.71 -0.57
CA TYR A 873 -24.70 -59.81 -1.99
C TYR A 873 -23.72 -60.73 -2.71
N THR A 874 -22.44 -60.59 -2.41
CA THR A 874 -21.43 -61.45 -3.03
C THR A 874 -21.63 -62.91 -2.64
N SER A 875 -21.95 -63.16 -1.38
CA SER A 875 -22.22 -64.51 -0.92
C SER A 875 -23.44 -65.09 -1.62
N ALA A 876 -24.49 -64.28 -1.79
CA ALA A 876 -25.67 -64.75 -2.50
C ALA A 876 -25.35 -65.10 -3.95
N LEU A 877 -24.60 -64.24 -4.64
CA LEU A 877 -24.22 -64.54 -6.03
C LEU A 877 -23.38 -65.80 -6.10
N LEU A 878 -22.43 -65.96 -5.17
CA LEU A 878 -21.56 -67.11 -5.19
C LEU A 878 -22.32 -68.40 -4.90
N ALA A 879 -23.20 -68.39 -3.92
CA ALA A 879 -24.01 -69.56 -3.59
C ALA A 879 -25.10 -69.82 -4.62
N GLY A 880 -25.42 -68.85 -5.46
CA GLY A 880 -26.31 -69.09 -6.57
C GLY A 880 -25.59 -69.74 -7.72
N THR A 881 -24.39 -69.25 -8.04
CA THR A 881 -23.65 -69.83 -9.16
C THR A 881 -23.09 -71.21 -8.83
N ILE A 882 -22.76 -71.48 -7.57
CA ILE A 882 -22.31 -72.81 -7.20
C ILE A 882 -23.46 -73.81 -7.25
N THR A 883 -24.62 -73.42 -6.72
CA THR A 883 -25.72 -74.38 -6.57
C THR A 883 -26.49 -74.56 -7.88
N SER A 884 -26.86 -73.47 -8.54
CA SER A 884 -27.80 -73.53 -9.64
C SER A 884 -27.21 -73.12 -10.98
N GLY A 885 -25.91 -72.87 -11.08
CA GLY A 885 -25.34 -72.51 -12.36
C GLY A 885 -25.81 -71.15 -12.83
N TRP A 886 -26.11 -71.05 -14.12
CA TRP A 886 -26.62 -69.81 -14.68
C TRP A 886 -28.12 -69.68 -14.59
N THR A 887 -28.81 -70.70 -14.07
CA THR A 887 -30.27 -70.70 -14.05
C THR A 887 -30.82 -69.59 -13.18
N PHE A 888 -30.17 -69.32 -12.04
CA PHE A 888 -30.66 -68.28 -11.14
C PHE A 888 -30.57 -66.90 -11.78
N GLY A 889 -29.67 -66.71 -12.74
CA GLY A 889 -29.60 -65.44 -13.42
C GLY A 889 -30.81 -65.16 -14.27
N ALA A 890 -31.37 -66.19 -14.91
CA ALA A 890 -32.53 -66.00 -15.77
C ALA A 890 -33.81 -65.89 -14.95
N GLY A 891 -34.14 -66.94 -14.20
CA GLY A 891 -35.33 -66.94 -13.37
C GLY A 891 -35.10 -67.51 -12.00
N ALA A 892 -35.91 -68.47 -11.59
CA ALA A 892 -35.73 -69.14 -10.32
C ALA A 892 -34.52 -70.06 -10.36
N ALA A 893 -33.84 -70.18 -9.23
CA ALA A 893 -32.66 -71.02 -9.15
C ALA A 893 -33.05 -72.48 -9.30
N LEU A 894 -32.36 -73.18 -10.20
CA LEU A 894 -32.60 -74.59 -10.47
C LEU A 894 -31.38 -75.37 -10.01
N GLN A 895 -31.55 -76.18 -8.98
CA GLN A 895 -30.46 -76.94 -8.44
C GLN A 895 -29.88 -77.90 -9.41
N ILE A 896 -28.58 -78.11 -9.34
CA ILE A 896 -27.93 -79.11 -10.19
C ILE A 896 -26.59 -79.45 -9.56
N PRO A 897 -26.17 -80.71 -9.58
CA PRO A 897 -24.85 -81.05 -9.04
C PRO A 897 -23.76 -80.27 -9.77
N PHE A 898 -22.76 -79.84 -9.00
CA PHE A 898 -21.68 -79.03 -9.57
C PHE A 898 -20.90 -79.82 -10.60
N ALA A 899 -20.73 -81.12 -10.37
CA ALA A 899 -20.08 -81.98 -11.35
C ALA A 899 -20.83 -82.03 -12.67
N MET A 900 -22.12 -81.69 -12.69
CA MET A 900 -22.87 -81.62 -13.93
C MET A 900 -22.96 -80.20 -14.47
N GLN A 901 -22.88 -79.20 -13.59
CA GLN A 901 -22.74 -77.83 -14.06
C GLN A 901 -21.45 -77.66 -14.85
N MET A 902 -20.34 -78.22 -14.36
CA MET A 902 -19.08 -78.13 -15.07
C MET A 902 -19.13 -78.87 -16.40
N ALA A 903 -19.90 -79.95 -16.49
CA ALA A 903 -20.02 -80.66 -17.76
C ALA A 903 -20.68 -79.80 -18.82
N TYR A 904 -21.72 -79.04 -18.44
CA TYR A 904 -22.40 -78.20 -19.39
C TYR A 904 -21.60 -76.93 -19.70
N ARG A 905 -20.85 -76.42 -18.73
CA ARG A 905 -19.89 -75.36 -19.02
C ARG A 905 -18.75 -75.85 -19.91
N PHE A 906 -18.44 -77.14 -19.89
CA PHE A 906 -17.50 -77.71 -20.86
C PHE A 906 -18.14 -77.80 -22.24
N ASN A 907 -19.40 -78.25 -22.31
CA ASN A 907 -20.12 -78.22 -23.58
C ASN A 907 -20.15 -76.82 -24.17
N GLY A 908 -20.22 -75.81 -23.31
CA GLY A 908 -20.21 -74.43 -23.80
C GLY A 908 -18.95 -74.05 -24.55
N ILE A 909 -17.82 -74.68 -24.22
CA ILE A 909 -16.55 -74.34 -24.85
C ILE A 909 -16.18 -75.38 -25.90
N GLY A 910 -17.11 -76.26 -26.23
CA GLY A 910 -16.87 -77.25 -27.27
C GLY A 910 -16.17 -78.50 -26.83
N VAL A 911 -16.05 -78.73 -25.53
CA VAL A 911 -15.46 -79.95 -24.98
C VAL A 911 -16.58 -80.81 -24.43
N THR A 912 -16.59 -82.09 -24.79
CA THR A 912 -17.68 -82.96 -24.42
C THR A 912 -17.68 -83.25 -22.92
N GLN A 913 -18.80 -83.80 -22.44
CA GLN A 913 -18.97 -84.07 -21.02
C GLN A 913 -18.02 -85.15 -20.52
N ASN A 914 -17.70 -86.13 -21.37
CA ASN A 914 -16.88 -87.25 -20.94
C ASN A 914 -15.50 -86.79 -20.50
N VAL A 915 -15.00 -85.69 -21.08
CA VAL A 915 -13.71 -85.16 -20.67
C VAL A 915 -13.75 -84.74 -19.21
N LEU A 916 -14.81 -84.05 -18.80
CA LEU A 916 -14.97 -83.72 -17.39
C LEU A 916 -15.15 -84.97 -16.54
N TYR A 917 -16.13 -85.81 -16.90
CA TYR A 917 -16.54 -86.89 -16.00
C TYR A 917 -15.41 -87.89 -15.79
N GLU A 918 -14.64 -88.18 -16.84
CA GLU A 918 -13.52 -89.11 -16.69
C GLU A 918 -12.37 -88.46 -15.94
N ASN A 919 -12.25 -87.14 -16.00
CA ASN A 919 -11.18 -86.41 -15.34
C ASN A 919 -11.68 -85.52 -14.20
N GLN A 920 -12.69 -85.96 -13.46
CA GLN A 920 -13.26 -85.11 -12.42
C GLN A 920 -12.25 -84.80 -11.32
N LYS A 921 -11.55 -85.81 -10.82
CA LYS A 921 -10.62 -85.61 -9.72
C LYS A 921 -9.48 -84.69 -10.13
N LEU A 922 -8.93 -84.89 -11.33
CA LEU A 922 -7.83 -84.05 -11.80
C LEU A 922 -8.26 -82.60 -11.90
N ILE A 923 -9.45 -82.35 -12.47
CA ILE A 923 -9.93 -80.98 -12.63
C ILE A 923 -10.21 -80.34 -11.28
N ALA A 924 -10.80 -81.09 -10.36
CA ALA A 924 -11.08 -80.55 -9.03
C ALA A 924 -9.78 -80.20 -8.31
N ASN A 925 -8.78 -81.07 -8.40
CA ASN A 925 -7.50 -80.78 -7.75
C ASN A 925 -6.83 -79.58 -8.39
N GLN A 926 -6.90 -79.47 -9.72
CA GLN A 926 -6.28 -78.33 -10.40
C GLN A 926 -6.97 -77.03 -10.02
N PHE A 927 -8.31 -77.05 -9.91
CA PHE A 927 -9.04 -75.86 -9.48
C PHE A 927 -8.68 -75.46 -8.06
N ASN A 928 -8.59 -76.45 -7.16
CA ASN A 928 -8.20 -76.16 -5.79
C ASN A 928 -6.79 -75.57 -5.73
N SER A 929 -5.86 -76.14 -6.50
CA SER A 929 -4.50 -75.62 -6.54
C SER A 929 -4.48 -74.20 -7.09
N ALA A 930 -5.30 -73.91 -8.11
CA ALA A 930 -5.33 -72.58 -8.67
C ALA A 930 -5.86 -71.56 -7.67
N ILE A 931 -6.91 -71.92 -6.93
CA ILE A 931 -7.45 -70.97 -5.95
C ILE A 931 -6.47 -70.78 -4.80
N GLY A 932 -5.75 -71.84 -4.42
CA GLY A 932 -4.70 -71.68 -3.43
C GLY A 932 -3.57 -70.80 -3.90
N LYS A 933 -3.21 -70.92 -5.18
CA LYS A 933 -2.18 -70.06 -5.76
C LYS A 933 -2.63 -68.61 -5.79
N ILE A 934 -3.92 -68.36 -6.04
CA ILE A 934 -4.43 -67.00 -5.97
C ILE A 934 -4.35 -66.48 -4.54
N GLN A 935 -4.70 -67.32 -3.57
CA GLN A 935 -4.55 -66.94 -2.16
C GLN A 935 -3.11 -66.52 -1.86
N ASP A 936 -2.15 -67.34 -2.28
CA ASP A 936 -0.74 -67.05 -2.03
C ASP A 936 -0.30 -65.78 -2.76
N SER A 937 -0.77 -65.59 -4.00
CA SER A 937 -0.38 -64.41 -4.77
C SER A 937 -0.91 -63.14 -4.14
N LEU A 938 -2.13 -63.20 -3.58
CA LEU A 938 -2.68 -62.02 -2.92
C LEU A 938 -1.99 -61.76 -1.60
N SER A 939 -1.66 -62.82 -0.85
CA SER A 939 -1.06 -62.65 0.46
C SER A 939 0.38 -62.15 0.37
N SER A 940 1.18 -62.77 -0.51
CA SER A 940 2.60 -62.46 -0.55
C SER A 940 2.89 -61.20 -1.33
N THR A 941 2.38 -61.09 -2.55
CA THR A 941 2.67 -59.96 -3.43
C THR A 941 1.88 -58.74 -2.95
N ALA A 942 2.59 -57.76 -2.41
CA ALA A 942 1.95 -56.53 -1.96
C ALA A 942 1.53 -55.67 -3.13
N SER A 943 0.57 -54.79 -2.89
CA SER A 943 0.06 -53.85 -3.89
C SER A 943 -0.49 -54.59 -5.11
N ALA A 944 -1.10 -55.76 -4.89
CA ALA A 944 -1.81 -56.44 -5.96
C ALA A 944 -3.06 -55.67 -6.35
N LEU A 945 -3.76 -55.10 -5.37
CA LEU A 945 -4.95 -54.29 -5.63
C LEU A 945 -4.53 -52.86 -5.97
N GLY A 946 -3.82 -52.75 -7.09
CA GLY A 946 -3.26 -51.48 -7.51
C GLY A 946 -4.29 -50.44 -7.92
N LYS A 947 -5.33 -50.87 -8.64
CA LYS A 947 -6.29 -49.92 -9.17
C LYS A 947 -7.12 -49.27 -8.06
N LEU A 948 -7.57 -50.08 -7.10
CA LEU A 948 -8.34 -49.55 -5.99
C LEU A 948 -7.52 -48.59 -5.15
N GLN A 949 -6.26 -48.95 -4.86
CA GLN A 949 -5.38 -48.06 -4.13
C GLN A 949 -5.12 -46.78 -4.91
N ASP A 950 -5.00 -46.88 -6.23
CA ASP A 950 -4.82 -45.67 -7.05
C ASP A 950 -6.03 -44.76 -6.94
N VAL A 951 -7.24 -45.33 -6.98
CA VAL A 951 -8.45 -44.52 -6.85
C VAL A 951 -8.48 -43.83 -5.49
N VAL A 952 -8.19 -44.58 -4.42
CA VAL A 952 -8.22 -44.02 -3.08
C VAL A 952 -7.17 -42.92 -2.95
N ASN A 953 -5.98 -43.15 -3.48
CA ASN A 953 -4.92 -42.15 -3.41
C ASN A 953 -5.28 -40.90 -4.21
N GLN A 954 -5.89 -41.05 -5.37
CA GLN A 954 -6.30 -39.88 -6.14
C GLN A 954 -7.31 -39.06 -5.37
N ASN A 955 -8.32 -39.71 -4.77
CA ASN A 955 -9.31 -38.98 -3.99
C ASN A 955 -8.68 -38.28 -2.79
N ALA A 956 -7.82 -39.00 -2.07
CA ALA A 956 -7.20 -38.42 -0.88
C ALA A 956 -6.28 -37.26 -1.24
N GLN A 957 -5.53 -37.39 -2.34
CA GLN A 957 -4.63 -36.32 -2.75
C GLN A 957 -5.40 -35.10 -3.22
N ALA A 958 -6.52 -35.31 -3.93
CA ALA A 958 -7.35 -34.18 -4.31
C ALA A 958 -7.90 -33.45 -3.10
N LEU A 959 -8.39 -34.21 -2.11
CA LEU A 959 -8.92 -33.56 -0.91
C LEU A 959 -7.82 -32.84 -0.14
N ASN A 960 -6.63 -33.45 -0.04
CA ASN A 960 -5.52 -32.82 0.66
C ASN A 960 -5.08 -31.55 -0.04
N THR A 961 -5.05 -31.55 -1.37
CA THR A 961 -4.72 -30.34 -2.10
C THR A 961 -5.77 -29.27 -1.89
N LEU A 962 -7.05 -29.65 -1.85
CA LEU A 962 -8.11 -28.69 -1.58
C LEU A 962 -7.93 -28.05 -0.20
N VAL A 963 -7.58 -28.86 0.80
CA VAL A 963 -7.32 -28.31 2.13
C VAL A 963 -6.11 -27.39 2.12
N LYS A 964 -5.04 -27.81 1.44
CA LYS A 964 -3.81 -27.02 1.41
C LYS A 964 -4.02 -25.69 0.70
N GLN A 965 -4.97 -25.63 -0.23
CA GLN A 965 -5.23 -24.38 -0.95
C GLN A 965 -5.83 -23.30 -0.06
N LEU A 966 -6.26 -23.64 1.16
CA LEU A 966 -6.77 -22.61 2.06
C LEU A 966 -5.67 -21.75 2.64
N SER A 967 -4.42 -22.21 2.58
CA SER A 967 -3.27 -21.46 3.08
C SER A 967 -2.53 -20.72 1.98
N SER A 968 -3.25 -20.25 0.96
CA SER A 968 -2.67 -19.54 -0.16
C SER A 968 -3.15 -18.09 -0.14
N ASN A 969 -2.22 -17.17 -0.39
CA ASN A 969 -2.54 -15.75 -0.32
C ASN A 969 -3.51 -15.34 -1.41
N PHE A 970 -3.35 -15.88 -2.62
CA PHE A 970 -4.11 -15.45 -3.79
C PHE A 970 -4.01 -13.94 -3.98
N GLY A 971 -2.80 -13.42 -3.82
CA GLY A 971 -2.58 -11.98 -3.92
C GLY A 971 -3.19 -11.17 -2.81
N ALA A 972 -3.16 -11.68 -1.58
CA ALA A 972 -3.63 -10.91 -0.42
C ALA A 972 -2.53 -10.85 0.63
N ILE A 973 -2.76 -10.11 1.71
CA ILE A 973 -1.75 -9.99 2.76
C ILE A 973 -1.61 -11.29 3.55
N SER A 974 -2.72 -11.96 3.85
CA SER A 974 -2.70 -13.18 4.63
C SER A 974 -3.71 -14.18 4.06
N SER A 975 -3.46 -15.45 4.33
CA SER A 975 -4.32 -16.54 3.90
C SER A 975 -5.41 -16.86 4.92
N VAL A 976 -5.39 -16.22 6.08
CA VAL A 976 -6.37 -16.47 7.14
C VAL A 976 -7.26 -15.25 7.26
N LEU A 977 -8.57 -15.49 7.40
CA LEU A 977 -9.55 -14.42 7.33
C LEU A 977 -9.71 -13.71 8.67
N ASN A 978 -9.56 -14.43 9.78
CA ASN A 978 -9.70 -13.82 11.09
C ASN A 978 -8.66 -12.73 11.31
N ASP A 979 -7.41 -13.00 10.92
CA ASP A 979 -6.35 -12.01 11.11
C ASP A 979 -6.60 -10.76 10.28
N ILE A 980 -6.98 -10.93 9.01
CA ILE A 980 -7.17 -9.77 8.14
C ILE A 980 -8.37 -8.96 8.60
N LEU A 981 -9.43 -9.63 9.09
CA LEU A 981 -10.53 -8.90 9.67
C LEU A 981 -10.10 -8.14 10.93
N SER A 982 -9.23 -8.77 11.74
CA SER A 982 -8.79 -8.12 12.98
C SER A 982 -7.96 -6.87 12.69
N ARG A 983 -7.06 -6.94 11.70
CA ARG A 983 -6.09 -5.88 11.50
C ARG A 983 -6.36 -4.98 10.30
N LEU A 984 -7.59 -4.96 9.79
CA LEU A 984 -7.95 -4.08 8.69
C LEU A 984 -9.37 -3.55 8.85
N ASP A 985 -9.64 -2.48 8.12
CA ASP A 985 -10.91 -1.75 8.12
C ASP A 985 -11.74 -2.15 6.90
N PRO A 986 -13.00 -1.71 6.79
CA PRO A 986 -13.92 -2.26 5.77
C PRO A 986 -13.39 -2.17 4.34
N PRO A 987 -12.72 -1.09 3.91
CA PRO A 987 -12.30 -1.06 2.49
C PRO A 987 -11.21 -2.08 2.12
N GLU A 988 -10.09 -2.10 2.84
CA GLU A 988 -9.07 -3.11 2.58
C GLU A 988 -9.60 -4.51 2.81
N ALA A 989 -10.46 -4.68 3.81
CA ALA A 989 -11.15 -5.96 3.96
C ALA A 989 -11.93 -6.31 2.70
N GLU A 990 -12.69 -5.35 2.17
CA GLU A 990 -13.52 -5.62 1.00
C GLU A 990 -12.67 -6.05 -0.20
N VAL A 991 -11.54 -5.41 -0.42
CA VAL A 991 -10.74 -5.79 -1.58
C VAL A 991 -10.00 -7.11 -1.36
N GLN A 992 -9.33 -7.28 -0.21
CA GLN A 992 -8.50 -8.46 -0.03
C GLN A 992 -9.34 -9.71 0.21
N ILE A 993 -10.46 -9.59 0.92
CA ILE A 993 -11.35 -10.73 1.10
C ILE A 993 -11.90 -11.17 -0.25
N ASP A 994 -12.24 -10.23 -1.13
CA ASP A 994 -12.67 -10.59 -2.47
C ASP A 994 -11.56 -11.30 -3.23
N ARG A 995 -10.31 -10.84 -3.08
CA ARG A 995 -9.21 -11.53 -3.72
C ARG A 995 -9.05 -12.96 -3.20
N LEU A 996 -9.26 -13.18 -1.91
CA LEU A 996 -9.24 -14.54 -1.37
C LEU A 996 -10.43 -15.36 -1.90
N ILE A 997 -11.59 -14.73 -1.99
CA ILE A 997 -12.82 -15.41 -2.37
C ILE A 997 -12.71 -15.93 -3.79
N THR A 998 -12.21 -15.10 -4.70
CA THR A 998 -12.12 -15.54 -6.09
C THR A 998 -11.16 -16.73 -6.23
N GLY A 999 -10.03 -16.69 -5.52
CA GLY A 999 -9.09 -17.80 -5.57
C GLY A 999 -9.64 -19.08 -4.96
N ARG A 1000 -10.28 -18.97 -3.80
CA ARG A 1000 -10.85 -20.16 -3.16
C ARG A 1000 -11.99 -20.74 -4.00
N LEU A 1001 -12.82 -19.88 -4.59
CA LEU A 1001 -13.87 -20.36 -5.47
C LEU A 1001 -13.30 -21.05 -6.69
N GLN A 1002 -12.22 -20.50 -7.26
CA GLN A 1002 -11.58 -21.15 -8.39
C GLN A 1002 -11.03 -22.52 -8.01
N SER A 1003 -10.40 -22.61 -6.84
CA SER A 1003 -9.90 -23.89 -6.37
C SER A 1003 -11.03 -24.90 -6.18
N LEU A 1004 -12.13 -24.46 -5.58
CA LEU A 1004 -13.26 -25.36 -5.36
C LEU A 1004 -13.88 -25.82 -6.68
N GLN A 1005 -14.00 -24.90 -7.64
CA GLN A 1005 -14.56 -25.28 -8.94
C GLN A 1005 -13.64 -26.25 -9.67
N THR A 1006 -12.32 -26.04 -9.59
CA THR A 1006 -11.39 -27.00 -10.18
C THR A 1006 -11.53 -28.37 -9.53
N TYR A 1007 -11.65 -28.39 -8.20
CA TYR A 1007 -11.86 -29.64 -7.49
C TYR A 1007 -13.14 -30.33 -7.96
N VAL A 1008 -14.23 -29.58 -8.11
CA VAL A 1008 -15.49 -30.19 -8.51
C VAL A 1008 -15.41 -30.71 -9.94
N THR A 1009 -14.75 -29.96 -10.82
CA THR A 1009 -14.61 -30.42 -12.21
C THR A 1009 -13.78 -31.69 -12.29
N GLN A 1010 -12.66 -31.75 -11.58
N GLN A 1010 -12.66 -31.73 -11.58
CA GLN A 1010 -11.87 -32.97 -11.62
CA GLN A 1010 -11.84 -32.94 -11.54
C GLN A 1010 -12.59 -34.13 -10.93
C GLN A 1010 -12.61 -34.11 -10.95
N GLN A 1011 -13.39 -33.85 -9.90
CA GLN A 1011 -14.18 -34.89 -9.27
C GLN A 1011 -15.25 -35.42 -10.23
N LEU A 1012 -15.87 -34.54 -11.02
CA LEU A 1012 -16.83 -34.99 -12.01
C LEU A 1012 -16.18 -35.87 -13.07
N ILE A 1013 -15.00 -35.48 -13.54
CA ILE A 1013 -14.31 -36.30 -14.54
C ILE A 1013 -13.93 -37.65 -13.95
N ARG A 1014 -13.38 -37.66 -12.74
CA ARG A 1014 -13.04 -38.91 -12.09
C ARG A 1014 -14.27 -39.77 -11.84
N ALA A 1015 -15.39 -39.14 -11.51
CA ALA A 1015 -16.63 -39.88 -11.30
C ALA A 1015 -17.14 -40.49 -12.59
N ALA A 1016 -16.98 -39.78 -13.72
CA ALA A 1016 -17.34 -40.38 -15.00
C ALA A 1016 -16.47 -41.60 -15.29
N GLU A 1017 -15.16 -41.49 -15.01
CA GLU A 1017 -14.28 -42.64 -15.19
C GLU A 1017 -14.70 -43.81 -14.30
N ILE A 1018 -15.03 -43.52 -13.04
CA ILE A 1018 -15.46 -44.56 -12.11
C ILE A 1018 -16.78 -45.18 -12.55
N ARG A 1019 -17.68 -44.36 -13.10
CA ARG A 1019 -18.94 -44.89 -13.59
C ARG A 1019 -18.73 -45.81 -14.78
N ALA A 1020 -17.80 -45.45 -15.67
CA ALA A 1020 -17.47 -46.36 -16.77
C ALA A 1020 -16.92 -47.67 -16.24
N SER A 1021 -16.03 -47.60 -15.25
CA SER A 1021 -15.48 -48.80 -14.64
C SER A 1021 -16.57 -49.65 -13.98
N ALA A 1022 -17.51 -49.00 -13.29
CA ALA A 1022 -18.58 -49.72 -12.62
C ALA A 1022 -19.56 -50.33 -13.62
N ASN A 1023 -19.80 -49.66 -14.74
CA ASN A 1023 -20.61 -50.27 -15.79
C ASN A 1023 -19.93 -51.50 -16.36
N LEU A 1024 -18.62 -51.42 -16.57
CA LEU A 1024 -17.88 -52.60 -17.02
C LEU A 1024 -17.95 -53.73 -15.99
N ALA A 1025 -17.84 -53.38 -14.71
CA ALA A 1025 -17.93 -54.38 -13.66
C ALA A 1025 -19.31 -55.02 -13.60
N ALA A 1026 -20.36 -54.23 -13.76
CA ALA A 1026 -21.72 -54.78 -13.78
C ALA A 1026 -21.92 -55.68 -14.98
N THR A 1027 -21.40 -55.30 -16.15
CA THR A 1027 -21.48 -56.16 -17.32
C THR A 1027 -20.73 -57.47 -17.09
N LYS A 1028 -19.56 -57.41 -16.47
CA LYS A 1028 -18.80 -58.63 -16.20
C LYS A 1028 -19.52 -59.50 -15.17
N MET A 1029 -20.19 -58.89 -14.20
CA MET A 1029 -20.96 -59.67 -13.25
C MET A 1029 -22.14 -60.35 -13.92
N SER A 1030 -22.81 -59.63 -14.84
CA SER A 1030 -23.95 -60.20 -15.54
C SER A 1030 -23.53 -61.35 -16.46
N GLU A 1031 -22.42 -61.18 -17.18
CA GLU A 1031 -22.10 -62.13 -18.23
C GLU A 1031 -21.13 -63.22 -17.79
N CYS A 1032 -20.13 -62.88 -16.99
CA CYS A 1032 -19.16 -63.86 -16.50
C CYS A 1032 -19.67 -64.69 -15.33
N VAL A 1033 -20.44 -64.09 -14.42
CA VAL A 1033 -20.86 -64.77 -13.20
C VAL A 1033 -22.22 -65.43 -13.40
N LEU A 1034 -23.22 -64.64 -13.77
CA LEU A 1034 -24.57 -65.15 -13.98
C LEU A 1034 -24.71 -65.96 -15.25
N GLY A 1035 -23.62 -66.20 -15.97
CA GLY A 1035 -23.67 -67.01 -17.18
C GLY A 1035 -22.26 -67.37 -17.62
N GLN A 1036 -22.18 -67.99 -18.78
CA GLN A 1036 -20.92 -68.36 -19.39
C GLN A 1036 -20.77 -67.58 -20.69
N SER A 1037 -19.64 -66.89 -20.83
CA SER A 1037 -19.45 -65.93 -21.90
C SER A 1037 -18.58 -66.51 -23.01
N LYS A 1038 -19.04 -66.34 -24.25
CA LYS A 1038 -18.26 -66.70 -25.42
C LYS A 1038 -17.38 -65.56 -25.92
N ARG A 1039 -17.44 -64.39 -25.28
CA ARG A 1039 -16.61 -63.27 -25.69
C ARG A 1039 -15.17 -63.51 -25.29
N VAL A 1040 -14.27 -63.49 -26.28
CA VAL A 1040 -12.88 -63.84 -26.03
C VAL A 1040 -12.22 -62.77 -25.17
N ASP A 1041 -11.51 -63.22 -24.14
CA ASP A 1041 -10.76 -62.40 -23.20
C ASP A 1041 -11.62 -61.51 -22.32
N PHE A 1042 -12.95 -61.54 -22.49
CA PHE A 1042 -13.81 -60.75 -21.62
C PHE A 1042 -13.77 -61.27 -20.19
N CYS A 1043 -13.85 -62.59 -20.01
CA CYS A 1043 -13.88 -63.20 -18.69
C CYS A 1043 -12.65 -64.10 -18.58
N GLY A 1044 -11.51 -63.51 -18.21
CA GLY A 1044 -10.28 -64.26 -18.05
C GLY A 1044 -9.63 -64.68 -19.36
N LYS A 1045 -8.34 -64.98 -19.31
CA LYS A 1045 -7.61 -65.42 -20.49
C LYS A 1045 -7.79 -66.93 -20.66
N GLY A 1046 -8.36 -67.34 -21.78
CA GLY A 1046 -8.60 -68.75 -22.06
C GLY A 1046 -10.06 -68.96 -22.40
N TYR A 1047 -10.46 -70.23 -22.51
CA TYR A 1047 -11.86 -70.55 -22.72
C TYR A 1047 -12.61 -70.44 -21.39
N HIS A 1048 -13.44 -69.42 -21.26
CA HIS A 1048 -14.07 -69.13 -19.98
C HIS A 1048 -15.04 -70.24 -19.59
N LEU A 1049 -14.92 -70.70 -18.35
CA LEU A 1049 -15.86 -71.65 -17.78
C LEU A 1049 -16.84 -70.97 -16.84
N MET A 1050 -16.36 -70.24 -15.84
CA MET A 1050 -17.27 -69.57 -14.93
C MET A 1050 -16.49 -68.51 -14.15
N SER A 1051 -17.18 -67.86 -13.21
CA SER A 1051 -16.57 -66.77 -12.47
C SER A 1051 -17.18 -66.68 -11.08
N PHE A 1052 -16.41 -66.08 -10.16
CA PHE A 1052 -16.80 -65.84 -8.79
C PHE A 1052 -16.58 -64.39 -8.42
N PRO A 1053 -17.59 -63.70 -7.90
CA PRO A 1053 -17.38 -62.33 -7.42
C PRO A 1053 -16.80 -62.30 -6.02
N GLN A 1054 -16.16 -61.19 -5.70
CA GLN A 1054 -15.60 -60.94 -4.38
C GLN A 1054 -15.68 -59.45 -4.07
N SER A 1055 -16.12 -59.15 -2.86
CA SER A 1055 -16.22 -57.76 -2.43
C SER A 1055 -14.82 -57.17 -2.23
N ALA A 1056 -14.70 -55.90 -2.56
CA ALA A 1056 -13.47 -55.13 -2.36
C ALA A 1056 -13.84 -53.81 -1.72
N PRO A 1057 -12.91 -53.13 -1.04
CA PRO A 1057 -13.30 -51.92 -0.29
C PRO A 1057 -13.97 -50.85 -1.14
N HIS A 1058 -13.51 -50.65 -2.37
CA HIS A 1058 -14.15 -49.71 -3.28
C HIS A 1058 -14.21 -50.27 -4.69
N GLY A 1059 -14.34 -51.57 -4.82
CA GLY A 1059 -14.38 -52.21 -6.11
C GLY A 1059 -14.90 -53.61 -6.01
N VAL A 1060 -14.60 -54.42 -7.01
CA VAL A 1060 -15.00 -55.82 -7.06
C VAL A 1060 -13.87 -56.63 -7.69
N VAL A 1061 -13.70 -57.85 -7.21
CA VAL A 1061 -12.68 -58.76 -7.72
C VAL A 1061 -13.35 -59.98 -8.31
N PHE A 1062 -13.08 -60.25 -9.57
CA PHE A 1062 -13.61 -61.41 -10.26
C PHE A 1062 -12.55 -62.49 -10.36
N LEU A 1063 -12.93 -63.70 -9.96
CA LEU A 1063 -12.10 -64.89 -10.13
C LEU A 1063 -12.66 -65.66 -11.31
N HIS A 1064 -11.98 -65.55 -12.46
CA HIS A 1064 -12.41 -66.22 -13.68
C HIS A 1064 -11.74 -67.58 -13.77
N VAL A 1065 -12.55 -68.63 -13.76
CA VAL A 1065 -12.10 -70.00 -13.98
C VAL A 1065 -12.24 -70.30 -15.46
N THR A 1066 -11.12 -70.57 -16.13
CA THR A 1066 -11.06 -70.76 -17.56
C THR A 1066 -10.34 -72.05 -17.89
N TYR A 1067 -10.67 -72.62 -19.04
CA TYR A 1067 -10.09 -73.87 -19.52
C TYR A 1067 -9.01 -73.53 -20.52
N VAL A 1068 -7.76 -73.82 -20.17
CA VAL A 1068 -6.61 -73.51 -21.01
C VAL A 1068 -6.05 -74.82 -21.55
N PRO A 1069 -6.07 -75.03 -22.87
CA PRO A 1069 -5.50 -76.26 -23.42
C PRO A 1069 -3.98 -76.30 -23.25
N ALA A 1070 -3.45 -77.53 -23.18
CA ALA A 1070 -2.02 -77.73 -22.95
C ALA A 1070 -1.59 -79.05 -23.55
N GLN A 1071 -0.27 -79.18 -23.74
CA GLN A 1071 0.36 -80.40 -24.25
C GLN A 1071 -0.21 -80.82 -25.60
N GLU A 1072 0.10 -80.05 -26.63
CA GLU A 1072 -0.36 -80.35 -27.98
C GLU A 1072 0.53 -81.31 -28.70
N LYS A 1073 0.02 -81.95 -29.74
CA LYS A 1073 0.80 -82.87 -30.54
C LYS A 1073 0.44 -82.62 -31.99
N ASN A 1074 1.37 -82.82 -32.91
CA ASN A 1074 1.09 -82.63 -34.32
C ASN A 1074 0.36 -83.81 -34.91
N PHE A 1075 -0.45 -83.60 -35.95
CA PHE A 1075 -1.02 -84.69 -36.71
C PHE A 1075 -1.16 -84.27 -38.17
N THR A 1076 -1.20 -85.26 -39.05
CA THR A 1076 -1.49 -85.03 -40.46
C THR A 1076 -3.00 -84.95 -40.61
N THR A 1077 -3.47 -84.04 -41.46
CA THR A 1077 -4.88 -83.70 -41.50
C THR A 1077 -5.39 -83.59 -42.92
N ALA A 1078 -6.68 -83.93 -43.11
CA ALA A 1078 -7.33 -83.80 -44.39
C ALA A 1078 -8.67 -83.10 -44.24
N PRO A 1079 -9.04 -82.23 -45.17
CA PRO A 1079 -10.36 -81.59 -45.10
C PRO A 1079 -11.51 -82.57 -45.15
N ALA A 1080 -11.38 -83.66 -45.90
CA ALA A 1080 -12.44 -84.63 -46.08
C ALA A 1080 -11.84 -86.02 -46.19
N ILE A 1081 -12.71 -87.02 -46.27
CA ILE A 1081 -12.32 -88.42 -46.39
C ILE A 1081 -13.04 -89.01 -47.59
N CYS A 1082 -12.28 -89.51 -48.56
CA CYS A 1082 -12.87 -90.14 -49.73
C CYS A 1082 -13.18 -91.60 -49.42
N HIS A 1083 -14.41 -92.01 -49.70
CA HIS A 1083 -14.82 -93.39 -49.54
C HIS A 1083 -16.00 -93.66 -50.46
N ASP A 1084 -15.87 -94.70 -51.29
CA ASP A 1084 -16.88 -95.04 -52.29
C ASP A 1084 -17.16 -93.85 -53.21
N GLY A 1085 -16.11 -93.11 -53.54
CA GLY A 1085 -16.26 -91.94 -54.39
C GLY A 1085 -17.11 -90.85 -53.79
N LYS A 1086 -17.19 -90.79 -52.46
CA LYS A 1086 -17.99 -89.81 -51.75
C LYS A 1086 -17.13 -89.09 -50.73
N ALA A 1087 -17.31 -87.78 -50.63
CA ALA A 1087 -16.59 -86.98 -49.65
C ALA A 1087 -17.29 -87.06 -48.30
N HIS A 1088 -16.52 -87.35 -47.26
CA HIS A 1088 -17.04 -87.46 -45.91
C HIS A 1088 -16.44 -86.35 -45.06
N PHE A 1089 -17.30 -85.57 -44.42
CA PHE A 1089 -16.87 -84.46 -43.59
C PHE A 1089 -17.26 -84.74 -42.14
N PRO A 1090 -16.46 -84.29 -41.18
CA PRO A 1090 -16.76 -84.57 -39.76
C PRO A 1090 -17.99 -83.79 -39.31
N ARG A 1091 -18.83 -84.44 -38.50
CA ARG A 1091 -20.01 -83.76 -37.99
C ARG A 1091 -19.64 -82.67 -37.00
N GLU A 1092 -18.78 -82.99 -36.03
CA GLU A 1092 -18.40 -82.04 -35.00
C GLU A 1092 -16.92 -82.10 -34.63
N GLY A 1093 -16.11 -82.86 -35.35
CA GLY A 1093 -14.71 -83.00 -35.00
C GLY A 1093 -13.76 -82.71 -36.14
N VAL A 1094 -12.58 -83.33 -36.11
CA VAL A 1094 -11.55 -83.14 -37.11
C VAL A 1094 -11.01 -84.51 -37.51
N PHE A 1095 -10.51 -84.61 -38.74
CA PHE A 1095 -9.78 -85.80 -39.14
C PHE A 1095 -8.30 -85.64 -38.83
N VAL A 1096 -7.76 -86.58 -38.07
CA VAL A 1096 -6.34 -86.60 -37.73
C VAL A 1096 -5.79 -87.97 -38.01
N SER A 1097 -4.52 -88.02 -38.44
CA SER A 1097 -3.82 -89.29 -38.58
C SER A 1097 -2.50 -89.22 -37.84
N ASN A 1098 -2.16 -90.30 -37.15
CA ASN A 1098 -0.88 -90.43 -36.48
C ASN A 1098 0.19 -90.98 -37.41
N GLY A 1099 -0.06 -90.99 -38.72
CA GLY A 1099 0.89 -91.53 -39.68
C GLY A 1099 0.35 -92.72 -40.44
N THR A 1100 -0.39 -93.59 -39.75
CA THR A 1100 -0.90 -94.81 -40.36
C THR A 1100 -2.42 -94.80 -40.50
N HIS A 1101 -3.16 -94.60 -39.41
CA HIS A 1101 -4.61 -94.65 -39.42
C HIS A 1101 -5.19 -93.26 -39.25
N TRP A 1102 -6.44 -93.11 -39.67
CA TRP A 1102 -7.16 -91.85 -39.60
C TRP A 1102 -8.28 -91.95 -38.58
N PHE A 1103 -8.48 -90.88 -37.81
CA PHE A 1103 -9.48 -90.85 -36.74
C PHE A 1103 -10.20 -89.52 -36.77
N VAL A 1104 -11.34 -89.47 -36.08
CA VAL A 1104 -12.08 -88.24 -35.84
C VAL A 1104 -11.93 -87.90 -34.37
N THR A 1105 -11.47 -86.69 -34.07
CA THR A 1105 -11.27 -86.27 -32.70
C THR A 1105 -11.81 -84.87 -32.48
N GLN A 1106 -12.09 -84.54 -31.22
CA GLN A 1106 -12.63 -83.23 -30.86
C GLN A 1106 -11.67 -82.13 -31.29
N ARG A 1107 -12.22 -80.99 -31.68
CA ARG A 1107 -11.39 -79.88 -32.14
C ARG A 1107 -10.48 -79.36 -31.03
N ASN A 1108 -10.89 -79.57 -29.78
CA ASN A 1108 -10.23 -78.91 -28.66
C ASN A 1108 -9.66 -79.89 -27.64
N PHE A 1109 -9.77 -81.19 -27.88
CA PHE A 1109 -9.22 -82.19 -26.99
C PHE A 1109 -9.01 -83.48 -27.77
N TYR A 1110 -7.88 -84.14 -27.55
CA TYR A 1110 -7.50 -85.29 -28.36
C TYR A 1110 -8.17 -86.55 -27.81
N GLU A 1111 -9.31 -86.89 -28.39
CA GLU A 1111 -9.99 -88.15 -28.11
C GLU A 1111 -10.31 -88.83 -29.43
N PRO A 1112 -9.39 -89.59 -30.01
CA PRO A 1112 -9.61 -90.14 -31.35
C PRO A 1112 -10.62 -91.27 -31.36
N GLN A 1113 -11.32 -91.40 -32.48
CA GLN A 1113 -12.35 -92.42 -32.66
C GLN A 1113 -12.33 -92.90 -34.10
N ILE A 1114 -12.87 -94.10 -34.30
CA ILE A 1114 -12.98 -94.64 -35.65
C ILE A 1114 -13.90 -93.75 -36.48
N ILE A 1115 -13.51 -93.54 -37.73
CA ILE A 1115 -14.32 -92.77 -38.66
C ILE A 1115 -15.53 -93.60 -39.04
N THR A 1116 -16.71 -93.06 -38.79
CA THR A 1116 -17.94 -93.82 -39.02
C THR A 1116 -18.98 -92.90 -39.67
N THR A 1117 -20.02 -93.51 -40.23
CA THR A 1117 -21.10 -92.73 -40.80
C THR A 1117 -21.88 -91.97 -39.75
N ASP A 1118 -21.74 -92.35 -38.47
CA ASP A 1118 -22.44 -91.64 -37.41
C ASP A 1118 -21.90 -90.24 -37.21
N ASN A 1119 -20.57 -90.08 -37.23
CA ASN A 1119 -19.95 -88.79 -36.96
C ASN A 1119 -19.47 -88.08 -38.23
N THR A 1120 -19.85 -88.57 -39.41
CA THR A 1120 -19.52 -87.90 -40.66
C THR A 1120 -20.76 -87.84 -41.54
N PHE A 1121 -20.82 -86.82 -42.38
CA PHE A 1121 -21.86 -86.70 -43.40
C PHE A 1121 -21.23 -86.71 -44.78
N VAL A 1122 -22.07 -86.72 -45.81
CA VAL A 1122 -21.64 -86.87 -47.20
C VAL A 1122 -22.21 -85.73 -48.02
N SER A 1123 -21.38 -85.14 -48.88
CA SER A 1123 -21.83 -84.08 -49.80
C SER A 1123 -20.96 -84.12 -51.05
N GLY A 1124 -21.48 -84.76 -52.10
CA GLY A 1124 -20.86 -84.75 -53.40
C GLY A 1124 -19.71 -85.74 -53.52
N ASN A 1125 -19.07 -85.69 -54.68
CA ASN A 1125 -17.96 -86.58 -54.98
C ASN A 1125 -16.64 -86.02 -54.45
N CYS A 1126 -15.56 -86.77 -54.68
CA CYS A 1126 -14.29 -86.47 -54.02
C CYS A 1126 -13.49 -85.44 -54.80
N ASP A 1127 -13.74 -85.29 -56.09
CA ASP A 1127 -12.84 -84.51 -56.94
C ASP A 1127 -12.90 -83.03 -56.62
N VAL A 1128 -14.06 -82.52 -56.19
CA VAL A 1128 -14.23 -81.08 -56.05
C VAL A 1128 -13.42 -80.54 -54.87
N VAL A 1129 -13.36 -81.29 -53.77
CA VAL A 1129 -12.73 -80.78 -52.56
C VAL A 1129 -11.21 -80.87 -52.69
N ILE A 1130 -10.52 -79.80 -52.30
CA ILE A 1130 -9.07 -79.78 -52.36
C ILE A 1130 -8.49 -80.33 -51.07
N GLY A 1131 -7.61 -81.32 -51.19
CA GLY A 1131 -6.94 -81.88 -50.04
C GLY A 1131 -7.53 -83.16 -49.49
N ILE A 1132 -8.53 -83.73 -50.17
CA ILE A 1132 -9.16 -84.95 -49.68
C ILE A 1132 -8.15 -86.10 -49.70
N VAL A 1133 -8.32 -87.04 -48.79
CA VAL A 1133 -7.45 -88.21 -48.70
C VAL A 1133 -8.33 -89.45 -48.71
N ASN A 1134 -7.75 -90.55 -49.17
CA ASN A 1134 -8.47 -91.82 -49.28
C ASN A 1134 -8.41 -92.58 -47.97
N ASN A 1135 -9.58 -93.06 -47.53
CA ASN A 1135 -9.68 -93.91 -46.35
C ASN A 1135 -11.00 -94.66 -46.36
N THR A 1136 -11.30 -95.39 -45.28
CA THR A 1136 -12.53 -96.14 -45.19
C THR A 1136 -13.37 -95.57 -44.05
N VAL A 1137 -14.64 -95.37 -44.33
CA VAL A 1137 -15.62 -94.90 -43.35
C VAL A 1137 -16.41 -96.12 -42.88
N TYR A 1138 -16.04 -96.65 -41.74
CA TYR A 1138 -16.69 -97.84 -41.20
C TYR A 1138 -18.17 -97.58 -40.96
N ASP A 1139 -19.01 -98.47 -41.45
CA ASP A 1139 -20.45 -98.36 -41.26
C ASP A 1139 -20.88 -99.23 -40.10
N PRO A 1140 -21.40 -98.63 -39.01
CA PRO A 1140 -21.81 -99.47 -37.87
C PRO A 1140 -22.89 -100.47 -38.21
N LEU A 1141 -23.78 -100.13 -39.14
CA LEU A 1141 -24.98 -100.95 -39.37
C LEU A 1141 -24.66 -102.20 -40.16
N GLN A 1142 -23.67 -102.13 -41.07
CA GLN A 1142 -23.43 -103.25 -41.98
C GLN A 1142 -23.01 -104.54 -41.28
N PRO A 1143 -22.06 -104.54 -40.30
CA PRO A 1143 -21.69 -105.81 -39.66
C PRO A 1143 -22.86 -106.56 -39.06
N GLU A 1144 -23.82 -105.84 -38.48
CA GLU A 1144 -25.02 -106.45 -37.91
C GLU A 1144 -25.94 -107.04 -38.97
N LEU A 1145 -25.73 -106.68 -40.24
CA LEU A 1145 -26.51 -107.23 -41.33
C LEU A 1145 -25.64 -108.10 -42.24
N ILE B 22 23.66 69.42 -9.28
CA ILE B 22 24.69 68.52 -8.79
C ILE B 22 26.07 69.12 -9.01
N VAL B 23 26.85 69.22 -7.93
CA VAL B 23 28.19 69.81 -7.97
C VAL B 23 29.20 68.69 -7.86
N LEU B 24 30.22 68.72 -8.73
CA LEU B 24 31.25 67.70 -8.75
C LEU B 24 32.54 68.27 -8.19
N THR B 25 33.13 67.56 -7.22
CA THR B 25 34.41 67.91 -6.62
C THR B 25 35.45 66.89 -7.09
N GLN B 26 36.60 67.38 -7.58
CA GLN B 26 37.62 66.53 -8.19
C GLN B 26 38.89 66.57 -7.34
N SER B 27 39.20 65.47 -6.66
CA SER B 27 40.44 65.35 -5.92
C SER B 27 41.52 64.78 -6.84
N PRO B 28 42.78 64.72 -6.40
CA PRO B 28 43.82 65.59 -6.97
C PRO B 28 43.57 65.99 -8.41
N ALA B 29 43.62 67.31 -8.63
CA ALA B 29 43.37 67.89 -9.95
C ALA B 29 44.66 68.36 -10.60
N SER B 30 45.81 68.07 -9.99
CA SER B 30 47.09 68.31 -10.63
C SER B 30 48.07 67.29 -10.09
N LEU B 31 48.24 66.19 -10.82
CA LEU B 31 49.03 65.06 -10.34
C LEU B 31 50.14 64.76 -11.34
N ALA B 32 51.34 64.54 -10.80
CA ALA B 32 52.51 64.23 -11.62
C ALA B 32 53.07 62.88 -11.16
N VAL B 33 53.05 61.91 -12.06
CA VAL B 33 53.61 60.58 -11.82
C VAL B 33 54.48 60.21 -13.00
N SER B 34 55.41 59.28 -12.78
CA SER B 34 56.32 58.86 -13.83
C SER B 34 55.62 57.93 -14.82
N LEU B 35 56.24 57.76 -15.98
CA LEU B 35 55.67 56.91 -17.01
C LEU B 35 55.58 55.47 -16.53
N GLY B 36 54.48 54.81 -16.89
CA GLY B 36 54.26 53.43 -16.47
C GLY B 36 53.79 53.26 -15.05
N GLN B 37 53.45 54.35 -14.37
CA GLN B 37 52.99 54.31 -12.99
C GLN B 37 51.51 54.64 -12.92
N ARG B 38 50.88 54.22 -11.82
CA ARG B 38 49.45 54.46 -11.64
C ARG B 38 49.16 55.95 -11.48
N ALA B 39 48.14 56.43 -12.19
CA ALA B 39 47.66 57.80 -12.06
C ALA B 39 46.17 57.75 -11.75
N THR B 40 45.81 58.20 -10.55
CA THR B 40 44.44 58.07 -10.04
C THR B 40 43.88 59.46 -9.78
N ILE B 41 42.68 59.71 -10.33
CA ILE B 41 41.96 60.97 -10.15
C ILE B 41 40.59 60.64 -9.56
N SER B 42 40.18 61.34 -8.51
CA SER B 42 38.96 60.95 -7.83
C SER B 42 37.89 62.02 -7.99
N CYS B 43 36.63 61.59 -8.03
CA CYS B 43 35.50 62.46 -8.33
C CYS B 43 34.34 62.14 -7.40
N ARG B 44 33.73 63.17 -6.84
CA ARG B 44 32.60 63.01 -5.95
C ARG B 44 31.51 64.02 -6.30
N ALA B 45 30.29 63.73 -5.88
CA ALA B 45 29.13 64.53 -6.23
C ALA B 45 28.33 64.91 -4.98
N SER B 46 27.57 66.00 -5.11
CA SER B 46 26.70 66.43 -4.01
C SER B 46 25.59 65.43 -3.78
N GLU B 47 25.02 64.87 -4.85
CA GLU B 47 23.95 63.90 -4.75
C GLU B 47 24.37 62.61 -5.44
N SER B 48 23.52 61.60 -5.34
CA SER B 48 23.79 60.31 -5.97
C SER B 48 23.87 60.46 -7.47
N VAL B 49 24.72 59.66 -8.11
CA VAL B 49 24.92 59.72 -9.55
C VAL B 49 24.27 58.54 -10.27
N ASP B 50 23.90 57.50 -9.53
CA ASP B 50 23.29 56.30 -10.12
C ASP B 50 21.80 56.51 -10.31
N ASN B 51 21.32 56.21 -11.52
CA ASN B 51 19.91 56.29 -11.83
C ASN B 51 19.56 55.18 -12.80
N TYR B 52 18.37 54.60 -12.62
CA TYR B 52 17.90 53.47 -13.42
C TYR B 52 18.85 52.28 -13.33
N GLY B 53 19.50 52.11 -12.17
CA GLY B 53 20.47 51.05 -12.00
C GLY B 53 21.86 51.46 -12.44
N ILE B 54 21.97 52.01 -13.66
CA ILE B 54 23.27 52.43 -14.18
C ILE B 54 23.72 53.71 -13.49
N SER B 55 24.99 54.05 -13.70
CA SER B 55 25.56 55.29 -13.18
C SER B 55 25.77 56.28 -14.31
N PHE B 56 25.41 57.53 -14.06
CA PHE B 56 25.49 58.56 -15.09
C PHE B 56 26.71 59.45 -14.90
N MET B 57 27.80 58.88 -14.41
CA MET B 57 29.09 59.57 -14.35
C MET B 57 29.77 59.39 -15.69
N ASN B 58 30.27 60.50 -16.24
CA ASN B 58 30.89 60.50 -17.56
C ASN B 58 32.24 61.18 -17.46
N TRP B 59 33.23 60.67 -18.19
CA TRP B 59 34.61 61.09 -18.04
C TRP B 59 35.19 61.49 -19.39
N PHE B 60 35.81 62.68 -19.43
CA PHE B 60 36.31 63.28 -20.66
C PHE B 60 37.80 63.60 -20.55
N GLN B 61 38.45 63.62 -21.71
CA GLN B 61 39.85 64.06 -21.84
C GLN B 61 39.92 65.16 -22.90
N GLN B 62 40.77 66.15 -22.66
CA GLN B 62 40.99 67.25 -23.60
C GLN B 62 42.49 67.56 -23.65
N THR B 63 43.09 67.42 -24.83
CA THR B 63 44.46 67.88 -24.99
C THR B 63 44.48 69.28 -25.57
N PRO B 64 45.54 70.04 -25.29
CA PRO B 64 45.64 71.41 -25.84
C PRO B 64 45.46 71.43 -27.35
N GLY B 65 44.67 72.38 -27.82
CA GLY B 65 44.44 72.53 -29.24
C GLY B 65 43.38 71.62 -29.83
N GLN B 66 42.74 70.81 -29.01
CA GLN B 66 41.72 69.87 -29.45
C GLN B 66 40.51 69.96 -28.53
N PRO B 67 39.31 69.68 -29.05
CA PRO B 67 38.12 69.70 -28.21
C PRO B 67 38.08 68.49 -27.30
N PRO B 68 37.28 68.55 -26.23
CA PRO B 68 37.12 67.37 -25.37
C PRO B 68 36.53 66.20 -26.15
N LYS B 69 36.93 65.00 -25.76
CA LYS B 69 36.46 63.78 -26.40
C LYS B 69 35.81 62.89 -25.34
N LEU B 70 34.88 62.05 -25.79
CA LEU B 70 34.27 61.08 -24.88
C LEU B 70 35.27 59.97 -24.62
N LEU B 71 35.52 59.68 -23.34
CA LEU B 71 36.49 58.68 -22.94
C LEU B 71 35.86 57.53 -22.16
N ILE B 72 35.09 57.86 -21.12
CA ILE B 72 34.47 56.83 -20.27
C ILE B 72 32.99 57.20 -20.14
N TYR B 73 32.11 56.44 -20.80
CA TYR B 73 30.69 56.62 -20.58
C TYR B 73 30.20 55.65 -19.51
N GLY B 74 29.42 56.16 -18.57
CA GLY B 74 28.99 55.37 -17.45
C GLY B 74 30.10 55.22 -16.42
N SER B 75 29.80 54.42 -15.39
CA SER B 75 30.74 54.25 -14.29
C SER B 75 32.02 53.57 -14.74
N SER B 76 31.92 52.53 -15.58
CA SER B 76 33.06 51.71 -15.93
C SER B 76 33.27 51.50 -17.43
N ASN B 77 32.22 51.60 -18.24
CA ASN B 77 32.34 51.28 -19.65
C ASN B 77 33.26 52.28 -20.36
N GLN B 78 34.18 51.76 -21.17
CA GLN B 78 35.16 52.59 -21.84
C GLN B 78 34.62 53.09 -23.18
N GLY B 79 35.08 54.27 -23.59
CA GLY B 79 34.60 54.88 -24.82
C GLY B 79 35.23 54.29 -26.06
N SER B 80 34.75 54.77 -27.21
CA SER B 80 35.30 54.35 -28.49
C SER B 80 36.68 54.95 -28.69
N GLY B 81 37.59 54.15 -29.24
CA GLY B 81 38.96 54.59 -29.44
C GLY B 81 39.67 54.93 -28.15
N VAL B 82 39.45 54.13 -27.12
CA VAL B 82 40.01 54.37 -25.78
C VAL B 82 40.92 53.20 -25.44
N PRO B 83 42.18 53.44 -25.08
CA PRO B 83 43.08 52.34 -24.71
C PRO B 83 42.63 51.64 -23.44
N ALA B 84 43.12 50.42 -23.27
CA ALA B 84 42.83 49.66 -22.06
C ALA B 84 43.47 50.27 -20.82
N ARG B 85 44.40 51.21 -21.00
CA ARG B 85 45.07 51.85 -19.87
C ARG B 85 44.08 52.60 -19.00
N PHE B 86 43.14 53.30 -19.65
CA PHE B 86 42.15 54.11 -18.93
C PHE B 86 41.18 53.18 -18.21
N SER B 87 40.97 53.39 -16.90
CA SER B 87 39.98 52.56 -16.22
C SER B 87 39.15 53.39 -15.26
N GLY B 88 37.85 53.46 -15.52
CA GLY B 88 36.92 54.17 -14.65
C GLY B 88 36.14 53.19 -13.79
N SER B 89 35.96 53.56 -12.52
CA SER B 89 35.24 52.70 -11.58
C SER B 89 34.53 53.56 -10.56
N GLY B 90 33.69 52.92 -9.75
CA GLY B 90 32.99 53.60 -8.68
C GLY B 90 31.48 53.46 -8.80
N SER B 91 30.79 54.02 -7.82
CA SER B 91 29.34 53.96 -7.75
C SER B 91 28.84 55.03 -6.81
N GLY B 92 27.52 55.20 -6.79
CA GLY B 92 26.88 56.17 -5.91
C GLY B 92 27.37 57.58 -6.15
N THR B 93 28.15 58.10 -5.20
CA THR B 93 28.74 59.42 -5.32
C THR B 93 30.25 59.40 -5.49
N ASP B 94 30.89 58.23 -5.38
CA ASP B 94 32.34 58.12 -5.39
C ASP B 94 32.79 57.44 -6.68
N PHE B 95 33.69 58.08 -7.42
CA PHE B 95 34.19 57.54 -8.67
C PHE B 95 35.69 57.80 -8.76
N SER B 96 36.37 56.98 -9.55
CA SER B 96 37.81 57.03 -9.66
C SER B 96 38.26 56.66 -11.06
N LEU B 97 39.34 57.29 -11.48
CA LEU B 97 40.06 56.93 -12.69
C LEU B 97 41.43 56.41 -12.31
N ASN B 98 41.75 55.20 -12.78
CA ASN B 98 43.05 54.58 -12.60
C ASN B 98 43.74 54.50 -13.95
N ILE B 99 45.01 54.92 -13.98
CA ILE B 99 45.79 54.96 -15.22
C ILE B 99 47.07 54.19 -14.91
N HIS B 100 47.07 52.88 -15.14
CA HIS B 100 48.23 52.07 -14.76
C HIS B 100 49.35 52.16 -15.78
N PRO B 101 49.16 51.86 -17.08
CA PRO B 101 50.26 52.05 -18.03
C PRO B 101 50.26 53.44 -18.64
N MET B 102 50.61 54.46 -17.86
CA MET B 102 50.54 55.83 -18.38
C MET B 102 51.52 56.00 -19.53
N GLU B 103 51.07 56.70 -20.57
CA GLU B 103 51.86 56.89 -21.78
C GLU B 103 52.05 58.38 -22.03
N GLU B 104 52.85 58.68 -23.06
CA GLU B 104 53.21 60.07 -23.35
C GLU B 104 51.98 60.90 -23.71
N ASP B 105 51.02 60.31 -24.41
CA ASP B 105 49.84 61.04 -24.87
C ASP B 105 48.88 61.39 -23.74
N ASP B 106 49.08 60.86 -22.53
CA ASP B 106 48.16 61.06 -21.42
C ASP B 106 48.25 62.46 -20.81
N THR B 107 49.23 63.27 -21.21
CA THR B 107 49.34 64.63 -20.71
C THR B 107 48.19 65.48 -21.25
N ALA B 108 47.18 65.73 -20.42
CA ALA B 108 45.98 66.43 -20.85
C ALA B 108 45.17 66.83 -19.62
N MET B 109 44.01 67.45 -19.88
CA MET B 109 43.09 67.86 -18.84
C MET B 109 41.88 66.94 -18.85
N TYR B 110 41.55 66.40 -17.68
CA TYR B 110 40.55 65.36 -17.54
C TYR B 110 39.38 65.90 -16.73
N PHE B 111 38.16 65.61 -17.17
CA PHE B 111 36.98 66.24 -16.60
C PHE B 111 35.87 65.24 -16.28
N CYS B 112 35.12 65.55 -15.22
CA CYS B 112 33.95 64.79 -14.80
C CYS B 112 32.70 65.35 -15.47
N GLN B 113 31.62 64.60 -15.39
CA GLN B 113 30.31 65.05 -15.86
C GLN B 113 29.22 64.19 -15.24
N GLN B 114 28.11 64.84 -14.88
CA GLN B 114 26.92 64.16 -14.38
C GLN B 114 25.80 64.35 -15.39
N SER B 115 25.03 63.30 -15.63
CA SER B 115 24.06 63.29 -16.73
C SER B 115 22.63 63.00 -16.29
N LYS B 116 22.39 62.77 -15.00
CA LYS B 116 21.01 62.49 -14.57
C LYS B 116 20.11 63.70 -14.74
N GLU B 117 20.54 64.87 -14.26
CA GLU B 117 19.69 66.05 -14.18
C GLU B 117 19.93 66.95 -15.40
N VAL B 118 18.97 67.85 -15.62
CA VAL B 118 19.09 68.79 -16.74
C VAL B 118 20.31 69.69 -16.61
N PRO B 119 20.61 70.31 -15.45
CA PRO B 119 21.79 71.19 -15.37
C PRO B 119 23.07 70.38 -15.44
N TYR B 120 23.77 70.48 -16.56
CA TYR B 120 24.99 69.72 -16.76
C TYR B 120 26.20 70.44 -16.15
N THR B 121 26.78 69.82 -15.14
CA THR B 121 27.92 70.39 -14.41
C THR B 121 29.10 69.43 -14.49
N PHE B 122 30.29 69.99 -14.65
CA PHE B 122 31.52 69.23 -14.80
C PHE B 122 32.31 69.24 -13.51
N GLY B 123 33.39 68.45 -13.49
CA GLY B 123 34.27 68.39 -12.35
C GLY B 123 35.29 69.51 -12.34
N GLY B 124 36.23 69.41 -11.39
CA GLY B 124 37.25 70.44 -11.26
C GLY B 124 38.20 70.52 -12.45
N GLY B 125 38.60 69.37 -12.98
CA GLY B 125 39.54 69.34 -14.08
C GLY B 125 40.95 69.07 -13.62
N THR B 126 41.55 67.99 -14.13
CA THR B 126 42.84 67.53 -13.66
C THR B 126 43.84 67.58 -14.82
N LYS B 127 44.89 68.38 -14.66
CA LYS B 127 45.97 68.42 -15.64
C LYS B 127 47.02 67.40 -15.22
N LEU B 128 47.23 66.40 -16.06
CA LEU B 128 48.19 65.33 -15.77
C LEU B 128 49.51 65.62 -16.49
N GLU B 129 50.61 65.56 -15.76
CA GLU B 129 51.93 65.82 -16.30
C GLU B 129 52.88 64.69 -15.92
N ILE B 130 53.85 64.45 -16.77
CA ILE B 130 54.86 63.42 -16.54
C ILE B 130 55.85 63.92 -15.49
N LYS B 131 56.14 63.09 -14.50
CA LYS B 131 57.02 63.46 -13.39
C LYS B 131 58.46 63.05 -13.69
N ARG B 132 59.39 63.92 -13.30
CA ARG B 132 60.81 63.67 -13.49
C ARG B 132 61.55 64.12 -12.24
N THR B 133 62.87 64.15 -12.34
CA THR B 133 63.71 64.62 -11.24
C THR B 133 63.60 66.13 -11.09
N VAL B 134 63.81 66.61 -9.86
CA VAL B 134 63.79 68.04 -9.60
C VAL B 134 64.97 68.69 -10.29
N ALA B 135 64.71 69.74 -11.07
CA ALA B 135 65.72 70.42 -11.85
C ALA B 135 65.96 71.81 -11.31
N ALA B 136 67.23 72.20 -11.26
CA ALA B 136 67.60 73.53 -10.77
C ALA B 136 67.21 74.59 -11.80
N PRO B 137 66.51 75.64 -11.39
CA PRO B 137 66.11 76.67 -12.36
C PRO B 137 67.30 77.49 -12.84
N SER B 138 67.31 77.75 -14.15
CA SER B 138 68.31 78.64 -14.75
C SER B 138 67.73 80.04 -14.71
N VAL B 139 68.34 80.91 -13.91
CA VAL B 139 67.81 82.25 -13.71
C VAL B 139 68.52 83.23 -14.62
N PHE B 140 67.74 84.02 -15.37
CA PHE B 140 68.29 85.02 -16.27
C PHE B 140 67.50 86.31 -16.14
N ILE B 141 68.12 87.43 -16.51
CA ILE B 141 67.51 88.74 -16.36
C ILE B 141 67.61 89.48 -17.70
N PHE B 142 66.68 90.41 -17.91
CA PHE B 142 66.57 91.18 -19.14
C PHE B 142 66.23 92.63 -18.83
N PRO B 143 67.17 93.55 -18.99
CA PRO B 143 66.87 94.96 -18.74
C PRO B 143 66.13 95.56 -19.93
N PRO B 144 65.43 96.68 -19.72
CA PRO B 144 64.78 97.36 -20.85
C PRO B 144 65.81 97.91 -21.83
N SER B 145 65.41 97.96 -23.10
CA SER B 145 66.29 98.49 -24.14
C SER B 145 66.14 100.00 -24.26
N ASP B 146 67.07 100.61 -25.00
CA ASP B 146 67.01 102.05 -25.23
C ASP B 146 65.81 102.43 -26.09
N GLU B 147 65.49 101.61 -27.09
CA GLU B 147 64.36 101.91 -27.97
C GLU B 147 63.06 101.96 -27.19
N GLN B 148 62.86 101.02 -26.26
CA GLN B 148 61.68 101.06 -25.40
C GLN B 148 61.69 102.30 -24.52
N LEU B 149 62.88 102.71 -24.06
CA LEU B 149 62.99 103.92 -23.26
C LEU B 149 62.53 105.14 -24.06
N LYS B 150 62.88 105.20 -25.35
CA LYS B 150 62.38 106.29 -26.19
C LYS B 150 60.87 106.22 -26.33
N SER B 151 60.28 105.04 -26.15
CA SER B 151 58.84 104.86 -26.25
C SER B 151 58.15 105.23 -24.95
N GLY B 152 58.93 105.60 -23.93
CA GLY B 152 58.36 105.99 -22.66
C GLY B 152 57.93 104.86 -21.77
N THR B 153 58.38 103.64 -22.05
CA THR B 153 58.09 102.48 -21.22
C THR B 153 59.37 101.69 -21.00
N ALA B 154 59.37 100.86 -19.96
CA ALA B 154 60.53 100.03 -19.62
C ALA B 154 60.05 98.68 -19.12
N SER B 155 60.58 97.60 -19.69
CA SER B 155 60.20 96.25 -19.33
C SER B 155 61.41 95.50 -18.79
N VAL B 156 61.32 95.06 -17.54
CA VAL B 156 62.36 94.25 -16.92
C VAL B 156 61.82 92.82 -16.80
N VAL B 157 62.55 91.86 -17.33
CA VAL B 157 62.06 90.49 -17.47
C VAL B 157 62.97 89.56 -16.66
N CYS B 158 62.36 88.60 -15.97
CA CYS B 158 63.08 87.55 -15.26
C CYS B 158 62.66 86.19 -15.82
N LEU B 159 63.64 85.35 -16.12
CA LEU B 159 63.41 84.08 -16.79
C LEU B 159 63.89 82.93 -15.92
N LEU B 160 63.03 81.91 -15.77
CA LEU B 160 63.37 80.62 -15.21
C LEU B 160 63.35 79.60 -16.33
N ASN B 161 64.51 79.04 -16.65
CA ASN B 161 64.66 78.12 -17.76
C ASN B 161 65.00 76.72 -17.24
N ASN B 162 64.28 75.73 -17.73
CA ASN B 162 64.54 74.31 -17.45
C ASN B 162 64.51 74.02 -15.96
N PHE B 163 63.33 74.20 -15.35
CA PHE B 163 63.14 73.94 -13.94
C PHE B 163 61.90 73.05 -13.75
N TYR B 164 62.00 72.12 -12.81
CA TYR B 164 60.90 71.25 -12.44
C TYR B 164 60.82 71.13 -10.92
N PRO B 165 59.62 71.20 -10.32
CA PRO B 165 58.34 71.41 -10.99
C PRO B 165 58.08 72.88 -11.33
N ARG B 166 56.89 73.16 -11.88
CA ARG B 166 56.57 74.52 -12.30
C ARG B 166 56.35 75.45 -11.11
N GLU B 167 56.03 74.88 -9.94
CA GLU B 167 55.75 75.70 -8.77
C GLU B 167 56.99 76.48 -8.34
N ALA B 168 56.86 77.80 -8.30
CA ALA B 168 57.97 78.67 -7.94
C ALA B 168 57.41 80.03 -7.53
N LYS B 169 58.27 80.84 -6.89
CA LYS B 169 57.92 82.19 -6.46
C LYS B 169 58.93 83.16 -7.05
N VAL B 170 58.44 84.18 -7.75
CA VAL B 170 59.27 85.21 -8.35
C VAL B 170 58.89 86.55 -7.74
N GLN B 171 59.88 87.29 -7.26
CA GLN B 171 59.67 88.57 -6.60
C GLN B 171 60.58 89.62 -7.21
N TRP B 172 60.06 90.83 -7.40
CA TRP B 172 60.82 91.94 -7.94
C TRP B 172 61.23 92.87 -6.80
N LYS B 173 62.49 93.33 -6.84
CA LYS B 173 63.04 94.24 -5.84
C LYS B 173 63.60 95.45 -6.58
N VAL B 174 62.93 96.59 -6.47
CA VAL B 174 63.39 97.84 -7.05
C VAL B 174 63.86 98.75 -5.93
N ASP B 175 65.16 99.00 -5.88
CA ASP B 175 65.78 99.75 -4.78
C ASP B 175 65.41 99.14 -3.44
N ASN B 176 65.46 97.80 -3.37
CA ASN B 176 65.14 97.04 -2.17
C ASN B 176 63.70 97.26 -1.72
N ALA B 177 62.81 97.54 -2.67
CA ALA B 177 61.39 97.69 -2.40
C ALA B 177 60.62 96.67 -3.23
N LEU B 178 59.76 95.89 -2.56
CA LEU B 178 59.02 94.83 -3.22
C LEU B 178 57.96 95.42 -4.13
N GLN B 179 57.73 94.76 -5.27
CA GLN B 179 56.71 95.18 -6.22
C GLN B 179 55.51 94.24 -6.16
N SER B 180 54.32 94.82 -6.16
CA SER B 180 53.09 94.06 -6.07
C SER B 180 52.06 94.62 -7.06
N GLY B 181 51.39 93.73 -7.78
CA GLY B 181 50.35 94.15 -8.69
C GLY B 181 50.83 94.77 -9.99
N ASN B 182 52.14 94.69 -10.26
CA ASN B 182 52.70 95.26 -11.48
C ASN B 182 53.53 94.24 -12.27
N SER B 183 53.61 93.00 -11.80
CA SER B 183 54.40 91.96 -12.45
C SER B 183 53.46 90.91 -13.03
N GLN B 184 53.64 90.60 -14.31
CA GLN B 184 52.82 89.63 -15.01
C GLN B 184 53.67 88.42 -15.38
N GLU B 185 53.26 87.24 -14.92
CA GLU B 185 54.05 86.04 -15.08
C GLU B 185 53.35 85.05 -16.00
N SER B 186 54.16 84.33 -16.79
CA SER B 186 53.67 83.35 -17.74
C SER B 186 54.51 82.09 -17.63
N VAL B 187 53.89 80.94 -17.87
CA VAL B 187 54.54 79.64 -17.81
C VAL B 187 54.29 78.91 -19.12
N THR B 188 55.35 78.39 -19.73
CA THR B 188 55.21 77.60 -20.95
C THR B 188 54.64 76.23 -20.65
N GLU B 189 54.14 75.56 -21.68
CA GLU B 189 53.60 74.23 -21.54
C GLU B 189 54.72 73.22 -21.28
N GLN B 190 54.31 72.02 -20.86
CA GLN B 190 55.25 70.94 -20.54
C GLN B 190 56.12 70.59 -21.74
N ASP B 191 57.43 70.45 -21.50
CA ASP B 191 58.35 70.06 -22.56
C ASP B 191 58.14 68.59 -22.93
N SER B 192 58.27 68.29 -24.23
CA SER B 192 58.06 66.93 -24.69
C SER B 192 59.16 66.00 -24.19
N LYS B 193 60.42 66.41 -24.35
CA LYS B 193 61.56 65.60 -23.95
C LYS B 193 62.33 66.19 -22.77
N ASP B 194 62.44 67.51 -22.70
CA ASP B 194 63.14 68.13 -21.58
C ASP B 194 62.42 67.92 -20.26
N SER B 195 61.08 67.82 -20.31
CA SER B 195 60.25 67.57 -19.13
C SER B 195 60.41 68.66 -18.07
N THR B 196 60.79 69.86 -18.50
CA THR B 196 61.05 70.97 -17.58
C THR B 196 60.27 72.20 -18.05
N TYR B 197 59.72 72.93 -17.09
CA TYR B 197 58.93 74.12 -17.40
C TYR B 197 59.83 75.32 -17.61
N SER B 198 59.25 76.38 -18.16
CA SER B 198 59.88 77.68 -18.26
C SER B 198 58.90 78.76 -17.83
N LEU B 199 59.43 79.80 -17.20
CA LEU B 199 58.59 80.85 -16.63
C LEU B 199 59.24 82.20 -16.92
N SER B 200 58.40 83.22 -17.06
CA SER B 200 58.89 84.59 -17.32
C SER B 200 57.99 85.57 -16.60
N SER B 201 58.60 86.44 -15.80
CA SER B 201 57.90 87.53 -15.14
C SER B 201 58.34 88.85 -15.77
N THR B 202 57.36 89.62 -16.25
CA THR B 202 57.60 90.90 -16.91
C THR B 202 57.05 92.01 -16.03
N LEU B 203 57.89 93.01 -15.76
CA LEU B 203 57.49 94.19 -15.01
C LEU B 203 57.63 95.42 -15.89
N THR B 204 56.54 96.15 -16.07
CA THR B 204 56.50 97.32 -16.92
C THR B 204 56.36 98.58 -16.06
N LEU B 205 57.20 99.58 -16.35
CA LEU B 205 57.19 100.84 -15.63
C LEU B 205 57.29 101.99 -16.63
N SER B 206 56.87 103.17 -16.18
CA SER B 206 57.01 104.37 -17.01
C SER B 206 58.48 104.77 -17.11
N LYS B 207 58.79 105.55 -18.15
CA LYS B 207 60.16 105.99 -18.35
C LYS B 207 60.65 106.83 -17.18
N ALA B 208 59.83 107.76 -16.69
CA ALA B 208 60.23 108.59 -15.56
C ALA B 208 60.47 107.75 -14.30
N ASP B 209 59.60 106.78 -14.05
CA ASP B 209 59.76 105.93 -12.87
C ASP B 209 60.95 105.00 -13.01
N TYR B 210 61.19 104.44 -14.20
CA TYR B 210 62.34 103.57 -14.40
C TYR B 210 63.65 104.35 -14.28
N GLU B 211 63.68 105.58 -14.81
CA GLU B 211 64.88 106.40 -14.69
C GLU B 211 65.18 106.82 -13.26
N LYS B 212 64.20 106.70 -12.36
CA LYS B 212 64.38 107.12 -10.98
C LYS B 212 65.05 106.06 -10.11
N HIS B 213 65.38 104.89 -10.65
CA HIS B 213 65.95 103.81 -9.86
C HIS B 213 67.17 103.21 -10.55
N LYS B 214 68.13 102.79 -9.72
CA LYS B 214 69.31 102.05 -10.15
C LYS B 214 69.08 100.55 -10.18
N VAL B 215 68.73 99.98 -9.02
CA VAL B 215 68.79 98.55 -8.78
C VAL B 215 67.46 97.92 -9.12
N TYR B 216 67.49 96.93 -10.02
CA TYR B 216 66.34 96.06 -10.29
C TYR B 216 66.80 94.63 -10.11
N ALA B 217 66.10 93.88 -9.26
CA ALA B 217 66.50 92.54 -8.90
C ALA B 217 65.31 91.59 -9.00
N CYS B 218 65.62 90.35 -9.38
CA CYS B 218 64.64 89.26 -9.40
C CYS B 218 65.10 88.19 -8.42
N GLU B 219 64.25 87.89 -7.45
CA GLU B 219 64.50 86.83 -6.47
C GLU B 219 63.59 85.66 -6.80
N VAL B 220 64.17 84.46 -6.85
CA VAL B 220 63.44 83.26 -7.23
C VAL B 220 63.57 82.24 -6.11
N THR B 221 62.44 81.76 -5.62
CA THR B 221 62.39 80.66 -4.66
C THR B 221 61.76 79.45 -5.34
N HIS B 222 62.49 78.34 -5.34
CA HIS B 222 62.04 77.13 -6.02
C HIS B 222 62.43 75.91 -5.19
N GLN B 223 61.70 74.82 -5.41
CA GLN B 223 61.96 73.59 -4.66
C GLN B 223 63.36 73.06 -4.94
N GLY B 224 63.89 73.32 -6.14
CA GLY B 224 65.23 72.87 -6.49
C GLY B 224 66.35 73.70 -5.88
N LEU B 225 66.02 74.82 -5.24
CA LEU B 225 67.00 75.69 -4.59
C LEU B 225 66.77 75.67 -3.09
N SER B 226 67.84 75.42 -2.33
CA SER B 226 67.74 75.51 -0.88
C SER B 226 67.59 76.95 -0.42
N SER B 227 68.12 77.90 -1.19
CA SER B 227 68.00 79.33 -0.88
C SER B 227 67.59 80.05 -2.15
N PRO B 228 66.84 81.15 -2.03
CA PRO B 228 66.44 81.89 -3.23
C PRO B 228 67.64 82.42 -4.00
N VAL B 229 67.52 82.41 -5.33
CA VAL B 229 68.56 82.92 -6.22
C VAL B 229 68.19 84.33 -6.64
N THR B 230 69.12 85.26 -6.48
CA THR B 230 68.89 86.67 -6.78
C THR B 230 69.77 87.10 -7.95
N LYS B 231 69.13 87.68 -8.97
CA LYS B 231 69.85 88.29 -10.08
C LYS B 231 69.48 89.77 -10.14
N SER B 232 70.47 90.64 -9.99
CA SER B 232 70.23 92.07 -9.88
C SER B 232 71.12 92.81 -10.87
N PHE B 233 70.65 94.00 -11.27
CA PHE B 233 71.44 94.87 -12.12
C PHE B 233 71.15 96.32 -11.78
N ASN B 234 72.16 97.16 -11.95
CA ASN B 234 72.03 98.60 -11.76
C ASN B 234 71.84 99.28 -13.11
N ARG B 235 70.77 100.05 -13.24
CA ARG B 235 70.43 100.69 -14.49
C ARG B 235 71.55 101.62 -14.95
N GLY B 236 72.16 101.27 -16.08
CA GLY B 236 73.26 102.05 -16.63
C GLY B 236 74.55 101.26 -16.73
N VAL C 21 31.00 61.69 -38.00
CA VAL C 21 30.65 62.71 -37.03
C VAL C 21 31.78 63.72 -36.90
N GLN C 22 31.63 64.86 -37.58
CA GLN C 22 32.59 65.95 -37.51
C GLN C 22 31.83 67.27 -37.36
N LEU C 23 32.39 68.17 -36.57
CA LEU C 23 31.78 69.45 -36.27
C LEU C 23 32.74 70.57 -36.66
N GLN C 24 32.27 71.50 -37.49
CA GLN C 24 33.07 72.62 -37.96
C GLN C 24 32.38 73.91 -37.56
N GLN C 25 33.10 74.78 -36.86
CA GLN C 25 32.56 76.03 -36.35
C GLN C 25 33.16 77.21 -37.09
N SER C 26 32.86 78.41 -36.58
CA SER C 26 33.46 79.63 -37.10
C SER C 26 34.85 79.81 -36.50
N ALA C 27 35.43 81.00 -36.71
CA ALA C 27 36.81 81.27 -36.30
C ALA C 27 36.95 82.68 -35.74
N ALA C 28 37.14 82.77 -34.42
CA ALA C 28 37.69 83.93 -33.74
C ALA C 28 37.03 85.26 -34.13
N GLU C 29 35.75 85.42 -33.81
CA GLU C 29 35.02 86.63 -34.17
C GLU C 29 35.23 87.73 -33.12
N LEU C 30 35.34 88.96 -33.62
CA LEU C 30 35.59 90.14 -32.79
C LEU C 30 34.34 91.02 -32.80
N ALA C 31 33.89 91.42 -31.61
CA ALA C 31 32.71 92.25 -31.48
C ALA C 31 32.93 93.32 -30.44
N ARG C 32 32.31 94.48 -30.64
CA ARG C 32 32.28 95.50 -29.61
C ARG C 32 31.17 95.19 -28.60
N PRO C 33 31.35 95.54 -27.33
CA PRO C 33 30.24 95.40 -26.38
C PRO C 33 29.02 96.17 -26.82
N GLY C 34 27.85 95.57 -26.61
CA GLY C 34 26.60 96.14 -27.07
C GLY C 34 26.17 95.71 -28.46
N ALA C 35 26.99 94.94 -29.17
CA ALA C 35 26.66 94.45 -30.49
C ALA C 35 26.01 93.08 -30.40
N SER C 36 25.78 92.45 -31.55
CA SER C 36 25.21 91.11 -31.62
C SER C 36 26.07 90.24 -32.51
N VAL C 37 26.16 88.96 -32.17
CA VAL C 37 26.97 88.00 -32.89
C VAL C 37 26.11 86.80 -33.28
N LYS C 38 26.12 86.47 -34.57
CA LYS C 38 25.45 85.27 -35.07
C LYS C 38 26.51 84.36 -35.68
N MET C 39 26.63 83.16 -35.13
CA MET C 39 27.74 82.26 -35.43
C MET C 39 27.24 80.84 -35.66
N SER C 40 28.03 80.06 -36.41
CA SER C 40 27.50 78.82 -36.97
C SER C 40 28.36 77.62 -36.58
N CYS C 41 27.69 76.45 -36.54
CA CYS C 41 28.31 75.15 -36.30
C CYS C 41 27.68 74.13 -37.24
N LYS C 42 28.40 73.75 -38.29
CA LYS C 42 27.91 72.70 -39.18
C LYS C 42 28.35 71.33 -38.67
N ALA C 43 27.48 70.34 -38.86
CA ALA C 43 27.72 68.98 -38.42
C ALA C 43 27.56 68.02 -39.58
N SER C 44 28.45 67.03 -39.65
CA SER C 44 28.39 66.02 -40.69
C SER C 44 28.71 64.66 -40.07
N GLY C 45 28.57 63.61 -40.89
CA GLY C 45 28.84 62.26 -40.45
C GLY C 45 27.70 61.60 -39.70
N TYR C 46 26.60 62.30 -39.47
CA TYR C 46 25.44 61.70 -38.80
C TYR C 46 24.20 62.47 -39.24
N THR C 47 23.05 62.01 -38.74
CA THR C 47 21.77 62.51 -39.24
C THR C 47 21.59 64.00 -38.96
N PHE C 48 21.96 64.43 -37.75
CA PHE C 48 21.79 65.80 -37.26
C PHE C 48 20.31 66.07 -36.98
N THR C 49 19.45 65.11 -37.33
CA THR C 49 18.03 65.21 -37.05
C THR C 49 17.58 64.31 -35.90
N SER C 50 18.45 63.40 -35.46
CA SER C 50 18.09 62.42 -34.43
C SER C 50 18.79 62.65 -33.10
N TYR C 51 19.49 63.77 -32.93
CA TYR C 51 20.25 64.03 -31.71
C TYR C 51 20.07 65.48 -31.29
N THR C 52 19.75 65.70 -30.02
CA THR C 52 19.74 67.06 -29.49
C THR C 52 21.15 67.61 -29.44
N MET C 53 21.29 68.93 -29.55
CA MET C 53 22.60 69.57 -29.60
C MET C 53 22.72 70.62 -28.51
N HIS C 54 23.92 70.70 -27.93
CA HIS C 54 24.23 71.51 -26.76
C HIS C 54 25.30 72.54 -27.09
N TRP C 55 25.34 73.61 -26.29
CA TRP C 55 26.37 74.63 -26.45
C TRP C 55 27.09 74.79 -25.11
N VAL C 56 28.41 75.03 -25.17
CA VAL C 56 29.21 75.22 -23.97
C VAL C 56 30.10 76.44 -24.14
N LYS C 57 30.32 77.20 -23.05
CA LYS C 57 31.34 78.23 -23.03
C LYS C 57 32.56 77.75 -22.24
N GLN C 58 33.66 78.48 -22.39
CA GLN C 58 34.82 78.34 -21.52
C GLN C 58 35.61 79.64 -21.60
N ARG C 59 35.69 80.36 -20.49
CA ARG C 59 36.54 81.53 -20.43
C ARG C 59 38.01 81.09 -20.42
N PRO C 60 38.91 81.93 -20.93
CA PRO C 60 40.33 81.53 -21.02
C PRO C 60 40.91 81.11 -19.68
N GLY C 61 41.41 79.88 -19.61
CA GLY C 61 41.93 79.34 -18.36
C GLY C 61 40.88 79.17 -17.29
N GLN C 62 39.67 78.74 -17.69
CA GLN C 62 38.57 78.56 -16.73
C GLN C 62 37.87 77.23 -16.95
N GLY C 63 36.82 76.98 -16.17
CA GLY C 63 36.06 75.76 -16.30
C GLY C 63 35.06 75.81 -17.45
N LEU C 64 34.34 74.70 -17.60
CA LEU C 64 33.38 74.54 -18.68
C LEU C 64 31.95 74.66 -18.13
N GLU C 65 31.13 75.46 -18.79
CA GLU C 65 29.77 75.69 -18.35
C GLU C 65 28.82 75.47 -19.53
N TRP C 66 27.82 74.62 -19.31
CA TRP C 66 26.81 74.34 -20.32
C TRP C 66 25.79 75.48 -20.41
N ILE C 67 25.36 75.79 -21.62
CA ILE C 67 24.39 76.86 -21.87
C ILE C 67 23.00 76.30 -22.09
N GLY C 68 22.83 75.50 -23.13
CA GLY C 68 21.50 75.06 -23.49
C GLY C 68 21.54 74.11 -24.66
N TYR C 69 20.37 73.52 -24.93
CA TYR C 69 20.24 72.52 -25.98
C TYR C 69 18.93 72.71 -26.75
N ILE C 70 18.91 72.12 -27.94
CA ILE C 70 17.73 72.14 -28.80
C ILE C 70 17.57 70.76 -29.43
N ASN C 71 16.33 70.37 -29.70
CA ASN C 71 16.05 69.23 -30.55
C ASN C 71 15.88 69.73 -31.99
N PRO C 72 16.66 69.25 -32.94
CA PRO C 72 16.57 69.80 -34.31
C PRO C 72 15.19 69.67 -34.94
N THR C 73 14.47 68.57 -34.67
CA THR C 73 13.18 68.36 -35.31
C THR C 73 12.13 69.35 -34.81
N SER C 74 12.01 69.49 -33.49
CA SER C 74 11.01 70.35 -32.88
C SER C 74 11.71 71.49 -32.16
N GLY C 75 11.29 72.73 -32.45
CA GLY C 75 12.00 73.89 -31.95
C GLY C 75 11.85 74.10 -30.46
N TYR C 76 12.25 73.10 -29.67
CA TYR C 76 12.24 73.20 -28.23
C TYR C 76 13.65 73.51 -27.74
N THR C 77 13.85 74.72 -27.24
CA THR C 77 15.14 75.17 -26.72
C THR C 77 15.07 75.28 -25.21
N GLU C 78 16.11 74.80 -24.54
CA GLU C 78 16.23 74.97 -23.09
C GLU C 78 17.57 75.62 -22.77
N TYR C 79 17.52 76.74 -22.05
CA TYR C 79 18.69 77.53 -21.67
C TYR C 79 18.84 77.57 -20.15
N ASN C 80 19.99 78.05 -19.70
CA ASN C 80 20.19 78.29 -18.28
C ASN C 80 19.45 79.56 -17.87
N GLN C 81 19.27 79.73 -16.55
CA GLN C 81 18.82 81.01 -16.03
C GLN C 81 19.79 82.12 -16.40
N ASN C 82 21.09 81.83 -16.37
CA ASN C 82 22.09 82.85 -16.65
C ASN C 82 22.00 83.34 -18.09
N PHE C 83 21.83 82.42 -19.04
CA PHE C 83 21.94 82.71 -20.47
C PHE C 83 20.59 82.80 -21.16
N LYS C 84 19.48 82.81 -20.42
CA LYS C 84 18.17 82.78 -21.04
C LYS C 84 17.92 84.04 -21.88
N ASP C 85 18.32 85.20 -21.36
CA ASP C 85 17.95 86.46 -22.01
C ASP C 85 18.79 86.73 -23.25
N LYS C 86 20.10 86.55 -23.16
CA LYS C 86 21.00 87.02 -24.21
C LYS C 86 21.27 85.99 -25.30
N THR C 87 20.95 84.72 -25.07
CA THR C 87 21.33 83.66 -26.00
C THR C 87 20.10 83.16 -26.77
N THR C 88 20.31 82.95 -28.07
CA THR C 88 19.28 82.42 -28.96
C THR C 88 19.87 81.25 -29.74
N LEU C 89 19.16 80.13 -29.73
CA LEU C 89 19.63 78.85 -30.27
C LEU C 89 18.75 78.45 -31.45
N THR C 90 19.34 78.34 -32.64
CA THR C 90 18.57 77.94 -33.81
C THR C 90 19.32 76.85 -34.58
N ALA C 91 18.57 76.13 -35.42
CA ALA C 91 19.15 75.07 -36.24
C ALA C 91 18.46 75.04 -37.59
N ASP C 92 19.17 74.52 -38.59
CA ASP C 92 18.66 74.39 -39.96
C ASP C 92 18.95 72.97 -40.43
N LYS C 93 17.88 72.19 -40.62
CA LYS C 93 18.03 70.80 -41.06
C LYS C 93 18.34 70.71 -42.55
N SER C 94 17.86 71.67 -43.34
CA SER C 94 18.13 71.66 -44.78
C SER C 94 19.63 71.79 -45.06
N SER C 95 20.30 72.69 -44.35
CA SER C 95 21.74 72.86 -44.46
C SER C 95 22.50 72.11 -43.36
N SER C 96 21.79 71.50 -42.43
CA SER C 96 22.39 70.71 -41.35
C SER C 96 23.44 71.51 -40.58
N THR C 97 22.98 72.62 -40.00
CA THR C 97 23.88 73.53 -39.28
C THR C 97 23.17 74.16 -38.10
N ALA C 98 23.94 74.83 -37.25
CA ALA C 98 23.48 75.43 -36.01
C ALA C 98 23.88 76.90 -35.95
N TYR C 99 23.06 77.70 -35.26
CA TYR C 99 23.33 79.13 -35.13
C TYR C 99 23.13 79.60 -33.70
N MET C 100 24.09 80.42 -33.27
CA MET C 100 24.11 81.10 -31.99
C MET C 100 23.85 82.58 -32.24
N GLN C 101 22.94 83.16 -31.46
CA GLN C 101 22.73 84.60 -31.43
C GLN C 101 23.05 85.10 -30.02
N LEU C 102 24.07 85.95 -29.92
CA LEU C 102 24.41 86.63 -28.69
C LEU C 102 24.04 88.11 -28.85
N ASN C 103 23.27 88.63 -27.90
CA ASN C 103 22.84 90.02 -27.90
C ASN C 103 23.28 90.71 -26.62
N SER C 104 23.58 92.00 -26.76
CA SER C 104 24.07 92.83 -25.65
C SER C 104 25.34 92.22 -25.04
N LEU C 105 26.34 92.06 -25.88
CA LEU C 105 27.59 91.46 -25.45
C LEU C 105 28.29 92.34 -24.42
N THR C 106 28.95 91.68 -23.46
CA THR C 106 29.68 92.37 -22.41
C THR C 106 31.09 91.81 -22.35
N SER C 107 31.89 92.38 -21.45
CA SER C 107 33.29 91.96 -21.32
C SER C 107 33.40 90.50 -20.86
N GLU C 108 32.46 90.04 -20.02
CA GLU C 108 32.54 88.67 -19.51
C GLU C 108 32.25 87.65 -20.60
N ASP C 109 31.68 88.07 -21.72
CA ASP C 109 31.28 87.12 -22.76
C ASP C 109 32.45 86.66 -23.62
N SER C 110 33.58 87.36 -23.58
CA SER C 110 34.75 86.97 -24.37
C SER C 110 35.29 85.63 -23.90
N ALA C 111 35.22 84.61 -24.75
CA ALA C 111 35.60 83.25 -24.36
C ALA C 111 35.65 82.38 -25.60
N VAL C 112 35.98 81.09 -25.39
CA VAL C 112 35.96 80.10 -26.44
C VAL C 112 34.74 79.21 -26.24
N TYR C 113 33.97 79.04 -27.30
CA TYR C 113 32.70 78.31 -27.25
C TYR C 113 32.81 76.99 -28.01
N TYR C 114 32.11 75.99 -27.51
CA TYR C 114 32.21 74.61 -27.97
C TYR C 114 30.84 74.09 -28.37
N CYS C 115 30.80 73.41 -29.51
CA CYS C 115 29.59 72.87 -30.11
C CYS C 115 29.53 71.39 -29.76
N ALA C 116 28.44 70.95 -29.14
CA ALA C 116 28.38 69.61 -28.58
C ALA C 116 27.17 68.85 -29.12
N ARG C 117 27.37 67.56 -29.33
CA ARG C 117 26.36 66.64 -29.81
C ARG C 117 26.04 65.60 -28.74
N GLU C 118 24.75 65.28 -28.63
CA GLU C 118 24.24 64.24 -27.76
C GLU C 118 24.78 62.87 -28.17
N GLY C 119 25.07 62.05 -27.16
CA GLY C 119 25.50 60.69 -27.41
C GLY C 119 25.99 60.01 -26.15
N HIS C 120 25.92 58.68 -26.11
CA HIS C 120 26.52 57.91 -25.02
C HIS C 120 25.97 58.34 -23.66
N ARG C 121 24.70 58.73 -23.61
CA ARG C 121 24.02 59.19 -22.40
C ARG C 121 24.55 60.52 -21.91
N VAL C 122 25.40 61.17 -22.71
CA VAL C 122 26.01 62.43 -22.30
C VAL C 122 25.31 63.58 -23.02
N GLY C 123 25.11 64.69 -22.30
CA GLY C 123 24.61 65.90 -22.93
C GLY C 123 25.62 66.46 -23.91
N PRO C 124 26.74 66.98 -23.39
CA PRO C 124 27.82 67.42 -24.27
C PRO C 124 28.78 66.29 -24.63
N ALA C 125 28.31 65.31 -25.40
CA ALA C 125 29.10 64.13 -25.66
C ALA C 125 30.23 64.40 -26.65
N TYR C 126 29.88 64.78 -27.89
CA TYR C 126 30.88 64.98 -28.93
C TYR C 126 31.14 66.47 -29.07
N TRP C 127 32.41 66.87 -28.95
CA TRP C 127 32.80 68.27 -29.00
C TRP C 127 33.49 68.59 -30.32
N GLY C 128 33.12 69.72 -30.91
CA GLY C 128 33.70 70.18 -32.17
C GLY C 128 34.48 71.46 -31.98
N GLN C 129 35.75 71.43 -32.42
CA GLN C 129 36.70 72.54 -32.39
C GLN C 129 36.38 73.62 -31.36
N GLY C 130 35.93 74.78 -31.83
CA GLY C 130 35.60 75.88 -30.96
C GLY C 130 35.79 77.24 -31.61
N THR C 131 35.00 78.23 -31.19
CA THR C 131 35.13 79.59 -31.69
C THR C 131 35.60 80.52 -30.58
N LEU C 132 36.66 81.28 -30.85
CA LEU C 132 37.13 82.30 -29.93
C LEU C 132 36.41 83.61 -30.26
N VAL C 133 35.56 84.07 -29.34
CA VAL C 133 34.84 85.32 -29.52
C VAL C 133 35.37 86.33 -28.51
N THR C 134 35.77 87.50 -29.01
CA THR C 134 36.37 88.54 -28.18
C THR C 134 35.49 89.78 -28.21
N VAL C 135 35.02 90.20 -27.04
CA VAL C 135 34.15 91.36 -26.91
C VAL C 135 34.91 92.51 -26.27
N SER C 136 35.39 93.44 -27.08
CA SER C 136 36.12 94.60 -26.60
C SER C 136 36.01 95.73 -27.62
N ALA C 137 36.26 96.95 -27.15
CA ALA C 137 36.18 98.14 -28.00
C ALA C 137 37.52 98.51 -28.61
N ALA C 138 38.57 97.73 -28.36
CA ALA C 138 39.88 98.02 -28.93
C ALA C 138 39.87 97.76 -30.43
N SER C 139 40.82 98.38 -31.13
CA SER C 139 40.93 98.26 -32.58
C SER C 139 42.27 97.65 -32.93
N THR C 140 42.37 97.20 -34.19
CA THR C 140 43.60 96.59 -34.67
C THR C 140 44.72 97.62 -34.72
N LYS C 141 45.76 97.40 -33.92
CA LYS C 141 46.89 98.32 -33.83
C LYS C 141 48.18 97.53 -34.02
N GLY C 142 49.11 98.11 -34.77
CA GLY C 142 50.39 97.49 -35.01
C GLY C 142 51.18 97.28 -33.74
N PRO C 143 51.83 96.12 -33.62
CA PRO C 143 52.61 95.83 -32.41
C PRO C 143 53.86 96.69 -32.32
N SER C 144 54.30 96.93 -31.09
CA SER C 144 55.55 97.61 -30.81
C SER C 144 56.55 96.59 -30.27
N VAL C 145 57.66 96.43 -30.99
CA VAL C 145 58.68 95.43 -30.66
C VAL C 145 59.89 96.14 -30.08
N PHE C 146 60.33 95.71 -28.90
CA PHE C 146 61.45 96.33 -28.21
C PHE C 146 62.45 95.24 -27.80
N PRO C 147 63.71 95.36 -28.16
CA PRO C 147 64.70 94.35 -27.75
C PRO C 147 64.87 94.32 -26.23
N LEU C 148 65.55 93.28 -25.76
CA LEU C 148 65.90 93.11 -24.35
C LEU C 148 67.34 92.58 -24.35
N ALA C 149 68.28 93.51 -24.25
CA ALA C 149 69.69 93.16 -24.39
C ALA C 149 70.18 92.39 -23.17
N PRO C 150 71.20 91.55 -23.33
CA PRO C 150 71.81 90.91 -22.15
C PRO C 150 72.41 91.95 -21.22
N SER C 151 72.32 91.70 -19.93
CA SER C 151 72.87 92.60 -18.94
C SER C 151 74.39 92.67 -19.08
N SER C 152 74.95 93.87 -18.88
CA SER C 152 76.39 94.07 -18.99
C SER C 152 77.14 93.32 -17.89
N GLY C 158 80.17 81.63 -18.91
CA GLY C 158 78.91 80.94 -18.67
C GLY C 158 77.91 81.12 -19.79
N THR C 159 76.65 81.29 -19.43
CA THR C 159 75.57 81.49 -20.40
C THR C 159 74.79 82.75 -20.04
N ALA C 160 74.64 83.64 -21.01
CA ALA C 160 73.82 84.84 -20.86
C ALA C 160 72.46 84.62 -21.52
N ALA C 161 71.66 85.67 -21.56
CA ALA C 161 70.34 85.58 -22.15
C ALA C 161 69.87 86.95 -22.64
N LEU C 162 69.01 86.94 -23.65
CA LEU C 162 68.43 88.15 -24.22
C LEU C 162 66.99 87.85 -24.62
N GLY C 163 66.34 88.82 -25.25
CA GLY C 163 64.98 88.59 -25.66
C GLY C 163 64.39 89.78 -26.40
N CYS C 164 63.07 89.74 -26.54
CA CYS C 164 62.28 90.82 -27.13
C CYS C 164 60.91 90.87 -26.48
N LEU C 165 60.30 92.06 -26.53
CA LEU C 165 58.98 92.32 -25.95
C LEU C 165 58.08 92.86 -27.05
N VAL C 166 56.87 92.31 -27.16
CA VAL C 166 55.84 92.83 -28.06
C VAL C 166 54.74 93.43 -27.21
N LYS C 167 54.48 94.72 -27.39
CA LYS C 167 53.53 95.43 -26.56
C LYS C 167 52.60 96.26 -27.43
N ASP C 168 51.38 96.48 -26.92
CA ASP C 168 50.39 97.35 -27.55
C ASP C 168 50.02 96.87 -28.95
N TYR C 169 49.48 95.65 -29.01
CA TYR C 169 48.93 95.10 -30.23
C TYR C 169 47.55 94.53 -29.96
N PHE C 170 46.72 94.45 -31.00
CA PHE C 170 45.40 93.86 -30.91
C PHE C 170 44.96 93.37 -32.27
N PRO C 171 44.42 92.14 -32.36
CA PRO C 171 44.32 91.13 -31.30
C PRO C 171 45.34 90.01 -31.44
N GLU C 172 45.22 88.98 -30.61
CA GLU C 172 46.06 87.79 -30.75
C GLU C 172 45.69 87.06 -32.05
N PRO C 173 46.59 86.21 -32.58
CA PRO C 173 47.94 85.88 -32.12
C PRO C 173 49.04 86.76 -32.72
N VAL C 174 50.25 86.61 -32.21
CA VAL C 174 51.45 87.19 -32.81
C VAL C 174 52.52 86.10 -32.88
N THR C 175 53.09 85.90 -34.06
CA THR C 175 54.12 84.89 -34.28
C THR C 175 55.48 85.51 -34.04
N VAL C 176 56.16 85.05 -32.98
CA VAL C 176 57.48 85.56 -32.62
C VAL C 176 58.48 84.42 -32.71
N SER C 177 59.54 84.61 -33.49
CA SER C 177 60.59 83.62 -33.64
C SER C 177 61.95 84.29 -33.58
N TRP C 178 63.02 83.52 -33.77
CA TRP C 178 64.38 84.05 -33.66
C TRP C 178 65.21 83.56 -34.83
N ASN C 179 65.85 84.50 -35.53
CA ASN C 179 66.68 84.21 -36.70
C ASN C 179 65.91 83.41 -37.74
N SER C 180 64.63 83.75 -37.88
CA SER C 180 63.72 83.07 -38.81
C SER C 180 63.73 81.56 -38.59
N GLY C 181 63.69 81.17 -37.32
CA GLY C 181 63.64 79.76 -36.97
C GLY C 181 64.97 79.06 -36.89
N ALA C 182 66.08 79.76 -37.14
CA ALA C 182 67.40 79.16 -37.02
C ALA C 182 67.87 79.06 -35.58
N LEU C 183 67.19 79.70 -34.64
CA LEU C 183 67.54 79.67 -33.22
C LEU C 183 66.33 79.09 -32.48
N THR C 184 66.48 77.89 -31.93
CA THR C 184 65.38 77.19 -31.28
C THR C 184 65.69 76.77 -29.86
N SER C 185 66.93 76.42 -29.56
CA SER C 185 67.27 75.97 -28.21
C SER C 185 67.20 77.13 -27.23
N GLY C 186 66.48 76.93 -26.13
CA GLY C 186 66.32 77.98 -25.15
C GLY C 186 65.37 79.08 -25.55
N VAL C 187 64.60 78.89 -26.61
CA VAL C 187 63.68 79.90 -27.12
C VAL C 187 62.31 79.68 -26.47
N HIS C 188 61.79 80.72 -25.83
CA HIS C 188 60.50 80.63 -25.14
C HIS C 188 59.70 81.88 -25.44
N THR C 189 58.60 81.71 -26.19
CA THR C 189 57.68 82.80 -26.50
C THR C 189 56.42 82.62 -25.64
N PHE C 190 56.21 83.54 -24.71
CA PHE C 190 55.16 83.38 -23.71
C PHE C 190 53.88 84.05 -24.21
N PRO C 191 52.71 83.46 -23.96
CA PRO C 191 51.46 84.06 -24.46
C PRO C 191 51.17 85.39 -23.81
N ALA C 192 50.52 86.28 -24.57
CA ALA C 192 50.25 87.63 -24.10
C ALA C 192 49.15 87.61 -23.05
N VAL C 193 49.13 88.66 -22.23
CA VAL C 193 48.12 88.85 -21.20
C VAL C 193 47.50 90.23 -21.38
N LEU C 194 46.24 90.35 -21.00
CA LEU C 194 45.47 91.57 -21.19
C LEU C 194 45.92 92.63 -20.19
N GLN C 195 46.14 93.85 -20.68
CA GLN C 195 46.43 94.99 -19.82
C GLN C 195 45.19 95.85 -19.65
N SER C 196 45.31 96.84 -18.76
CA SER C 196 44.19 97.75 -18.51
C SER C 196 43.80 98.56 -19.73
N SER C 197 44.77 98.87 -20.60
CA SER C 197 44.48 99.64 -21.80
C SER C 197 43.70 98.85 -22.86
N GLY C 198 43.56 97.55 -22.67
CA GLY C 198 42.90 96.70 -23.65
C GLY C 198 43.82 96.11 -24.70
N LEU C 199 45.11 96.44 -24.67
CA LEU C 199 46.08 95.92 -25.61
C LEU C 199 46.78 94.70 -25.01
N TYR C 200 47.71 94.12 -25.76
CA TYR C 200 48.32 92.85 -25.43
C TYR C 200 49.82 92.99 -25.32
N SER C 201 50.42 92.28 -24.38
CA SER C 201 51.87 92.32 -24.14
C SER C 201 52.40 90.91 -23.90
N LEU C 202 53.47 90.55 -24.61
CA LEU C 202 54.10 89.24 -24.51
C LEU C 202 55.61 89.41 -24.67
N SER C 203 56.34 88.34 -24.32
CA SER C 203 57.80 88.37 -24.38
C SER C 203 58.32 87.06 -24.94
N SER C 204 59.40 87.15 -25.73
CA SER C 204 60.09 85.98 -26.26
C SER C 204 61.56 86.07 -25.87
N VAL C 205 62.02 85.11 -25.08
CA VAL C 205 63.36 85.14 -24.51
C VAL C 205 64.17 83.98 -25.05
N VAL C 206 65.50 84.16 -25.03
CA VAL C 206 66.45 83.17 -25.53
C VAL C 206 67.65 83.15 -24.59
N THR C 207 68.17 81.95 -24.34
CA THR C 207 69.40 81.77 -23.60
C THR C 207 70.52 81.39 -24.56
N VAL C 208 71.63 82.12 -24.49
CA VAL C 208 72.76 81.95 -25.41
C VAL C 208 74.02 81.79 -24.59
N PRO C 209 75.10 81.21 -25.12
CA PRO C 209 76.36 81.20 -24.39
C PRO C 209 76.93 82.61 -24.22
N SER C 210 77.64 82.85 -23.11
CA SER C 210 78.18 84.18 -22.86
C SER C 210 79.24 84.57 -23.88
N SER C 211 79.88 83.58 -24.51
CA SER C 211 80.89 83.88 -25.52
C SER C 211 80.26 84.37 -26.82
N SER C 212 79.01 84.00 -27.08
CA SER C 212 78.33 84.32 -28.34
C SER C 212 77.93 85.79 -28.44
N LEU C 213 78.02 86.56 -27.35
CA LEU C 213 77.62 87.97 -27.42
C LEU C 213 78.49 88.75 -28.39
N GLY C 214 79.79 88.50 -28.39
CA GLY C 214 80.71 89.25 -29.23
C GLY C 214 80.56 88.99 -30.72
N THR C 215 80.34 87.74 -31.10
CA THR C 215 80.37 87.37 -32.52
C THR C 215 78.97 87.22 -33.11
N GLN C 216 78.15 86.35 -32.54
CA GLN C 216 76.89 85.96 -33.16
C GLN C 216 75.85 87.06 -33.05
N THR C 217 75.23 87.38 -34.18
CA THR C 217 74.12 88.33 -34.18
C THR C 217 72.81 87.61 -33.86
N TYR C 218 71.93 88.29 -33.15
CA TYR C 218 70.62 87.74 -32.78
C TYR C 218 69.53 88.72 -33.19
N ILE C 219 68.52 88.21 -33.89
CA ILE C 219 67.41 89.02 -34.37
C ILE C 219 66.10 88.29 -34.05
N CYS C 220 65.16 89.01 -33.46
CA CYS C 220 63.82 88.49 -33.21
C CYS C 220 62.86 88.98 -34.28
N ASN C 221 62.05 88.05 -34.80
CA ASN C 221 61.08 88.31 -35.85
C ASN C 221 59.69 88.27 -35.24
N VAL C 222 58.92 89.34 -35.46
CA VAL C 222 57.58 89.49 -34.90
C VAL C 222 56.63 89.74 -36.05
N ASN C 223 55.60 88.89 -36.17
CA ASN C 223 54.61 89.02 -37.23
C ASN C 223 53.22 89.08 -36.60
N HIS C 224 52.50 90.16 -36.89
CA HIS C 224 51.10 90.33 -36.47
C HIS C 224 50.25 90.39 -37.73
N LYS C 225 49.67 89.25 -38.10
CA LYS C 225 48.85 89.11 -39.29
C LYS C 225 47.61 90.00 -39.25
N PRO C 226 46.89 90.10 -38.12
CA PRO C 226 45.75 91.03 -38.09
C PRO C 226 46.12 92.46 -38.45
N SER C 227 47.28 92.94 -38.01
CA SER C 227 47.78 94.24 -38.42
C SER C 227 48.77 94.15 -39.58
N ASN C 228 49.13 92.94 -40.00
CA ASN C 228 50.08 92.71 -41.10
C ASN C 228 51.37 93.47 -40.88
N THR C 229 51.95 93.31 -39.68
CA THR C 229 53.17 94.00 -39.30
C THR C 229 54.28 92.97 -39.17
N LYS C 230 55.41 93.23 -39.84
CA LYS C 230 56.57 92.34 -39.86
C LYS C 230 57.78 93.14 -39.36
N VAL C 231 58.21 92.88 -38.14
CA VAL C 231 59.25 93.65 -37.48
C VAL C 231 60.40 92.72 -37.11
N ASP C 232 61.60 93.05 -37.58
CA ASP C 232 62.81 92.30 -37.25
C ASP C 232 63.71 93.22 -36.44
N LYS C 233 63.93 92.86 -35.17
CA LYS C 233 64.74 93.67 -34.27
C LYS C 233 65.99 92.92 -33.86
N LYS C 234 67.15 93.56 -34.04
CA LYS C 234 68.43 92.99 -33.64
C LYS C 234 68.71 93.32 -32.18
N VAL C 235 68.99 92.31 -31.38
CA VAL C 235 69.31 92.49 -29.97
C VAL C 235 70.83 92.52 -29.83
N GLU C 236 71.36 93.62 -29.30
CA GLU C 236 72.80 93.75 -29.13
C GLU C 236 73.13 94.14 -27.69
N PRO C 237 74.24 93.61 -27.14
CA PRO C 237 74.65 93.92 -25.77
C PRO C 237 75.40 95.25 -25.66
N ALA D 27 -17.30 9.11 -63.91
CA ALA D 27 -16.46 8.00 -64.34
C ALA D 27 -15.91 7.24 -63.14
N TYR D 28 -16.43 6.03 -62.93
CA TYR D 28 -16.04 5.22 -61.78
C TYR D 28 -15.56 3.86 -62.28
N THR D 29 -14.50 3.36 -61.66
CA THR D 29 -13.86 2.11 -62.08
C THR D 29 -13.83 1.13 -60.91
N ASN D 30 -13.96 -0.15 -61.22
CA ASN D 30 -14.01 -1.22 -60.22
C ASN D 30 -12.61 -1.66 -59.87
N SER D 31 -12.14 -1.30 -58.67
CA SER D 31 -10.87 -1.78 -58.14
C SER D 31 -11.08 -3.21 -57.68
N PHE D 32 -10.83 -4.16 -58.56
CA PHE D 32 -11.20 -5.55 -58.31
C PHE D 32 -10.44 -6.11 -57.12
N THR D 33 -9.13 -6.25 -57.24
CA THR D 33 -8.32 -6.87 -56.20
C THR D 33 -7.06 -6.04 -55.96
N ARG D 34 -7.23 -4.73 -55.80
CA ARG D 34 -6.12 -3.82 -55.57
C ARG D 34 -6.26 -3.21 -54.18
N GLY D 35 -5.25 -2.42 -53.80
CA GLY D 35 -5.25 -1.73 -52.54
C GLY D 35 -4.64 -2.49 -51.37
N VAL D 36 -4.25 -3.73 -51.57
CA VAL D 36 -3.65 -4.52 -50.49
C VAL D 36 -2.18 -4.16 -50.36
N TYR D 37 -1.71 -4.07 -49.12
CA TYR D 37 -0.33 -3.72 -48.83
C TYR D 37 0.16 -4.55 -47.66
N TYR D 38 1.43 -4.39 -47.32
CA TYR D 38 1.98 -5.08 -46.16
C TYR D 38 1.68 -4.27 -44.91
N PRO D 39 0.87 -4.80 -43.99
CA PRO D 39 0.51 -4.02 -42.80
C PRO D 39 1.68 -3.83 -41.84
N ASP D 40 2.41 -4.91 -41.53
CA ASP D 40 3.48 -4.86 -40.55
C ASP D 40 4.74 -5.48 -41.14
N LYS D 41 5.84 -5.34 -40.40
CA LYS D 41 7.12 -5.83 -40.88
C LYS D 41 7.20 -7.36 -40.82
N VAL D 42 6.44 -7.98 -39.92
CA VAL D 42 6.54 -9.39 -39.56
C VAL D 42 6.70 -10.31 -40.77
N PHE D 43 7.67 -11.22 -40.70
CA PHE D 43 7.82 -12.25 -41.72
C PHE D 43 6.84 -13.39 -41.46
N ARG D 44 6.22 -13.87 -42.53
CA ARG D 44 5.37 -15.04 -42.48
C ARG D 44 5.59 -15.86 -43.74
N SER D 45 5.76 -17.17 -43.56
CA SER D 45 6.12 -18.07 -44.64
C SER D 45 5.01 -19.10 -44.83
N SER D 46 4.27 -18.96 -45.94
CA SER D 46 3.24 -19.92 -46.33
C SER D 46 2.21 -20.13 -45.22
N VAL D 47 1.76 -19.03 -44.62
CA VAL D 47 0.73 -19.08 -43.60
C VAL D 47 -0.37 -18.08 -43.96
N LEU D 48 -1.52 -18.25 -43.34
CA LEU D 48 -2.67 -17.39 -43.57
C LEU D 48 -2.91 -16.58 -42.31
N HIS D 49 -2.68 -15.27 -42.40
CA HIS D 49 -2.73 -14.38 -41.23
C HIS D 49 -3.80 -13.33 -41.47
N SER D 50 -4.72 -13.22 -40.51
CA SER D 50 -5.76 -12.21 -40.59
C SER D 50 -5.29 -10.91 -39.96
N THR D 51 -5.88 -9.79 -40.40
CA THR D 51 -5.57 -8.49 -39.84
C THR D 51 -6.76 -7.56 -40.09
N GLN D 52 -6.84 -6.52 -39.26
CA GLN D 52 -7.93 -5.55 -39.33
C GLN D 52 -7.35 -4.16 -39.52
N ASP D 53 -7.22 -3.74 -40.77
CA ASP D 53 -6.50 -2.50 -41.07
C ASP D 53 -7.33 -1.68 -42.04
N LEU D 54 -6.79 -0.51 -42.42
CA LEU D 54 -7.43 0.39 -43.35
C LEU D 54 -7.14 -0.10 -44.78
N PHE D 55 -7.97 -1.05 -45.22
CA PHE D 55 -7.81 -1.69 -46.51
C PHE D 55 -8.84 -1.15 -47.49
N LEU D 56 -8.48 -1.13 -48.76
CA LEU D 56 -9.44 -0.80 -49.80
C LEU D 56 -10.37 -1.99 -50.02
N PRO D 57 -11.68 -1.83 -49.80
CA PRO D 57 -12.59 -2.96 -49.99
C PRO D 57 -12.58 -3.45 -51.43
N PHE D 58 -12.68 -4.76 -51.59
CA PHE D 58 -12.61 -5.37 -52.90
C PHE D 58 -13.83 -5.01 -53.74
N PHE D 59 -13.59 -4.85 -55.04
CA PHE D 59 -14.64 -4.57 -56.02
C PHE D 59 -15.43 -3.32 -55.65
N SER D 60 -14.70 -2.26 -55.33
CA SER D 60 -15.28 -0.97 -55.00
C SER D 60 -15.05 0.02 -56.14
N ASN D 61 -15.97 0.97 -56.27
CA ASN D 61 -15.84 1.97 -57.32
C ASN D 61 -14.97 3.14 -56.87
N VAL D 62 -14.03 3.50 -57.73
CA VAL D 62 -13.07 4.57 -57.47
C VAL D 62 -13.26 5.65 -58.53
N THR D 63 -13.01 6.89 -58.15
CA THR D 63 -13.22 8.01 -59.07
C THR D 63 -12.08 8.08 -60.07
N TRP D 64 -12.43 8.14 -61.35
CA TRP D 64 -11.46 8.13 -62.43
C TRP D 64 -11.37 9.53 -63.03
N PHE D 65 -10.17 10.13 -62.98
CA PHE D 65 -9.94 11.46 -63.52
C PHE D 65 -8.96 11.33 -64.68
N HIS D 66 -9.41 11.70 -65.87
CA HIS D 66 -8.61 11.59 -67.09
C HIS D 66 -8.15 12.97 -67.53
N ALA D 67 -6.86 13.11 -67.78
CA ALA D 67 -6.29 14.38 -68.21
C ALA D 67 -5.97 14.36 -69.70
N PHE D 79 -7.22 18.49 -68.31
CA PHE D 79 -6.83 18.90 -66.96
C PHE D 79 -7.95 18.61 -65.98
N ASP D 80 -7.63 17.95 -64.87
CA ASP D 80 -8.62 17.78 -63.82
C ASP D 80 -8.21 18.48 -62.52
N ASN D 81 -7.07 18.05 -61.97
CA ASN D 81 -6.44 18.55 -60.74
C ASN D 81 -7.42 19.11 -59.71
N PRO D 82 -8.43 18.37 -59.27
CA PRO D 82 -9.38 18.92 -58.30
C PRO D 82 -8.99 18.61 -56.88
N VAL D 83 -9.41 19.50 -55.96
CA VAL D 83 -9.24 19.23 -54.55
C VAL D 83 -10.14 18.07 -54.13
N LEU D 84 -9.59 17.14 -53.37
CA LEU D 84 -10.35 15.96 -52.97
C LEU D 84 -10.23 15.74 -51.47
N PRO D 85 -11.28 15.23 -50.82
CA PRO D 85 -11.17 14.89 -49.40
C PRO D 85 -10.25 13.68 -49.21
N PHE D 86 -9.62 13.63 -48.04
CA PHE D 86 -8.71 12.54 -47.71
C PHE D 86 -9.43 11.36 -47.07
N ASN D 87 -10.19 11.63 -46.01
CA ASN D 87 -11.01 10.64 -45.33
C ASN D 87 -10.19 9.44 -44.85
N ASP D 88 -9.04 9.74 -44.26
CA ASP D 88 -8.24 8.73 -43.55
C ASP D 88 -7.82 7.58 -44.46
N GLY D 89 -6.99 7.88 -45.45
CA GLY D 89 -6.44 6.85 -46.32
C GLY D 89 -6.89 7.00 -47.76
N VAL D 90 -5.94 7.08 -48.69
CA VAL D 90 -6.24 7.29 -50.10
C VAL D 90 -5.42 6.32 -50.94
N TYR D 91 -6.08 5.64 -51.87
CA TYR D 91 -5.41 4.76 -52.83
C TYR D 91 -5.35 5.50 -54.17
N PHE D 92 -4.14 5.83 -54.60
CA PHE D 92 -3.93 6.61 -55.80
C PHE D 92 -3.20 5.76 -56.84
N ALA D 93 -3.84 5.55 -57.99
CA ALA D 93 -3.24 4.80 -59.09
C ALA D 93 -3.03 5.73 -60.27
N SER D 94 -1.90 5.58 -60.95
CA SER D 94 -1.58 6.48 -62.05
C SER D 94 -0.93 5.69 -63.17
N THR D 95 -1.43 5.86 -64.39
CA THR D 95 -0.88 5.17 -65.56
C THR D 95 -0.12 6.15 -66.45
N SER D 98 3.36 8.36 -69.91
CA SER D 98 4.25 9.51 -69.81
C SER D 98 4.41 9.94 -68.36
N ASN D 99 5.33 10.89 -68.13
CA ASN D 99 5.61 11.38 -66.78
C ASN D 99 4.79 12.62 -66.44
N ILE D 100 3.60 12.77 -67.04
CA ILE D 100 2.74 13.90 -66.71
C ILE D 100 2.30 13.82 -65.25
N ILE D 101 2.10 12.60 -64.75
CA ILE D 101 1.77 12.42 -63.34
C ILE D 101 2.92 12.90 -62.47
N ARG D 102 2.59 13.63 -61.40
CA ARG D 102 3.60 14.25 -60.56
C ARG D 102 3.15 14.30 -59.10
N GLY D 103 3.80 15.15 -58.30
CA GLY D 103 3.62 15.15 -56.87
C GLY D 103 2.21 15.49 -56.41
N TRP D 104 2.07 15.63 -55.09
CA TRP D 104 0.76 15.74 -54.46
C TRP D 104 0.80 16.74 -53.31
N ILE D 105 -0.38 17.19 -52.92
CA ILE D 105 -0.56 18.16 -51.84
C ILE D 105 -1.56 17.59 -50.86
N PHE D 106 -1.21 17.62 -49.58
CA PHE D 106 -2.10 17.20 -48.50
C PHE D 106 -2.25 18.39 -47.55
N GLY D 107 -3.48 18.67 -47.13
CA GLY D 107 -3.64 19.80 -46.23
C GLY D 107 -5.02 19.87 -45.62
N THR D 108 -5.06 20.43 -44.40
CA THR D 108 -6.34 20.68 -43.75
C THR D 108 -7.03 21.91 -44.34
N THR D 109 -6.25 22.94 -44.67
CA THR D 109 -6.80 24.17 -45.23
C THR D 109 -6.15 24.59 -46.54
N LEU D 110 -4.98 24.04 -46.87
CA LEU D 110 -4.26 24.37 -48.10
C LEU D 110 -3.93 25.87 -48.17
N ASP D 111 -3.72 26.49 -47.01
CA ASP D 111 -3.37 27.89 -46.90
C ASP D 111 -2.27 28.04 -45.86
N SER D 112 -1.53 29.16 -45.95
CA SER D 112 -0.39 29.38 -45.06
C SER D 112 -0.81 29.54 -43.61
N LYS D 113 -2.11 29.72 -43.34
CA LYS D 113 -2.57 29.79 -41.96
C LYS D 113 -2.27 28.50 -41.22
N THR D 114 -2.26 27.37 -41.92
CA THR D 114 -1.94 26.07 -41.36
C THR D 114 -0.82 25.42 -42.16
N GLN D 115 -0.22 24.38 -41.58
CA GLN D 115 0.84 23.66 -42.27
C GLN D 115 0.25 22.60 -43.20
N SER D 116 0.87 22.45 -44.38
CA SER D 116 0.41 21.51 -45.39
C SER D 116 1.60 20.74 -45.94
N LEU D 117 1.39 19.46 -46.22
CA LEU D 117 2.45 18.62 -46.76
C LEU D 117 2.47 18.71 -48.28
N LEU D 118 3.67 18.80 -48.83
CA LEU D 118 3.90 19.03 -50.25
C LEU D 118 4.93 18.02 -50.74
N ILE D 119 4.63 17.33 -51.84
CA ILE D 119 5.55 16.39 -52.47
C ILE D 119 5.70 16.80 -53.93
N VAL D 120 6.90 17.19 -54.32
CA VAL D 120 7.18 17.60 -55.69
C VAL D 120 8.30 16.75 -56.27
N ASN D 121 8.01 16.09 -57.39
CA ASN D 121 8.98 15.33 -58.17
C ASN D 121 9.39 16.08 -59.43
N ASN D 122 10.24 17.12 -59.33
CA ASN D 122 10.51 17.92 -60.53
C ASN D 122 11.56 17.24 -61.42
N ALA D 123 12.49 16.49 -60.81
CA ALA D 123 13.58 15.83 -61.51
C ALA D 123 13.78 14.46 -60.91
N THR D 124 14.97 13.86 -61.12
CA THR D 124 15.25 12.52 -60.63
C THR D 124 15.33 12.44 -59.11
N ASN D 125 14.98 13.53 -58.42
CA ASN D 125 14.89 13.56 -56.96
C ASN D 125 13.56 14.19 -56.58
N VAL D 126 13.08 13.83 -55.39
CA VAL D 126 11.78 14.28 -54.90
C VAL D 126 11.98 15.11 -53.64
N VAL D 127 11.06 16.03 -53.38
CA VAL D 127 11.11 16.89 -52.20
C VAL D 127 9.80 16.77 -51.44
N ILE D 128 9.91 16.57 -50.13
CA ILE D 128 8.78 16.55 -49.21
C ILE D 128 8.97 17.68 -48.21
N LYS D 129 7.93 18.50 -48.05
CA LYS D 129 8.00 19.64 -47.14
C LYS D 129 6.69 19.73 -46.36
N VAL D 130 6.75 20.38 -45.20
CA VAL D 130 5.56 20.58 -44.39
C VAL D 130 5.45 22.07 -44.04
N CYS D 131 6.03 22.91 -44.87
CA CYS D 131 5.99 24.35 -44.64
C CYS D 131 4.56 24.86 -44.75
N GLU D 132 4.31 26.04 -44.18
CA GLU D 132 3.03 26.71 -44.39
C GLU D 132 3.06 27.37 -45.77
N PHE D 133 2.17 26.91 -46.65
CA PHE D 133 2.21 27.26 -48.06
C PHE D 133 0.95 28.02 -48.45
N GLN D 134 1.13 29.09 -49.23
CA GLN D 134 0.02 29.63 -49.99
C GLN D 134 -0.02 28.99 -51.37
N PHE D 135 -1.19 28.46 -51.74
CA PHE D 135 -1.33 27.66 -52.95
C PHE D 135 -2.11 28.42 -54.01
N CYS D 136 -1.86 28.04 -55.26
CA CYS D 136 -2.62 28.54 -56.40
C CYS D 136 -3.88 27.70 -56.57
N ASN D 137 -4.92 28.32 -57.12
CA ASN D 137 -6.18 27.61 -57.34
C ASN D 137 -5.99 26.46 -58.33
N ASP D 138 -5.15 26.66 -59.34
CA ASP D 138 -4.84 25.61 -60.31
C ASP D 138 -3.34 25.34 -60.30
N PRO D 139 -2.86 24.40 -59.48
CA PRO D 139 -1.42 24.11 -59.49
C PRO D 139 -0.99 23.39 -60.75
N PHE D 140 0.18 23.75 -61.28
CA PHE D 140 0.66 23.19 -62.54
C PHE D 140 2.18 23.12 -62.53
N LEU D 141 2.72 22.29 -63.41
CA LEU D 141 4.15 22.13 -63.56
C LEU D 141 4.58 22.26 -65.01
N PHE D 157 4.88 25.76 -63.16
CA PHE D 157 5.88 25.58 -62.11
C PHE D 157 5.48 26.33 -60.84
N ARG D 158 4.42 27.12 -60.95
CA ARG D 158 3.93 27.92 -59.82
C ARG D 158 2.96 27.10 -58.97
N VAL D 159 3.53 26.08 -58.32
CA VAL D 159 2.73 25.20 -57.47
C VAL D 159 2.17 25.97 -56.28
N TYR D 160 3.00 26.78 -55.64
CA TYR D 160 2.63 27.50 -54.43
C TYR D 160 3.01 28.96 -54.57
N SER D 161 2.27 29.81 -53.85
CA SER D 161 2.55 31.24 -53.90
C SER D 161 3.74 31.60 -53.03
N SER D 162 3.72 31.19 -51.77
CA SER D 162 4.78 31.52 -50.82
C SER D 162 4.90 30.42 -49.79
N ALA D 163 6.05 30.37 -49.13
CA ALA D 163 6.33 29.37 -48.09
C ALA D 163 6.88 30.07 -46.87
N ASN D 164 6.42 29.65 -45.69
CA ASN D 164 6.87 30.26 -44.45
C ASN D 164 6.62 29.30 -43.29
N ASN D 165 7.37 29.50 -42.20
CA ASN D 165 7.28 28.65 -41.01
C ASN D 165 7.53 27.18 -41.33
N CYS D 166 8.62 26.91 -42.04
CA CYS D 166 8.97 25.54 -42.38
C CYS D 166 9.33 24.75 -41.13
N THR D 167 8.98 23.45 -41.14
CA THR D 167 9.22 22.57 -40.01
C THR D 167 10.05 21.34 -40.36
N PHE D 168 9.86 20.76 -41.55
CA PHE D 168 10.54 19.53 -41.91
C PHE D 168 10.70 19.46 -43.43
N GLU D 169 11.94 19.38 -43.89
CA GLU D 169 12.28 19.24 -45.29
C GLU D 169 12.97 17.89 -45.50
N TYR D 170 12.72 17.27 -46.65
CA TYR D 170 13.19 15.91 -46.86
C TYR D 170 13.42 15.67 -48.34
N VAL D 171 14.59 15.10 -48.65
CA VAL D 171 14.94 14.72 -50.02
C VAL D 171 15.46 13.29 -49.97
N SER D 172 14.98 12.46 -50.88
CA SER D 172 15.36 11.05 -50.89
C SER D 172 15.35 10.55 -52.33
N GLN D 173 15.36 9.23 -52.50
CA GLN D 173 15.35 8.62 -53.81
C GLN D 173 13.99 8.83 -54.49
N PRO D 174 13.95 8.82 -55.82
CA PRO D 174 12.67 9.00 -56.51
C PRO D 174 11.70 7.89 -56.19
N PHE D 175 10.41 8.26 -56.13
CA PHE D 175 9.38 7.30 -55.77
C PHE D 175 9.19 6.24 -56.83
N LEU D 176 9.30 6.62 -58.11
CA LEU D 176 9.15 5.70 -59.23
C LEU D 176 7.82 4.95 -59.19
N LYS D 187 1.01 1.66 -70.34
CA LYS D 187 2.45 1.86 -70.33
C LYS D 187 3.07 1.30 -69.05
N ASN D 188 2.93 2.05 -67.95
CA ASN D 188 3.41 1.62 -66.66
C ASN D 188 2.51 2.20 -65.58
N LEU D 189 2.16 1.41 -64.59
CA LEU D 189 1.22 1.78 -63.55
C LEU D 189 1.96 1.96 -62.23
N ARG D 190 1.66 3.02 -61.51
CA ARG D 190 2.16 3.23 -60.16
C ARG D 190 0.99 3.29 -59.19
N GLU D 191 1.06 2.47 -58.14
CA GLU D 191 0.02 2.41 -57.12
C GLU D 191 0.60 2.88 -55.79
N PHE D 192 -0.09 3.83 -55.16
CA PHE D 192 0.34 4.40 -53.89
C PHE D 192 -0.81 4.33 -52.90
N VAL D 193 -0.48 4.10 -51.64
CA VAL D 193 -1.45 4.13 -50.55
C VAL D 193 -0.91 5.13 -49.54
N PHE D 194 -1.67 6.20 -49.30
CA PHE D 194 -1.29 7.23 -48.35
C PHE D 194 -2.16 7.09 -47.12
N LYS D 195 -1.54 6.94 -45.95
CA LYS D 195 -2.27 6.77 -44.71
C LYS D 195 -1.63 7.61 -43.61
N ASN D 196 -2.42 8.50 -43.01
CA ASN D 196 -1.96 9.34 -41.91
C ASN D 196 -2.53 8.78 -40.63
N ILE D 197 -1.76 7.92 -39.96
CA ILE D 197 -2.23 7.18 -38.80
C ILE D 197 -1.26 7.37 -37.65
N ASP D 198 -1.79 7.62 -36.46
CA ASP D 198 -1.00 7.72 -35.23
C ASP D 198 0.09 8.78 -35.33
N GLY D 199 -0.18 9.85 -36.08
CA GLY D 199 0.75 10.94 -36.25
C GLY D 199 1.80 10.70 -37.31
N TYR D 200 1.85 9.52 -37.89
CA TYR D 200 2.82 9.18 -38.93
C TYR D 200 2.12 9.12 -40.28
N PHE D 201 2.71 9.76 -41.28
CA PHE D 201 2.21 9.73 -42.64
C PHE D 201 3.02 8.71 -43.43
N LYS D 202 2.36 7.62 -43.84
CA LYS D 202 3.02 6.47 -44.44
C LYS D 202 2.58 6.33 -45.89
N ILE D 203 3.53 5.99 -46.76
CA ILE D 203 3.30 5.84 -48.18
C ILE D 203 3.73 4.43 -48.56
N TYR D 204 2.78 3.63 -49.03
CA TYR D 204 3.07 2.31 -49.58
C TYR D 204 3.04 2.39 -51.09
N SER D 205 4.03 1.78 -51.74
CA SER D 205 4.18 1.98 -53.17
C SER D 205 4.38 0.65 -53.88
N LYS D 206 3.97 0.63 -55.14
CA LYS D 206 4.24 -0.50 -56.02
C LYS D 206 4.16 -0.10 -57.49
N HIS D 207 5.20 -0.40 -58.25
CA HIS D 207 5.22 -0.12 -59.68
C HIS D 207 5.01 -1.41 -60.44
N THR D 208 4.01 -1.43 -61.33
CA THR D 208 3.70 -2.59 -62.13
C THR D 208 3.66 -2.20 -63.60
N PRO D 209 4.54 -2.76 -64.43
CA PRO D 209 4.47 -2.49 -65.88
C PRO D 209 3.23 -3.13 -66.47
N ILE D 210 2.31 -2.31 -66.96
CA ILE D 210 1.03 -2.76 -67.45
C ILE D 210 0.93 -2.39 -68.93
N ASN D 211 0.39 -3.31 -69.73
CA ASN D 211 0.23 -3.05 -71.16
C ASN D 211 -1.17 -2.57 -71.49
N LEU D 212 -2.14 -2.82 -70.60
CA LEU D 212 -3.50 -2.37 -70.83
C LEU D 212 -3.55 -0.84 -70.86
N VAL D 213 -4.32 -0.32 -71.82
CA VAL D 213 -4.42 1.13 -72.02
C VAL D 213 -5.87 1.57 -72.01
N ARG D 214 -6.71 0.85 -71.27
CA ARG D 214 -8.14 1.15 -71.21
C ARG D 214 -8.58 1.65 -69.85
N ASP D 215 -8.32 0.89 -68.79
CA ASP D 215 -8.76 1.26 -67.45
C ASP D 215 -7.92 0.49 -66.45
N LEU D 216 -8.34 0.54 -65.18
CA LEU D 216 -7.62 -0.16 -64.13
C LEU D 216 -7.69 -1.67 -64.37
N PRO D 217 -6.58 -2.38 -64.36
CA PRO D 217 -6.60 -3.81 -64.69
C PRO D 217 -7.12 -4.66 -63.55
N GLN D 218 -7.18 -5.98 -63.77
CA GLN D 218 -7.64 -6.92 -62.77
C GLN D 218 -6.49 -7.87 -62.44
N GLY D 219 -5.89 -7.69 -61.27
CA GLY D 219 -4.79 -8.54 -60.86
C GLY D 219 -4.43 -8.27 -59.42
N PHE D 220 -3.53 -9.09 -58.90
CA PHE D 220 -3.07 -8.98 -57.52
C PHE D 220 -1.66 -8.39 -57.49
N SER D 221 -1.49 -7.33 -56.70
CA SER D 221 -0.19 -6.70 -56.49
C SER D 221 -0.17 -6.07 -55.11
N ALA D 222 0.87 -6.37 -54.34
CA ALA D 222 1.01 -5.83 -53.00
C ALA D 222 1.95 -4.63 -52.99
N LEU D 223 1.70 -3.71 -52.08
CA LEU D 223 2.42 -2.43 -52.02
C LEU D 223 3.35 -2.45 -50.83
N GLU D 224 4.66 -2.49 -51.11
CA GLU D 224 5.65 -2.45 -50.04
C GLU D 224 5.73 -1.04 -49.45
N PRO D 225 5.90 -0.92 -48.13
CA PRO D 225 6.10 0.41 -47.54
C PRO D 225 7.42 1.02 -47.99
N LEU D 226 7.45 2.35 -48.05
CA LEU D 226 8.65 3.10 -48.39
C LEU D 226 9.17 3.95 -47.25
N VAL D 227 8.35 4.84 -46.69
CA VAL D 227 8.81 5.76 -45.67
C VAL D 227 7.81 5.82 -44.52
N ASP D 228 8.25 6.37 -43.39
CA ASP D 228 7.44 6.53 -42.19
C ASP D 228 7.63 7.95 -41.67
N LEU D 229 7.48 8.92 -42.57
CA LEU D 229 7.84 10.30 -42.26
C LEU D 229 7.03 10.81 -41.08
N PRO D 230 7.70 11.31 -40.03
CA PRO D 230 6.96 11.91 -38.91
C PRO D 230 6.48 13.31 -39.26
N ILE D 231 5.18 13.47 -39.46
CA ILE D 231 4.63 14.75 -39.89
C ILE D 231 3.72 15.30 -38.81
N GLY D 232 2.80 14.47 -38.34
CA GLY D 232 1.93 14.89 -37.24
C GLY D 232 1.04 16.06 -37.55
N ILE D 233 0.48 16.09 -38.76
CA ILE D 233 -0.46 17.14 -39.17
C ILE D 233 -1.73 16.47 -39.67
N ASN D 234 -2.87 17.08 -39.37
CA ASN D 234 -4.15 16.52 -39.82
C ASN D 234 -4.33 16.75 -41.30
N ILE D 235 -4.87 15.74 -41.99
CA ILE D 235 -5.04 15.77 -43.44
C ILE D 235 -6.52 15.55 -43.74
N THR D 236 -7.16 16.53 -44.36
CA THR D 236 -8.55 16.41 -44.79
C THR D 236 -8.76 16.71 -46.26
N ARG D 237 -7.78 17.31 -46.94
CA ARG D 237 -7.91 17.69 -48.33
C ARG D 237 -6.70 17.20 -49.12
N PHE D 238 -6.97 16.72 -50.34
CA PHE D 238 -5.99 16.10 -51.21
C PHE D 238 -6.04 16.77 -52.57
N GLN D 239 -4.87 17.10 -53.12
CA GLN D 239 -4.76 17.68 -54.44
C GLN D 239 -3.65 16.99 -55.21
N THR D 240 -3.82 16.88 -56.52
CA THR D 240 -2.89 16.19 -57.39
C THR D 240 -2.23 17.19 -58.34
N LEU D 241 -0.90 17.23 -58.32
CA LEU D 241 -0.17 18.08 -59.26
C LEU D 241 0.13 17.32 -60.54
N LEU D 242 -0.10 17.97 -61.67
CA LEU D 242 0.11 17.38 -62.98
C LEU D 242 1.03 18.27 -63.79
N ALA D 243 1.78 17.66 -64.71
CA ALA D 243 2.71 18.40 -65.55
C ALA D 243 1.94 19.25 -66.56
N LEU D 244 2.13 20.56 -66.50
CA LEU D 244 1.44 21.46 -67.42
C LEU D 244 1.96 21.30 -68.83
N HIS D 245 1.05 21.35 -69.80
CA HIS D 245 1.41 21.23 -71.21
C HIS D 245 0.34 21.85 -72.10
N ALA D 263 -2.50 10.92 -69.91
CA ALA D 263 -2.43 10.26 -68.62
C ALA D 263 -3.74 10.38 -67.86
N ALA D 264 -3.97 9.47 -66.92
CA ALA D 264 -5.18 9.46 -66.11
C ALA D 264 -4.86 8.78 -64.79
N TYR D 265 -5.63 9.14 -63.76
CA TYR D 265 -5.40 8.61 -62.42
C TYR D 265 -6.71 8.26 -61.74
N TYR D 266 -6.64 7.29 -60.84
CA TYR D 266 -7.80 6.76 -60.14
C TYR D 266 -7.61 6.97 -58.64
N VAL D 267 -8.66 7.42 -57.96
CA VAL D 267 -8.62 7.73 -56.54
C VAL D 267 -9.68 6.91 -55.83
N GLY D 268 -9.27 6.19 -54.79
CA GLY D 268 -10.19 5.45 -53.97
C GLY D 268 -9.92 5.71 -52.50
N TYR D 269 -10.87 5.29 -51.67
CA TYR D 269 -10.80 5.56 -50.23
C TYR D 269 -10.73 4.26 -49.45
N LEU D 270 -9.86 4.24 -48.44
CA LEU D 270 -9.68 3.06 -47.60
C LEU D 270 -10.74 3.02 -46.51
N GLN D 271 -11.04 1.82 -46.05
CA GLN D 271 -12.01 1.58 -45.00
C GLN D 271 -11.45 0.60 -43.99
N PRO D 272 -11.89 0.67 -42.74
CA PRO D 272 -11.45 -0.33 -41.75
C PRO D 272 -12.05 -1.70 -42.03
N ARG D 273 -11.26 -2.61 -42.56
CA ARG D 273 -11.73 -3.92 -42.97
C ARG D 273 -10.74 -4.99 -42.49
N THR D 274 -11.26 -6.22 -42.41
CA THR D 274 -10.48 -7.38 -42.04
C THR D 274 -10.10 -8.15 -43.29
N PHE D 275 -8.81 -8.34 -43.51
CA PHE D 275 -8.29 -8.98 -44.71
C PHE D 275 -7.44 -10.18 -44.34
N LEU D 276 -7.91 -11.37 -44.69
CA LEU D 276 -7.05 -12.54 -44.59
C LEU D 276 -6.01 -12.51 -45.69
N LEU D 277 -4.76 -12.76 -45.33
CA LEU D 277 -3.63 -12.60 -46.23
C LEU D 277 -2.88 -13.91 -46.38
N LYS D 278 -2.79 -14.40 -47.60
CA LYS D 278 -2.04 -15.61 -47.92
C LYS D 278 -0.64 -15.21 -48.34
N TYR D 279 0.34 -15.55 -47.50
CA TYR D 279 1.75 -15.28 -47.75
C TYR D 279 2.34 -16.36 -48.66
N ASN D 280 3.67 -16.36 -48.77
CA ASN D 280 4.39 -17.29 -49.63
C ASN D 280 5.61 -17.80 -48.89
N GLU D 281 6.28 -18.79 -49.49
CA GLU D 281 7.56 -19.25 -48.95
C GLU D 281 8.58 -18.12 -48.97
N ASN D 282 8.56 -17.32 -50.03
CA ASN D 282 9.46 -16.16 -50.12
C ASN D 282 9.21 -15.17 -48.98
N GLY D 283 7.97 -15.09 -48.51
CA GLY D 283 7.57 -14.09 -47.55
C GLY D 283 6.66 -13.02 -48.11
N THR D 284 6.24 -13.12 -49.37
CA THR D 284 5.39 -12.12 -49.99
C THR D 284 3.92 -12.53 -49.89
N ILE D 285 3.05 -11.52 -49.82
CA ILE D 285 1.61 -11.77 -49.74
C ILE D 285 1.10 -12.08 -51.14
N THR D 286 0.97 -13.38 -51.45
CA THR D 286 0.56 -13.76 -52.79
C THR D 286 -0.94 -13.56 -53.00
N ASP D 287 -1.74 -13.66 -51.94
CA ASP D 287 -3.18 -13.58 -52.12
C ASP D 287 -3.82 -12.89 -50.92
N ALA D 288 -5.08 -12.49 -51.08
CA ALA D 288 -5.81 -11.87 -49.99
C ALA D 288 -7.30 -11.99 -50.25
N VAL D 289 -8.07 -11.95 -49.16
CA VAL D 289 -9.53 -11.93 -49.22
C VAL D 289 -10.06 -10.97 -48.16
N ASP D 290 -11.23 -10.38 -48.46
CA ASP D 290 -11.91 -9.49 -47.55
C ASP D 290 -13.04 -10.25 -46.87
N CYS D 291 -13.03 -10.28 -45.54
CA CYS D 291 -13.98 -11.09 -44.79
C CYS D 291 -15.42 -10.63 -44.94
N ALA D 292 -15.65 -9.33 -45.18
CA ALA D 292 -16.99 -8.78 -45.21
C ALA D 292 -17.50 -8.57 -46.63
N LEU D 293 -16.84 -9.15 -47.63
CA LEU D 293 -17.26 -8.99 -49.01
C LEU D 293 -18.46 -9.88 -49.33
N ASP D 294 -18.29 -11.18 -49.21
CA ASP D 294 -19.29 -12.17 -49.54
C ASP D 294 -19.35 -13.23 -48.45
N PRO D 295 -20.47 -13.95 -48.35
CA PRO D 295 -20.54 -15.05 -47.37
C PRO D 295 -19.45 -16.08 -47.54
N LEU D 296 -19.07 -16.39 -48.79
CA LEU D 296 -17.98 -17.33 -49.02
C LEU D 296 -16.67 -16.77 -48.48
N SER D 297 -16.43 -15.47 -48.67
CA SER D 297 -15.23 -14.87 -48.11
C SER D 297 -15.26 -14.88 -46.59
N GLU D 298 -16.45 -14.64 -46.01
CA GLU D 298 -16.58 -14.68 -44.56
C GLU D 298 -16.27 -16.07 -44.00
N THR D 299 -16.78 -17.12 -44.66
CA THR D 299 -16.49 -18.47 -44.18
C THR D 299 -15.06 -18.86 -44.47
N LYS D 300 -14.44 -18.26 -45.49
CA LYS D 300 -13.00 -18.44 -45.69
C LYS D 300 -12.22 -17.85 -44.52
N CYS D 301 -12.61 -16.66 -44.07
CA CYS D 301 -11.95 -16.04 -42.93
C CYS D 301 -12.16 -16.85 -41.66
N THR D 302 -13.38 -17.31 -41.41
CA THR D 302 -13.65 -18.08 -40.20
C THR D 302 -12.89 -19.40 -40.20
N LEU D 303 -12.86 -20.10 -41.33
CA LEU D 303 -12.12 -21.34 -41.43
C LEU D 303 -10.62 -21.14 -41.60
N LYS D 304 -10.18 -19.89 -41.78
CA LYS D 304 -8.77 -19.57 -41.97
C LYS D 304 -8.17 -20.36 -43.12
N SER D 305 -8.92 -20.48 -44.21
CA SER D 305 -8.45 -21.21 -45.38
C SER D 305 -9.10 -20.61 -46.62
N PHE D 306 -8.49 -20.87 -47.77
CA PHE D 306 -9.00 -20.40 -49.04
C PHE D 306 -9.86 -21.44 -49.76
N THR D 307 -10.01 -22.62 -49.19
CA THR D 307 -10.87 -23.67 -49.74
C THR D 307 -11.84 -24.15 -48.67
N VAL D 308 -13.12 -24.22 -49.02
CA VAL D 308 -14.13 -24.81 -48.17
C VAL D 308 -14.57 -26.12 -48.81
N GLU D 309 -15.06 -27.04 -47.97
CA GLU D 309 -15.33 -28.42 -48.41
C GLU D 309 -16.75 -28.84 -47.99
N LYS D 310 -17.73 -28.51 -48.85
CA LYS D 310 -19.06 -29.10 -48.85
C LYS D 310 -19.66 -29.28 -47.45
N GLY D 311 -19.93 -28.18 -46.77
CA GLY D 311 -20.53 -28.30 -45.44
C GLY D 311 -21.25 -27.02 -45.07
N ILE D 312 -21.81 -27.04 -43.86
CA ILE D 312 -22.45 -25.88 -43.26
C ILE D 312 -21.51 -25.30 -42.22
N TYR D 313 -21.27 -23.99 -42.29
CA TYR D 313 -20.36 -23.30 -41.39
C TYR D 313 -21.05 -22.08 -40.82
N GLN D 314 -21.05 -21.96 -39.50
CA GLN D 314 -21.54 -20.76 -38.85
C GLN D 314 -20.49 -19.66 -38.95
N THR D 315 -20.89 -18.48 -39.41
CA THR D 315 -19.95 -17.42 -39.70
C THR D 315 -20.10 -16.19 -38.82
N SER D 316 -21.32 -15.81 -38.46
CA SER D 316 -21.53 -14.58 -37.71
C SER D 316 -22.93 -14.61 -37.10
N ASN D 317 -23.35 -13.48 -36.55
CA ASN D 317 -24.66 -13.32 -35.97
C ASN D 317 -25.40 -12.19 -36.69
N PHE D 318 -26.68 -12.42 -36.95
CA PHE D 318 -27.57 -11.43 -37.55
C PHE D 318 -28.45 -10.84 -36.47
N ARG D 319 -28.46 -9.51 -36.37
CA ARG D 319 -29.27 -8.77 -35.43
C ARG D 319 -30.08 -7.73 -36.19
N VAL D 320 -31.39 -7.68 -35.92
CA VAL D 320 -32.22 -6.63 -36.52
C VAL D 320 -31.84 -5.30 -35.87
N GLN D 321 -31.16 -4.46 -36.63
CA GLN D 321 -30.67 -3.20 -36.08
C GLN D 321 -31.84 -2.30 -35.68
N PRO D 322 -31.72 -1.62 -34.54
CA PRO D 322 -32.82 -0.76 -34.09
C PRO D 322 -32.87 0.57 -34.84
N THR D 323 -34.07 1.07 -35.07
CA THR D 323 -34.27 2.37 -35.69
C THR D 323 -35.17 3.21 -34.79
N GLU D 324 -35.01 4.53 -34.87
CA GLU D 324 -35.69 5.48 -34.00
C GLU D 324 -35.31 5.27 -32.53
N SER D 325 -35.78 6.14 -31.66
CA SER D 325 -35.48 6.04 -30.24
C SER D 325 -36.64 6.60 -29.41
N ILE D 326 -37.48 5.71 -28.88
CA ILE D 326 -38.66 6.15 -28.12
C ILE D 326 -38.19 6.60 -26.75
N VAL D 327 -38.45 7.87 -26.43
CA VAL D 327 -38.01 8.47 -25.18
C VAL D 327 -39.18 9.20 -24.54
N ARG D 328 -39.77 8.61 -23.50
CA ARG D 328 -40.91 9.23 -22.81
C ARG D 328 -40.61 9.38 -21.32
N PHE D 329 -40.24 10.60 -20.96
CA PHE D 329 -39.98 10.91 -19.56
C PHE D 329 -41.20 11.56 -18.92
N PRO D 330 -41.88 10.88 -17.97
CA PRO D 330 -43.18 11.32 -17.44
C PRO D 330 -43.97 12.37 -18.21
N ASN D 331 -44.67 13.23 -17.46
CA ASN D 331 -45.49 14.27 -18.05
C ASN D 331 -45.35 15.63 -17.38
N ILE D 332 -44.75 15.70 -16.18
CA ILE D 332 -44.67 16.94 -15.44
C ILE D 332 -43.68 17.88 -16.13
N THR D 333 -43.92 19.19 -15.97
CA THR D 333 -43.04 20.21 -16.54
C THR D 333 -42.74 21.32 -15.55
N ASN D 334 -43.10 21.17 -14.28
CA ASN D 334 -42.77 22.16 -13.27
C ASN D 334 -41.26 22.16 -13.03
N LEU D 335 -40.66 23.35 -13.05
CA LEU D 335 -39.21 23.44 -12.93
C LEU D 335 -38.80 23.15 -11.48
N CYS D 336 -37.63 22.53 -11.33
CA CYS D 336 -37.18 22.05 -10.04
C CYS D 336 -36.36 23.11 -9.32
N PRO D 337 -36.62 23.33 -8.02
CA PRO D 337 -36.03 24.49 -7.35
C PRO D 337 -34.61 24.28 -6.85
N PHE D 338 -33.67 24.08 -7.77
CA PHE D 338 -32.26 24.08 -7.38
C PHE D 338 -31.77 25.48 -7.07
N GLY D 339 -32.36 26.49 -7.72
CA GLY D 339 -31.97 27.87 -7.45
C GLY D 339 -32.26 28.28 -6.02
N GLU D 340 -33.34 27.76 -5.44
CA GLU D 340 -33.64 28.06 -4.03
C GLU D 340 -32.56 27.52 -3.11
N VAL D 341 -32.12 26.28 -3.35
CA VAL D 341 -31.14 25.66 -2.47
C VAL D 341 -29.76 26.30 -2.65
N PHE D 342 -29.36 26.52 -3.91
CA PHE D 342 -27.99 26.94 -4.17
C PHE D 342 -27.78 28.42 -3.88
N ASN D 343 -28.86 29.21 -3.85
CA ASN D 343 -28.76 30.65 -3.66
C ASN D 343 -29.61 31.14 -2.50
N ALA D 344 -29.76 30.34 -1.45
CA ALA D 344 -30.47 30.79 -0.27
C ALA D 344 -29.67 31.87 0.44
N THR D 345 -30.39 32.82 1.04
CA THR D 345 -29.71 33.93 1.72
C THR D 345 -28.88 33.45 2.90
N ARG D 346 -29.42 32.51 3.67
CA ARG D 346 -28.75 31.99 4.86
C ARG D 346 -28.67 30.48 4.79
N PHE D 347 -27.46 29.94 4.84
CA PHE D 347 -27.27 28.51 5.04
C PHE D 347 -27.20 28.23 6.53
N ALA D 348 -26.89 26.99 6.90
CA ALA D 348 -26.88 26.61 8.30
C ALA D 348 -25.50 26.09 8.67
N SER D 349 -25.23 26.06 9.98
CA SER D 349 -23.98 25.52 10.48
C SER D 349 -23.85 24.06 10.08
N VAL D 350 -22.61 23.60 9.98
CA VAL D 350 -22.34 22.26 9.45
C VAL D 350 -22.94 21.18 10.36
N TYR D 351 -22.94 21.41 11.67
CA TYR D 351 -23.42 20.39 12.59
C TYR D 351 -24.92 20.16 12.40
N ALA D 352 -25.67 21.21 12.09
CA ALA D 352 -27.09 21.09 11.74
C ALA D 352 -27.23 21.46 10.27
N TRP D 353 -27.02 20.49 9.40
CA TRP D 353 -27.06 20.71 7.96
C TRP D 353 -28.50 20.72 7.47
N ASN D 354 -28.84 21.67 6.60
CA ASN D 354 -30.21 21.79 6.14
C ASN D 354 -30.48 20.80 5.01
N ARG D 355 -31.45 19.92 5.22
CA ARG D 355 -31.82 18.92 4.23
C ARG D 355 -33.09 19.36 3.53
N LYS D 356 -32.98 19.64 2.24
CA LYS D 356 -34.11 19.99 1.39
C LYS D 356 -34.45 18.79 0.51
N ARG D 357 -35.69 18.33 0.60
CA ARG D 357 -36.10 17.20 -0.21
C ARG D 357 -36.56 17.68 -1.58
N ILE D 358 -36.13 16.96 -2.62
CA ILE D 358 -36.43 17.30 -4.00
C ILE D 358 -37.05 16.08 -4.66
N SER D 359 -38.27 16.24 -5.16
CA SER D 359 -38.99 15.16 -5.82
C SER D 359 -40.12 15.77 -6.66
N ASN D 360 -40.60 14.96 -7.61
CA ASN D 360 -41.72 15.35 -8.47
C ASN D 360 -41.43 16.65 -9.20
N CYS D 361 -40.18 16.82 -9.63
CA CYS D 361 -39.76 18.03 -10.31
C CYS D 361 -38.99 17.70 -11.58
N VAL D 362 -38.84 18.67 -12.48
CA VAL D 362 -38.05 18.52 -13.69
C VAL D 362 -36.68 19.10 -13.41
N ALA D 363 -35.70 18.22 -13.18
CA ALA D 363 -34.37 18.62 -12.76
C ALA D 363 -33.52 18.92 -13.99
N ASP D 364 -32.99 20.15 -14.04
CA ASP D 364 -32.09 20.56 -15.10
C ASP D 364 -30.70 20.77 -14.51
N TYR D 365 -29.83 19.77 -14.67
CA TYR D 365 -28.49 19.82 -14.11
C TYR D 365 -27.48 20.54 -15.00
N SER D 366 -27.81 20.75 -16.27
CA SER D 366 -26.87 21.42 -17.16
C SER D 366 -26.58 22.84 -16.71
N VAL D 367 -27.56 23.47 -16.04
CA VAL D 367 -27.38 24.84 -15.57
C VAL D 367 -26.25 24.90 -14.55
N LEU D 368 -26.22 23.92 -13.64
CA LEU D 368 -25.17 23.89 -12.62
C LEU D 368 -23.80 23.66 -13.23
N TYR D 369 -23.69 22.68 -14.12
CA TYR D 369 -22.38 22.34 -14.71
C TYR D 369 -21.86 23.47 -15.59
N ASN D 370 -22.74 24.09 -16.39
CA ASN D 370 -22.31 25.16 -17.27
C ASN D 370 -21.75 26.33 -16.46
N SER D 371 -22.35 26.62 -15.30
CA SER D 371 -21.83 27.66 -14.43
C SER D 371 -20.45 27.27 -13.92
N ALA D 372 -19.52 28.23 -13.96
CA ALA D 372 -18.14 28.00 -13.56
C ALA D 372 -17.81 28.65 -12.23
N SER D 373 -18.81 28.98 -11.41
CA SER D 373 -18.56 29.59 -10.12
C SER D 373 -18.22 28.55 -9.05
N PHE D 374 -18.36 27.27 -9.34
CA PHE D 374 -18.11 26.22 -8.36
C PHE D 374 -16.66 25.77 -8.39
N SER D 375 -16.04 25.71 -7.22
CA SER D 375 -14.67 25.24 -7.09
C SER D 375 -14.54 23.74 -7.31
N THR D 376 -15.41 22.95 -6.69
CA THR D 376 -15.38 21.50 -6.83
C THR D 376 -16.76 21.00 -7.22
N PHE D 377 -16.79 20.06 -8.18
CA PHE D 377 -18.04 19.50 -8.67
C PHE D 377 -17.99 17.98 -8.61
N LYS D 378 -17.21 17.44 -7.67
CA LYS D 378 -16.94 16.01 -7.64
C LYS D 378 -18.23 15.21 -7.51
N CYS D 379 -18.34 14.15 -8.32
CA CYS D 379 -19.48 13.26 -8.29
C CYS D 379 -19.01 11.83 -8.12
N TYR D 380 -19.74 11.08 -7.29
CA TYR D 380 -19.40 9.69 -7.00
C TYR D 380 -20.52 8.79 -7.48
N GLY D 381 -20.17 7.82 -8.33
CA GLY D 381 -21.12 6.86 -8.83
C GLY D 381 -21.94 7.32 -10.01
N VAL D 382 -21.99 8.62 -10.29
CA VAL D 382 -22.75 9.14 -11.42
C VAL D 382 -21.86 10.09 -12.21
N SER D 383 -21.88 9.94 -13.53
CA SER D 383 -21.12 10.85 -14.37
C SER D 383 -21.70 12.25 -14.30
N PRO D 384 -20.86 13.27 -14.07
CA PRO D 384 -21.39 14.64 -14.01
C PRO D 384 -22.10 15.08 -15.28
N THR D 385 -21.59 14.66 -16.45
CA THR D 385 -22.17 15.12 -17.71
C THR D 385 -23.51 14.47 -17.99
N LYS D 386 -23.71 13.24 -17.54
CA LYS D 386 -24.91 12.48 -17.87
C LYS D 386 -26.05 12.68 -16.88
N LEU D 387 -25.89 13.60 -15.92
CA LEU D 387 -26.93 13.84 -14.94
C LEU D 387 -28.25 14.20 -15.60
N ASN D 388 -28.21 14.83 -16.77
CA ASN D 388 -29.44 15.26 -17.43
C ASN D 388 -30.23 14.08 -17.97
N ASP D 389 -29.56 12.94 -18.21
CA ASP D 389 -30.18 11.81 -18.86
C ASP D 389 -30.60 10.71 -17.89
N LEU D 390 -30.86 11.05 -16.63
CA LEU D 390 -31.17 10.08 -15.61
C LEU D 390 -32.44 10.46 -14.86
N CYS D 391 -33.09 9.45 -14.29
CA CYS D 391 -34.23 9.63 -13.40
C CYS D 391 -33.89 9.06 -12.03
N PHE D 392 -34.20 9.82 -10.99
CA PHE D 392 -33.87 9.46 -9.62
C PHE D 392 -35.16 9.32 -8.83
N THR D 393 -35.21 8.31 -7.97
CA THR D 393 -36.41 8.07 -7.17
C THR D 393 -36.68 9.24 -6.23
N ASN D 394 -35.64 9.75 -5.59
CA ASN D 394 -35.77 10.87 -4.67
C ASN D 394 -34.41 11.56 -4.56
N VAL D 395 -34.43 12.87 -4.36
CA VAL D 395 -33.20 13.66 -4.28
C VAL D 395 -33.17 14.36 -2.93
N TYR D 396 -31.98 14.39 -2.32
CA TYR D 396 -31.75 15.14 -1.10
C TYR D 396 -30.70 16.21 -1.37
N ALA D 397 -30.89 17.39 -0.78
CA ALA D 397 -29.92 18.46 -0.88
C ALA D 397 -29.53 18.89 0.53
N ASP D 398 -28.34 18.45 0.95
CA ASP D 398 -27.82 18.78 2.27
C ASP D 398 -26.88 19.97 2.13
N SER D 399 -27.31 21.12 2.63
CA SER D 399 -26.56 22.36 2.48
C SER D 399 -26.00 22.79 3.82
N PHE D 400 -24.76 23.28 3.80
CA PHE D 400 -24.12 23.80 5.00
C PHE D 400 -22.93 24.65 4.59
N VAL D 401 -22.22 25.17 5.60
CA VAL D 401 -21.04 26.00 5.42
C VAL D 401 -19.89 25.37 6.17
N ILE D 402 -18.74 25.25 5.53
CA ILE D 402 -17.58 24.57 6.09
C ILE D 402 -16.36 25.45 5.87
N ARG D 403 -15.29 25.16 6.60
CA ARG D 403 -14.03 25.84 6.33
C ARG D 403 -13.38 25.22 5.09
N GLY D 404 -12.66 26.06 4.33
CA GLY D 404 -12.17 25.62 3.03
C GLY D 404 -11.27 24.40 3.12
N ASP D 405 -10.30 24.43 4.05
CA ASP D 405 -9.35 23.32 4.15
C ASP D 405 -10.03 22.02 4.51
N GLU D 406 -11.27 22.08 5.00
CA GLU D 406 -12.01 20.88 5.38
C GLU D 406 -12.93 20.37 4.29
N VAL D 407 -13.01 21.05 3.13
CA VAL D 407 -13.91 20.62 2.07
C VAL D 407 -13.56 19.21 1.60
N ARG D 408 -12.29 18.82 1.71
CA ARG D 408 -11.88 17.48 1.32
C ARG D 408 -12.63 16.41 2.10
N GLN D 409 -13.01 16.71 3.35
CA GLN D 409 -13.65 15.70 4.18
C GLN D 409 -15.07 15.37 3.77
N ILE D 410 -15.65 16.15 2.85
CA ILE D 410 -16.98 15.83 2.34
C ILE D 410 -16.82 14.87 1.18
N ALA D 411 -16.66 13.58 1.50
CA ALA D 411 -16.38 12.55 0.52
C ALA D 411 -16.47 11.20 1.21
N PRO D 412 -16.81 10.14 0.48
CA PRO D 412 -16.87 8.81 1.10
C PRO D 412 -15.52 8.37 1.65
N GLY D 413 -15.55 7.75 2.81
CA GLY D 413 -14.34 7.18 3.40
C GLY D 413 -13.27 8.19 3.77
N GLN D 414 -13.65 9.28 4.42
CA GLN D 414 -12.70 10.30 4.86
C GLN D 414 -12.78 10.45 6.36
N THR D 415 -11.77 11.10 6.94
CA THR D 415 -11.68 11.29 8.39
C THR D 415 -11.31 12.74 8.70
N GLY D 416 -11.67 13.16 9.89
CA GLY D 416 -11.43 14.52 10.32
C GLY D 416 -12.53 14.96 11.27
N LYS D 417 -12.41 16.21 11.74
CA LYS D 417 -13.41 16.73 12.66
C LYS D 417 -14.81 16.73 12.04
N ILE D 418 -14.95 17.32 10.85
CA ILE D 418 -16.25 17.40 10.22
C ILE D 418 -16.79 16.01 9.89
N ALA D 419 -15.94 15.14 9.33
CA ALA D 419 -16.39 13.81 8.96
C ALA D 419 -16.72 12.96 10.18
N ASP D 420 -15.89 13.02 11.22
CA ASP D 420 -16.07 12.14 12.36
C ASP D 420 -17.22 12.61 13.27
N TYR D 421 -17.45 13.92 13.35
CA TYR D 421 -18.44 14.43 14.29
C TYR D 421 -19.59 15.20 13.67
N ASN D 422 -19.36 15.98 12.62
CA ASN D 422 -20.37 16.91 12.12
C ASN D 422 -21.20 16.29 11.00
N TYR D 423 -20.59 15.87 9.89
CA TYR D 423 -21.32 15.38 8.73
C TYR D 423 -20.57 14.21 8.13
N LYS D 424 -21.24 13.07 8.02
CA LYS D 424 -20.63 11.84 7.55
C LYS D 424 -21.33 11.36 6.28
N LEU D 425 -20.54 10.98 5.28
CA LEU D 425 -21.06 10.50 4.00
C LEU D 425 -20.94 8.99 3.92
N PRO D 426 -21.97 8.29 3.45
CA PRO D 426 -21.86 6.83 3.31
C PRO D 426 -20.83 6.44 2.27
N ASP D 427 -20.30 5.22 2.40
CA ASP D 427 -19.24 4.76 1.51
C ASP D 427 -19.71 4.70 0.06
N ASP D 428 -20.91 4.16 -0.17
CA ASP D 428 -21.42 4.07 -1.54
C ASP D 428 -21.73 5.44 -2.12
N PHE D 429 -22.67 6.17 -1.51
CA PHE D 429 -22.94 7.56 -1.84
C PHE D 429 -23.09 7.83 -3.33
N THR D 430 -24.16 7.34 -3.95
CA THR D 430 -24.45 7.64 -5.35
C THR D 430 -25.00 9.07 -5.43
N GLY D 431 -24.11 10.03 -5.61
CA GLY D 431 -24.51 11.42 -5.63
C GLY D 431 -23.35 12.32 -5.99
N CYS D 432 -23.55 13.62 -5.75
CA CYS D 432 -22.59 14.65 -6.10
C CYS D 432 -22.38 15.61 -4.92
N VAL D 433 -21.21 16.24 -4.91
CA VAL D 433 -20.86 17.23 -3.90
C VAL D 433 -20.49 18.53 -4.61
N ILE D 434 -21.04 19.65 -4.15
CA ILE D 434 -20.83 20.95 -4.76
C ILE D 434 -20.27 21.86 -3.69
N ALA D 435 -19.17 22.54 -4.00
CA ALA D 435 -18.58 23.47 -3.04
C ALA D 435 -18.11 24.72 -3.76
N TRP D 436 -18.50 25.88 -3.26
CA TRP D 436 -18.03 27.14 -3.82
C TRP D 436 -17.68 28.11 -2.70
N ASN D 437 -16.63 28.88 -2.94
CA ASN D 437 -16.21 29.88 -1.97
C ASN D 437 -17.28 30.96 -1.84
N SER D 438 -17.54 31.37 -0.60
CA SER D 438 -18.52 32.40 -0.29
C SER D 438 -17.95 33.40 0.69
N ASN D 439 -16.72 33.86 0.42
CA ASN D 439 -16.08 34.81 1.33
C ASN D 439 -16.82 36.14 1.34
N ASN D 440 -17.40 36.53 0.20
CA ASN D 440 -18.08 37.81 0.11
C ASN D 440 -19.32 37.86 1.01
N LEU D 441 -20.08 36.76 1.05
CA LEU D 441 -21.37 36.81 1.73
C LEU D 441 -21.25 36.41 3.20
N ASP D 442 -20.49 35.35 3.48
CA ASP D 442 -20.47 34.77 4.82
C ASP D 442 -19.34 35.30 5.70
N SER D 443 -18.57 36.27 5.24
CA SER D 443 -17.48 36.85 6.02
C SER D 443 -17.73 38.33 6.22
N LYS D 444 -17.64 38.79 7.46
CA LYS D 444 -17.78 40.19 7.81
C LYS D 444 -16.57 40.64 8.63
N VAL D 445 -16.23 41.92 8.53
CA VAL D 445 -15.15 42.49 9.31
C VAL D 445 -15.51 42.33 10.79
N GLY D 446 -14.49 42.13 11.63
CA GLY D 446 -14.75 41.75 13.00
C GLY D 446 -14.79 40.23 13.11
N GLY D 447 -15.99 39.65 13.04
CA GLY D 447 -16.11 38.21 13.06
C GLY D 447 -17.51 37.77 12.73
N ASN D 448 -17.62 36.70 11.95
CA ASN D 448 -18.89 36.05 11.67
C ASN D 448 -18.89 34.72 12.42
N TYR D 449 -19.40 34.74 13.64
CA TYR D 449 -19.35 33.59 14.53
C TYR D 449 -20.64 32.78 14.54
N ASN D 450 -21.55 33.04 13.61
CA ASN D 450 -22.82 32.33 13.60
C ASN D 450 -22.62 30.85 13.32
N TYR D 451 -21.73 30.51 12.39
CA TYR D 451 -21.54 29.12 11.99
C TYR D 451 -20.76 28.37 13.05
N LEU D 452 -21.25 27.18 13.41
CA LEU D 452 -20.67 26.36 14.47
C LEU D 452 -20.38 24.97 13.92
N TYR D 453 -19.36 24.33 14.50
CA TYR D 453 -19.07 22.94 14.17
C TYR D 453 -18.85 22.15 15.45
N ARG D 454 -19.29 20.90 15.44
CA ARG D 454 -19.25 20.05 16.62
C ARG D 454 -17.83 19.54 16.80
N LEU D 455 -17.11 20.12 17.76
CA LEU D 455 -15.73 19.72 18.01
C LEU D 455 -15.65 18.40 18.74
N PHE D 456 -16.53 18.16 19.71
CA PHE D 456 -16.45 17.00 20.58
C PHE D 456 -17.71 16.14 20.41
N ARG D 457 -17.49 14.83 20.27
CA ARG D 457 -18.58 13.87 20.31
C ARG D 457 -18.02 12.56 20.87
N LYS D 458 -18.88 11.79 21.55
CA LYS D 458 -18.42 10.59 22.23
C LYS D 458 -17.93 9.53 21.24
N SER D 459 -18.57 9.44 20.07
CA SER D 459 -18.18 8.47 19.06
C SER D 459 -18.57 8.99 17.68
N ASN D 460 -17.94 8.41 16.66
CA ASN D 460 -18.23 8.80 15.28
C ASN D 460 -19.68 8.49 14.94
N LEU D 461 -20.34 9.46 14.31
CA LEU D 461 -21.75 9.31 14.01
C LEU D 461 -21.95 8.52 12.71
N LYS D 462 -23.14 7.94 12.58
CA LYS D 462 -23.46 7.13 11.42
C LYS D 462 -23.66 8.02 10.20
N PRO D 463 -23.55 7.44 9.00
CA PRO D 463 -23.76 8.24 7.78
C PRO D 463 -25.14 8.89 7.75
N PHE D 464 -25.18 10.13 7.26
CA PHE D 464 -26.42 10.91 7.17
C PHE D 464 -27.12 11.04 8.51
N GLU D 465 -26.34 11.23 9.57
CA GLU D 465 -26.88 11.48 10.89
C GLU D 465 -26.70 12.94 11.26
N ARG D 466 -27.61 13.45 12.08
CA ARG D 466 -27.57 14.81 12.57
CA ARG D 466 -27.57 14.82 12.56
C ARG D 466 -27.59 14.80 14.08
N ASP D 467 -26.51 15.26 14.70
CA ASP D 467 -26.36 15.27 16.15
C ASP D 467 -26.28 16.72 16.61
N ILE D 468 -27.41 17.24 17.09
CA ILE D 468 -27.50 18.64 17.51
C ILE D 468 -27.52 18.77 19.03
N SER D 469 -27.09 17.74 19.75
CA SER D 469 -27.07 17.80 21.20
C SER D 469 -26.07 18.86 21.67
N THR D 470 -26.53 19.73 22.56
CA THR D 470 -25.70 20.79 23.13
C THR D 470 -25.23 20.46 24.54
N GLU D 471 -25.37 19.22 24.98
CA GLU D 471 -24.91 18.83 26.30
C GLU D 471 -23.39 18.95 26.40
N ILE D 472 -22.91 19.30 27.59
CA ILE D 472 -21.49 19.53 27.77
C ILE D 472 -20.75 18.20 27.76
N TYR D 473 -19.80 18.06 26.84
CA TYR D 473 -19.05 16.83 26.66
C TYR D 473 -18.00 16.68 27.75
N GLN D 474 -17.82 15.45 28.22
CA GLN D 474 -16.85 15.13 29.27
C GLN D 474 -15.55 14.70 28.62
N ALA D 475 -14.48 15.49 28.84
CA ALA D 475 -13.19 15.13 28.28
C ALA D 475 -12.47 14.12 29.16
N GLY D 476 -12.70 14.17 30.47
CA GLY D 476 -11.98 13.31 31.39
C GLY D 476 -12.83 12.22 32.02
N SER D 477 -12.66 11.99 33.32
CA SER D 477 -13.33 10.91 34.01
C SER D 477 -14.46 11.40 34.91
N THR D 478 -14.25 12.52 35.59
CA THR D 478 -15.22 12.99 36.57
C THR D 478 -16.50 13.45 35.88
N PRO D 479 -17.67 12.98 36.29
CA PRO D 479 -18.92 13.51 35.74
C PRO D 479 -19.25 14.87 36.34
N CYS D 480 -19.15 15.91 35.51
CA CYS D 480 -19.37 17.26 35.99
C CYS D 480 -20.85 17.61 36.01
N ASN D 481 -21.69 16.73 35.46
CA ASN D 481 -23.15 16.82 35.57
C ASN D 481 -23.73 18.08 34.93
N GLY D 482 -23.08 18.60 33.89
CA GLY D 482 -23.68 19.69 33.14
C GLY D 482 -23.11 21.07 33.39
N VAL D 483 -21.85 21.16 33.79
CA VAL D 483 -21.19 22.45 33.99
C VAL D 483 -19.91 22.46 33.16
N GLU D 484 -19.59 23.61 32.58
CA GLU D 484 -18.33 23.75 31.88
C GLU D 484 -17.20 23.86 32.88
N GLY D 485 -16.15 23.08 32.67
CA GLY D 485 -15.05 23.02 33.63
C GLY D 485 -13.76 22.59 32.98
N PHE D 486 -12.86 22.06 33.81
CA PHE D 486 -11.52 21.71 33.33
C PHE D 486 -11.58 20.60 32.28
N ASN D 487 -12.39 19.58 32.51
CA ASN D 487 -12.51 18.46 31.58
C ASN D 487 -13.93 18.36 31.02
N CYS D 488 -14.69 19.44 31.08
CA CYS D 488 -16.01 19.54 30.46
C CYS D 488 -16.02 20.77 29.57
N TYR D 489 -16.30 20.58 28.29
CA TYR D 489 -16.29 21.66 27.32
C TYR D 489 -17.59 21.66 26.52
N PHE D 490 -17.95 22.82 25.99
CA PHE D 490 -19.09 22.92 25.11
C PHE D 490 -18.71 22.36 23.74
N PRO D 491 -19.44 21.36 23.24
CA PRO D 491 -18.98 20.67 22.02
C PRO D 491 -18.87 21.56 20.79
N LEU D 492 -19.76 22.53 20.64
CA LEU D 492 -19.79 23.34 19.44
C LEU D 492 -18.79 24.49 19.54
N GLN D 493 -18.08 24.75 18.45
CA GLN D 493 -17.07 25.79 18.38
C GLN D 493 -17.29 26.62 17.12
N SER D 494 -17.04 27.92 17.24
CA SER D 494 -17.23 28.84 16.13
C SER D 494 -16.06 28.76 15.15
N TYR D 495 -16.38 28.90 13.86
CA TYR D 495 -15.34 29.01 12.84
C TYR D 495 -14.54 30.31 12.96
N GLY D 496 -15.20 31.42 13.25
CA GLY D 496 -14.48 32.68 13.29
C GLY D 496 -14.06 33.10 11.92
N PHE D 497 -15.00 33.61 11.14
CA PHE D 497 -14.72 34.02 9.78
C PHE D 497 -14.43 35.52 9.72
N GLN D 498 -13.34 35.88 9.08
CA GLN D 498 -13.00 37.29 8.93
C GLN D 498 -12.67 37.40 7.47
N PRO D 499 -12.92 38.55 6.87
CA PRO D 499 -12.70 38.61 5.42
C PRO D 499 -11.25 38.39 5.09
N THR D 500 -10.37 38.93 5.90
CA THR D 500 -8.95 38.80 5.65
C THR D 500 -8.36 37.51 6.19
N ASN D 501 -8.73 36.38 5.61
CA ASN D 501 -8.22 35.11 6.07
C ASN D 501 -7.60 34.39 4.90
N GLY D 502 -6.71 33.45 5.18
CA GLY D 502 -6.07 32.69 4.12
C GLY D 502 -6.99 31.73 3.41
N VAL D 503 -6.63 31.36 2.18
CA VAL D 503 -7.47 30.46 1.39
C VAL D 503 -8.12 29.37 2.23
N GLY D 504 -7.32 28.66 2.99
CA GLY D 504 -7.87 27.58 3.80
C GLY D 504 -8.97 28.02 4.74
N TYR D 505 -8.73 29.08 5.50
CA TYR D 505 -9.69 29.48 6.53
C TYR D 505 -10.82 30.33 6.03
N GLN D 506 -10.99 30.42 4.73
CA GLN D 506 -12.14 31.16 4.25
C GLN D 506 -13.38 30.25 4.10
N PRO D 507 -14.59 30.78 4.35
CA PRO D 507 -15.73 29.85 4.28
C PRO D 507 -15.99 29.34 2.88
N TYR D 508 -16.58 28.14 2.82
CA TYR D 508 -17.03 27.54 1.57
C TYR D 508 -18.42 26.99 1.80
N ARG D 509 -19.36 27.36 0.93
CA ARG D 509 -20.69 26.80 1.00
C ARG D 509 -20.73 25.49 0.22
N VAL D 510 -21.31 24.46 0.85
CA VAL D 510 -21.34 23.12 0.30
C VAL D 510 -22.78 22.65 0.22
N VAL D 511 -23.16 22.14 -0.95
CA VAL D 511 -24.44 21.51 -1.18
C VAL D 511 -24.20 20.09 -1.68
N VAL D 512 -24.75 19.10 -0.98
CA VAL D 512 -24.56 17.70 -1.29
C VAL D 512 -25.85 17.17 -1.88
N LEU D 513 -25.81 16.77 -3.14
CA LEU D 513 -26.96 16.21 -3.83
C LEU D 513 -26.90 14.70 -3.76
N SER D 514 -27.73 14.11 -2.92
CA SER D 514 -27.77 12.67 -2.70
C SER D 514 -28.91 12.12 -3.57
N PHE D 515 -28.54 11.30 -4.55
CA PHE D 515 -29.52 10.60 -5.37
C PHE D 515 -29.81 9.23 -4.79
N GLU D 516 -30.99 8.71 -5.10
CA GLU D 516 -31.38 7.36 -4.72
C GLU D 516 -31.88 6.63 -5.97
N LEU D 517 -30.94 6.03 -6.71
CA LEU D 517 -31.31 5.24 -7.87
C LEU D 517 -31.74 3.85 -7.43
N LEU D 518 -32.95 3.45 -7.83
CA LEU D 518 -33.54 2.22 -7.32
C LEU D 518 -34.57 1.72 -8.32
N HIS D 519 -35.03 0.48 -8.09
CA HIS D 519 -36.11 -0.09 -8.89
C HIS D 519 -37.43 0.57 -8.55
N ALA D 520 -37.46 1.38 -7.49
CA ALA D 520 -38.65 2.11 -7.06
C ALA D 520 -39.06 3.10 -8.15
N PRO D 521 -40.34 3.51 -8.20
CA PRO D 521 -40.79 4.40 -9.27
C PRO D 521 -39.98 5.69 -9.38
N ALA D 522 -39.66 6.08 -10.61
CA ALA D 522 -38.84 7.26 -10.86
C ALA D 522 -39.68 8.51 -10.74
N THR D 523 -39.21 9.47 -9.93
CA THR D 523 -39.91 10.71 -9.69
C THR D 523 -39.18 11.92 -10.26
N VAL D 524 -37.92 12.10 -9.89
CA VAL D 524 -37.13 13.22 -10.40
C VAL D 524 -36.53 12.83 -11.75
N CYS D 525 -36.85 13.58 -12.79
CA CYS D 525 -36.38 13.28 -14.13
C CYS D 525 -35.92 14.56 -14.82
N GLY D 526 -35.09 14.39 -15.83
CA GLY D 526 -34.45 15.50 -16.49
C GLY D 526 -35.29 16.16 -17.56
N PRO D 527 -34.70 17.13 -18.27
CA PRO D 527 -35.45 17.84 -19.32
C PRO D 527 -35.37 17.17 -20.68
N LYS D 528 -34.99 15.90 -20.75
CA LYS D 528 -34.71 15.19 -21.99
C LYS D 528 -35.76 15.40 -23.08
N LYS D 529 -37.03 15.55 -22.68
CA LYS D 529 -38.16 15.85 -23.57
C LYS D 529 -38.68 14.57 -24.21
N SER D 530 -40.00 14.39 -24.21
CA SER D 530 -40.61 13.15 -24.66
C SER D 530 -40.63 13.06 -26.19
N THR D 531 -41.10 11.91 -26.68
CA THR D 531 -41.24 11.66 -28.11
C THR D 531 -42.54 10.92 -28.39
N ASN D 532 -42.66 10.34 -29.59
CA ASN D 532 -43.88 9.65 -29.97
C ASN D 532 -43.62 8.14 -29.97
N LEU D 533 -44.56 7.38 -29.43
CA LEU D 533 -44.41 5.94 -29.30
C LEU D 533 -44.71 5.23 -30.62
N VAL D 534 -43.91 4.22 -30.96
CA VAL D 534 -44.18 3.33 -32.08
C VAL D 534 -44.18 1.90 -31.56
N LYS D 535 -45.20 1.13 -31.93
CA LYS D 535 -45.42 -0.16 -31.30
C LYS D 535 -44.60 -1.30 -31.90
N ASN D 536 -44.84 -1.63 -33.17
CA ASN D 536 -44.31 -2.87 -33.74
C ASN D 536 -43.04 -2.63 -34.56
N LYS D 537 -42.04 -2.06 -33.91
CA LYS D 537 -40.75 -1.82 -34.56
C LYS D 537 -39.63 -2.05 -33.54
N CYS D 538 -38.53 -2.63 -34.02
CA CYS D 538 -37.33 -2.75 -33.21
C CYS D 538 -36.76 -1.36 -32.96
N VAL D 539 -36.97 -0.83 -31.76
CA VAL D 539 -36.66 0.56 -31.47
C VAL D 539 -35.95 0.64 -30.12
N ASN D 540 -35.11 1.67 -29.97
CA ASN D 540 -34.49 1.97 -28.69
C ASN D 540 -35.50 2.69 -27.81
N PHE D 541 -35.61 2.24 -26.56
CA PHE D 541 -36.54 2.86 -25.62
C PHE D 541 -35.80 3.30 -24.37
N ASN D 542 -36.26 4.41 -23.81
CA ASN D 542 -35.69 5.00 -22.60
C ASN D 542 -36.82 5.28 -21.61
N PHE D 543 -37.66 4.27 -21.40
CA PHE D 543 -38.88 4.42 -20.60
C PHE D 543 -38.51 4.75 -19.16
N ASN D 544 -38.62 6.01 -18.78
CA ASN D 544 -38.41 6.46 -17.40
C ASN D 544 -37.08 5.95 -16.86
N GLY D 545 -36.04 6.06 -17.68
CA GLY D 545 -34.72 5.62 -17.29
C GLY D 545 -34.40 4.16 -17.57
N LEU D 546 -35.35 3.41 -18.11
CA LEU D 546 -35.11 2.03 -18.53
C LEU D 546 -34.67 2.05 -19.99
N THR D 547 -33.40 1.73 -20.23
CA THR D 547 -32.81 1.83 -21.56
C THR D 547 -32.58 0.44 -22.12
N GLY D 548 -33.25 0.14 -23.23
CA GLY D 548 -33.08 -1.13 -23.92
C GLY D 548 -33.48 -1.03 -25.38
N THR D 549 -33.34 -2.16 -26.07
CA THR D 549 -33.69 -2.27 -27.49
C THR D 549 -34.64 -3.44 -27.64
N GLY D 550 -35.85 -3.18 -28.13
CA GLY D 550 -36.81 -4.24 -28.38
C GLY D 550 -38.07 -3.70 -29.01
N VAL D 551 -38.86 -4.63 -29.56
CA VAL D 551 -40.16 -4.25 -30.11
C VAL D 551 -41.17 -4.15 -28.98
N LEU D 552 -42.08 -3.18 -29.08
CA LEU D 552 -42.98 -2.82 -27.98
C LEU D 552 -44.42 -3.05 -28.43
N THR D 553 -44.89 -4.28 -28.27
CA THR D 553 -46.27 -4.61 -28.63
C THR D 553 -47.20 -4.33 -27.45
N GLU D 554 -48.50 -4.28 -27.75
CA GLU D 554 -49.50 -4.17 -26.70
C GLU D 554 -49.53 -5.45 -25.87
N SER D 555 -49.58 -5.29 -24.55
CA SER D 555 -49.41 -6.39 -23.62
C SER D 555 -50.74 -6.71 -22.95
N ASN D 556 -51.07 -8.01 -22.89
CA ASN D 556 -52.29 -8.45 -22.22
C ASN D 556 -52.14 -8.47 -20.71
N LYS D 557 -50.92 -8.30 -20.19
CA LYS D 557 -50.67 -8.34 -18.76
C LYS D 557 -51.46 -7.26 -18.04
N LYS D 558 -52.10 -7.64 -16.93
CA LYS D 558 -52.91 -6.72 -16.14
C LYS D 558 -52.07 -6.22 -14.96
N PHE D 559 -51.62 -4.97 -15.03
CA PHE D 559 -50.82 -4.37 -13.98
C PHE D 559 -51.74 -3.77 -12.92
N LEU D 560 -51.38 -3.97 -11.66
CA LEU D 560 -52.06 -3.29 -10.58
C LEU D 560 -51.59 -1.84 -10.53
N PRO D 561 -52.40 -0.94 -9.97
CA PRO D 561 -52.07 0.50 -10.05
C PRO D 561 -50.70 0.86 -9.50
N PHE D 562 -50.23 0.19 -8.45
CA PHE D 562 -48.93 0.54 -7.88
C PHE D 562 -47.79 0.02 -8.76
N GLN D 563 -48.02 -1.07 -9.48
CA GLN D 563 -46.97 -1.69 -10.27
C GLN D 563 -46.56 -0.79 -11.44
N GLN D 564 -45.29 -0.89 -11.82
CA GLN D 564 -44.73 -0.10 -12.91
C GLN D 564 -44.25 -0.95 -14.09
N PHE D 565 -43.39 -1.94 -13.85
CA PHE D 565 -42.84 -2.74 -14.93
C PHE D 565 -42.92 -4.22 -14.56
N GLY D 566 -42.94 -5.07 -15.58
CA GLY D 566 -43.12 -6.49 -15.42
C GLY D 566 -41.86 -7.27 -15.74
N ARG D 567 -41.62 -8.34 -14.98
CA ARG D 567 -40.50 -9.23 -15.18
C ARG D 567 -41.01 -10.66 -15.30
N ASP D 568 -40.28 -11.47 -16.06
CA ASP D 568 -40.61 -12.87 -16.28
C ASP D 568 -39.70 -13.73 -15.42
N ILE D 569 -39.74 -15.05 -15.65
CA ILE D 569 -38.81 -15.94 -14.98
C ILE D 569 -37.39 -15.50 -15.26
N ALA D 570 -36.52 -15.62 -14.26
CA ALA D 570 -35.12 -15.17 -14.26
C ALA D 570 -35.00 -13.65 -14.30
N ASP D 571 -36.08 -12.91 -14.03
CA ASP D 571 -36.03 -11.47 -13.80
C ASP D 571 -35.46 -10.71 -15.00
N THR D 572 -36.18 -10.77 -16.12
CA THR D 572 -35.88 -9.93 -17.28
C THR D 572 -37.05 -8.98 -17.51
N THR D 573 -36.74 -7.71 -17.77
CA THR D 573 -37.77 -6.69 -17.92
C THR D 573 -38.53 -6.90 -19.22
N ASP D 574 -39.68 -7.57 -19.14
CA ASP D 574 -40.45 -7.91 -20.34
C ASP D 574 -41.73 -7.11 -20.49
N ALA D 575 -42.01 -6.19 -19.56
CA ALA D 575 -43.21 -5.37 -19.65
C ALA D 575 -42.98 -4.07 -18.91
N VAL D 576 -43.64 -3.01 -19.39
CA VAL D 576 -43.51 -1.70 -18.76
C VAL D 576 -44.69 -0.83 -19.16
N ARG D 577 -45.13 0.05 -18.27
CA ARG D 577 -46.15 1.02 -18.62
C ARG D 577 -45.50 2.36 -18.96
N ASP D 578 -45.95 2.97 -20.06
CA ASP D 578 -45.41 4.25 -20.44
C ASP D 578 -45.89 5.34 -19.47
N PRO D 579 -44.98 6.23 -19.05
CA PRO D 579 -45.37 7.21 -18.02
C PRO D 579 -46.48 8.16 -18.43
N GLN D 580 -46.70 8.35 -19.74
CA GLN D 580 -47.66 9.36 -20.17
C GLN D 580 -49.07 8.78 -20.30
N THR D 581 -49.25 7.78 -21.17
CA THR D 581 -50.58 7.24 -21.44
C THR D 581 -50.95 6.08 -20.53
N LEU D 582 -50.03 5.59 -19.70
CA LEU D 582 -50.34 4.57 -18.69
C LEU D 582 -50.93 3.31 -19.31
N GLU D 583 -50.26 2.80 -20.34
CA GLU D 583 -50.67 1.57 -21.00
C GLU D 583 -49.52 0.57 -20.94
N ILE D 584 -49.87 -0.72 -20.95
CA ILE D 584 -48.89 -1.77 -20.73
C ILE D 584 -48.29 -2.19 -22.08
N LEU D 585 -46.98 -2.27 -22.14
CA LEU D 585 -46.26 -2.61 -23.36
C LEU D 585 -45.28 -3.74 -23.07
N ASP D 586 -45.32 -4.79 -23.88
CA ASP D 586 -44.34 -5.85 -23.81
C ASP D 586 -43.02 -5.38 -24.42
N ILE D 587 -41.94 -6.08 -24.07
CA ILE D 587 -40.63 -5.82 -24.64
C ILE D 587 -40.09 -7.14 -25.15
N THR D 588 -40.34 -7.43 -26.42
CA THR D 588 -39.76 -8.62 -27.03
C THR D 588 -38.44 -8.23 -27.69
N PRO D 589 -37.34 -8.91 -27.35
CA PRO D 589 -36.04 -8.51 -27.91
C PRO D 589 -36.02 -8.65 -29.42
N CYS D 590 -35.27 -7.76 -30.06
CA CYS D 590 -35.16 -7.77 -31.51
C CYS D 590 -34.54 -9.07 -31.99
N SER D 591 -35.01 -9.58 -33.12
CA SER D 591 -34.63 -10.90 -33.58
C SER D 591 -33.13 -10.99 -33.81
N PHE D 592 -32.53 -12.06 -33.31
CA PHE D 592 -31.12 -12.35 -33.54
C PHE D 592 -30.98 -13.82 -33.83
N GLY D 593 -29.95 -14.17 -34.61
CA GLY D 593 -29.73 -15.57 -34.92
C GLY D 593 -28.40 -15.79 -35.60
N GLY D 594 -27.84 -16.98 -35.37
CA GLY D 594 -26.63 -17.36 -36.05
C GLY D 594 -26.84 -17.49 -37.55
N VAL D 595 -25.80 -17.16 -38.30
CA VAL D 595 -25.83 -17.23 -39.76
C VAL D 595 -24.91 -18.36 -40.20
N SER D 596 -25.41 -19.20 -41.10
CA SER D 596 -24.64 -20.33 -41.62
C SER D 596 -24.57 -20.22 -43.14
N VAL D 597 -23.51 -20.78 -43.70
CA VAL D 597 -23.29 -20.76 -45.15
C VAL D 597 -23.34 -22.19 -45.66
N ILE D 598 -24.12 -22.41 -46.70
CA ILE D 598 -24.21 -23.68 -47.39
C ILE D 598 -23.30 -23.60 -48.62
N THR D 599 -22.11 -24.17 -48.51
CA THR D 599 -21.14 -24.22 -49.58
C THR D 599 -21.00 -25.64 -50.10
N PRO D 600 -21.01 -25.84 -51.41
CA PRO D 600 -20.77 -27.17 -51.96
C PRO D 600 -19.29 -27.48 -52.04
N GLY D 601 -18.46 -26.50 -51.72
CA GLY D 601 -17.02 -26.66 -51.78
C GLY D 601 -16.37 -25.70 -52.76
N THR D 602 -15.18 -25.22 -52.42
CA THR D 602 -14.46 -24.33 -53.32
C THR D 602 -14.06 -25.05 -54.60
N ASN D 603 -13.76 -26.35 -54.50
CA ASN D 603 -13.38 -27.12 -55.68
C ASN D 603 -14.52 -27.18 -56.69
N THR D 604 -15.76 -27.02 -56.22
CA THR D 604 -16.95 -27.13 -57.05
C THR D 604 -17.81 -25.90 -56.84
N SER D 605 -17.58 -24.87 -57.68
CA SER D 605 -18.40 -23.67 -57.73
C SER D 605 -18.24 -22.80 -56.48
N ASN D 606 -18.33 -21.48 -56.67
CA ASN D 606 -18.29 -20.52 -55.58
C ASN D 606 -19.68 -20.12 -55.11
N GLN D 607 -20.73 -20.70 -55.68
CA GLN D 607 -22.09 -20.36 -55.28
C GLN D 607 -22.34 -20.84 -53.86
N VAL D 608 -23.02 -20.01 -53.07
CA VAL D 608 -23.26 -20.29 -51.67
C VAL D 608 -24.69 -19.90 -51.30
N ALA D 609 -25.29 -20.68 -50.42
CA ALA D 609 -26.57 -20.34 -49.83
C ALA D 609 -26.36 -19.83 -48.41
N VAL D 610 -27.35 -19.11 -47.88
CA VAL D 610 -27.26 -18.52 -46.55
C VAL D 610 -28.47 -18.96 -45.75
N LEU D 611 -28.23 -19.41 -44.52
CA LEU D 611 -29.29 -19.79 -43.58
C LEU D 611 -29.25 -18.85 -42.39
N TYR D 612 -30.38 -18.22 -42.09
CA TYR D 612 -30.52 -17.34 -40.94
C TYR D 612 -31.29 -18.12 -39.88
N GLN D 613 -30.55 -18.68 -38.92
CA GLN D 613 -31.15 -19.57 -37.94
C GLN D 613 -32.20 -18.85 -37.09
N ASP D 614 -33.33 -19.53 -36.89
CA ASP D 614 -34.46 -19.03 -36.10
C ASP D 614 -34.76 -17.55 -36.37
N VAL D 615 -34.74 -17.18 -37.64
CA VAL D 615 -35.11 -15.83 -38.07
C VAL D 615 -36.23 -15.97 -39.10
N ASN D 616 -37.37 -15.37 -38.81
CA ASN D 616 -38.52 -15.45 -39.70
C ASN D 616 -38.22 -14.64 -40.97
N CYS D 617 -38.69 -15.16 -42.10
CA CYS D 617 -38.27 -14.62 -43.40
C CYS D 617 -38.75 -13.20 -43.65
N THR D 618 -39.68 -12.69 -42.85
CA THR D 618 -40.11 -11.30 -43.01
C THR D 618 -38.95 -10.34 -42.75
N GLU D 619 -38.00 -10.74 -41.92
CA GLU D 619 -36.76 -10.01 -41.73
C GLU D 619 -35.72 -10.55 -42.70
N VAL D 620 -34.82 -9.68 -43.16
CA VAL D 620 -33.80 -10.08 -44.12
C VAL D 620 -32.88 -11.13 -43.51
N ASN D 641 -33.68 -16.36 -53.87
CA ASN D 641 -34.73 -17.35 -53.67
C ASN D 641 -34.82 -17.73 -52.19
N VAL D 642 -35.86 -17.24 -51.53
CA VAL D 642 -36.00 -17.38 -50.08
C VAL D 642 -37.00 -18.48 -49.76
N PHE D 643 -36.67 -19.32 -48.79
CA PHE D 643 -37.57 -20.36 -48.32
C PHE D 643 -37.53 -20.40 -46.80
N GLN D 644 -38.71 -20.50 -46.18
CA GLN D 644 -38.79 -20.58 -44.73
C GLN D 644 -38.74 -22.04 -44.27
N THR D 645 -37.82 -22.33 -43.36
CA THR D 645 -37.66 -23.65 -42.79
C THR D 645 -37.87 -23.57 -41.29
N ARG D 646 -38.03 -24.75 -40.66
CA ARG D 646 -38.10 -24.78 -39.20
C ARG D 646 -36.78 -24.35 -38.58
N ALA D 647 -35.66 -24.68 -39.23
CA ALA D 647 -34.36 -24.23 -38.75
C ALA D 647 -34.22 -22.72 -38.88
N GLY D 648 -34.74 -22.14 -39.95
CA GLY D 648 -34.65 -20.71 -40.16
C GLY D 648 -34.98 -20.37 -41.60
N CYS D 649 -34.63 -19.15 -41.97
CA CYS D 649 -34.84 -18.66 -43.34
C CYS D 649 -33.62 -19.03 -44.17
N LEU D 650 -33.82 -19.91 -45.16
CA LEU D 650 -32.75 -20.35 -46.04
C LEU D 650 -32.80 -19.54 -47.32
N ILE D 651 -31.79 -18.70 -47.54
CA ILE D 651 -31.73 -17.80 -48.69
C ILE D 651 -30.65 -18.30 -49.63
N GLY D 652 -31.01 -18.47 -50.91
CA GLY D 652 -30.08 -18.92 -51.91
C GLY D 652 -30.24 -20.35 -52.36
N ALA D 653 -31.28 -21.05 -51.91
CA ALA D 653 -31.53 -22.43 -52.30
C ALA D 653 -32.98 -22.59 -52.74
N GLU D 654 -33.19 -23.35 -53.81
CA GLU D 654 -34.52 -23.58 -54.37
C GLU D 654 -35.06 -24.90 -53.84
N HIS D 655 -36.28 -24.87 -53.31
CA HIS D 655 -36.88 -26.08 -52.76
C HIS D 655 -37.44 -26.94 -53.88
N VAL D 656 -37.11 -28.23 -53.84
CA VAL D 656 -37.59 -29.21 -54.81
C VAL D 656 -38.41 -30.26 -54.08
N ASN D 657 -39.40 -30.82 -54.77
CA ASN D 657 -40.26 -31.83 -54.15
C ASN D 657 -39.49 -33.10 -53.82
N ASN D 658 -38.48 -33.43 -54.62
CA ASN D 658 -37.83 -34.72 -54.53
C ASN D 658 -37.13 -34.89 -53.19
N SER D 659 -36.94 -36.15 -52.80
CA SER D 659 -36.21 -36.50 -51.59
C SER D 659 -34.94 -37.24 -51.98
N TYR D 660 -33.80 -36.79 -51.44
CA TYR D 660 -32.52 -37.41 -51.70
C TYR D 660 -31.82 -37.69 -50.38
N GLU D 661 -30.78 -38.52 -50.45
CA GLU D 661 -29.94 -38.75 -49.29
C GLU D 661 -29.31 -37.43 -48.85
N CYS D 662 -29.24 -37.23 -47.54
CA CYS D 662 -28.78 -35.96 -47.00
C CYS D 662 -27.32 -35.72 -47.39
N ASP D 663 -27.05 -34.49 -47.85
CA ASP D 663 -25.71 -34.10 -48.25
C ASP D 663 -25.15 -33.04 -47.31
N ILE D 664 -25.82 -31.91 -47.15
CA ILE D 664 -25.43 -30.87 -46.21
C ILE D 664 -26.55 -30.72 -45.19
N PRO D 665 -26.40 -31.25 -43.97
CA PRO D 665 -27.49 -31.21 -43.00
C PRO D 665 -27.76 -29.79 -42.53
N ILE D 666 -28.98 -29.32 -42.75
CA ILE D 666 -29.42 -28.01 -42.29
C ILE D 666 -30.20 -28.10 -40.99
N GLY D 667 -31.14 -29.03 -40.90
CA GLY D 667 -31.90 -29.20 -39.68
C GLY D 667 -33.38 -29.43 -39.92
N ALA D 668 -34.04 -30.08 -38.96
CA ALA D 668 -35.48 -30.38 -39.05
C ALA D 668 -35.81 -31.18 -40.30
N GLY D 669 -34.91 -32.07 -40.69
CA GLY D 669 -35.12 -32.95 -41.80
C GLY D 669 -34.84 -32.35 -43.17
N ILE D 670 -34.43 -31.10 -43.24
CA ILE D 670 -34.15 -30.42 -44.49
C ILE D 670 -32.66 -30.42 -44.73
N CYS D 671 -32.25 -30.90 -45.90
CA CYS D 671 -30.84 -30.92 -46.30
C CYS D 671 -30.66 -30.11 -47.56
N ALA D 672 -29.40 -29.90 -47.93
CA ALA D 672 -29.07 -29.12 -49.12
C ALA D 672 -27.99 -29.84 -49.90
N SER D 673 -27.97 -29.59 -51.21
CA SER D 673 -26.99 -30.21 -52.09
C SER D 673 -26.84 -29.34 -53.34
N TYR D 674 -25.76 -29.59 -54.07
CA TYR D 674 -25.45 -28.85 -55.29
C TYR D 674 -25.78 -29.73 -56.49
N GLN D 675 -26.84 -29.37 -57.21
CA GLN D 675 -27.23 -30.10 -58.40
C GLN D 675 -27.72 -29.14 -59.49
N GLN D 690 -25.61 -26.99 -60.59
CA GLN D 690 -25.85 -25.71 -61.23
C GLN D 690 -26.53 -24.73 -60.27
N SER D 691 -27.26 -25.28 -59.30
CA SER D 691 -27.92 -24.47 -58.29
C SER D 691 -28.08 -25.30 -57.02
N ILE D 692 -27.91 -24.63 -55.88
CA ILE D 692 -28.09 -25.30 -54.60
C ILE D 692 -29.58 -25.54 -54.35
N ILE D 693 -29.93 -26.78 -54.00
CA ILE D 693 -31.32 -27.15 -53.78
C ILE D 693 -31.50 -27.50 -52.31
N ALA D 694 -32.74 -27.34 -51.84
CA ALA D 694 -33.12 -27.70 -50.49
C ALA D 694 -34.27 -28.69 -50.56
N TYR D 695 -34.15 -29.79 -49.84
CA TYR D 695 -35.14 -30.86 -49.90
C TYR D 695 -35.24 -31.54 -48.54
N THR D 696 -36.36 -32.22 -48.33
CA THR D 696 -36.51 -33.09 -47.18
C THR D 696 -35.71 -34.36 -47.41
N MET D 697 -34.94 -34.77 -46.41
CA MET D 697 -34.04 -35.91 -46.58
C MET D 697 -34.83 -37.18 -46.83
N SER D 698 -34.25 -38.06 -47.64
CA SER D 698 -34.84 -39.35 -47.98
C SER D 698 -34.36 -40.38 -46.97
N LEU D 699 -35.30 -41.00 -46.25
CA LEU D 699 -34.94 -41.99 -45.26
C LEU D 699 -34.34 -43.23 -45.93
N GLY D 700 -34.89 -43.63 -47.06
CA GLY D 700 -34.40 -44.78 -47.78
C GLY D 700 -35.44 -45.28 -48.76
N ALA D 701 -35.02 -46.21 -49.60
CA ALA D 701 -35.91 -46.79 -50.58
C ALA D 701 -36.88 -47.75 -49.90
N GLU D 702 -38.17 -47.45 -50.01
CA GLU D 702 -39.20 -48.23 -49.33
C GLU D 702 -39.25 -49.63 -49.92
N ASN D 703 -39.00 -50.62 -49.08
CA ASN D 703 -39.01 -52.03 -49.47
C ASN D 703 -40.12 -52.74 -48.73
N SER D 704 -40.99 -53.42 -49.46
CA SER D 704 -42.06 -54.22 -48.89
C SER D 704 -41.70 -55.69 -49.00
N VAL D 705 -41.32 -56.29 -47.88
CA VAL D 705 -40.93 -57.70 -47.88
C VAL D 705 -42.14 -58.56 -48.16
N ALA D 706 -41.98 -59.52 -49.05
CA ALA D 706 -43.09 -60.40 -49.43
C ALA D 706 -43.34 -61.40 -48.37
N TYR D 707 -43.90 -60.94 -47.28
CA TYR D 707 -44.19 -61.82 -46.16
C TYR D 707 -45.42 -62.68 -46.46
N SER D 708 -45.32 -63.95 -46.09
CA SER D 708 -46.43 -64.88 -46.15
C SER D 708 -46.19 -65.96 -45.11
N ASN D 709 -47.28 -66.52 -44.60
CA ASN D 709 -47.14 -67.49 -43.51
C ASN D 709 -46.57 -68.83 -43.98
N ASN D 710 -46.31 -68.99 -45.28
CA ASN D 710 -45.68 -70.20 -45.80
C ASN D 710 -44.66 -69.86 -46.88
N SER D 711 -43.90 -68.79 -46.69
CA SER D 711 -42.91 -68.37 -47.67
C SER D 711 -41.60 -68.03 -46.96
N ILE D 712 -40.50 -68.57 -47.48
CA ILE D 712 -39.16 -68.28 -46.98
C ILE D 712 -38.26 -67.93 -48.15
N ALA D 713 -37.19 -67.20 -47.87
CA ALA D 713 -36.20 -66.83 -48.87
C ALA D 713 -34.84 -67.34 -48.41
N ILE D 714 -34.40 -68.43 -49.01
CA ILE D 714 -33.14 -69.08 -48.65
C ILE D 714 -32.07 -68.62 -49.64
N PRO D 715 -30.94 -68.09 -49.19
CA PRO D 715 -29.89 -67.68 -50.11
C PRO D 715 -29.32 -68.87 -50.88
N THR D 716 -28.96 -68.62 -52.13
CA THR D 716 -28.34 -69.63 -52.97
C THR D 716 -26.87 -69.34 -53.26
N ASN D 717 -26.35 -68.24 -52.73
CA ASN D 717 -24.97 -67.84 -52.97
C ASN D 717 -24.55 -66.95 -51.81
N PHE D 718 -23.35 -66.38 -51.88
CA PHE D 718 -22.84 -65.52 -50.83
C PHE D 718 -21.85 -64.54 -51.40
N THR D 719 -21.42 -63.61 -50.55
CA THR D 719 -20.43 -62.59 -50.91
C THR D 719 -19.51 -62.36 -49.73
N ILE D 720 -18.22 -62.62 -49.93
CA ILE D 720 -17.21 -62.37 -48.89
C ILE D 720 -16.81 -60.91 -48.99
N SER D 721 -17.16 -60.13 -47.98
CA SER D 721 -16.88 -58.71 -47.94
C SER D 721 -15.89 -58.41 -46.82
N VAL D 722 -14.87 -57.63 -47.12
CA VAL D 722 -13.89 -57.18 -46.14
C VAL D 722 -14.13 -55.70 -45.92
N THR D 723 -14.46 -55.32 -44.69
CA THR D 723 -14.82 -53.96 -44.34
C THR D 723 -13.81 -53.39 -43.37
N THR D 724 -13.46 -52.13 -43.56
CA THR D 724 -12.51 -51.44 -42.71
C THR D 724 -13.23 -50.71 -41.58
N GLU D 725 -12.55 -50.63 -40.44
CA GLU D 725 -13.07 -49.90 -39.28
C GLU D 725 -11.90 -49.22 -38.59
N ILE D 726 -11.99 -47.90 -38.44
CA ILE D 726 -10.90 -47.10 -37.91
C ILE D 726 -11.26 -46.65 -36.50
N LEU D 727 -10.36 -46.90 -35.55
CA LEU D 727 -10.61 -46.60 -34.15
C LEU D 727 -9.36 -45.92 -33.57
N PRO D 728 -9.46 -44.68 -33.10
CA PRO D 728 -8.35 -44.08 -32.36
C PRO D 728 -8.06 -44.87 -31.09
N VAL D 729 -6.77 -44.96 -30.76
CA VAL D 729 -6.38 -45.66 -29.54
C VAL D 729 -5.58 -44.73 -28.64
N SER D 730 -4.96 -43.71 -29.21
CA SER D 730 -4.11 -42.82 -28.43
C SER D 730 -3.95 -41.50 -29.16
N MET D 731 -3.55 -40.49 -28.41
CA MET D 731 -3.23 -39.18 -28.94
C MET D 731 -1.84 -38.75 -28.49
N THR D 732 -1.42 -37.58 -28.95
CA THR D 732 -0.07 -37.10 -28.67
C THR D 732 0.11 -36.85 -27.18
N LYS D 733 1.28 -37.22 -26.68
CA LYS D 733 1.64 -37.00 -25.28
C LYS D 733 2.29 -35.63 -25.16
N THR D 734 1.52 -34.65 -24.68
CA THR D 734 1.98 -33.28 -24.56
C THR D 734 2.01 -32.87 -23.10
N SER D 735 3.03 -32.11 -22.72
CA SER D 735 3.17 -31.60 -21.37
C SER D 735 3.49 -30.12 -21.43
N VAL D 736 2.98 -29.37 -20.44
CA VAL D 736 3.13 -27.93 -20.37
C VAL D 736 3.65 -27.59 -18.99
N ASP D 737 4.76 -26.85 -18.93
CA ASP D 737 5.27 -26.38 -17.66
C ASP D 737 4.50 -25.14 -17.22
N CYS D 738 3.66 -25.29 -16.19
CA CYS D 738 2.77 -24.22 -15.79
C CYS D 738 3.54 -22.99 -15.32
N THR D 739 4.60 -23.20 -14.54
CA THR D 739 5.34 -22.07 -13.99
C THR D 739 5.99 -21.25 -15.09
N MET D 740 6.53 -21.91 -16.12
CA MET D 740 7.23 -21.19 -17.17
C MET D 740 6.30 -20.75 -18.31
N TYR D 741 5.20 -21.46 -18.52
CA TYR D 741 4.24 -21.01 -19.53
C TYR D 741 3.66 -19.65 -19.15
N ILE D 742 3.24 -19.49 -17.89
CA ILE D 742 2.62 -18.25 -17.46
C ILE D 742 3.64 -17.13 -17.40
N CYS D 743 4.84 -17.43 -16.89
CA CYS D 743 5.79 -16.39 -16.52
C CYS D 743 7.05 -16.36 -17.37
N GLY D 744 7.40 -17.45 -18.04
CA GLY D 744 8.65 -17.46 -18.78
C GLY D 744 9.84 -17.46 -17.83
N ASP D 745 10.88 -16.71 -18.20
CA ASP D 745 12.08 -16.58 -17.38
C ASP D 745 12.00 -15.39 -16.44
N SER D 746 10.79 -14.93 -16.14
CA SER D 746 10.59 -13.78 -15.27
C SER D 746 10.47 -14.25 -13.82
N THR D 747 11.46 -13.87 -13.00
CA THR D 747 11.43 -14.24 -11.60
C THR D 747 10.28 -13.55 -10.86
N GLU D 748 10.01 -12.29 -11.19
CA GLU D 748 8.97 -11.53 -10.51
C GLU D 748 7.61 -12.18 -10.69
N CYS D 749 7.30 -12.63 -11.90
CA CYS D 749 6.04 -13.33 -12.13
C CYS D 749 6.00 -14.64 -11.36
N SER D 750 7.12 -15.35 -11.31
CA SER D 750 7.14 -16.64 -10.61
C SER D 750 6.83 -16.47 -9.13
N ASN D 751 7.39 -15.44 -8.50
CA ASN D 751 7.10 -15.19 -7.09
C ASN D 751 5.63 -14.89 -6.87
N LEU D 752 5.03 -14.08 -7.75
CA LEU D 752 3.61 -13.81 -7.66
C LEU D 752 2.77 -15.06 -7.90
N LEU D 753 3.24 -15.94 -8.78
CA LEU D 753 2.52 -17.18 -9.06
C LEU D 753 2.54 -18.14 -7.87
N LEU D 754 3.55 -18.06 -7.00
CA LEU D 754 3.59 -18.92 -5.84
C LEU D 754 2.47 -18.62 -4.87
N GLN D 755 1.90 -17.41 -4.92
CA GLN D 755 0.78 -17.09 -4.05
C GLN D 755 -0.45 -17.93 -4.38
N TYR D 756 -0.68 -18.22 -5.66
CA TYR D 756 -1.80 -19.05 -6.06
C TYR D 756 -1.67 -20.49 -5.61
N GLY D 757 -0.49 -20.89 -5.14
CA GLY D 757 -0.34 -22.20 -4.54
C GLY D 757 -0.06 -23.32 -5.52
N SER D 758 -0.81 -24.41 -5.39
CA SER D 758 -0.55 -25.63 -6.14
C SER D 758 -1.41 -25.77 -7.39
N PHE D 759 -1.87 -24.66 -7.96
CA PHE D 759 -2.59 -24.74 -9.23
C PHE D 759 -1.69 -25.31 -10.33
N CYS D 760 -0.45 -24.84 -10.38
CA CYS D 760 0.48 -25.33 -11.39
C CYS D 760 0.81 -26.80 -11.17
N THR D 761 0.96 -27.22 -9.91
CA THR D 761 1.23 -28.62 -9.63
C THR D 761 0.04 -29.50 -10.00
N GLN D 762 -1.18 -29.00 -9.80
CA GLN D 762 -2.36 -29.75 -10.22
C GLN D 762 -2.37 -29.97 -11.73
N LEU D 763 -2.03 -28.92 -12.50
CA LEU D 763 -2.08 -29.02 -13.94
C LEU D 763 -1.00 -29.95 -14.48
N ASN D 764 0.21 -29.86 -13.91
CA ASN D 764 1.29 -30.75 -14.35
C ASN D 764 0.96 -32.21 -14.04
N ARG D 765 0.42 -32.48 -12.85
CA ARG D 765 0.05 -33.85 -12.50
C ARG D 765 -1.09 -34.35 -13.37
N ALA D 766 -2.06 -33.48 -13.68
CA ALA D 766 -3.17 -33.89 -14.53
C ALA D 766 -2.69 -34.20 -15.94
N LEU D 767 -1.81 -33.37 -16.49
CA LEU D 767 -1.31 -33.62 -17.84
C LEU D 767 -0.40 -34.85 -17.88
N THR D 768 0.41 -35.06 -16.84
CA THR D 768 1.24 -36.26 -16.80
C THR D 768 0.38 -37.52 -16.73
N GLY D 769 -0.72 -37.47 -16.00
CA GLY D 769 -1.62 -38.62 -15.95
C GLY D 769 -2.21 -38.94 -17.31
N ILE D 770 -2.49 -37.91 -18.11
CA ILE D 770 -2.97 -38.13 -19.46
C ILE D 770 -1.90 -38.80 -20.31
N ALA D 771 -0.65 -38.32 -20.22
CA ALA D 771 0.42 -38.85 -21.05
C ALA D 771 0.73 -40.30 -20.70
N VAL D 772 0.83 -40.62 -19.41
CA VAL D 772 1.09 -42.00 -19.01
C VAL D 772 -0.09 -42.89 -19.38
N GLU D 773 -1.28 -42.32 -19.51
CA GLU D 773 -2.44 -43.08 -19.93
C GLU D 773 -2.39 -43.47 -21.40
N GLN D 774 -1.86 -42.60 -22.27
CA GLN D 774 -1.79 -42.90 -23.68
C GLN D 774 -0.90 -44.10 -23.96
N ASP D 775 0.15 -44.30 -23.16
CA ASP D 775 0.96 -45.51 -23.29
C ASP D 775 0.20 -46.74 -22.85
N LYS D 776 -0.64 -46.61 -21.81
CA LYS D 776 -1.45 -47.73 -21.37
C LYS D 776 -2.50 -48.10 -22.41
N ASN D 777 -3.02 -47.10 -23.13
CA ASN D 777 -4.01 -47.37 -24.17
C ASN D 777 -3.43 -48.22 -25.28
N THR D 778 -2.20 -47.92 -25.70
CA THR D 778 -1.57 -48.70 -26.76
C THR D 778 -1.23 -50.11 -26.28
N GLN D 779 -0.88 -50.25 -25.00
CA GLN D 779 -0.58 -51.58 -24.46
C GLN D 779 -1.79 -52.50 -24.55
N GLU D 780 -2.97 -52.00 -24.20
CA GLU D 780 -4.16 -52.84 -24.18
C GLU D 780 -4.54 -53.29 -25.57
N VAL D 781 -4.44 -52.40 -26.56
CA VAL D 781 -4.93 -52.72 -27.89
C VAL D 781 -4.02 -53.74 -28.57
N PHE D 782 -2.71 -53.50 -28.56
CA PHE D 782 -1.81 -54.30 -29.39
C PHE D 782 -1.13 -55.43 -28.63
N ALA D 783 -0.78 -55.23 -27.35
CA ALA D 783 -0.12 -56.28 -26.58
C ALA D 783 -1.14 -57.30 -26.08
N GLN D 784 -1.87 -57.86 -27.05
CA GLN D 784 -2.82 -58.94 -26.82
C GLN D 784 -2.19 -60.31 -27.03
N VAL D 785 -0.89 -60.36 -27.33
CA VAL D 785 -0.24 -61.58 -27.79
C VAL D 785 1.00 -61.82 -26.94
N LYS D 786 1.23 -63.09 -26.60
CA LYS D 786 2.47 -63.53 -25.98
C LYS D 786 3.27 -64.28 -27.03
N GLN D 787 4.53 -63.86 -27.23
CA GLN D 787 5.44 -64.35 -28.26
C GLN D 787 5.10 -63.69 -29.59
N ILE D 788 6.12 -63.25 -30.33
CA ILE D 788 5.92 -62.60 -31.62
C ILE D 788 5.88 -63.71 -32.67
N TYR D 789 4.67 -64.07 -33.10
CA TYR D 789 4.51 -65.11 -34.09
C TYR D 789 4.97 -64.62 -35.46
N LYS D 790 5.50 -65.54 -36.26
CA LYS D 790 5.97 -65.23 -37.60
C LYS D 790 5.29 -66.14 -38.61
N THR D 791 4.97 -65.56 -39.77
CA THR D 791 4.37 -66.32 -40.86
C THR D 791 5.42 -67.19 -41.53
N PRO D 792 5.02 -68.35 -42.07
CA PRO D 792 5.99 -69.23 -42.71
C PRO D 792 6.61 -68.56 -43.92
N PRO D 793 7.86 -68.92 -44.24
CA PRO D 793 8.48 -68.36 -45.46
C PRO D 793 7.70 -68.68 -46.73
N ILE D 794 7.11 -69.87 -46.79
CA ILE D 794 6.27 -70.28 -47.92
C ILE D 794 4.83 -70.04 -47.52
N LYS D 795 4.16 -69.13 -48.21
CA LYS D 795 2.81 -68.70 -47.87
C LYS D 795 1.82 -69.40 -48.78
N ASP D 796 1.34 -70.56 -48.34
CA ASP D 796 0.33 -71.34 -49.04
C ASP D 796 -0.87 -71.46 -48.10
N PHE D 797 -1.87 -70.60 -48.30
CA PHE D 797 -3.00 -70.54 -47.37
C PHE D 797 -4.29 -70.95 -48.06
N GLY D 798 -4.25 -72.01 -48.86
CA GLY D 798 -5.44 -72.50 -49.53
C GLY D 798 -5.98 -71.61 -50.62
N GLY D 799 -5.14 -70.77 -51.22
CA GLY D 799 -5.57 -69.84 -52.24
C GLY D 799 -5.79 -68.43 -51.75
N PHE D 800 -5.96 -68.24 -50.45
CA PHE D 800 -6.06 -66.89 -49.90
C PHE D 800 -4.73 -66.18 -50.00
N ASN D 801 -4.79 -64.87 -50.20
CA ASN D 801 -3.61 -64.05 -50.45
C ASN D 801 -3.57 -62.91 -49.44
N PHE D 802 -2.53 -62.90 -48.59
CA PHE D 802 -2.36 -61.89 -47.56
C PHE D 802 -1.12 -61.04 -47.81
N SER D 803 -0.73 -60.88 -49.07
CA SER D 803 0.49 -60.12 -49.37
C SER D 803 0.36 -58.67 -48.93
N GLN D 804 -0.79 -58.05 -49.19
CA GLN D 804 -1.00 -56.65 -48.86
C GLN D 804 -1.25 -56.42 -47.38
N ILE D 805 -1.45 -57.47 -46.60
CA ILE D 805 -1.67 -57.33 -45.17
C ILE D 805 -0.44 -57.80 -44.38
N LEU D 806 0.26 -58.82 -44.88
CA LEU D 806 1.47 -59.28 -44.22
C LEU D 806 2.60 -58.27 -44.45
N PRO D 807 3.52 -58.16 -43.50
CA PRO D 807 4.62 -57.19 -43.65
C PRO D 807 5.58 -57.61 -44.75
N ASP D 808 6.26 -56.61 -45.32
CA ASP D 808 7.31 -56.84 -46.29
C ASP D 808 8.56 -56.11 -45.84
N PRO D 809 9.74 -56.75 -45.94
CA PRO D 809 10.97 -56.08 -45.48
C PRO D 809 11.30 -54.80 -46.23
N SER D 810 10.81 -54.65 -47.45
CA SER D 810 11.13 -53.50 -48.29
C SER D 810 10.65 -52.19 -47.69
N LYS D 811 9.61 -52.24 -46.87
CA LYS D 811 9.08 -51.03 -46.27
C LYS D 811 10.07 -50.44 -45.27
N PRO D 812 10.07 -49.11 -45.09
CA PRO D 812 11.05 -48.50 -44.17
C PRO D 812 10.95 -49.02 -42.75
N SER D 813 9.75 -49.28 -42.25
CA SER D 813 9.56 -49.78 -40.89
C SER D 813 9.11 -51.23 -40.87
N LYS D 814 9.33 -51.96 -41.96
CA LYS D 814 8.86 -53.34 -42.10
C LYS D 814 7.36 -53.43 -41.88
N ARG D 815 6.63 -52.41 -42.32
CA ARG D 815 5.19 -52.38 -42.26
C ARG D 815 4.62 -53.13 -43.46
N SER D 816 3.30 -53.32 -43.45
CA SER D 816 2.62 -53.96 -44.56
C SER D 816 2.37 -52.94 -45.66
N PHE D 817 1.85 -53.43 -46.79
CA PHE D 817 1.51 -52.52 -47.89
C PHE D 817 0.37 -51.60 -47.47
N ILE D 818 -0.67 -52.14 -46.86
CA ILE D 818 -1.80 -51.31 -46.44
C ILE D 818 -1.41 -50.40 -45.30
N GLU D 819 -0.57 -50.87 -44.37
CA GLU D 819 -0.11 -50.01 -43.29
C GLU D 819 0.67 -48.82 -43.83
N ASP D 820 1.45 -49.03 -44.88
CA ASP D 820 2.20 -47.93 -45.49
C ASP D 820 1.25 -46.89 -46.07
N LEU D 821 0.14 -47.34 -46.67
CA LEU D 821 -0.86 -46.41 -47.18
C LEU D 821 -1.45 -45.57 -46.05
N LEU D 822 -1.81 -46.20 -44.93
CA LEU D 822 -2.53 -45.50 -43.87
C LEU D 822 -1.68 -44.40 -43.25
N PHE D 823 -0.37 -44.61 -43.17
CA PHE D 823 0.50 -43.58 -42.58
C PHE D 823 0.60 -42.35 -43.48
N ASN D 824 0.54 -42.53 -44.80
CA ASN D 824 0.70 -41.40 -45.70
C ASN D 824 -0.56 -40.55 -45.77
N LYS D 825 -1.73 -41.16 -45.57
CA LYS D 825 -2.99 -40.43 -45.74
C LYS D 825 -3.11 -39.29 -44.72
N VAL D 826 -2.70 -39.53 -43.49
CA VAL D 826 -2.80 -38.50 -42.45
C VAL D 826 -1.73 -37.43 -42.68
N THR D 827 -2.01 -36.21 -42.26
CA THR D 827 -1.07 -35.10 -42.42
C THR D 827 -1.02 -34.26 -41.15
N LYS D 854 9.96 -27.47 -29.23
CA LYS D 854 9.33 -27.06 -27.98
C LYS D 854 9.41 -25.55 -27.82
N PHE D 855 8.24 -24.90 -27.75
CA PHE D 855 8.16 -23.47 -27.59
C PHE D 855 7.20 -23.13 -26.46
N ASN D 856 7.58 -22.16 -25.63
CA ASN D 856 6.74 -21.66 -24.54
C ASN D 856 6.36 -22.78 -23.57
N GLY D 857 7.28 -23.71 -23.35
CA GLY D 857 7.08 -24.76 -22.38
C GLY D 857 6.26 -25.95 -22.86
N LEU D 858 5.85 -25.98 -24.11
CA LEU D 858 5.10 -27.10 -24.66
C LEU D 858 6.07 -28.15 -25.16
N THR D 859 6.18 -29.25 -24.42
CA THR D 859 7.06 -30.36 -24.80
C THR D 859 6.19 -31.56 -25.15
N VAL D 860 6.57 -32.26 -26.23
CA VAL D 860 5.85 -33.43 -26.69
C VAL D 860 6.66 -34.67 -26.37
N LEU D 861 6.14 -35.51 -25.49
CA LEU D 861 6.80 -36.73 -25.06
C LEU D 861 6.60 -37.83 -26.11
N PRO D 862 7.69 -38.45 -26.58
CA PRO D 862 7.55 -39.51 -27.57
C PRO D 862 6.82 -40.70 -26.98
N PRO D 863 6.02 -41.41 -27.79
CA PRO D 863 5.34 -42.60 -27.29
C PRO D 863 6.33 -43.70 -26.93
N LEU D 864 5.95 -44.51 -25.94
CA LEU D 864 6.83 -45.59 -25.49
C LEU D 864 7.06 -46.59 -26.60
N LEU D 865 6.01 -47.02 -27.29
CA LEU D 865 6.12 -47.96 -28.38
C LEU D 865 6.32 -47.20 -29.69
N THR D 866 7.48 -47.39 -30.30
CA THR D 866 7.72 -46.77 -31.59
C THR D 866 6.84 -47.41 -32.67
N ASP D 867 6.70 -46.70 -33.79
CA ASP D 867 5.84 -47.20 -34.86
C ASP D 867 6.32 -48.53 -35.39
N GLU D 868 7.63 -48.78 -35.33
CA GLU D 868 8.16 -50.09 -35.70
C GLU D 868 7.66 -51.17 -34.76
N MET D 869 7.60 -50.87 -33.46
CA MET D 869 7.15 -51.87 -32.48
C MET D 869 5.67 -52.16 -32.64
N ILE D 870 4.84 -51.13 -32.81
CA ILE D 870 3.41 -51.35 -32.97
C ILE D 870 3.12 -52.14 -34.23
N ALA D 871 3.81 -51.79 -35.33
CA ALA D 871 3.68 -52.58 -36.55
C ALA D 871 4.18 -54.00 -36.36
N GLN D 872 5.10 -54.22 -35.42
CA GLN D 872 5.55 -55.57 -35.12
C GLN D 872 4.49 -56.34 -34.33
N TYR D 873 3.78 -55.66 -33.43
CA TYR D 873 2.68 -56.29 -32.72
C TYR D 873 1.57 -56.70 -33.68
N THR D 874 1.27 -55.85 -34.66
CA THR D 874 0.21 -56.15 -35.62
C THR D 874 0.56 -57.40 -36.42
N SER D 875 1.81 -57.52 -36.86
CA SER D 875 2.23 -58.72 -37.60
C SER D 875 2.11 -59.96 -36.74
N ALA D 876 2.47 -59.86 -35.46
CA ALA D 876 2.38 -61.02 -34.57
C ALA D 876 0.93 -61.47 -34.39
N LEU D 877 0.01 -60.52 -34.18
CA LEU D 877 -1.39 -60.87 -34.09
C LEU D 877 -1.92 -61.39 -35.42
N LEU D 878 -1.48 -60.78 -36.52
CA LEU D 878 -1.95 -61.20 -37.84
C LEU D 878 -1.40 -62.57 -38.22
N ALA D 879 -0.12 -62.83 -37.91
CA ALA D 879 0.46 -64.13 -38.23
C ALA D 879 -0.12 -65.22 -37.34
N GLY D 880 -0.53 -64.87 -36.13
CA GLY D 880 -1.14 -65.84 -35.25
C GLY D 880 -2.49 -66.32 -35.75
N THR D 881 -3.33 -65.39 -36.23
CA THR D 881 -4.67 -65.76 -36.65
C THR D 881 -4.66 -66.48 -38.00
N ILE D 882 -3.71 -66.12 -38.88
CA ILE D 882 -3.59 -66.82 -40.16
C ILE D 882 -3.16 -68.26 -39.92
N THR D 883 -2.20 -68.48 -39.02
CA THR D 883 -1.67 -69.82 -38.82
C THR D 883 -2.53 -70.63 -37.87
N SER D 884 -2.96 -70.04 -36.75
CA SER D 884 -3.61 -70.80 -35.69
C SER D 884 -5.09 -70.51 -35.53
N GLY D 885 -5.52 -69.26 -35.69
CA GLY D 885 -6.92 -68.93 -35.56
C GLY D 885 -7.28 -68.56 -34.13
N TRP D 886 -8.29 -69.23 -33.59
CA TRP D 886 -8.72 -68.97 -32.21
C TRP D 886 -7.67 -69.37 -31.19
N THR D 887 -6.89 -70.41 -31.47
CA THR D 887 -6.13 -71.09 -30.43
C THR D 887 -5.11 -70.19 -29.74
N PHE D 888 -4.38 -69.36 -30.50
CA PHE D 888 -3.36 -68.54 -29.87
C PHE D 888 -3.99 -67.48 -28.97
N GLY D 889 -5.27 -67.19 -29.15
CA GLY D 889 -5.96 -66.30 -28.24
C GLY D 889 -6.13 -66.89 -26.85
N ALA D 890 -6.38 -68.21 -26.79
CA ALA D 890 -6.62 -68.85 -25.51
C ALA D 890 -5.32 -69.30 -24.86
N GLY D 891 -4.57 -70.17 -25.52
CA GLY D 891 -3.32 -70.65 -24.97
C GLY D 891 -2.19 -70.66 -25.97
N ALA D 892 -1.49 -71.78 -26.08
CA ALA D 892 -0.43 -71.92 -27.06
C ALA D 892 -1.00 -71.97 -28.47
N ALA D 893 -0.27 -71.38 -29.41
CA ALA D 893 -0.74 -71.34 -30.79
C ALA D 893 -0.70 -72.74 -31.39
N LEU D 894 -1.87 -73.22 -31.82
CA LEU D 894 -2.01 -74.54 -32.43
C LEU D 894 -2.23 -74.34 -33.92
N GLN D 895 -1.28 -74.81 -34.71
CA GLN D 895 -1.36 -74.64 -36.14
C GLN D 895 -2.53 -75.34 -36.74
N ILE D 896 -3.02 -74.82 -37.85
CA ILE D 896 -4.10 -75.49 -38.58
C ILE D 896 -4.12 -74.91 -39.98
N PRO D 897 -4.33 -75.72 -41.02
CA PRO D 897 -4.40 -75.17 -42.38
C PRO D 897 -5.48 -74.11 -42.48
N PHE D 898 -5.16 -73.04 -43.21
CA PHE D 898 -6.12 -71.95 -43.36
C PHE D 898 -7.36 -72.41 -44.12
N ALA D 899 -7.21 -73.46 -44.92
CA ALA D 899 -8.37 -74.03 -45.59
C ALA D 899 -9.40 -74.54 -44.60
N MET D 900 -8.95 -75.16 -43.49
CA MET D 900 -9.91 -75.64 -42.50
C MET D 900 -10.24 -74.60 -41.46
N GLN D 901 -9.35 -73.63 -41.24
CA GLN D 901 -9.66 -72.54 -40.32
C GLN D 901 -10.89 -71.77 -40.78
N MET D 902 -10.97 -71.48 -42.07
CA MET D 902 -12.16 -70.82 -42.61
C MET D 902 -13.37 -71.74 -42.56
N ALA D 903 -13.14 -73.05 -42.57
CA ALA D 903 -14.26 -73.99 -42.51
C ALA D 903 -14.92 -73.96 -41.15
N TYR D 904 -14.15 -73.74 -40.08
CA TYR D 904 -14.73 -73.68 -38.75
C TYR D 904 -15.54 -72.41 -38.59
N ARG D 905 -15.05 -71.32 -39.19
CA ARG D 905 -15.71 -70.03 -39.09
C ARG D 905 -17.03 -70.02 -39.86
N PHE D 906 -17.20 -70.95 -40.80
CA PHE D 906 -18.51 -71.14 -41.40
C PHE D 906 -19.45 -71.87 -40.45
N ASN D 907 -18.93 -72.84 -39.70
CA ASN D 907 -19.75 -73.49 -38.69
C ASN D 907 -20.11 -72.54 -37.56
N GLY D 908 -19.32 -71.50 -37.34
CA GLY D 908 -19.71 -70.49 -36.37
C GLY D 908 -20.93 -69.71 -36.80
N ILE D 909 -21.06 -69.46 -38.11
CA ILE D 909 -22.20 -68.69 -38.61
C ILE D 909 -23.36 -69.56 -39.05
N GLY D 910 -23.27 -70.87 -38.88
CA GLY D 910 -24.36 -71.76 -39.21
C GLY D 910 -24.33 -72.35 -40.60
N VAL D 911 -23.18 -72.34 -41.26
CA VAL D 911 -23.02 -72.90 -42.60
C VAL D 911 -22.11 -74.12 -42.51
N THR D 912 -22.53 -75.22 -43.12
CA THR D 912 -21.76 -76.45 -43.08
C THR D 912 -20.41 -76.25 -43.79
N GLN D 913 -19.46 -77.11 -43.41
CA GLN D 913 -18.10 -76.97 -43.94
C GLN D 913 -18.03 -77.24 -45.43
N ASN D 914 -18.94 -78.08 -45.96
CA ASN D 914 -18.85 -78.46 -47.36
C ASN D 914 -19.03 -77.25 -48.27
N VAL D 915 -19.71 -76.21 -47.79
CA VAL D 915 -19.88 -75.01 -48.60
C VAL D 915 -18.53 -74.35 -48.88
N LEU D 916 -17.64 -74.37 -47.88
CA LEU D 916 -16.31 -73.81 -48.10
C LEU D 916 -15.51 -74.66 -49.07
N TYR D 917 -15.32 -75.94 -48.76
CA TYR D 917 -14.41 -76.78 -49.53
C TYR D 917 -14.85 -76.89 -50.98
N GLU D 918 -16.15 -77.02 -51.22
CA GLU D 918 -16.64 -77.10 -52.59
C GLU D 918 -16.44 -75.78 -53.33
N ASN D 919 -16.55 -74.67 -52.62
CA ASN D 919 -16.41 -73.34 -53.21
C ASN D 919 -15.12 -72.64 -52.76
N GLN D 920 -14.08 -73.41 -52.45
CA GLN D 920 -12.87 -72.82 -51.88
C GLN D 920 -12.22 -71.84 -52.83
N LYS D 921 -12.14 -72.19 -54.12
CA LYS D 921 -11.54 -71.27 -55.09
C LYS D 921 -12.37 -70.01 -55.23
N LEU D 922 -13.70 -70.14 -55.25
CA LEU D 922 -14.56 -68.96 -55.34
C LEU D 922 -14.40 -68.05 -54.14
N ILE D 923 -14.37 -68.63 -52.94
CA ILE D 923 -14.28 -67.83 -51.73
C ILE D 923 -12.90 -67.19 -51.62
N ALA D 924 -11.86 -67.91 -52.02
CA ALA D 924 -10.51 -67.34 -52.03
C ALA D 924 -10.44 -66.14 -52.96
N ASN D 925 -11.04 -66.26 -54.16
CA ASN D 925 -11.03 -65.15 -55.10
C ASN D 925 -11.81 -63.95 -54.57
N GLN D 926 -12.95 -64.21 -53.92
CA GLN D 926 -13.75 -63.12 -53.38
C GLN D 926 -13.00 -62.37 -52.28
N PHE D 927 -12.28 -63.11 -51.42
CA PHE D 927 -11.48 -62.44 -50.40
C PHE D 927 -10.35 -61.64 -51.02
N ASN D 928 -9.65 -62.23 -51.99
CA ASN D 928 -8.56 -61.52 -52.65
C ASN D 928 -9.05 -60.28 -53.39
N SER D 929 -10.18 -60.40 -54.09
CA SER D 929 -10.75 -59.24 -54.78
C SER D 929 -11.19 -58.17 -53.79
N ALA D 930 -11.77 -58.59 -52.66
CA ALA D 930 -12.25 -57.62 -51.67
C ALA D 930 -11.09 -56.87 -51.04
N ILE D 931 -9.96 -57.56 -50.79
CA ILE D 931 -8.79 -56.88 -50.26
C ILE D 931 -8.27 -55.85 -51.25
N GLY D 932 -8.32 -56.16 -52.55
CA GLY D 932 -7.87 -55.22 -53.55
C GLY D 932 -8.66 -53.93 -53.55
N LYS D 933 -9.97 -54.02 -53.33
CA LYS D 933 -10.80 -52.82 -53.31
C LYS D 933 -10.49 -51.94 -52.11
N ILE D 934 -10.01 -52.52 -51.01
CA ILE D 934 -9.62 -51.72 -49.86
C ILE D 934 -8.42 -50.84 -50.22
N GLN D 935 -7.45 -51.40 -50.94
CA GLN D 935 -6.29 -50.62 -51.34
C GLN D 935 -6.71 -49.44 -52.21
N ASP D 936 -7.64 -49.65 -53.14
CA ASP D 936 -8.18 -48.55 -53.92
C ASP D 936 -8.95 -47.57 -53.03
N SER D 937 -9.73 -48.11 -52.09
CA SER D 937 -10.61 -47.26 -51.27
C SER D 937 -9.80 -46.29 -50.42
N LEU D 938 -8.71 -46.75 -49.82
CA LEU D 938 -7.92 -45.88 -48.95
C LEU D 938 -7.09 -44.89 -49.76
N SER D 939 -6.36 -45.39 -50.76
CA SER D 939 -5.41 -44.54 -51.47
C SER D 939 -6.12 -43.49 -52.34
N SER D 940 -7.16 -43.90 -53.07
CA SER D 940 -7.81 -42.98 -53.98
C SER D 940 -8.63 -41.93 -53.22
N THR D 941 -9.40 -42.35 -52.23
CA THR D 941 -10.30 -41.47 -51.51
C THR D 941 -9.59 -40.92 -50.28
N ALA D 942 -9.42 -39.60 -50.24
CA ALA D 942 -8.89 -38.94 -49.07
C ALA D 942 -9.96 -38.79 -48.01
N SER D 943 -9.53 -38.45 -46.79
CA SER D 943 -10.38 -38.26 -45.61
C SER D 943 -11.09 -39.54 -45.20
N ALA D 944 -10.64 -40.71 -45.69
CA ALA D 944 -11.19 -41.97 -45.20
C ALA D 944 -10.85 -42.16 -43.72
N LEU D 945 -9.63 -41.79 -43.33
CA LEU D 945 -9.22 -41.82 -41.93
C LEU D 945 -9.59 -40.53 -41.21
N GLY D 946 -10.85 -40.15 -41.32
CA GLY D 946 -11.29 -38.90 -40.71
C GLY D 946 -11.25 -38.94 -39.20
N LYS D 947 -11.55 -40.10 -38.61
CA LYS D 947 -11.57 -40.21 -37.15
C LYS D 947 -10.18 -39.98 -36.57
N LEU D 948 -9.14 -40.50 -37.21
CA LEU D 948 -7.78 -40.29 -36.73
C LEU D 948 -7.32 -38.87 -36.98
N GLN D 949 -7.63 -38.32 -38.16
CA GLN D 949 -7.18 -36.98 -38.50
C GLN D 949 -7.83 -35.94 -37.60
N ASP D 950 -9.07 -36.19 -37.18
CA ASP D 950 -9.74 -35.27 -36.26
C ASP D 950 -9.03 -35.22 -34.92
N VAL D 951 -8.50 -36.35 -34.46
CA VAL D 951 -7.75 -36.36 -33.21
C VAL D 951 -6.53 -35.45 -33.30
N VAL D 952 -5.80 -35.53 -34.41
CA VAL D 952 -4.63 -34.68 -34.59
C VAL D 952 -5.05 -33.22 -34.70
N ASN D 953 -6.09 -32.94 -35.48
CA ASN D 953 -6.53 -31.56 -35.68
C ASN D 953 -7.06 -30.95 -34.38
N GLN D 954 -7.83 -31.73 -33.61
CA GLN D 954 -8.38 -31.21 -32.36
C GLN D 954 -7.26 -30.88 -31.37
N ASN D 955 -6.26 -31.74 -31.26
CA ASN D 955 -5.17 -31.50 -30.32
C ASN D 955 -4.26 -30.37 -30.80
N ALA D 956 -3.96 -30.35 -32.10
CA ALA D 956 -3.08 -29.30 -32.62
C ALA D 956 -3.74 -27.93 -32.51
N GLN D 957 -5.05 -27.86 -32.75
CA GLN D 957 -5.74 -26.57 -32.63
C GLN D 957 -5.79 -26.11 -31.18
N ALA D 958 -5.96 -27.04 -30.25
CA ALA D 958 -5.97 -26.68 -28.84
C ALA D 958 -4.64 -26.11 -28.40
N LEU D 959 -3.54 -26.70 -28.87
CA LEU D 959 -2.21 -26.17 -28.56
C LEU D 959 -2.01 -24.81 -29.22
N ASN D 960 -2.50 -24.65 -30.45
CA ASN D 960 -2.38 -23.37 -31.15
C ASN D 960 -3.13 -22.27 -30.41
N THR D 961 -4.32 -22.58 -29.90
CA THR D 961 -5.07 -21.62 -29.11
C THR D 961 -4.34 -21.26 -27.83
N LEU D 962 -3.66 -22.23 -27.21
CA LEU D 962 -2.96 -21.97 -25.96
C LEU D 962 -1.83 -20.95 -26.16
N VAL D 963 -1.08 -21.08 -27.24
CA VAL D 963 0.02 -20.16 -27.49
C VAL D 963 -0.52 -18.78 -27.87
N LYS D 964 -1.56 -18.73 -28.68
CA LYS D 964 -2.10 -17.44 -29.11
C LYS D 964 -2.71 -16.69 -27.94
N GLN D 965 -3.09 -17.39 -26.88
CA GLN D 965 -3.62 -16.73 -25.69
C GLN D 965 -2.53 -16.00 -24.91
N LEU D 966 -1.27 -16.25 -25.22
CA LEU D 966 -0.18 -15.55 -24.53
C LEU D 966 -0.10 -14.10 -24.98
N SER D 967 -0.62 -13.79 -26.17
CA SER D 967 -0.59 -12.43 -26.68
C SER D 967 -1.81 -11.62 -26.29
N SER D 968 -2.74 -12.19 -25.54
CA SER D 968 -3.93 -11.46 -25.09
C SER D 968 -3.58 -10.61 -23.86
N ASN D 969 -4.12 -9.39 -23.82
CA ASN D 969 -3.79 -8.47 -22.75
C ASN D 969 -4.45 -8.87 -21.44
N PHE D 970 -5.67 -9.42 -21.50
CA PHE D 970 -6.47 -9.72 -20.31
C PHE D 970 -6.71 -8.48 -19.46
N GLY D 971 -6.71 -7.31 -20.08
CA GLY D 971 -6.93 -6.06 -19.38
C GLY D 971 -5.66 -5.36 -18.93
N ALA D 972 -4.51 -6.00 -19.04
CA ALA D 972 -3.25 -5.38 -18.64
C ALA D 972 -2.84 -4.33 -19.67
N ILE D 973 -1.78 -3.60 -19.32
CA ILE D 973 -1.25 -2.57 -20.24
C ILE D 973 -0.74 -3.22 -21.52
N SER D 974 -0.04 -4.34 -21.39
CA SER D 974 0.48 -5.07 -22.52
C SER D 974 0.59 -6.55 -22.17
N SER D 975 0.61 -7.39 -23.21
CA SER D 975 0.75 -8.83 -23.01
C SER D 975 2.21 -9.25 -22.90
N VAL D 976 3.16 -8.36 -23.18
CA VAL D 976 4.58 -8.67 -23.07
C VAL D 976 4.99 -8.44 -21.62
N LEU D 977 5.42 -9.51 -20.95
CA LEU D 977 5.67 -9.43 -19.52
C LEU D 977 6.93 -8.62 -19.22
N ASN D 978 7.96 -8.74 -20.05
CA ASN D 978 9.20 -8.03 -19.80
C ASN D 978 9.00 -6.52 -19.89
N ASP D 979 8.17 -6.07 -20.85
CA ASP D 979 7.96 -4.65 -21.03
C ASP D 979 7.30 -4.01 -19.82
N ILE D 980 6.34 -4.71 -19.20
CA ILE D 980 5.64 -4.16 -18.05
C ILE D 980 6.61 -3.88 -16.91
N LEU D 981 7.52 -4.82 -16.65
CA LEU D 981 8.52 -4.60 -15.62
C LEU D 981 9.42 -3.43 -15.97
N SER D 982 9.69 -3.23 -17.26
CA SER D 982 10.59 -2.16 -17.68
C SER D 982 9.98 -0.79 -17.43
N ARG D 983 8.74 -0.57 -17.86
CA ARG D 983 8.17 0.77 -17.81
C ARG D 983 7.23 0.98 -16.63
N LEU D 984 7.28 0.13 -15.61
CA LEU D 984 6.47 0.31 -14.41
C LEU D 984 7.28 -0.10 -13.19
N ASP D 985 7.01 0.58 -12.08
CA ASP D 985 7.62 0.24 -10.81
C ASP D 985 6.97 -1.02 -10.22
N PRO D 986 7.67 -1.73 -9.35
CA PRO D 986 7.14 -3.00 -8.82
C PRO D 986 5.77 -2.86 -8.17
N PRO D 987 5.49 -1.79 -7.41
CA PRO D 987 4.12 -1.67 -6.86
C PRO D 987 3.05 -1.58 -7.93
N GLU D 988 3.30 -0.85 -9.02
CA GLU D 988 2.31 -0.77 -10.09
C GLU D 988 2.37 -1.99 -11.01
N ALA D 989 3.56 -2.56 -11.20
CA ALA D 989 3.69 -3.71 -12.10
C ALA D 989 2.92 -4.92 -11.57
N GLU D 990 2.94 -5.12 -10.25
CA GLU D 990 2.29 -6.30 -9.67
C GLU D 990 0.81 -6.34 -10.00
N VAL D 991 0.15 -5.18 -10.02
CA VAL D 991 -1.26 -5.13 -10.37
C VAL D 991 -1.46 -5.57 -11.82
N GLN D 992 -0.62 -5.08 -12.73
CA GLN D 992 -0.75 -5.46 -14.14
C GLN D 992 -0.31 -6.90 -14.37
N ILE D 993 0.75 -7.33 -13.69
CA ILE D 993 1.20 -8.71 -13.83
C ILE D 993 0.14 -9.68 -13.34
N ASP D 994 -0.56 -9.31 -12.27
CA ASP D 994 -1.59 -10.20 -11.71
C ASP D 994 -2.71 -10.44 -12.71
N ARG D 995 -3.06 -9.42 -13.50
CA ARG D 995 -4.07 -9.61 -14.54
C ARG D 995 -3.62 -10.62 -15.58
N LEU D 996 -2.34 -10.56 -15.97
CA LEU D 996 -1.82 -11.52 -16.93
C LEU D 996 -1.81 -12.94 -16.36
N ILE D 997 -1.44 -13.08 -15.07
CA ILE D 997 -1.33 -14.40 -14.48
C ILE D 997 -2.70 -15.07 -14.40
N THR D 998 -3.70 -14.35 -13.89
CA THR D 998 -5.03 -14.96 -13.75
C THR D 998 -5.64 -15.23 -15.10
N GLY D 999 -5.29 -14.44 -16.12
CA GLY D 999 -5.74 -14.74 -17.47
C GLY D 999 -5.05 -15.97 -18.04
N ARG D 1000 -3.73 -16.05 -17.86
CA ARG D 1000 -2.98 -17.18 -18.41
C ARG D 1000 -3.27 -18.46 -17.64
N LEU D 1001 -3.41 -18.36 -16.32
CA LEU D 1001 -3.75 -19.53 -15.52
C LEU D 1001 -5.11 -20.08 -15.91
N GLN D 1002 -6.09 -19.19 -16.13
CA GLN D 1002 -7.39 -19.62 -16.62
C GLN D 1002 -7.28 -20.21 -18.02
N SER D 1003 -6.42 -19.62 -18.86
CA SER D 1003 -6.19 -20.18 -20.19
C SER D 1003 -5.60 -21.57 -20.11
N LEU D 1004 -4.65 -21.79 -19.19
CA LEU D 1004 -4.08 -23.12 -19.02
C LEU D 1004 -5.11 -24.08 -18.42
N GLN D 1005 -5.87 -23.63 -17.43
CA GLN D 1005 -6.88 -24.49 -16.81
C GLN D 1005 -7.92 -24.92 -17.83
N THR D 1006 -8.31 -24.01 -18.72
CA THR D 1006 -9.23 -24.39 -19.79
C THR D 1006 -8.62 -25.46 -20.68
N TYR D 1007 -7.34 -25.32 -21.02
CA TYR D 1007 -6.68 -26.29 -21.89
C TYR D 1007 -6.63 -27.68 -21.25
N VAL D 1008 -6.25 -27.75 -19.97
CA VAL D 1008 -6.10 -29.05 -19.33
C VAL D 1008 -7.47 -29.70 -19.13
N THR D 1009 -8.48 -28.91 -18.75
CA THR D 1009 -9.81 -29.47 -18.53
C THR D 1009 -10.38 -30.05 -19.81
N GLN D 1010 -10.22 -29.36 -20.94
N GLN D 1010 -10.21 -29.34 -20.93
CA GLN D 1010 -10.80 -29.84 -22.18
CA GLN D 1010 -10.77 -29.82 -22.20
C GLN D 1010 -10.06 -31.06 -22.74
C GLN D 1010 -10.11 -31.12 -22.64
N GLN D 1011 -8.86 -31.36 -22.25
CA GLN D 1011 -8.16 -32.56 -22.66
C GLN D 1011 -8.40 -33.74 -21.73
N LEU D 1012 -8.70 -33.49 -20.46
CA LEU D 1012 -9.14 -34.58 -19.60
C LEU D 1012 -10.45 -35.17 -20.09
N ILE D 1013 -11.35 -34.30 -20.57
CA ILE D 1013 -12.56 -34.78 -21.24
C ILE D 1013 -12.20 -35.47 -22.54
N ARG D 1014 -11.27 -34.90 -23.30
CA ARG D 1014 -10.88 -35.49 -24.58
C ARG D 1014 -10.16 -36.81 -24.38
N ALA D 1015 -9.28 -36.89 -23.39
CA ALA D 1015 -8.57 -38.15 -23.13
C ALA D 1015 -9.55 -39.22 -22.66
N ALA D 1016 -10.61 -38.82 -21.95
CA ALA D 1016 -11.64 -39.77 -21.57
C ALA D 1016 -12.35 -40.32 -22.80
N GLU D 1017 -12.56 -39.49 -23.81
CA GLU D 1017 -13.14 -39.96 -25.06
C GLU D 1017 -12.20 -40.92 -25.78
N ILE D 1018 -10.90 -40.64 -25.75
CA ILE D 1018 -9.93 -41.53 -26.38
C ILE D 1018 -9.87 -42.87 -25.64
N ARG D 1019 -9.90 -42.82 -24.31
CA ARG D 1019 -9.86 -44.07 -23.54
C ARG D 1019 -11.06 -44.96 -23.87
N ALA D 1020 -12.24 -44.36 -24.02
CA ALA D 1020 -13.41 -45.14 -24.42
C ALA D 1020 -13.19 -45.79 -25.77
N SER D 1021 -12.62 -45.05 -26.73
CA SER D 1021 -12.31 -45.63 -28.03
C SER D 1021 -11.18 -46.64 -27.92
N ALA D 1022 -10.22 -46.39 -27.03
CA ALA D 1022 -9.12 -47.34 -26.84
C ALA D 1022 -9.62 -48.64 -26.24
N ASN D 1023 -10.57 -48.56 -25.30
CA ASN D 1023 -11.16 -49.77 -24.73
C ASN D 1023 -11.96 -50.53 -25.78
N LEU D 1024 -12.66 -49.80 -26.66
CA LEU D 1024 -13.37 -50.45 -27.75
C LEU D 1024 -12.40 -51.13 -28.71
N ALA D 1025 -11.28 -50.47 -29.01
CA ALA D 1025 -10.28 -51.07 -29.89
C ALA D 1025 -9.70 -52.33 -29.28
N ALA D 1026 -9.42 -52.32 -27.98
CA ALA D 1026 -8.93 -53.53 -27.31
C ALA D 1026 -9.99 -54.63 -27.31
N THR D 1027 -11.25 -54.27 -27.08
CA THR D 1027 -12.33 -55.25 -27.09
C THR D 1027 -12.48 -55.88 -28.47
N LYS D 1028 -12.41 -55.06 -29.52
CA LYS D 1028 -12.54 -55.61 -30.88
C LYS D 1028 -11.36 -56.48 -31.24
N MET D 1029 -10.16 -56.13 -30.78
CA MET D 1029 -9.00 -56.97 -31.03
C MET D 1029 -9.17 -58.34 -30.36
N SER D 1030 -9.68 -58.35 -29.13
CA SER D 1030 -9.85 -59.61 -28.43
C SER D 1030 -10.98 -60.44 -29.02
N GLU D 1031 -12.09 -59.80 -29.39
CA GLU D 1031 -13.29 -60.53 -29.78
C GLU D 1031 -13.45 -60.70 -31.28
N CYS D 1032 -12.81 -59.88 -32.11
CA CYS D 1032 -12.90 -60.04 -33.54
C CYS D 1032 -11.64 -60.61 -34.17
N VAL D 1033 -10.46 -60.33 -33.61
CA VAL D 1033 -9.21 -60.80 -34.18
C VAL D 1033 -8.80 -62.11 -33.52
N LEU D 1034 -8.74 -62.13 -32.20
CA LEU D 1034 -8.36 -63.34 -31.47
C LEU D 1034 -9.47 -64.37 -31.41
N GLY D 1035 -10.67 -64.05 -31.89
CA GLY D 1035 -11.75 -65.01 -31.91
C GLY D 1035 -12.79 -64.60 -32.92
N GLN D 1036 -13.83 -65.42 -33.03
CA GLN D 1036 -14.95 -65.16 -33.92
C GLN D 1036 -16.16 -64.75 -33.08
N SER D 1037 -16.74 -63.61 -33.41
CA SER D 1037 -17.78 -63.01 -32.59
C SER D 1037 -19.16 -63.28 -33.17
N LYS D 1038 -20.10 -63.63 -32.30
CA LYS D 1038 -21.50 -63.78 -32.67
C LYS D 1038 -22.30 -62.51 -32.47
N ARG D 1039 -21.69 -61.46 -31.94
CA ARG D 1039 -22.40 -60.20 -31.74
C ARG D 1039 -22.64 -59.52 -33.08
N VAL D 1040 -23.87 -59.05 -33.30
CA VAL D 1040 -24.23 -58.46 -34.58
C VAL D 1040 -23.62 -57.07 -34.69
N ASP D 1041 -23.04 -56.79 -35.86
CA ASP D 1041 -22.48 -55.49 -36.22
C ASP D 1041 -21.30 -55.07 -35.35
N PHE D 1042 -20.83 -55.94 -34.46
CA PHE D 1042 -19.65 -55.60 -33.67
C PHE D 1042 -18.37 -55.70 -34.50
N CYS D 1043 -18.29 -56.70 -35.37
CA CYS D 1043 -17.10 -56.94 -36.17
C CYS D 1043 -17.48 -56.94 -37.65
N GLY D 1044 -18.20 -55.93 -38.06
CA GLY D 1044 -18.56 -55.76 -39.45
C GLY D 1044 -20.04 -56.01 -39.70
N LYS D 1045 -20.51 -55.57 -40.87
CA LYS D 1045 -21.90 -55.73 -41.26
C LYS D 1045 -22.05 -57.06 -41.99
N GLY D 1046 -22.66 -58.03 -41.34
CA GLY D 1046 -22.84 -59.35 -41.91
C GLY D 1046 -22.61 -60.41 -40.85
N TYR D 1047 -22.20 -61.59 -41.32
CA TYR D 1047 -21.85 -62.70 -40.44
C TYR D 1047 -20.34 -62.74 -40.30
N HIS D 1048 -19.84 -62.43 -39.10
CA HIS D 1048 -18.41 -62.32 -38.90
C HIS D 1048 -17.70 -63.64 -39.13
N LEU D 1049 -16.59 -63.59 -39.86
CA LEU D 1049 -15.70 -64.72 -40.00
C LEU D 1049 -14.37 -64.48 -39.31
N MET D 1050 -13.65 -63.43 -39.69
CA MET D 1050 -12.37 -63.11 -39.07
C MET D 1050 -12.07 -61.64 -39.30
N SER D 1051 -11.12 -61.13 -38.53
CA SER D 1051 -10.69 -59.74 -38.65
C SER D 1051 -9.17 -59.69 -38.63
N PHE D 1052 -8.62 -58.64 -39.24
CA PHE D 1052 -7.18 -58.46 -39.36
C PHE D 1052 -6.79 -57.08 -38.85
N PRO D 1053 -5.97 -56.99 -37.81
CA PRO D 1053 -5.53 -55.67 -37.34
C PRO D 1053 -4.54 -55.05 -38.30
N GLN D 1054 -4.55 -53.72 -38.36
CA GLN D 1054 -3.56 -52.98 -39.12
C GLN D 1054 -3.16 -51.75 -38.32
N SER D 1055 -1.85 -51.50 -38.24
CA SER D 1055 -1.36 -50.36 -37.50
C SER D 1055 -1.76 -49.06 -38.20
N ALA D 1056 -2.12 -48.07 -37.40
CA ALA D 1056 -2.49 -46.74 -37.86
C ALA D 1056 -1.65 -45.73 -37.11
N PRO D 1057 -1.50 -44.52 -37.66
CA PRO D 1057 -0.61 -43.54 -37.02
C PRO D 1057 -0.92 -43.28 -35.55
N HIS D 1058 -2.19 -43.21 -35.18
CA HIS D 1058 -2.58 -43.03 -33.79
C HIS D 1058 -3.79 -43.88 -33.42
N GLY D 1059 -4.05 -44.93 -34.16
CA GLY D 1059 -5.19 -45.79 -33.89
C GLY D 1059 -4.94 -47.18 -34.42
N VAL D 1060 -6.02 -47.85 -34.81
CA VAL D 1060 -5.96 -49.19 -35.37
C VAL D 1060 -7.05 -49.32 -36.41
N VAL D 1061 -6.75 -50.03 -37.50
CA VAL D 1061 -7.70 -50.30 -38.56
C VAL D 1061 -7.98 -51.79 -38.58
N PHE D 1062 -9.25 -52.16 -38.53
CA PHE D 1062 -9.67 -53.56 -38.50
C PHE D 1062 -10.27 -53.91 -39.85
N LEU D 1063 -9.79 -54.99 -40.45
CA LEU D 1063 -10.30 -55.50 -41.71
C LEU D 1063 -11.25 -56.66 -41.39
N HIS D 1064 -12.53 -56.36 -41.23
CA HIS D 1064 -13.52 -57.35 -40.84
C HIS D 1064 -13.99 -58.12 -42.07
N VAL D 1065 -13.74 -59.42 -42.09
CA VAL D 1065 -14.21 -60.30 -43.15
C VAL D 1065 -15.54 -60.89 -42.72
N THR D 1066 -16.57 -60.66 -43.52
CA THR D 1066 -17.92 -61.09 -43.18
C THR D 1066 -18.51 -61.92 -44.32
N TYR D 1067 -19.52 -62.72 -43.96
CA TYR D 1067 -20.23 -63.58 -44.88
C TYR D 1067 -21.60 -62.97 -45.13
N VAL D 1068 -21.78 -62.37 -46.30
CA VAL D 1068 -23.02 -61.69 -46.65
C VAL D 1068 -23.78 -62.57 -47.65
N PRO D 1069 -24.92 -63.14 -47.27
CA PRO D 1069 -25.69 -63.95 -48.22
C PRO D 1069 -26.20 -63.13 -49.38
N ALA D 1070 -26.30 -63.79 -50.54
CA ALA D 1070 -26.73 -63.13 -51.77
C ALA D 1070 -27.45 -64.14 -52.66
N GLN D 1071 -28.16 -63.62 -53.65
CA GLN D 1071 -28.89 -64.42 -54.62
C GLN D 1071 -29.89 -65.35 -53.94
N GLU D 1072 -30.79 -64.75 -53.16
CA GLU D 1072 -31.81 -65.52 -52.48
C GLU D 1072 -32.90 -65.96 -53.45
N LYS D 1073 -33.61 -67.02 -53.08
CA LYS D 1073 -34.77 -67.48 -53.83
C LYS D 1073 -35.90 -67.78 -52.87
N ASN D 1074 -37.14 -67.54 -53.32
CA ASN D 1074 -38.34 -67.84 -52.55
C ASN D 1074 -38.74 -69.29 -52.64
N PHE D 1075 -39.16 -69.89 -51.53
CA PHE D 1075 -39.61 -71.27 -51.52
C PHE D 1075 -40.78 -71.36 -50.57
N THR D 1076 -41.64 -72.36 -50.74
CA THR D 1076 -42.76 -72.55 -49.85
C THR D 1076 -42.18 -73.24 -48.65
N THR D 1077 -42.78 -73.10 -47.49
CA THR D 1077 -42.21 -73.64 -46.27
C THR D 1077 -43.30 -74.06 -45.30
N ALA D 1078 -43.01 -75.09 -44.51
CA ALA D 1078 -43.93 -75.58 -43.50
C ALA D 1078 -43.18 -75.80 -42.19
N PRO D 1079 -43.86 -75.61 -41.05
CA PRO D 1079 -43.19 -75.86 -39.77
C PRO D 1079 -42.68 -77.28 -39.61
N ALA D 1080 -43.55 -78.27 -39.82
CA ALA D 1080 -43.19 -79.67 -39.72
C ALA D 1080 -43.89 -80.44 -40.83
N ILE D 1081 -43.71 -81.76 -40.83
CA ILE D 1081 -44.30 -82.62 -41.85
C ILE D 1081 -44.93 -83.83 -41.16
N CYS D 1082 -46.19 -84.10 -41.50
CA CYS D 1082 -46.93 -85.21 -40.90
C CYS D 1082 -46.69 -86.47 -41.74
N HIS D 1083 -46.09 -87.48 -41.13
CA HIS D 1083 -45.82 -88.75 -41.79
C HIS D 1083 -46.25 -89.87 -40.87
N ASP D 1084 -47.20 -90.69 -41.32
CA ASP D 1084 -47.77 -91.77 -40.52
C ASP D 1084 -48.26 -91.26 -39.17
N GLY D 1085 -48.96 -90.13 -39.20
CA GLY D 1085 -49.50 -89.54 -37.99
C GLY D 1085 -48.44 -89.10 -37.00
N LYS D 1086 -47.30 -88.64 -37.49
CA LYS D 1086 -46.22 -88.17 -36.63
C LYS D 1086 -45.67 -86.86 -37.18
N ALA D 1087 -45.37 -85.94 -36.28
CA ALA D 1087 -44.86 -84.62 -36.65
C ALA D 1087 -43.33 -84.66 -36.66
N HIS D 1088 -42.75 -84.50 -37.83
CA HIS D 1088 -41.30 -84.51 -38.00
C HIS D 1088 -40.80 -83.07 -38.12
N PHE D 1089 -39.89 -82.69 -37.24
CA PHE D 1089 -39.31 -81.35 -37.27
C PHE D 1089 -37.87 -81.41 -37.76
N PRO D 1090 -37.39 -80.39 -38.46
CA PRO D 1090 -36.00 -80.41 -38.92
C PRO D 1090 -35.04 -80.34 -37.74
N ARG D 1091 -33.90 -81.01 -37.88
CA ARG D 1091 -32.90 -80.97 -36.81
C ARG D 1091 -32.16 -79.63 -36.82
N GLU D 1092 -31.47 -79.32 -37.92
CA GLU D 1092 -30.75 -78.06 -38.06
C GLU D 1092 -30.98 -77.51 -39.47
N GLY D 1093 -32.24 -77.56 -39.91
CA GLY D 1093 -32.54 -77.15 -41.27
C GLY D 1093 -33.93 -76.57 -41.38
N VAL D 1094 -34.36 -76.41 -42.63
CA VAL D 1094 -35.65 -75.83 -42.96
C VAL D 1094 -36.38 -76.80 -43.87
N PHE D 1095 -37.72 -76.77 -43.81
CA PHE D 1095 -38.54 -77.53 -44.73
C PHE D 1095 -38.95 -76.62 -45.90
N VAL D 1096 -38.20 -76.69 -46.98
CA VAL D 1096 -38.47 -75.85 -48.15
C VAL D 1096 -39.01 -76.73 -49.27
N SER D 1097 -39.79 -76.12 -50.15
CA SER D 1097 -40.38 -76.81 -51.28
C SER D 1097 -40.19 -75.97 -52.54
N ASN D 1098 -39.76 -76.61 -53.63
CA ASN D 1098 -39.64 -75.92 -54.90
C ASN D 1098 -40.93 -75.92 -55.70
N GLY D 1099 -42.05 -76.33 -55.09
CA GLY D 1099 -43.33 -76.33 -55.75
C GLY D 1099 -44.00 -77.68 -55.75
N THR D 1100 -43.21 -78.75 -55.92
CA THR D 1100 -43.73 -80.10 -55.99
C THR D 1100 -42.97 -81.10 -55.15
N HIS D 1101 -41.83 -80.72 -54.58
CA HIS D 1101 -41.02 -81.62 -53.76
C HIS D 1101 -40.57 -80.88 -52.51
N TRP D 1102 -40.44 -81.62 -51.41
CA TRP D 1102 -40.07 -81.06 -50.12
C TRP D 1102 -38.66 -81.49 -49.77
N PHE D 1103 -37.87 -80.58 -49.21
CA PHE D 1103 -36.47 -80.84 -48.91
C PHE D 1103 -36.12 -80.23 -47.56
N VAL D 1104 -34.95 -80.63 -47.06
CA VAL D 1104 -34.34 -80.04 -45.87
C VAL D 1104 -33.09 -79.31 -46.32
N THR D 1105 -33.00 -78.03 -45.99
CA THR D 1105 -31.83 -77.22 -46.32
C THR D 1105 -31.39 -76.42 -45.11
N GLN D 1106 -30.09 -76.15 -45.04
CA GLN D 1106 -29.58 -75.29 -43.99
C GLN D 1106 -30.05 -73.86 -44.20
N ARG D 1107 -30.21 -73.14 -43.08
CA ARG D 1107 -30.92 -71.87 -43.12
C ARG D 1107 -30.20 -70.83 -43.97
N ASN D 1108 -28.88 -70.78 -43.91
CA ASN D 1108 -28.12 -69.71 -44.55
C ASN D 1108 -27.63 -70.05 -45.95
N PHE D 1109 -27.99 -71.20 -46.50
CA PHE D 1109 -27.51 -71.58 -47.83
C PHE D 1109 -28.44 -72.64 -48.39
N TYR D 1110 -28.85 -72.47 -49.64
CA TYR D 1110 -29.78 -73.42 -50.26
C TYR D 1110 -29.03 -74.68 -50.63
N GLU D 1111 -29.20 -75.72 -49.81
CA GLU D 1111 -28.64 -77.05 -50.07
C GLU D 1111 -29.75 -78.08 -49.84
N PRO D 1112 -30.67 -78.22 -50.79
CA PRO D 1112 -31.79 -79.14 -50.59
C PRO D 1112 -31.34 -80.59 -50.46
N GLN D 1113 -32.01 -81.33 -49.59
CA GLN D 1113 -31.70 -82.73 -49.36
C GLN D 1113 -32.99 -83.50 -49.13
N ILE D 1114 -32.97 -84.80 -49.46
CA ILE D 1114 -34.13 -85.65 -49.24
C ILE D 1114 -34.44 -85.70 -47.76
N ILE D 1115 -35.72 -85.64 -47.43
CA ILE D 1115 -36.17 -85.64 -46.04
C ILE D 1115 -36.09 -87.06 -45.51
N THR D 1116 -35.26 -87.26 -44.49
CA THR D 1116 -35.02 -88.60 -43.94
C THR D 1116 -35.22 -88.57 -42.43
N THR D 1117 -35.08 -89.73 -41.83
CA THR D 1117 -35.13 -89.83 -40.37
C THR D 1117 -33.88 -89.23 -39.75
N ASP D 1118 -32.75 -89.27 -40.47
CA ASP D 1118 -31.50 -88.76 -39.93
C ASP D 1118 -31.55 -87.26 -39.66
N ASN D 1119 -32.16 -86.48 -40.57
CA ASN D 1119 -32.19 -85.03 -40.43
C ASN D 1119 -33.51 -84.50 -39.90
N THR D 1120 -34.38 -85.36 -39.40
CA THR D 1120 -35.64 -84.95 -38.77
C THR D 1120 -35.84 -85.72 -37.48
N PHE D 1121 -36.59 -85.13 -36.56
CA PHE D 1121 -36.94 -85.80 -35.31
C PHE D 1121 -38.44 -85.71 -35.07
N VAL D 1122 -38.97 -86.74 -34.43
CA VAL D 1122 -40.42 -86.90 -34.25
C VAL D 1122 -40.79 -86.37 -32.87
N SER D 1123 -41.88 -85.62 -32.80
CA SER D 1123 -42.40 -85.12 -31.54
C SER D 1123 -43.92 -85.13 -31.59
N GLY D 1124 -44.52 -86.19 -31.07
CA GLY D 1124 -45.97 -86.28 -31.00
C GLY D 1124 -46.62 -86.47 -32.35
N ASN D 1125 -47.94 -86.31 -32.35
CA ASN D 1125 -48.72 -86.42 -33.58
C ASN D 1125 -48.77 -85.09 -34.31
N CYS D 1126 -49.34 -85.11 -35.51
CA CYS D 1126 -49.37 -83.95 -36.38
C CYS D 1126 -50.66 -83.16 -36.28
N ASP D 1127 -51.28 -83.10 -35.10
CA ASP D 1127 -52.53 -82.37 -34.96
C ASP D 1127 -52.30 -81.01 -34.31
N VAL D 1128 -51.40 -80.93 -33.33
CA VAL D 1128 -51.26 -79.72 -32.55
C VAL D 1128 -50.62 -78.60 -33.38
N VAL D 1129 -49.56 -78.92 -34.12
CA VAL D 1129 -48.80 -77.90 -34.82
C VAL D 1129 -49.62 -77.30 -35.95
N ILE D 1130 -49.59 -75.98 -36.06
CA ILE D 1130 -50.35 -75.25 -37.06
C ILE D 1130 -49.51 -75.08 -38.31
N GLY D 1131 -50.03 -75.51 -39.45
CA GLY D 1131 -49.33 -75.38 -40.71
C GLY D 1131 -48.57 -76.61 -41.16
N ILE D 1132 -48.75 -77.75 -40.50
CA ILE D 1132 -48.04 -78.96 -40.89
C ILE D 1132 -48.59 -79.47 -42.23
N VAL D 1133 -47.70 -80.01 -43.05
CA VAL D 1133 -48.05 -80.52 -44.36
C VAL D 1133 -47.75 -82.01 -44.42
N ASN D 1134 -48.09 -82.61 -45.55
CA ASN D 1134 -47.91 -84.04 -45.78
C ASN D 1134 -46.74 -84.30 -46.72
N ASN D 1135 -45.95 -85.30 -46.38
CA ASN D 1135 -44.91 -85.83 -47.26
C ASN D 1135 -44.50 -87.20 -46.72
N THR D 1136 -43.59 -87.86 -47.42
CA THR D 1136 -43.05 -89.15 -47.00
C THR D 1136 -41.63 -88.94 -46.50
N VAL D 1137 -41.38 -89.28 -45.24
CA VAL D 1137 -40.05 -89.21 -44.67
C VAL D 1137 -39.33 -90.52 -44.95
N TYR D 1138 -38.33 -90.46 -45.82
CA TYR D 1138 -37.63 -91.64 -46.30
C TYR D 1138 -36.75 -92.22 -45.19
N ASP D 1139 -37.00 -93.47 -44.84
CA ASP D 1139 -36.27 -94.16 -43.79
C ASP D 1139 -35.13 -94.96 -44.41
N PRO D 1140 -33.87 -94.63 -44.12
CA PRO D 1140 -32.76 -95.35 -44.78
C PRO D 1140 -32.70 -96.82 -44.43
N LEU D 1141 -33.31 -97.26 -43.33
CA LEU D 1141 -33.22 -98.66 -42.94
C LEU D 1141 -34.05 -99.55 -43.85
N GLN D 1142 -35.19 -99.04 -44.33
CA GLN D 1142 -36.08 -99.87 -45.14
C GLN D 1142 -35.44 -100.40 -46.42
N PRO D 1143 -34.75 -99.59 -47.23
CA PRO D 1143 -34.15 -100.16 -48.46
C PRO D 1143 -33.16 -101.28 -48.19
N GLU D 1144 -32.39 -101.20 -47.10
CA GLU D 1144 -31.45 -102.26 -46.78
C GLU D 1144 -32.18 -103.57 -46.48
N LEU D 1145 -33.41 -103.48 -45.99
CA LEU D 1145 -34.19 -104.65 -45.64
C LEU D 1145 -35.38 -104.82 -46.59
N ILE E 22 3.20 23.13 33.87
CA ILE E 22 3.88 23.53 32.64
C ILE E 22 4.41 24.96 32.76
N VAL E 23 5.73 25.09 32.81
CA VAL E 23 6.33 26.42 32.88
C VAL E 23 6.32 27.06 31.51
N LEU E 24 5.85 28.30 31.45
CA LEU E 24 5.75 29.05 30.21
C LEU E 24 6.87 30.08 30.14
N THR E 25 7.58 30.11 29.02
CA THR E 25 8.67 31.07 28.80
C THR E 25 8.26 32.01 27.69
N GLN E 26 8.29 33.31 27.95
CA GLN E 26 7.76 34.30 27.03
C GLN E 26 8.90 35.10 26.43
N SER E 27 8.68 35.57 25.19
CA SER E 27 9.61 36.42 24.43
C SER E 27 9.76 37.75 25.16
N PRO E 28 10.69 38.68 24.73
CA PRO E 28 11.06 39.81 25.59
C PRO E 28 9.91 40.53 26.27
N ALA E 29 10.15 40.94 27.53
CA ALA E 29 9.09 41.51 28.35
C ALA E 29 8.56 42.80 27.75
N SER E 30 9.43 43.63 27.21
CA SER E 30 9.02 44.92 26.66
C SER E 30 9.31 44.96 25.17
N LEU E 31 8.31 45.31 24.38
CA LEU E 31 8.44 45.47 22.93
C LEU E 31 8.20 46.93 22.57
N ALA E 32 9.09 47.48 21.75
CA ALA E 32 8.97 48.84 21.25
C ALA E 32 8.88 48.77 19.73
N VAL E 33 7.69 49.02 19.19
CA VAL E 33 7.47 49.02 17.75
C VAL E 33 6.69 50.29 17.40
N SER E 34 6.97 50.84 16.23
CA SER E 34 6.22 52.00 15.74
C SER E 34 4.80 51.59 15.38
N LEU E 35 3.91 52.57 15.36
CA LEU E 35 2.52 52.32 15.02
C LEU E 35 2.41 51.73 13.62
N GLY E 36 1.52 50.76 13.47
CA GLY E 36 1.33 50.11 12.18
C GLY E 36 2.35 49.05 11.82
N GLN E 37 3.29 48.75 12.72
CA GLN E 37 4.32 47.75 12.48
C GLN E 37 3.93 46.43 13.12
N ARG E 38 4.63 45.37 12.70
CA ARG E 38 4.37 44.05 13.24
C ARG E 38 4.92 43.91 14.64
N ALA E 39 4.08 43.42 15.56
CA ALA E 39 4.48 43.09 16.91
C ALA E 39 4.28 41.59 17.12
N THR E 40 5.35 40.88 17.45
CA THR E 40 5.32 39.44 17.59
C THR E 40 5.74 39.07 19.01
N ILE E 41 4.87 38.34 19.70
CA ILE E 41 5.14 37.83 21.04
C ILE E 41 5.14 36.32 20.98
N SER E 42 6.26 35.70 21.35
CA SER E 42 6.44 34.26 21.25
C SER E 42 6.45 33.65 22.65
N CYS E 43 5.64 32.62 22.85
CA CYS E 43 5.56 31.93 24.12
C CYS E 43 5.77 30.43 23.89
N ARG E 44 6.65 29.83 24.68
CA ARG E 44 7.00 28.43 24.59
C ARG E 44 6.59 27.72 25.87
N ALA E 45 6.23 26.44 25.72
CA ALA E 45 5.74 25.63 26.82
C ALA E 45 6.69 24.47 27.07
N SER E 46 6.79 24.08 28.33
CA SER E 46 7.68 22.99 28.71
C SER E 46 7.15 21.65 28.19
N GLU E 47 5.87 21.38 28.40
CA GLU E 47 5.22 20.22 27.81
C GLU E 47 4.29 20.67 26.68
N SER E 48 3.82 19.69 25.91
CA SER E 48 2.91 19.98 24.81
C SER E 48 1.53 20.35 25.32
N VAL E 49 1.07 21.56 24.98
CA VAL E 49 -0.28 21.98 25.37
C VAL E 49 -1.33 21.23 24.55
N ASP E 50 -0.94 20.65 23.43
CA ASP E 50 -1.88 19.97 22.56
C ASP E 50 -2.53 18.79 23.27
N ASN E 51 -3.85 18.69 23.15
CA ASN E 51 -4.60 17.56 23.68
C ASN E 51 -5.96 17.52 23.00
N TYR E 52 -6.44 16.30 22.75
CA TYR E 52 -7.72 16.08 22.07
C TYR E 52 -7.73 16.76 20.70
N GLY E 53 -6.56 16.82 20.06
CA GLY E 53 -6.45 17.44 18.76
C GLY E 53 -6.27 18.94 18.80
N ILE E 54 -7.13 19.63 19.56
CA ILE E 54 -7.09 21.08 19.65
C ILE E 54 -5.90 21.52 20.48
N SER E 55 -5.62 22.82 20.47
CA SER E 55 -4.57 23.42 21.28
C SER E 55 -5.20 24.33 22.31
N PHE E 56 -4.74 24.23 23.57
CA PHE E 56 -5.32 24.95 24.68
C PHE E 56 -4.49 26.17 25.08
N MET E 57 -3.72 26.73 24.16
CA MET E 57 -2.83 27.84 24.46
C MET E 57 -3.56 29.15 24.18
N ASN E 58 -3.78 29.94 25.23
CA ASN E 58 -4.63 31.12 25.19
C ASN E 58 -3.81 32.38 25.37
N TRP E 59 -4.31 33.48 24.83
CA TRP E 59 -3.66 34.78 24.93
C TRP E 59 -4.60 35.81 25.55
N PHE E 60 -4.11 36.46 26.60
CA PHE E 60 -4.85 37.44 27.38
C PHE E 60 -4.22 38.82 27.23
N GLN E 61 -5.06 39.85 27.31
CA GLN E 61 -4.63 41.24 27.30
C GLN E 61 -5.16 41.93 28.55
N GLN E 62 -4.33 42.77 29.16
CA GLN E 62 -4.70 43.51 30.36
C GLN E 62 -4.20 44.95 30.23
N THR E 63 -5.11 45.85 29.94
CA THR E 63 -4.81 47.28 30.01
C THR E 63 -4.69 47.69 31.48
N PRO E 64 -3.68 48.48 31.82
CA PRO E 64 -3.52 48.91 33.22
C PRO E 64 -4.79 49.58 33.73
N GLY E 65 -5.17 49.24 34.96
CA GLY E 65 -6.41 49.72 35.51
C GLY E 65 -7.64 48.98 35.02
N GLN E 66 -7.45 47.86 34.32
CA GLN E 66 -8.54 47.06 33.79
C GLN E 66 -8.27 45.58 34.05
N PRO E 67 -9.32 44.76 34.15
CA PRO E 67 -9.11 43.32 34.30
C PRO E 67 -8.56 42.72 33.02
N PRO E 68 -7.89 41.56 33.12
CA PRO E 68 -7.44 40.88 31.90
C PRO E 68 -8.61 40.54 30.99
N LYS E 69 -8.37 40.64 29.69
CA LYS E 69 -9.38 40.38 28.69
C LYS E 69 -8.93 39.23 27.79
N LEU E 70 -9.85 38.32 27.49
CA LEU E 70 -9.55 37.21 26.62
C LEU E 70 -9.41 37.69 25.19
N LEU E 71 -8.22 37.52 24.61
CA LEU E 71 -8.00 37.80 23.20
C LEU E 71 -8.16 36.55 22.35
N ILE E 72 -7.38 35.51 22.64
CA ILE E 72 -7.32 34.32 21.80
C ILE E 72 -7.60 33.12 22.68
N TYR E 73 -8.74 32.46 22.46
CA TYR E 73 -8.99 31.17 23.07
C TYR E 73 -8.67 30.08 22.06
N GLY E 74 -7.97 29.05 22.51
CA GLY E 74 -7.39 28.10 21.60
C GLY E 74 -6.19 28.71 20.91
N SER E 75 -5.57 27.92 20.03
CA SER E 75 -4.34 28.38 19.38
C SER E 75 -4.58 29.61 18.52
N SER E 76 -5.69 29.64 17.77
CA SER E 76 -5.91 30.69 16.80
C SER E 76 -7.28 31.34 16.87
N ASN E 77 -8.28 30.68 17.44
CA ASN E 77 -9.62 31.25 17.48
C ASN E 77 -9.64 32.54 18.27
N GLN E 78 -10.32 33.55 17.74
CA GLN E 78 -10.33 34.87 18.34
C GLN E 78 -11.52 35.03 19.27
N GLY E 79 -11.28 35.67 20.42
CA GLY E 79 -12.33 35.88 21.39
C GLY E 79 -13.37 36.87 20.93
N SER E 80 -14.44 36.97 21.70
CA SER E 80 -15.54 37.86 21.36
C SER E 80 -15.09 39.31 21.41
N GLY E 81 -15.48 40.08 20.39
CA GLY E 81 -15.14 41.49 20.34
C GLY E 81 -13.65 41.76 20.22
N VAL E 82 -12.94 40.93 19.46
CA VAL E 82 -11.50 41.08 19.27
C VAL E 82 -11.27 41.53 17.83
N PRO E 83 -10.63 42.67 17.60
CA PRO E 83 -10.39 43.13 16.23
C PRO E 83 -9.51 42.15 15.45
N ALA E 84 -9.50 42.33 14.13
CA ALA E 84 -8.75 41.44 13.27
C ALA E 84 -7.24 41.64 13.39
N ARG E 85 -6.80 42.67 14.10
CA ARG E 85 -5.36 42.92 14.24
C ARG E 85 -4.67 41.77 14.93
N PHE E 86 -5.25 41.28 16.02
CA PHE E 86 -4.63 40.21 16.80
C PHE E 86 -4.80 38.88 16.10
N SER E 87 -3.70 38.15 15.94
CA SER E 87 -3.76 36.82 15.33
C SER E 87 -2.90 35.86 16.14
N GLY E 88 -3.40 34.65 16.33
CA GLY E 88 -2.68 33.61 17.06
C GLY E 88 -2.23 32.51 16.12
N SER E 89 -1.03 31.98 16.36
CA SER E 89 -0.50 30.92 15.53
C SER E 89 0.38 30.01 16.39
N GLY E 90 0.68 28.83 15.86
CA GLY E 90 1.59 27.92 16.51
C GLY E 90 0.87 26.71 17.08
N SER E 91 1.69 25.78 17.58
CA SER E 91 1.17 24.53 18.12
C SER E 91 2.26 23.89 18.98
N GLY E 92 1.94 22.72 19.52
CA GLY E 92 2.90 21.96 20.30
C GLY E 92 3.43 22.73 21.49
N THR E 93 4.70 23.13 21.41
CA THR E 93 5.35 23.89 22.47
C THR E 93 5.81 25.27 22.00
N ASP E 94 5.33 25.75 20.86
CA ASP E 94 5.72 27.05 20.33
C ASP E 94 4.48 27.76 19.83
N PHE E 95 4.23 28.96 20.35
CA PHE E 95 3.06 29.74 19.95
C PHE E 95 3.46 31.19 19.79
N SER E 96 2.69 31.92 18.99
CA SER E 96 3.02 33.30 18.68
C SER E 96 1.73 34.12 18.53
N LEU E 97 1.82 35.37 18.94
CA LEU E 97 0.77 36.37 18.78
C LEU E 97 1.30 37.49 17.92
N ASN E 98 0.53 37.86 16.89
CA ASN E 98 0.95 38.81 15.88
C ASN E 98 -0.03 39.96 15.83
N ILE E 99 0.49 41.18 15.83
CA ILE E 99 -0.31 42.40 15.71
C ILE E 99 0.35 43.26 14.64
N HIS E 100 -0.13 43.16 13.40
CA HIS E 100 0.46 43.95 12.33
C HIS E 100 -0.04 45.39 12.31
N PRO E 101 -1.34 45.68 12.38
CA PRO E 101 -1.75 47.09 12.45
C PRO E 101 -1.66 47.65 13.86
N MET E 102 -0.44 47.86 14.35
CA MET E 102 -0.26 48.32 15.73
C MET E 102 -0.98 49.66 15.93
N GLU E 103 -1.74 49.74 17.02
CA GLU E 103 -2.58 50.90 17.30
C GLU E 103 -2.26 51.43 18.69
N GLU E 104 -2.45 52.74 18.86
CA GLU E 104 -2.13 53.38 20.13
C GLU E 104 -2.92 52.77 21.29
N ASP E 105 -4.12 52.27 21.01
CA ASP E 105 -4.93 51.63 22.04
C ASP E 105 -4.34 50.29 22.48
N ASP E 106 -3.48 49.67 21.67
CA ASP E 106 -2.96 48.34 21.96
C ASP E 106 -1.88 48.35 23.03
N THR E 107 -1.67 49.47 23.71
CA THR E 107 -0.75 49.52 24.83
C THR E 107 -1.38 48.82 26.03
N ALA E 108 -0.81 47.69 26.43
CA ALA E 108 -1.31 46.89 27.54
C ALA E 108 -0.24 45.87 27.91
N MET E 109 -0.60 44.92 28.76
CA MET E 109 0.28 43.82 29.15
C MET E 109 -0.32 42.52 28.65
N TYR E 110 0.47 41.73 27.94
CA TYR E 110 -0.03 40.56 27.23
C TYR E 110 0.53 39.29 27.86
N PHE E 111 -0.35 38.34 28.13
CA PHE E 111 0.00 37.09 28.79
C PHE E 111 -0.33 35.89 27.92
N CYS E 112 0.50 34.86 28.03
CA CYS E 112 0.24 33.57 27.42
C CYS E 112 -0.09 32.58 28.53
N GLN E 113 -1.15 31.80 28.34
CA GLN E 113 -1.69 30.93 29.37
C GLN E 113 -1.97 29.55 28.77
N GLN E 114 -1.88 28.52 29.62
CA GLN E 114 -2.13 27.15 29.20
C GLN E 114 -3.31 26.58 29.98
N SER E 115 -4.16 25.83 29.30
CA SER E 115 -5.34 25.24 29.91
C SER E 115 -5.36 23.72 29.83
N LYS E 116 -4.24 23.09 29.50
CA LYS E 116 -4.23 21.64 29.33
C LYS E 116 -4.28 20.93 30.68
N GLU E 117 -3.56 21.43 31.67
CA GLU E 117 -3.41 20.75 32.95
C GLU E 117 -4.11 21.54 34.05
N VAL E 118 -4.34 20.89 35.18
CA VAL E 118 -5.10 21.50 36.27
C VAL E 118 -4.49 22.82 36.73
N PRO E 119 -3.17 22.91 37.02
CA PRO E 119 -2.60 24.22 37.37
C PRO E 119 -2.50 25.10 36.15
N TYR E 120 -3.42 26.05 36.03
CA TYR E 120 -3.37 27.00 34.93
C TYR E 120 -2.21 27.96 35.13
N THR E 121 -1.23 27.88 34.23
CA THR E 121 -0.02 28.66 34.35
C THR E 121 -0.02 29.79 33.33
N PHE E 122 0.22 31.00 33.82
CA PHE E 122 0.33 32.18 32.98
C PHE E 122 1.79 32.43 32.63
N GLY E 123 1.99 33.18 31.55
CA GLY E 123 3.32 33.54 31.11
C GLY E 123 3.92 34.67 31.93
N GLY E 124 5.17 34.99 31.61
CA GLY E 124 5.85 36.06 32.32
C GLY E 124 5.26 37.43 32.06
N GLY E 125 4.44 37.55 31.03
CA GLY E 125 3.85 38.81 30.68
C GLY E 125 4.72 39.60 29.73
N THR E 126 4.08 40.42 28.90
CA THR E 126 4.81 41.24 27.93
C THR E 126 4.07 42.57 27.80
N LYS E 127 4.80 43.66 27.98
CA LYS E 127 4.23 44.99 27.86
C LYS E 127 4.57 45.59 26.50
N LEU E 128 3.55 46.06 25.80
CA LEU E 128 3.70 46.63 24.47
C LEU E 128 3.68 48.15 24.58
N GLU E 129 4.73 48.79 24.06
CA GLU E 129 4.82 50.25 24.04
C GLU E 129 5.27 50.70 22.66
N ILE E 130 4.76 51.85 22.24
CA ILE E 130 5.08 52.41 20.94
C ILE E 130 6.47 52.99 20.95
N LYS E 131 7.17 52.89 19.82
CA LYS E 131 8.50 53.44 19.69
C LYS E 131 8.45 54.84 19.09
N ARG E 132 9.29 55.72 19.62
CA ARG E 132 9.46 57.05 19.06
C ARG E 132 10.96 57.38 19.06
N THR E 133 11.30 58.55 18.56
CA THR E 133 12.69 58.94 18.44
C THR E 133 13.32 59.10 19.83
N VAL E 134 14.60 58.72 19.93
CA VAL E 134 15.31 58.83 21.19
C VAL E 134 15.41 60.31 21.58
N ALA E 135 15.04 60.61 22.82
CA ALA E 135 15.00 61.99 23.30
C ALA E 135 15.96 62.16 24.45
N ALA E 136 16.58 63.34 24.50
CA ALA E 136 17.49 63.67 25.59
C ALA E 136 16.70 63.98 26.85
N PRO E 137 16.99 63.34 27.98
CA PRO E 137 16.24 63.60 29.21
C PRO E 137 16.42 65.03 29.70
N SER E 138 15.36 65.57 30.28
CA SER E 138 15.40 66.86 30.95
C SER E 138 15.72 66.61 32.41
N VAL E 139 16.93 67.01 32.82
CA VAL E 139 17.40 66.71 34.16
C VAL E 139 17.11 67.89 35.10
N PHE E 140 16.71 67.57 36.33
CA PHE E 140 16.48 68.57 37.35
C PHE E 140 16.83 67.98 38.72
N ILE E 141 17.14 68.86 39.68
CA ILE E 141 17.38 68.44 41.05
C ILE E 141 16.68 69.43 41.97
N PHE E 142 16.22 68.93 43.11
CA PHE E 142 15.51 69.72 44.09
C PHE E 142 16.01 69.41 45.49
N PRO E 143 16.53 70.41 46.21
CA PRO E 143 16.89 70.20 47.60
C PRO E 143 15.66 70.12 48.47
N PRO E 144 15.76 69.55 49.68
CA PRO E 144 14.60 69.44 50.56
C PRO E 144 14.11 70.79 51.03
N SER E 145 12.82 70.86 51.36
CA SER E 145 12.25 72.09 51.87
C SER E 145 12.66 72.32 53.32
N ASP E 146 12.68 73.60 53.72
CA ASP E 146 13.04 73.94 55.09
C ASP E 146 12.04 73.37 56.09
N GLU E 147 10.75 73.36 55.72
CA GLU E 147 9.74 72.73 56.58
C GLU E 147 10.04 71.25 56.76
N GLN E 148 10.44 70.57 55.68
CA GLN E 148 10.84 69.18 55.79
C GLN E 148 12.09 69.03 56.65
N LEU E 149 13.04 69.95 56.49
CA LEU E 149 14.26 69.91 57.30
C LEU E 149 13.95 70.03 58.77
N LYS E 150 12.97 70.87 59.13
CA LYS E 150 12.55 70.97 60.52
C LYS E 150 12.04 69.64 61.05
N SER E 151 11.51 68.80 60.16
CA SER E 151 10.92 67.52 60.56
C SER E 151 11.98 66.47 60.86
N GLY E 152 13.26 66.84 60.75
CA GLY E 152 14.33 65.90 61.02
C GLY E 152 14.56 64.90 59.91
N THR E 153 13.98 65.12 58.73
CA THR E 153 14.16 64.25 57.59
C THR E 153 14.25 65.11 56.34
N ALA E 154 15.19 64.78 55.46
CA ALA E 154 15.45 65.57 54.26
C ALA E 154 15.45 64.66 53.05
N SER E 155 14.68 65.03 52.03
CA SER E 155 14.60 64.26 50.79
C SER E 155 15.05 65.14 49.64
N VAL E 156 16.10 64.71 48.94
CA VAL E 156 16.57 65.37 47.74
C VAL E 156 16.03 64.61 46.54
N VAL E 157 15.60 65.34 45.51
CA VAL E 157 14.86 64.77 44.39
C VAL E 157 15.65 64.99 43.11
N CYS E 158 15.71 63.96 42.27
CA CYS E 158 16.22 64.07 40.91
C CYS E 158 15.07 63.77 39.96
N LEU E 159 14.89 64.63 38.96
CA LEU E 159 13.77 64.58 38.04
C LEU E 159 14.28 64.38 36.62
N LEU E 160 13.71 63.41 35.93
CA LEU E 160 13.99 63.18 34.51
C LEU E 160 12.67 63.33 33.75
N ASN E 161 12.61 64.32 32.88
CA ASN E 161 11.39 64.68 32.18
C ASN E 161 11.55 64.46 30.68
N ASN E 162 10.57 63.76 30.09
CA ASN E 162 10.47 63.59 28.64
C ASN E 162 11.70 62.90 28.06
N PHE E 163 11.93 61.66 28.49
CA PHE E 163 13.06 60.88 28.00
C PHE E 163 12.58 59.53 27.49
N TYR E 164 13.26 59.04 26.45
CA TYR E 164 13.00 57.72 25.89
C TYR E 164 14.33 57.11 25.43
N PRO E 165 14.56 55.81 25.63
CA PRO E 165 13.66 54.82 26.22
C PRO E 165 13.71 54.76 27.74
N ARG E 166 13.26 53.63 28.31
CA ARG E 166 13.21 53.47 29.76
C ARG E 166 14.59 53.34 30.36
N GLU E 167 15.55 52.78 29.62
CA GLU E 167 16.88 52.52 30.16
C GLU E 167 17.53 53.81 30.63
N ALA E 168 17.69 53.94 31.94
CA ALA E 168 18.31 55.11 32.54
C ALA E 168 18.86 54.73 33.90
N LYS E 169 20.01 55.33 34.25
CA LYS E 169 20.67 55.10 35.52
C LYS E 169 20.74 56.42 36.28
N VAL E 170 20.22 56.41 37.51
CA VAL E 170 20.26 57.58 38.38
C VAL E 170 21.21 57.27 39.53
N GLN E 171 22.29 58.04 39.61
CA GLN E 171 23.36 57.79 40.57
C GLN E 171 23.48 58.98 41.50
N TRP E 172 23.58 58.72 42.80
CA TRP E 172 23.68 59.77 43.80
C TRP E 172 25.12 59.92 44.25
N LYS E 173 25.64 61.15 44.17
CA LYS E 173 26.99 61.49 44.61
C LYS E 173 26.86 62.50 45.74
N VAL E 174 27.04 62.04 46.97
CA VAL E 174 27.03 62.93 48.13
C VAL E 174 28.48 63.22 48.51
N ASP E 175 28.92 64.45 48.24
CA ASP E 175 30.33 64.83 48.37
C ASP E 175 31.23 63.86 47.60
N ASN E 176 30.83 63.58 46.36
CA ASN E 176 31.55 62.67 45.46
C ASN E 176 31.68 61.27 46.05
N ALA E 177 30.68 60.84 46.81
CA ALA E 177 30.63 59.49 47.36
C ALA E 177 29.42 58.76 46.80
N LEU E 178 29.63 57.54 46.35
CA LEU E 178 28.57 56.73 45.76
C LEU E 178 27.59 56.28 46.85
N GLN E 179 26.31 56.56 46.64
CA GLN E 179 25.27 56.13 47.56
C GLN E 179 24.44 55.02 46.95
N SER E 180 24.04 54.06 47.79
CA SER E 180 23.24 52.93 47.35
C SER E 180 22.39 52.44 48.52
N GLY E 181 21.25 51.84 48.22
CA GLY E 181 20.36 51.35 49.25
C GLY E 181 19.65 52.43 50.03
N ASN E 182 19.66 53.67 49.52
CA ASN E 182 19.00 54.78 50.19
C ASN E 182 18.21 55.65 49.21
N SER E 183 18.11 55.24 47.94
CA SER E 183 17.40 55.99 46.92
C SER E 183 16.27 55.13 46.36
N GLN E 184 15.09 55.74 46.21
CA GLN E 184 13.93 55.07 45.65
C GLN E 184 13.54 55.76 44.36
N GLU E 185 13.35 54.98 43.29
CA GLU E 185 13.05 55.52 41.98
C GLU E 185 11.63 55.15 41.57
N SER E 186 10.98 56.07 40.89
CA SER E 186 9.61 55.88 40.41
C SER E 186 9.55 56.29 38.94
N VAL E 187 8.83 55.52 38.14
CA VAL E 187 8.71 55.74 36.71
C VAL E 187 7.24 55.83 36.36
N THR E 188 6.84 56.86 35.61
CA THR E 188 5.47 57.00 35.18
C THR E 188 5.20 56.19 33.92
N GLU E 189 3.93 55.94 33.63
CA GLU E 189 3.55 55.28 32.39
C GLU E 189 3.77 56.22 31.21
N GLN E 190 3.78 55.64 30.01
CA GLN E 190 4.06 56.40 28.81
C GLN E 190 2.97 57.45 28.57
N ASP E 191 3.38 58.65 28.17
CA ASP E 191 2.43 59.75 28.00
C ASP E 191 1.51 59.50 26.82
N SER E 192 0.29 60.02 26.92
CA SER E 192 -0.71 59.81 25.87
C SER E 192 -0.29 60.48 24.57
N LYS E 193 0.22 61.71 24.66
CA LYS E 193 0.60 62.48 23.48
C LYS E 193 2.11 62.55 23.28
N ASP E 194 2.86 63.00 24.29
CA ASP E 194 4.31 63.09 24.17
C ASP E 194 4.93 61.70 24.00
N SER E 195 4.36 60.69 24.66
CA SER E 195 4.84 59.31 24.57
C SER E 195 6.29 59.17 25.06
N THR E 196 6.64 59.92 26.10
CA THR E 196 7.97 59.84 26.70
C THR E 196 7.83 59.53 28.18
N TYR E 197 8.78 58.78 28.72
CA TYR E 197 8.74 58.40 30.12
C TYR E 197 9.20 59.54 31.01
N SER E 198 8.81 59.49 32.28
CA SER E 198 9.28 60.42 33.29
C SER E 198 9.67 59.65 34.53
N LEU E 199 10.68 60.14 35.22
CA LEU E 199 11.25 59.44 36.36
C LEU E 199 11.55 60.42 37.48
N SER E 200 11.42 59.92 38.72
CA SER E 200 11.76 60.70 39.90
C SER E 200 12.50 59.79 40.88
N SER E 201 13.71 60.17 41.26
CA SER E 201 14.50 59.42 42.22
C SER E 201 14.70 60.26 43.48
N THR E 202 14.28 59.72 44.62
CA THR E 202 14.34 60.44 45.89
C THR E 202 15.35 59.78 46.80
N LEU E 203 16.28 60.58 47.33
CA LEU E 203 17.20 60.16 48.38
C LEU E 203 16.75 60.75 49.70
N THR E 204 16.51 59.89 50.67
CA THR E 204 16.01 60.29 51.99
C THR E 204 17.11 60.11 53.02
N LEU E 205 17.27 61.10 53.88
CA LEU E 205 18.32 61.11 54.90
C LEU E 205 17.81 61.79 56.15
N SER E 206 18.50 61.55 57.27
CA SER E 206 18.21 62.30 58.48
C SER E 206 18.81 63.70 58.40
N LYS E 207 18.18 64.63 59.10
CA LYS E 207 18.63 66.03 59.03
C LYS E 207 20.06 66.19 59.50
N ALA E 208 20.44 65.53 60.59
CA ALA E 208 21.82 65.60 61.05
C ALA E 208 22.78 65.01 60.02
N ASP E 209 22.40 63.89 59.41
CA ASP E 209 23.24 63.29 58.37
C ASP E 209 23.24 64.12 57.10
N TYR E 210 22.11 64.71 56.73
CA TYR E 210 22.06 65.54 55.53
C TYR E 210 22.92 66.79 55.68
N GLU E 211 22.88 67.43 56.84
CA GLU E 211 23.61 68.67 57.03
C GLU E 211 25.09 68.44 57.32
N LYS E 212 25.56 67.19 57.34
CA LYS E 212 26.98 66.91 57.48
C LYS E 212 27.72 66.95 56.14
N HIS E 213 26.99 67.10 55.02
CA HIS E 213 27.59 67.07 53.70
C HIS E 213 27.17 68.31 52.92
N LYS E 214 28.02 68.71 51.96
CA LYS E 214 27.82 69.93 51.20
C LYS E 214 27.35 69.69 49.77
N VAL E 215 28.11 68.93 48.98
CA VAL E 215 27.85 68.82 47.55
C VAL E 215 26.97 67.60 47.29
N TYR E 216 25.82 67.83 46.66
CA TYR E 216 24.89 66.77 46.30
C TYR E 216 24.71 66.79 44.79
N ALA E 217 24.92 65.64 44.16
CA ALA E 217 24.89 65.54 42.70
C ALA E 217 24.06 64.35 42.26
N CYS E 218 23.32 64.54 41.18
CA CYS E 218 22.57 63.49 40.52
C CYS E 218 23.22 63.25 39.16
N GLU E 219 23.61 62.01 38.90
CA GLU E 219 24.25 61.59 37.66
C GLU E 219 23.22 60.80 36.86
N VAL E 220 23.00 61.20 35.61
CA VAL E 220 22.02 60.57 34.75
C VAL E 220 22.76 59.91 33.60
N THR E 221 22.61 58.59 33.49
CA THR E 221 23.19 57.82 32.39
C THR E 221 22.06 57.34 31.48
N HIS E 222 22.12 57.71 30.20
CA HIS E 222 21.04 57.41 29.28
C HIS E 222 21.61 57.17 27.89
N GLN E 223 20.81 56.49 27.06
CA GLN E 223 21.22 56.18 25.70
C GLN E 223 21.37 57.44 24.84
N GLY E 224 20.45 58.39 24.98
CA GLY E 224 20.43 59.56 24.12
C GLY E 224 21.50 60.59 24.42
N LEU E 225 22.22 60.44 25.53
CA LEU E 225 23.28 61.37 25.91
C LEU E 225 24.63 60.78 25.51
N SER E 226 25.51 61.64 24.97
CA SER E 226 26.86 61.22 24.69
C SER E 226 27.63 60.89 25.97
N SER E 227 27.40 61.67 27.03
CA SER E 227 28.02 61.43 28.32
C SER E 227 26.95 61.61 29.38
N PRO E 228 27.10 60.95 30.54
CA PRO E 228 26.14 61.16 31.63
C PRO E 228 26.09 62.62 32.05
N VAL E 229 24.89 63.08 32.38
CA VAL E 229 24.64 64.48 32.72
C VAL E 229 24.58 64.60 34.24
N THR E 230 25.38 65.51 34.79
CA THR E 230 25.44 65.73 36.23
C THR E 230 24.73 67.02 36.59
N LYS E 231 23.94 66.98 37.67
CA LYS E 231 23.27 68.15 38.20
C LYS E 231 23.56 68.20 39.69
N SER E 232 24.28 69.22 40.13
CA SER E 232 24.77 69.26 41.51
C SER E 232 24.54 70.64 42.10
N PHE E 233 24.27 70.64 43.41
CA PHE E 233 24.17 71.86 44.20
C PHE E 233 24.78 71.63 45.57
N ASN E 234 25.17 72.72 46.22
CA ASN E 234 25.64 72.69 47.60
C ASN E 234 24.49 73.04 48.52
N ARG E 235 24.52 72.51 49.74
CA ARG E 235 23.47 72.77 50.71
C ARG E 235 23.47 74.24 51.12
N GLY E 236 22.28 74.83 51.17
CA GLY E 236 22.14 76.23 51.55
C GLY E 236 22.75 77.17 50.54
N VAL F 21 -22.44 39.32 30.52
CA VAL F 21 -21.92 38.64 31.70
C VAL F 21 -21.23 39.64 32.62
N GLN F 22 -21.78 39.78 33.83
CA GLN F 22 -21.30 40.76 34.80
C GLN F 22 -20.83 40.06 36.06
N LEU F 23 -19.63 40.39 36.51
CA LEU F 23 -19.10 39.91 37.77
C LEU F 23 -18.71 41.11 38.61
N GLN F 24 -19.17 41.14 39.85
CA GLN F 24 -18.94 42.25 40.77
C GLN F 24 -18.21 41.75 42.00
N GLN F 25 -17.22 42.51 42.46
CA GLN F 25 -16.39 42.09 43.58
C GLN F 25 -16.41 43.12 44.70
N SER F 26 -15.81 42.74 45.82
CA SER F 26 -15.60 43.66 46.93
C SER F 26 -14.60 44.73 46.54
N ALA F 27 -14.37 45.68 47.45
CA ALA F 27 -13.55 46.86 47.14
C ALA F 27 -12.45 47.03 48.16
N ALA F 28 -11.21 46.82 47.72
CA ALA F 28 -10.01 47.23 48.44
C ALA F 28 -10.00 46.82 49.91
N GLU F 29 -10.01 45.52 50.19
CA GLU F 29 -9.95 45.04 51.55
C GLU F 29 -8.55 45.24 52.12
N LEU F 30 -8.49 45.76 53.34
CA LEU F 30 -7.24 46.01 54.04
C LEU F 30 -7.29 45.32 55.39
N ALA F 31 -6.26 44.54 55.71
CA ALA F 31 -6.24 43.77 56.94
C ALA F 31 -4.85 43.70 57.52
N ARG F 32 -4.78 43.65 58.84
CA ARG F 32 -3.51 43.44 59.54
C ARG F 32 -3.04 42.01 59.33
N PRO F 33 -1.74 41.76 59.49
CA PRO F 33 -1.23 40.40 59.30
C PRO F 33 -1.89 39.41 60.26
N GLY F 34 -2.14 38.21 59.75
CA GLY F 34 -2.75 37.14 60.53
C GLY F 34 -4.26 37.09 60.47
N ALA F 35 -4.90 38.15 59.97
CA ALA F 35 -6.35 38.19 59.94
C ALA F 35 -6.89 37.32 58.80
N SER F 36 -8.20 37.10 58.83
CA SER F 36 -8.90 36.34 57.81
C SER F 36 -9.86 37.25 57.07
N VAL F 37 -9.93 37.08 55.75
CA VAL F 37 -10.75 37.92 54.89
C VAL F 37 -11.67 37.03 54.07
N LYS F 38 -12.97 37.32 54.13
CA LYS F 38 -13.97 36.65 53.30
C LYS F 38 -14.39 37.60 52.20
N MET F 39 -14.37 37.13 50.96
CA MET F 39 -14.41 37.99 49.80
C MET F 39 -15.43 37.44 48.80
N SER F 40 -16.23 38.34 48.23
CA SER F 40 -17.43 37.95 47.49
C SER F 40 -17.32 38.32 46.02
N CYS F 41 -17.92 37.47 45.18
CA CYS F 41 -18.00 37.68 43.74
C CYS F 41 -19.43 37.37 43.31
N LYS F 42 -20.20 38.42 43.02
CA LYS F 42 -21.56 38.26 42.54
C LYS F 42 -21.57 38.11 41.02
N ALA F 43 -22.41 37.20 40.52
CA ALA F 43 -22.50 36.90 39.11
C ALA F 43 -23.90 37.18 38.58
N SER F 44 -23.96 37.79 37.39
CA SER F 44 -25.23 38.07 36.75
C SER F 44 -25.05 37.96 35.24
N GLY F 45 -26.16 37.81 34.53
CA GLY F 45 -26.14 37.63 33.10
C GLY F 45 -26.02 36.20 32.63
N TYR F 46 -25.92 35.23 33.54
CA TYR F 46 -25.85 33.82 33.17
C TYR F 46 -26.33 32.99 34.36
N THR F 47 -26.43 31.68 34.12
CA THR F 47 -27.06 30.79 35.11
C THR F 47 -26.26 30.74 36.40
N PHE F 48 -24.94 30.69 36.31
CA PHE F 48 -24.00 30.56 37.43
C PHE F 48 -24.07 29.15 38.01
N THR F 49 -25.02 28.35 37.57
CA THR F 49 -25.14 26.96 37.99
C THR F 49 -24.56 26.01 36.95
N SER F 50 -24.21 26.51 35.77
CA SER F 50 -23.66 25.71 34.70
C SER F 50 -22.23 26.08 34.33
N TYR F 51 -21.59 26.96 35.09
CA TYR F 51 -20.22 27.38 34.80
C TYR F 51 -19.44 27.51 36.09
N THR F 52 -18.26 26.89 36.14
CA THR F 52 -17.42 26.93 37.31
C THR F 52 -16.81 28.31 37.50
N MET F 53 -16.32 28.58 38.71
CA MET F 53 -15.74 29.88 39.06
C MET F 53 -14.29 29.69 39.48
N HIS F 54 -13.40 30.45 38.85
CA HIS F 54 -11.97 30.43 39.16
C HIS F 54 -11.58 31.71 39.88
N TRP F 55 -10.61 31.59 40.79
CA TRP F 55 -10.01 32.73 41.47
C TRP F 55 -8.53 32.73 41.14
N VAL F 56 -8.02 33.93 40.79
CA VAL F 56 -6.65 34.13 40.34
C VAL F 56 -6.08 35.34 41.06
N LYS F 57 -4.80 35.23 41.46
CA LYS F 57 -4.08 36.31 42.12
C LYS F 57 -3.14 37.01 41.14
N GLN F 58 -2.95 38.31 41.32
CA GLN F 58 -1.98 39.08 40.54
C GLN F 58 -1.33 40.09 41.47
N ARG F 59 -0.04 39.93 41.73
CA ARG F 59 0.68 40.96 42.45
C ARG F 59 0.89 42.17 41.54
N PRO F 60 0.86 43.39 42.11
CA PRO F 60 0.95 44.60 41.28
C PRO F 60 2.20 44.63 40.42
N GLY F 61 2.04 44.95 39.13
CA GLY F 61 3.16 44.96 38.21
C GLY F 61 3.83 43.62 38.06
N GLN F 62 3.06 42.54 38.13
CA GLN F 62 3.62 41.19 38.05
C GLN F 62 2.74 40.27 37.21
N GLY F 63 3.14 39.00 37.11
CA GLY F 63 2.34 38.02 36.40
C GLY F 63 1.16 37.53 37.21
N LEU F 64 0.42 36.59 36.62
CA LEU F 64 -0.80 36.08 37.21
C LEU F 64 -0.59 34.65 37.71
N GLU F 65 -1.11 34.37 38.90
CA GLU F 65 -1.02 33.05 39.52
C GLU F 65 -2.42 32.53 39.78
N TRP F 66 -2.71 31.33 39.28
CA TRP F 66 -4.04 30.76 39.44
C TRP F 66 -4.20 30.18 40.84
N ILE F 67 -5.21 30.67 41.56
CA ILE F 67 -5.48 30.24 42.94
C ILE F 67 -6.25 28.93 42.96
N GLY F 68 -7.44 28.91 42.37
CA GLY F 68 -8.19 27.68 42.31
C GLY F 68 -9.64 27.91 41.95
N TYR F 69 -10.34 26.80 41.68
CA TYR F 69 -11.70 26.91 41.17
C TYR F 69 -12.67 25.99 41.90
N ILE F 70 -13.94 26.34 41.74
CA ILE F 70 -15.07 25.71 42.40
C ILE F 70 -16.13 25.40 41.37
N ASN F 71 -16.83 24.30 41.57
CA ASN F 71 -18.03 23.98 40.80
C ASN F 71 -19.25 24.43 41.59
N PRO F 72 -20.00 25.43 41.11
CA PRO F 72 -21.18 25.87 41.87
C PRO F 72 -22.24 24.80 42.07
N THR F 73 -22.45 23.94 41.05
CA THR F 73 -23.50 22.93 41.17
C THR F 73 -23.16 21.91 42.25
N SER F 74 -21.97 21.33 42.19
CA SER F 74 -21.52 20.35 43.18
C SER F 74 -20.29 20.90 43.86
N GLY F 75 -20.30 20.92 45.19
CA GLY F 75 -19.25 21.60 45.93
C GLY F 75 -17.89 20.93 45.84
N TYR F 76 -17.40 20.74 44.61
CA TYR F 76 -16.06 20.22 44.40
C TYR F 76 -15.09 21.37 44.16
N THR F 77 -14.19 21.62 45.11
CA THR F 77 -13.26 22.72 45.07
C THR F 77 -11.85 22.17 44.92
N GLU F 78 -11.11 22.64 43.92
CA GLU F 78 -9.70 22.26 43.80
C GLU F 78 -8.84 23.50 43.64
N TYR F 79 -7.75 23.53 44.42
CA TYR F 79 -6.90 24.71 44.61
C TYR F 79 -5.54 24.44 44.01
N ASN F 80 -4.78 25.51 43.79
CA ASN F 80 -3.38 25.36 43.42
C ASN F 80 -2.60 24.77 44.58
N GLN F 81 -1.50 24.08 44.24
CA GLN F 81 -0.70 23.44 45.28
C GLN F 81 -0.12 24.46 46.25
N ASN F 82 0.22 25.65 45.76
CA ASN F 82 0.85 26.65 46.62
C ASN F 82 -0.15 27.28 47.57
N PHE F 83 -1.41 27.42 47.15
CA PHE F 83 -2.41 28.13 47.93
C PHE F 83 -3.45 27.21 48.56
N LYS F 84 -3.18 25.91 48.65
CA LYS F 84 -4.18 24.98 49.16
C LYS F 84 -4.52 25.25 50.62
N ASP F 85 -3.51 25.51 51.45
CA ASP F 85 -3.73 25.60 52.89
C ASP F 85 -4.41 26.91 53.27
N LYS F 86 -3.99 28.03 52.68
CA LYS F 86 -4.39 29.34 53.13
C LYS F 86 -5.76 29.78 52.62
N THR F 87 -6.31 29.11 51.63
CA THR F 87 -7.47 29.62 50.92
C THR F 87 -8.60 28.60 50.94
N THR F 88 -9.82 29.08 51.20
CA THR F 88 -11.02 28.26 51.18
C THR F 88 -12.05 28.88 50.24
N LEU F 89 -12.56 28.08 49.31
CA LEU F 89 -13.51 28.56 48.30
C LEU F 89 -14.85 27.89 48.49
N THR F 90 -15.92 28.69 48.48
CA THR F 90 -17.28 28.21 48.65
C THR F 90 -18.20 28.92 47.67
N ALA F 91 -19.42 28.41 47.56
CA ALA F 91 -20.42 28.97 46.66
C ALA F 91 -21.75 29.12 47.38
N ASP F 92 -22.54 30.10 46.94
CA ASP F 92 -23.89 30.34 47.44
C ASP F 92 -24.78 30.56 46.22
N LYS F 93 -25.43 29.48 45.78
CA LYS F 93 -26.25 29.55 44.57
C LYS F 93 -27.57 30.28 44.81
N SER F 94 -27.99 30.39 46.08
CA SER F 94 -29.23 31.11 46.37
C SER F 94 -29.11 32.58 45.98
N SER F 95 -27.97 33.21 46.29
CA SER F 95 -27.69 34.58 45.90
C SER F 95 -26.78 34.67 44.68
N SER F 96 -26.36 33.53 44.13
CA SER F 96 -25.48 33.47 42.97
C SER F 96 -24.17 34.23 43.23
N THR F 97 -23.41 33.73 44.19
CA THR F 97 -22.19 34.39 44.65
C THR F 97 -21.12 33.34 44.95
N ALA F 98 -19.86 33.70 44.72
CA ALA F 98 -18.73 32.86 45.10
C ALA F 98 -17.93 33.56 46.20
N TYR F 99 -17.45 32.78 47.16
CA TYR F 99 -16.73 33.32 48.30
C TYR F 99 -15.35 32.71 48.38
N MET F 100 -14.37 33.56 48.64
CA MET F 100 -12.98 33.16 48.86
C MET F 100 -12.53 33.68 50.21
N GLN F 101 -11.98 32.80 51.03
CA GLN F 101 -11.58 33.13 52.38
C GLN F 101 -10.08 32.90 52.50
N LEU F 102 -9.35 33.97 52.82
CA LEU F 102 -7.91 33.92 53.02
C LEU F 102 -7.61 33.99 54.51
N ASN F 103 -6.89 33.00 55.02
CA ASN F 103 -6.54 32.92 56.43
C ASN F 103 -5.04 33.06 56.61
N SER F 104 -4.65 33.65 57.74
CA SER F 104 -3.26 33.87 58.10
C SER F 104 -2.54 34.67 57.01
N LEU F 105 -3.02 35.89 56.81
CA LEU F 105 -2.48 36.76 55.76
C LEU F 105 -1.04 37.15 56.06
N THR F 106 -0.26 37.31 55.01
CA THR F 106 1.12 37.77 55.09
C THR F 106 1.28 39.00 54.20
N SER F 107 2.47 39.59 54.26
CA SER F 107 2.75 40.74 53.40
C SER F 107 2.81 40.33 51.93
N GLU F 108 3.12 39.06 51.65
CA GLU F 108 3.15 38.59 50.28
C GLU F 108 1.76 38.58 49.65
N ASP F 109 0.72 38.33 50.45
CA ASP F 109 -0.62 38.18 49.91
C ASP F 109 -1.21 39.48 49.39
N SER F 110 -0.61 40.63 49.72
CA SER F 110 -1.10 41.91 49.23
C SER F 110 -1.05 41.95 47.71
N ALA F 111 -2.22 41.91 47.07
CA ALA F 111 -2.29 41.79 45.62
C ALA F 111 -3.74 41.98 45.19
N VAL F 112 -3.95 41.99 43.88
CA VAL F 112 -5.28 42.12 43.30
C VAL F 112 -5.79 40.73 42.95
N TYR F 113 -6.93 40.37 43.52
CA TYR F 113 -7.58 39.10 43.23
C TYR F 113 -8.69 39.33 42.21
N TYR F 114 -8.87 38.35 41.33
CA TYR F 114 -9.91 38.37 40.32
C TYR F 114 -10.71 37.07 40.37
N CYS F 115 -12.02 37.21 40.22
CA CYS F 115 -12.92 36.09 40.04
C CYS F 115 -13.35 36.05 38.58
N ALA F 116 -13.25 34.88 37.96
CA ALA F 116 -13.57 34.70 36.56
C ALA F 116 -14.46 33.48 36.40
N ARG F 117 -15.22 33.47 35.32
CA ARG F 117 -16.04 32.33 34.95
C ARG F 117 -15.45 31.63 33.73
N GLU F 118 -15.75 30.35 33.63
CA GLU F 118 -15.26 29.49 32.56
C GLU F 118 -15.93 29.89 31.25
N GLY F 119 -15.19 29.79 30.16
CA GLY F 119 -15.74 30.06 28.84
C GLY F 119 -14.70 29.80 27.76
N HIS F 120 -15.17 29.31 26.63
CA HIS F 120 -14.31 29.05 25.47
C HIS F 120 -13.14 28.15 25.84
N ARG F 121 -13.41 27.15 26.69
CA ARG F 121 -12.42 26.17 27.13
C ARG F 121 -11.29 26.84 27.90
N VAL F 122 -11.42 28.13 28.18
CA VAL F 122 -10.43 28.85 28.98
C VAL F 122 -10.82 28.74 30.45
N GLY F 123 -9.83 28.51 31.31
CA GLY F 123 -10.10 28.38 32.72
C GLY F 123 -10.68 29.64 33.31
N PRO F 124 -9.85 30.67 33.45
CA PRO F 124 -10.37 31.99 33.86
C PRO F 124 -10.74 32.85 32.67
N ALA F 125 -11.88 32.55 32.03
CA ALA F 125 -12.20 33.22 30.77
C ALA F 125 -12.71 34.63 30.98
N TYR F 126 -13.85 34.79 31.65
CA TYR F 126 -14.48 36.09 31.80
C TYR F 126 -14.25 36.61 33.21
N TRP F 127 -13.45 37.65 33.33
CA TRP F 127 -13.00 38.17 34.62
C TRP F 127 -13.91 39.30 35.06
N GLY F 128 -13.96 39.52 36.38
CA GLY F 128 -14.75 40.59 36.96
C GLY F 128 -13.86 41.61 37.65
N GLN F 129 -13.98 42.87 37.19
CA GLN F 129 -13.21 44.02 37.68
C GLN F 129 -11.88 43.66 38.30
N GLY F 130 -11.82 43.66 39.62
CA GLY F 130 -10.61 43.30 40.34
C GLY F 130 -10.58 43.95 41.71
N THR F 131 -10.18 43.21 42.73
CA THR F 131 -10.23 43.72 44.10
C THR F 131 -8.87 43.64 44.77
N LEU F 132 -8.45 44.74 45.39
CA LEU F 132 -7.11 44.86 45.95
C LEU F 132 -7.15 44.55 47.44
N VAL F 133 -6.32 43.60 47.86
CA VAL F 133 -6.18 43.24 49.27
C VAL F 133 -4.80 43.67 49.73
N THR F 134 -4.76 44.49 50.77
CA THR F 134 -3.52 45.03 51.31
C THR F 134 -3.35 44.57 52.75
N VAL F 135 -2.20 43.99 53.06
CA VAL F 135 -1.87 43.51 54.39
C VAL F 135 -0.71 44.35 54.93
N SER F 136 -0.92 44.98 56.08
CA SER F 136 0.08 45.84 56.68
C SER F 136 -0.22 46.01 58.16
N ALA F 137 0.81 46.36 58.93
CA ALA F 137 0.62 46.58 60.36
C ALA F 137 0.28 48.04 60.67
N ALA F 138 0.90 48.98 59.94
CA ALA F 138 0.67 50.39 60.22
C ALA F 138 -0.74 50.81 59.84
N SER F 139 -1.30 51.72 60.63
CA SER F 139 -2.65 52.22 60.39
C SER F 139 -2.62 53.47 59.51
N THR F 140 -3.76 54.15 59.45
CA THR F 140 -3.86 55.36 58.66
C THR F 140 -2.93 56.44 59.21
N LYS F 141 -2.21 57.10 58.30
CA LYS F 141 -1.32 58.20 58.66
C LYS F 141 -1.55 59.34 57.69
N GLY F 142 -1.74 60.55 58.22
CA GLY F 142 -1.98 61.71 57.40
C GLY F 142 -0.78 62.06 56.55
N PRO F 143 -1.02 62.43 55.30
CA PRO F 143 0.09 62.79 54.40
C PRO F 143 0.73 64.10 54.82
N SER F 144 2.06 64.15 54.71
CA SER F 144 2.80 65.39 54.90
C SER F 144 3.39 65.81 53.56
N VAL F 145 3.07 67.03 53.13
CA VAL F 145 3.39 67.52 51.81
C VAL F 145 4.36 68.68 51.92
N PHE F 146 5.39 68.66 51.09
CA PHE F 146 6.45 69.67 51.14
C PHE F 146 6.73 70.21 49.74
N PRO F 147 6.84 71.52 49.56
CA PRO F 147 7.05 72.06 48.22
C PRO F 147 8.49 71.92 47.74
N LEU F 148 8.65 71.39 46.54
CA LEU F 148 9.92 71.36 45.82
C LEU F 148 10.00 72.68 45.04
N ALA F 149 10.69 73.65 45.64
CA ALA F 149 10.82 74.96 45.02
C ALA F 149 11.81 74.90 43.86
N PRO F 150 11.63 75.73 42.84
CA PRO F 150 12.60 75.75 41.72
C PRO F 150 13.97 76.22 42.19
N SER F 151 15.00 75.71 41.52
CA SER F 151 16.36 76.15 41.80
C SER F 151 16.55 77.61 41.36
N SER F 152 17.46 78.31 42.04
CA SER F 152 17.76 79.69 41.72
C SER F 152 18.45 79.80 40.37
N GLY F 158 14.89 79.58 30.15
CA GLY F 158 14.23 78.44 29.55
C GLY F 158 13.01 77.98 30.32
N THR F 159 12.96 76.68 30.62
CA THR F 159 11.86 76.08 31.36
C THR F 159 12.38 75.61 32.71
N ALA F 160 11.77 76.10 33.78
CA ALA F 160 12.12 75.70 35.13
C ALA F 160 11.13 74.65 35.62
N ALA F 161 11.46 74.02 36.74
CA ALA F 161 10.63 72.96 37.29
C ALA F 161 10.36 73.19 38.77
N LEU F 162 9.22 72.70 39.23
CA LEU F 162 8.87 72.74 40.65
C LEU F 162 7.96 71.56 40.91
N GLY F 163 7.54 71.40 42.17
CA GLY F 163 6.64 70.31 42.47
C GLY F 163 6.25 70.27 43.93
N CYS F 164 5.64 69.14 44.30
CA CYS F 164 5.26 68.85 45.67
C CYS F 164 5.57 67.39 45.96
N LEU F 165 6.01 67.13 47.20
CA LEU F 165 6.33 65.78 47.66
C LEU F 165 5.34 65.39 48.74
N VAL F 166 4.66 64.26 48.56
CA VAL F 166 3.71 63.74 49.54
C VAL F 166 4.33 62.51 50.19
N LYS F 167 4.62 62.61 51.48
CA LYS F 167 5.33 61.55 52.18
C LYS F 167 4.57 61.13 53.43
N ASP F 168 4.75 59.87 53.80
CA ASP F 168 4.19 59.31 55.04
C ASP F 168 2.66 59.40 55.05
N TYR F 169 2.04 58.73 54.09
CA TYR F 169 0.59 58.62 54.02
C TYR F 169 0.18 57.17 53.84
N PHE F 170 -1.05 56.85 54.24
CA PHE F 170 -1.59 55.52 54.14
C PHE F 170 -3.10 55.56 54.32
N PRO F 171 -3.87 54.88 53.47
CA PRO F 171 -3.44 54.15 52.28
C PRO F 171 -3.72 54.89 50.97
N GLU F 172 -3.51 54.20 49.86
CA GLU F 172 -3.86 54.76 48.56
C GLU F 172 -5.37 54.98 48.47
N PRO F 173 -5.84 55.91 47.63
CA PRO F 173 -5.02 56.79 46.80
C PRO F 173 -4.96 58.24 47.30
N VAL F 174 -4.04 59.02 46.74
CA VAL F 174 -3.93 60.44 47.00
C VAL F 174 -4.07 61.18 45.68
N THR F 175 -5.03 62.10 45.60
CA THR F 175 -5.29 62.86 44.39
C THR F 175 -4.61 64.22 44.51
N VAL F 176 -3.71 64.52 43.59
CA VAL F 176 -2.94 65.76 43.62
C VAL F 176 -3.14 66.51 42.31
N SER F 177 -3.40 67.81 42.42
CA SER F 177 -3.53 68.66 41.25
C SER F 177 -2.83 70.00 41.50
N TRP F 178 -2.80 70.86 40.49
CA TRP F 178 -2.16 72.17 40.60
C TRP F 178 -3.19 73.26 40.37
N ASN F 179 -3.24 74.24 41.28
CA ASN F 179 -4.17 75.35 41.21
C ASN F 179 -5.61 74.85 41.07
N SER F 180 -5.93 73.82 41.84
CA SER F 180 -7.23 73.15 41.80
C SER F 180 -7.54 72.67 40.37
N GLY F 181 -6.51 72.11 39.72
CA GLY F 181 -6.66 71.59 38.38
C GLY F 181 -6.49 72.60 37.27
N ALA F 182 -6.20 73.86 37.59
CA ALA F 182 -5.98 74.87 36.56
C ALA F 182 -4.67 74.69 35.81
N LEU F 183 -3.73 73.93 36.36
CA LEU F 183 -2.45 73.65 35.70
C LEU F 183 -2.35 72.14 35.52
N THR F 184 -2.49 71.69 34.28
CA THR F 184 -2.51 70.26 33.97
C THR F 184 -1.44 69.84 32.97
N SER F 185 -1.15 70.68 31.97
CA SER F 185 -0.12 70.32 31.01
C SER F 185 1.25 70.36 31.67
N GLY F 186 2.07 69.34 31.38
CA GLY F 186 3.38 69.25 31.99
C GLY F 186 3.36 68.73 33.41
N VAL F 187 2.25 68.14 33.85
CA VAL F 187 2.11 67.65 35.21
C VAL F 187 2.38 66.15 35.22
N HIS F 188 3.32 65.73 36.06
CA HIS F 188 3.68 64.33 36.20
C HIS F 188 3.51 63.92 37.66
N THR F 189 2.55 63.03 37.91
CA THR F 189 2.33 62.46 39.23
C THR F 189 2.89 61.05 39.23
N PHE F 190 4.05 60.86 39.84
CA PHE F 190 4.71 59.56 39.78
C PHE F 190 3.99 58.56 40.68
N PRO F 191 3.96 57.28 40.32
CA PRO F 191 3.24 56.30 41.14
C PRO F 191 3.86 56.16 42.52
N ALA F 192 3.00 55.81 43.49
CA ALA F 192 3.44 55.69 44.87
C ALA F 192 4.45 54.56 45.03
N VAL F 193 5.35 54.72 45.98
CA VAL F 193 6.35 53.71 46.30
C VAL F 193 6.27 53.41 47.79
N LEU F 194 6.30 52.11 48.12
CA LEU F 194 6.21 51.65 49.49
C LEU F 194 7.58 51.74 50.15
N GLN F 195 7.65 52.47 51.26
CA GLN F 195 8.89 52.58 52.02
C GLN F 195 8.99 51.45 53.04
N SER F 196 10.18 51.33 53.64
CA SER F 196 10.41 50.32 54.66
C SER F 196 9.60 50.59 55.93
N SER F 197 9.24 51.84 56.18
CA SER F 197 8.46 52.18 57.37
C SER F 197 7.01 51.73 57.27
N GLY F 198 6.56 51.28 56.09
CA GLY F 198 5.19 50.85 55.90
C GLY F 198 4.28 51.88 55.27
N LEU F 199 4.79 53.06 54.96
CA LEU F 199 4.01 54.13 54.36
C LEU F 199 4.41 54.32 52.90
N TYR F 200 3.83 55.33 52.27
CA TYR F 200 4.04 55.61 50.86
C TYR F 200 4.43 57.07 50.67
N SER F 201 5.10 57.35 49.56
CA SER F 201 5.46 58.71 49.18
C SER F 201 5.45 58.82 47.66
N LEU F 202 5.00 59.96 47.15
CA LEU F 202 4.97 60.22 45.71
C LEU F 202 5.41 61.66 45.46
N SER F 203 5.74 61.92 44.19
CA SER F 203 6.13 63.25 43.75
C SER F 203 5.22 63.70 42.63
N SER F 204 4.65 64.89 42.78
CA SER F 204 3.86 65.52 41.74
C SER F 204 4.62 66.74 41.26
N VAL F 205 5.20 66.65 40.08
CA VAL F 205 6.07 67.70 39.56
C VAL F 205 5.40 68.36 38.37
N VAL F 206 5.85 69.58 38.07
CA VAL F 206 5.34 70.35 36.95
C VAL F 206 6.42 71.33 36.50
N THR F 207 6.55 71.50 35.19
CA THR F 207 7.52 72.40 34.60
C THR F 207 6.81 73.63 34.05
N VAL F 208 7.34 74.80 34.36
CA VAL F 208 6.72 76.07 33.97
C VAL F 208 7.74 76.95 33.25
N PRO F 209 7.29 77.82 32.33
CA PRO F 209 8.21 78.77 31.70
C PRO F 209 8.83 79.73 32.70
N SER F 210 10.05 80.19 32.41
CA SER F 210 10.79 81.01 33.35
C SER F 210 10.11 82.34 33.62
N SER F 211 9.33 82.86 32.66
CA SER F 211 8.74 84.18 32.84
C SER F 211 7.56 84.14 33.80
N SER F 212 6.98 82.97 34.05
CA SER F 212 5.85 82.87 34.96
C SER F 212 6.26 82.64 36.41
N LEU F 213 7.56 82.50 36.69
CA LEU F 213 8.01 82.21 38.05
C LEU F 213 7.67 83.34 39.01
N GLY F 214 7.97 84.58 38.62
CA GLY F 214 7.77 85.72 39.49
C GLY F 214 6.37 86.31 39.42
N THR F 215 5.53 85.77 38.55
CA THR F 215 4.21 86.37 38.31
C THR F 215 3.07 85.53 38.87
N GLN F 216 3.01 84.25 38.49
CA GLN F 216 1.88 83.40 38.85
C GLN F 216 2.17 82.60 40.10
N THR F 217 1.22 82.57 41.03
CA THR F 217 1.31 81.68 42.18
C THR F 217 0.88 80.27 41.77
N TYR F 218 1.60 79.28 42.27
CA TYR F 218 1.30 77.87 42.01
C TYR F 218 1.03 77.18 43.34
N ILE F 219 -0.06 76.43 43.40
CA ILE F 219 -0.46 75.71 44.61
C ILE F 219 -0.80 74.29 44.24
N CYS F 220 -0.23 73.33 44.98
CA CYS F 220 -0.60 71.93 44.85
C CYS F 220 -1.68 71.58 45.86
N ASN F 221 -2.74 70.96 45.37
CA ASN F 221 -3.86 70.49 46.18
C ASN F 221 -3.75 68.98 46.30
N VAL F 222 -3.71 68.48 47.52
CA VAL F 222 -3.61 67.04 47.79
C VAL F 222 -4.82 66.62 48.59
N ASN F 223 -5.41 65.50 48.21
CA ASN F 223 -6.64 64.99 48.80
C ASN F 223 -6.44 63.52 49.15
N HIS F 224 -6.64 63.18 50.42
CA HIS F 224 -6.57 61.81 50.90
C HIS F 224 -7.88 61.52 51.63
N LYS F 225 -8.80 60.83 50.94
CA LYS F 225 -10.13 60.58 51.44
C LYS F 225 -10.17 59.61 52.62
N PRO F 226 -9.35 58.53 52.64
CA PRO F 226 -9.33 57.68 53.83
C PRO F 226 -8.99 58.43 55.11
N SER F 227 -8.17 59.47 55.02
CA SER F 227 -7.81 60.28 56.18
C SER F 227 -8.51 61.62 56.23
N ASN F 228 -9.37 61.92 55.25
CA ASN F 228 -10.11 63.19 55.19
C ASN F 228 -9.17 64.38 55.20
N THR F 229 -8.01 64.23 54.57
CA THR F 229 -6.96 65.24 54.60
C THR F 229 -6.91 65.96 53.26
N LYS F 230 -7.36 67.20 53.23
CA LYS F 230 -7.30 68.05 52.05
C LYS F 230 -6.39 69.23 52.37
N VAL F 231 -5.25 69.30 51.69
CA VAL F 231 -4.21 70.27 52.01
C VAL F 231 -3.82 71.03 50.75
N ASP F 232 -3.73 72.35 50.87
CA ASP F 232 -3.36 73.25 49.78
C ASP F 232 -2.03 73.91 50.15
N LYS F 233 -0.96 73.59 49.43
CA LYS F 233 0.35 74.15 49.70
C LYS F 233 0.86 74.93 48.49
N LYS F 234 1.30 76.17 48.72
CA LYS F 234 1.83 77.02 47.67
C LYS F 234 3.32 76.76 47.50
N VAL F 235 3.79 76.82 46.27
CA VAL F 235 5.21 76.65 45.95
C VAL F 235 5.75 78.01 45.51
N GLU F 236 6.84 78.44 46.15
CA GLU F 236 7.42 79.73 45.84
C GLU F 236 8.91 79.60 45.55
N PRO F 237 9.49 80.50 44.74
CA PRO F 237 10.93 80.48 44.46
C PRO F 237 11.76 81.08 45.58
N ALA G 27 -55.22 -11.13 25.80
CA ALA G 27 -55.39 -12.38 25.05
C ALA G 27 -54.43 -12.44 23.87
N TYR G 28 -54.28 -13.63 23.29
CA TYR G 28 -53.39 -13.83 22.16
C TYR G 28 -54.07 -14.73 21.15
N THR G 29 -53.81 -14.49 19.86
CA THR G 29 -54.41 -15.32 18.82
C THR G 29 -53.41 -15.55 17.69
N ASN G 30 -53.56 -16.67 17.00
CA ASN G 30 -52.63 -17.09 15.97
C ASN G 30 -52.94 -16.40 14.65
N SER G 31 -51.95 -15.70 14.10
CA SER G 31 -52.03 -15.15 12.75
C SER G 31 -51.57 -16.23 11.79
N PHE G 32 -52.53 -17.00 11.29
CA PHE G 32 -52.25 -18.18 10.49
C PHE G 32 -51.43 -17.88 9.24
N THR G 33 -52.00 -17.12 8.31
CA THR G 33 -51.32 -16.82 7.05
C THR G 33 -51.45 -15.36 6.64
N ARG G 34 -51.60 -14.44 7.59
CA ARG G 34 -51.74 -13.03 7.26
C ARG G 34 -50.38 -12.35 7.31
N GLY G 35 -50.34 -11.10 6.83
CA GLY G 35 -49.15 -10.29 6.87
C GLY G 35 -48.39 -10.17 5.56
N VAL G 36 -48.66 -11.04 4.60
CA VAL G 36 -47.96 -10.99 3.32
C VAL G 36 -48.38 -9.75 2.56
N TYR G 37 -47.39 -9.04 2.00
CA TYR G 37 -47.64 -7.85 1.21
C TYR G 37 -46.72 -7.88 0.01
N TYR G 38 -46.98 -6.99 -0.94
CA TYR G 38 -46.15 -6.92 -2.14
C TYR G 38 -44.83 -6.29 -1.79
N PRO G 39 -43.70 -7.01 -1.91
CA PRO G 39 -42.41 -6.43 -1.49
C PRO G 39 -42.00 -5.22 -2.29
N ASP G 40 -42.35 -5.15 -3.57
CA ASP G 40 -41.90 -4.08 -4.44
C ASP G 40 -42.91 -3.86 -5.56
N LYS G 41 -42.63 -2.84 -6.38
CA LYS G 41 -43.57 -2.46 -7.43
C LYS G 41 -43.44 -3.36 -8.65
N VAL G 42 -42.40 -4.19 -8.70
CA VAL G 42 -42.13 -5.05 -9.86
C VAL G 42 -43.29 -6.01 -10.07
N PHE G 43 -43.69 -6.19 -11.32
CA PHE G 43 -44.77 -7.10 -11.68
C PHE G 43 -44.17 -8.46 -12.07
N ARG G 44 -44.70 -9.52 -11.47
CA ARG G 44 -44.33 -10.88 -11.81
C ARG G 44 -45.61 -11.72 -11.95
N SER G 45 -45.53 -12.78 -12.75
CA SER G 45 -46.71 -13.58 -13.01
C SER G 45 -46.31 -15.04 -13.20
N SER G 46 -47.10 -15.93 -12.58
CA SER G 46 -46.94 -17.38 -12.71
C SER G 46 -45.52 -17.81 -12.35
N VAL G 47 -44.99 -17.25 -11.26
CA VAL G 47 -43.60 -17.48 -10.88
C VAL G 47 -43.56 -17.79 -9.39
N LEU G 48 -42.44 -18.34 -8.94
CA LEU G 48 -42.18 -18.57 -7.51
C LEU G 48 -40.99 -17.70 -7.13
N HIS G 49 -41.27 -16.45 -6.78
CA HIS G 49 -40.20 -15.53 -6.43
C HIS G 49 -39.75 -15.78 -4.99
N SER G 50 -38.47 -15.48 -4.73
CA SER G 50 -37.91 -15.56 -3.39
C SER G 50 -37.49 -14.16 -2.96
N THR G 51 -37.93 -13.75 -1.77
CA THR G 51 -37.62 -12.43 -1.26
C THR G 51 -37.20 -12.55 0.20
N GLN G 52 -36.59 -11.48 0.70
CA GLN G 52 -36.15 -11.41 2.09
C GLN G 52 -36.45 -10.02 2.62
N ASP G 53 -37.39 -9.93 3.54
CA ASP G 53 -37.85 -8.62 3.99
C ASP G 53 -38.53 -8.77 5.34
N LEU G 54 -39.06 -7.66 5.85
CA LEU G 54 -39.76 -7.63 7.14
C LEU G 54 -41.17 -8.16 6.93
N PHE G 55 -41.42 -9.38 7.38
CA PHE G 55 -42.73 -10.01 7.27
C PHE G 55 -43.23 -10.43 8.64
N LEU G 56 -44.52 -10.66 8.74
CA LEU G 56 -45.08 -11.22 9.95
C LEU G 56 -44.89 -12.74 9.93
N PRO G 57 -44.17 -13.32 10.88
CA PRO G 57 -43.96 -14.77 10.87
C PRO G 57 -45.28 -15.53 10.94
N PHE G 58 -45.34 -16.64 10.21
CA PHE G 58 -46.57 -17.44 10.18
C PHE G 58 -46.83 -18.10 11.53
N PHE G 59 -48.11 -18.23 11.86
CA PHE G 59 -48.56 -18.96 13.05
C PHE G 59 -48.03 -18.34 14.35
N SER G 60 -47.56 -17.10 14.28
CA SER G 60 -47.19 -16.38 15.49
C SER G 60 -48.45 -15.99 16.25
N ASN G 61 -48.26 -15.63 17.52
CA ASN G 61 -49.36 -15.15 18.34
C ASN G 61 -49.29 -13.63 18.45
N VAL G 62 -50.40 -12.98 18.10
CA VAL G 62 -50.52 -11.53 18.12
C VAL G 62 -51.43 -11.14 19.28
N THR G 63 -51.18 -9.95 19.83
CA THR G 63 -51.92 -9.48 20.99
C THR G 63 -53.29 -8.97 20.57
N TRP G 64 -54.30 -9.30 21.35
CA TRP G 64 -55.69 -8.98 21.06
C TRP G 64 -56.16 -7.92 22.05
N PHE G 65 -56.59 -6.77 21.54
CA PHE G 65 -57.18 -5.72 22.35
C PHE G 65 -58.63 -5.54 21.93
N HIS G 66 -59.55 -5.82 22.84
CA HIS G 66 -60.98 -5.76 22.56
C HIS G 66 -61.58 -4.59 23.32
N ALA G 67 -62.38 -3.78 22.62
CA ALA G 67 -63.02 -2.63 23.22
C ALA G 67 -64.53 -2.79 23.26
N PHE G 79 -62.44 -0.67 25.88
CA PHE G 79 -61.68 0.52 25.55
C PHE G 79 -60.25 0.37 26.07
N ASP G 80 -59.29 0.19 25.16
CA ASP G 80 -57.94 -0.20 25.55
C ASP G 80 -56.89 0.86 25.28
N ASN G 81 -56.75 1.24 24.00
CA ASN G 81 -55.80 2.19 23.42
C ASN G 81 -54.47 2.28 24.17
N PRO G 82 -53.76 1.18 24.39
CA PRO G 82 -52.49 1.27 25.11
C PRO G 82 -51.36 1.68 24.19
N VAL G 83 -50.40 2.40 24.76
CA VAL G 83 -49.20 2.76 24.01
C VAL G 83 -48.33 1.53 23.86
N LEU G 84 -48.11 1.11 22.61
CA LEU G 84 -47.43 -0.13 22.34
C LEU G 84 -46.09 0.12 21.65
N PRO G 85 -45.09 -0.72 21.90
CA PRO G 85 -43.81 -0.59 21.18
C PRO G 85 -44.01 -0.81 19.68
N PHE G 86 -43.17 -0.16 18.88
CA PHE G 86 -43.30 -0.29 17.43
C PHE G 86 -42.55 -1.49 16.90
N ASN G 87 -41.25 -1.58 17.18
CA ASN G 87 -40.39 -2.66 16.73
C ASN G 87 -40.39 -2.75 15.20
N ASP G 88 -39.85 -1.70 14.60
CA ASP G 88 -39.51 -1.62 13.17
C ASP G 88 -40.54 -2.28 12.26
N GLY G 89 -41.81 -2.05 12.57
CA GLY G 89 -42.88 -2.55 11.74
C GLY G 89 -43.99 -3.21 12.53
N VAL G 90 -45.24 -2.85 12.25
CA VAL G 90 -46.37 -3.36 13.00
C VAL G 90 -47.46 -3.81 12.03
N TYR G 91 -48.06 -4.96 12.32
CA TYR G 91 -49.23 -5.47 11.59
C TYR G 91 -50.44 -5.23 12.47
N PHE G 92 -51.36 -4.38 12.00
CA PHE G 92 -52.51 -3.94 12.76
C PHE G 92 -53.77 -4.39 12.03
N ALA G 93 -54.59 -5.20 12.69
CA ALA G 93 -55.86 -5.63 12.11
C ALA G 93 -57.00 -5.12 12.96
N SER G 94 -58.12 -4.80 12.32
CA SER G 94 -59.24 -4.23 13.04
C SER G 94 -60.54 -4.69 12.38
N THR G 95 -61.62 -4.62 13.16
CA THR G 95 -62.94 -5.04 12.71
C THR G 95 -63.99 -4.00 13.09
N SER G 98 -68.89 -1.20 13.32
CA SER G 98 -68.84 0.12 12.70
C SER G 98 -67.42 0.68 12.73
N ASN G 99 -67.28 1.96 12.40
CA ASN G 99 -65.98 2.61 12.30
C ASN G 99 -65.53 3.15 13.66
N ILE G 100 -65.43 2.23 14.63
CA ILE G 100 -65.01 2.62 15.97
C ILE G 100 -63.53 2.99 15.97
N ILE G 101 -62.70 2.22 15.25
CA ILE G 101 -61.28 2.54 15.17
C ILE G 101 -61.08 3.66 14.15
N ARG G 102 -60.34 4.69 14.56
CA ARG G 102 -60.24 5.88 13.73
C ARG G 102 -58.83 6.12 13.21
N GLY G 103 -57.82 6.04 14.08
CA GLY G 103 -56.49 6.38 13.65
C GLY G 103 -55.34 5.81 14.45
N TRP G 104 -54.13 6.26 14.13
CA TRP G 104 -52.92 5.80 14.78
C TRP G 104 -52.00 6.99 15.04
N ILE G 105 -51.34 6.97 16.18
CA ILE G 105 -50.34 7.97 16.56
C ILE G 105 -49.00 7.30 16.69
N PHE G 106 -47.97 7.88 16.08
CA PHE G 106 -46.62 7.33 16.10
C PHE G 106 -45.67 8.38 16.61
N GLY G 107 -44.53 7.94 17.14
CA GLY G 107 -43.52 8.88 17.60
C GLY G 107 -42.50 8.22 18.50
N THR G 108 -41.49 9.01 18.85
CA THR G 108 -40.42 8.52 19.71
C THR G 108 -40.88 8.46 21.16
N THR G 109 -41.19 9.61 21.75
CA THR G 109 -41.74 9.69 23.10
C THR G 109 -43.16 10.20 23.14
N LEU G 110 -43.75 10.55 21.98
CA LEU G 110 -45.14 10.95 21.88
C LEU G 110 -45.40 12.23 22.67
N ASP G 111 -44.41 13.11 22.72
CA ASP G 111 -44.52 14.35 23.46
C ASP G 111 -43.99 15.50 22.63
N SER G 112 -44.41 16.72 22.98
CA SER G 112 -44.05 17.90 22.19
C SER G 112 -42.55 18.14 22.17
N LYS G 113 -41.82 17.64 23.17
CA LYS G 113 -40.38 17.83 23.19
C LYS G 113 -39.72 17.16 21.98
N THR G 114 -40.34 16.13 21.43
CA THR G 114 -39.86 15.44 20.25
C THR G 114 -40.89 15.56 19.14
N GLN G 115 -40.58 14.94 17.99
CA GLN G 115 -41.48 14.96 16.85
C GLN G 115 -42.33 13.69 16.83
N SER G 116 -43.48 13.77 16.16
CA SER G 116 -44.42 12.67 16.12
C SER G 116 -45.25 12.75 14.85
N LEU G 117 -46.08 11.73 14.65
CA LEU G 117 -46.93 11.60 13.47
C LEU G 117 -48.33 11.18 13.90
N LEU G 118 -49.32 11.64 13.14
CA LEU G 118 -50.73 11.43 13.45
C LEU G 118 -51.48 11.09 12.18
N ILE G 119 -52.26 10.02 12.21
CA ILE G 119 -53.16 9.65 11.12
C ILE G 119 -54.53 9.43 11.73
N VAL G 120 -55.52 10.22 11.29
CA VAL G 120 -56.89 10.06 11.77
C VAL G 120 -57.86 10.11 10.61
N ASN G 121 -59.04 9.57 10.86
CA ASN G 121 -60.17 9.63 9.94
C ASN G 121 -61.30 10.41 10.58
N ASN G 122 -61.72 11.48 9.89
CA ASN G 122 -62.94 12.18 10.28
C ASN G 122 -64.09 11.79 9.36
N ALA G 123 -64.02 10.60 8.78
CA ALA G 123 -65.02 10.01 7.91
C ALA G 123 -65.14 10.74 6.58
N THR G 124 -64.41 11.85 6.40
CA THR G 124 -64.51 12.56 5.14
C THR G 124 -63.19 13.02 4.53
N ASN G 125 -62.11 13.10 5.31
CA ASN G 125 -60.89 13.64 4.70
C ASN G 125 -59.61 12.89 5.04
N VAL G 126 -59.56 12.16 6.18
CA VAL G 126 -58.38 11.39 6.57
C VAL G 126 -57.17 12.31 6.70
N VAL G 127 -56.99 12.91 7.87
CA VAL G 127 -55.91 13.86 8.11
C VAL G 127 -54.64 13.09 8.46
N ILE G 128 -53.53 13.46 7.81
CA ILE G 128 -52.21 12.96 8.15
C ILE G 128 -51.31 14.16 8.43
N LYS G 129 -50.68 14.16 9.61
CA LYS G 129 -49.85 15.27 10.03
C LYS G 129 -48.60 14.73 10.72
N VAL G 130 -47.57 15.57 10.81
CA VAL G 130 -46.33 15.17 11.44
C VAL G 130 -45.91 16.22 12.46
N CYS G 131 -46.86 17.04 12.90
CA CYS G 131 -46.52 18.18 13.72
C CYS G 131 -46.10 17.77 15.12
N GLU G 132 -45.18 18.54 15.69
CA GLU G 132 -44.74 18.35 17.08
C GLU G 132 -45.96 18.42 17.98
N PHE G 133 -46.26 17.32 18.64
CA PHE G 133 -47.52 17.13 19.34
C PHE G 133 -47.30 16.85 20.81
N GLN G 134 -47.98 17.62 21.67
CA GLN G 134 -48.21 17.25 23.05
C GLN G 134 -49.60 16.64 23.12
N PHE G 135 -49.68 15.37 23.51
CA PHE G 135 -50.88 14.57 23.39
C PHE G 135 -51.63 14.50 24.71
N CYS G 136 -52.92 14.22 24.59
CA CYS G 136 -53.70 13.82 25.76
C CYS G 136 -53.29 12.43 26.21
N ASN G 137 -53.44 12.17 27.51
CA ASN G 137 -53.07 10.86 28.04
C ASN G 137 -53.96 9.76 27.48
N ASP G 138 -55.20 10.10 27.11
CA ASP G 138 -56.15 9.16 26.54
C ASP G 138 -56.87 9.80 25.37
N PRO G 139 -56.22 9.91 24.21
CA PRO G 139 -56.90 10.45 23.04
C PRO G 139 -58.06 9.57 22.60
N PHE G 140 -59.14 10.21 22.13
CA PHE G 140 -60.35 9.51 21.74
C PHE G 140 -61.12 10.37 20.75
N LEU G 141 -62.07 9.73 20.07
CA LEU G 141 -62.93 10.43 19.12
C LEU G 141 -64.39 10.33 19.53
N PHE G 157 -64.25 15.02 19.62
CA PHE G 157 -62.90 15.03 19.08
C PHE G 157 -61.91 15.66 20.08
N ARG G 158 -61.14 14.82 20.75
CA ARG G 158 -60.12 15.26 21.69
C ARG G 158 -58.93 14.32 21.55
N VAL G 159 -57.86 14.79 20.91
CA VAL G 159 -56.72 13.92 20.64
C VAL G 159 -55.44 14.51 21.23
N TYR G 160 -55.05 15.70 20.80
CA TYR G 160 -53.76 16.27 21.14
C TYR G 160 -53.94 17.63 21.79
N SER G 161 -53.08 17.93 22.76
CA SER G 161 -53.12 19.25 23.40
C SER G 161 -52.48 20.32 22.52
N SER G 162 -51.39 19.97 21.83
CA SER G 162 -50.61 20.97 21.12
C SER G 162 -50.33 20.51 19.69
N ALA G 163 -49.89 21.46 18.86
CA ALA G 163 -49.52 21.22 17.47
C ALA G 163 -48.57 22.35 17.05
N ASN G 164 -47.28 22.03 16.89
CA ASN G 164 -46.28 23.07 16.68
C ASN G 164 -45.17 22.60 15.74
N ASN G 165 -44.53 23.59 15.10
CA ASN G 165 -43.26 23.41 14.40
C ASN G 165 -43.23 22.28 13.36
N CYS G 166 -44.18 22.25 12.43
CA CYS G 166 -44.17 21.16 11.45
C CYS G 166 -44.02 21.64 10.01
N THR G 167 -43.84 20.67 9.12
CA THR G 167 -43.55 20.90 7.71
C THR G 167 -44.46 20.11 6.78
N PHE G 168 -44.86 18.90 7.18
CA PHE G 168 -45.57 17.98 6.29
C PHE G 168 -47.01 17.81 6.77
N GLU G 169 -47.95 18.27 5.94
CA GLU G 169 -49.38 18.04 6.14
C GLU G 169 -49.94 17.41 4.87
N TYR G 170 -50.70 16.33 5.03
CA TYR G 170 -51.15 15.55 3.88
C TYR G 170 -52.63 15.21 4.03
N VAL G 171 -53.31 15.10 2.89
CA VAL G 171 -54.72 14.70 2.81
C VAL G 171 -54.85 13.74 1.65
N SER G 172 -55.79 12.79 1.77
CA SER G 172 -55.99 11.79 0.74
C SER G 172 -57.42 11.27 0.71
N GLN G 173 -57.64 10.17 -0.01
CA GLN G 173 -58.95 9.53 -0.15
C GLN G 173 -59.32 8.77 1.13
N PRO G 174 -60.60 8.65 1.43
CA PRO G 174 -61.01 7.94 2.66
C PRO G 174 -60.77 6.44 2.56
N PHE G 175 -60.56 5.84 3.72
CA PHE G 175 -60.43 4.39 3.85
C PHE G 175 -61.62 3.86 4.64
N LEU G 176 -62.55 3.22 3.94
CA LEU G 176 -63.75 2.70 4.59
C LEU G 176 -64.21 1.41 3.93
N LYS G 187 -67.81 -7.72 11.02
CA LYS G 187 -68.08 -7.39 9.63
C LYS G 187 -66.79 -7.32 8.82
N ASN G 188 -66.61 -6.19 8.14
CA ASN G 188 -65.41 -6.00 7.32
C ASN G 188 -64.16 -6.00 8.18
N LEU G 189 -63.10 -6.63 7.68
CA LEU G 189 -61.83 -6.73 8.38
C LEU G 189 -60.81 -5.88 7.63
N ARG G 190 -60.17 -4.96 8.34
CA ARG G 190 -59.12 -4.12 7.76
C ARG G 190 -57.77 -4.60 8.26
N GLU G 191 -56.83 -4.77 7.34
CA GLU G 191 -55.46 -5.14 7.67
C GLU G 191 -54.53 -4.04 7.19
N PHE G 192 -53.60 -3.65 8.06
CA PHE G 192 -52.62 -2.62 7.77
C PHE G 192 -51.26 -3.14 8.21
N VAL G 193 -50.23 -2.74 7.46
CA VAL G 193 -48.84 -3.00 7.81
C VAL G 193 -48.13 -1.67 7.70
N PHE G 194 -47.59 -1.19 8.83
CA PHE G 194 -46.83 0.05 8.85
C PHE G 194 -45.36 -0.31 9.02
N LYS G 195 -44.52 0.20 8.12
CA LYS G 195 -43.10 -0.11 8.15
C LYS G 195 -42.29 1.18 7.94
N ASN G 196 -41.39 1.47 8.86
CA ASN G 196 -40.53 2.64 8.78
C ASN G 196 -39.12 2.19 8.40
N ILE G 197 -38.70 2.53 7.19
CA ILE G 197 -37.40 2.08 6.70
C ILE G 197 -36.93 3.04 5.62
N ASP G 198 -35.61 3.29 5.60
CA ASP G 198 -34.96 4.09 4.56
C ASP G 198 -35.55 5.50 4.47
N GLY G 199 -35.97 6.04 5.62
CA GLY G 199 -36.57 7.36 5.65
C GLY G 199 -37.99 7.43 5.16
N TYR G 200 -38.61 6.29 4.86
CA TYR G 200 -39.97 6.23 4.35
C TYR G 200 -40.86 5.48 5.32
N PHE G 201 -42.04 6.02 5.57
CA PHE G 201 -43.09 5.33 6.30
C PHE G 201 -44.06 4.75 5.28
N LYS G 202 -44.04 3.44 5.11
CA LYS G 202 -44.84 2.76 4.09
C LYS G 202 -46.03 2.10 4.74
N ILE G 203 -47.21 2.30 4.15
CA ILE G 203 -48.46 1.72 4.63
C ILE G 203 -48.98 0.75 3.57
N TYR G 204 -49.27 -0.47 4.00
CA TYR G 204 -49.91 -1.46 3.14
C TYR G 204 -51.26 -1.83 3.73
N SER G 205 -52.31 -1.73 2.92
CA SER G 205 -53.66 -1.89 3.47
C SER G 205 -54.47 -2.86 2.62
N LYS G 206 -55.46 -3.47 3.26
CA LYS G 206 -56.38 -4.36 2.56
C LYS G 206 -57.67 -4.56 3.35
N HIS G 207 -58.81 -4.44 2.68
CA HIS G 207 -60.12 -4.60 3.29
C HIS G 207 -60.75 -5.88 2.76
N THR G 208 -61.29 -6.70 3.66
CA THR G 208 -61.87 -7.97 3.28
C THR G 208 -63.22 -8.15 3.95
N PRO G 209 -64.27 -8.47 3.19
CA PRO G 209 -65.58 -8.72 3.81
C PRO G 209 -65.59 -10.06 4.54
N ILE G 210 -65.85 -10.02 5.84
CA ILE G 210 -65.87 -11.21 6.68
C ILE G 210 -67.21 -11.28 7.39
N ASN G 211 -67.89 -12.42 7.27
CA ASN G 211 -69.21 -12.58 7.87
C ASN G 211 -69.13 -12.66 9.38
N LEU G 212 -68.23 -13.49 9.91
CA LEU G 212 -68.17 -13.73 11.35
C LEU G 212 -67.03 -12.95 11.98
N VAL G 213 -67.31 -12.37 13.14
CA VAL G 213 -66.28 -11.64 13.88
C VAL G 213 -66.10 -12.28 15.26
N ARG G 214 -65.20 -13.25 15.35
CA ARG G 214 -64.85 -13.86 16.62
C ARG G 214 -63.36 -13.66 16.92
N ASP G 215 -62.52 -14.03 15.96
CA ASP G 215 -61.08 -13.88 16.06
C ASP G 215 -60.50 -13.67 14.66
N LEU G 216 -59.18 -13.64 14.58
CA LEU G 216 -58.53 -13.47 13.29
C LEU G 216 -58.76 -14.71 12.43
N PRO G 217 -59.30 -14.56 11.23
CA PRO G 217 -59.71 -15.73 10.46
C PRO G 217 -58.54 -16.39 9.74
N GLN G 218 -58.81 -17.58 9.22
CA GLN G 218 -57.84 -18.33 8.43
C GLN G 218 -58.09 -18.00 6.97
N GLY G 219 -57.20 -17.23 6.37
CA GLY G 219 -57.32 -16.87 4.97
C GLY G 219 -56.06 -16.17 4.51
N PHE G 220 -55.83 -16.23 3.20
CA PHE G 220 -54.64 -15.66 2.59
C PHE G 220 -55.06 -14.48 1.72
N SER G 221 -54.60 -13.29 2.09
CA SER G 221 -54.88 -12.06 1.36
C SER G 221 -53.64 -11.19 1.35
N ALA G 222 -53.16 -10.85 0.16
CA ALA G 222 -52.02 -9.96 0.03
C ALA G 222 -52.42 -8.53 0.38
N LEU G 223 -51.43 -7.66 0.52
CA LEU G 223 -51.64 -6.27 0.87
C LEU G 223 -51.05 -5.37 -0.21
N GLU G 224 -51.89 -4.49 -0.76
CA GLU G 224 -51.48 -3.54 -1.80
C GLU G 224 -50.98 -2.25 -1.16
N PRO G 225 -49.80 -1.76 -1.53
CA PRO G 225 -49.29 -0.52 -0.93
C PRO G 225 -50.21 0.66 -1.21
N LEU G 226 -50.29 1.56 -0.24
CA LEU G 226 -51.08 2.78 -0.39
C LEU G 226 -50.24 4.04 -0.43
N VAL G 227 -49.43 4.29 0.60
CA VAL G 227 -48.64 5.52 0.68
C VAL G 227 -47.24 5.19 1.16
N ASP G 228 -46.28 5.98 0.66
CA ASP G 228 -44.88 5.94 1.08
C ASP G 228 -44.50 7.36 1.51
N LEU G 229 -44.81 7.70 2.76
CA LEU G 229 -44.66 9.07 3.21
C LEU G 229 -43.20 9.34 3.60
N PRO G 230 -42.55 10.34 2.99
CA PRO G 230 -41.18 10.69 3.40
C PRO G 230 -41.14 11.60 4.60
N ILE G 231 -40.70 11.12 5.76
CA ILE G 231 -40.52 11.99 6.91
C ILE G 231 -39.09 11.88 7.43
N GLY G 232 -38.71 10.69 7.88
CA GLY G 232 -37.40 10.50 8.46
C GLY G 232 -37.31 10.75 9.96
N ILE G 233 -38.35 10.40 10.70
CA ILE G 233 -38.35 10.48 12.16
C ILE G 233 -38.45 9.06 12.70
N ASN G 234 -37.89 8.84 13.89
CA ASN G 234 -37.96 7.51 14.48
C ASN G 234 -39.41 7.21 14.85
N ILE G 235 -39.79 5.94 14.84
CA ILE G 235 -41.03 5.47 15.42
C ILE G 235 -40.70 4.33 16.36
N THR G 236 -41.05 4.48 17.64
CA THR G 236 -40.83 3.45 18.64
C THR G 236 -42.08 3.10 19.44
N ARG G 237 -43.03 4.01 19.56
CA ARG G 237 -44.26 3.76 20.29
C ARG G 237 -45.43 4.23 19.46
N PHE G 238 -46.53 3.48 19.50
CA PHE G 238 -47.73 3.89 18.78
C PHE G 238 -48.96 3.59 19.63
N GLN G 239 -50.03 4.34 19.36
CA GLN G 239 -51.30 4.17 20.05
C GLN G 239 -52.43 4.13 19.03
N THR G 240 -53.50 3.44 19.36
CA THR G 240 -54.65 3.28 18.48
C THR G 240 -55.75 4.23 18.93
N LEU G 241 -56.28 5.01 18.00
CA LEU G 241 -57.35 5.94 18.33
C LEU G 241 -58.71 5.28 18.15
N LEU G 242 -59.56 5.41 19.17
CA LEU G 242 -60.89 4.84 19.14
C LEU G 242 -61.92 5.96 19.09
N ALA G 243 -63.16 5.58 18.78
CA ALA G 243 -64.27 6.53 18.73
C ALA G 243 -65.24 6.21 19.86
N LEU G 244 -65.18 6.99 20.93
CA LEU G 244 -66.08 6.79 22.06
C LEU G 244 -67.50 7.18 21.66
N HIS G 245 -68.47 6.43 22.16
CA HIS G 245 -69.86 6.68 21.85
C HIS G 245 -70.33 8.01 22.45
N ALA G 263 -65.18 -4.51 17.19
CA ALA G 263 -64.61 -3.43 18.00
C ALA G 263 -63.29 -3.86 18.62
N ALA G 264 -62.69 -4.91 18.05
CA ALA G 264 -61.46 -5.50 18.57
C ALA G 264 -60.38 -5.41 17.51
N TYR G 265 -59.15 -5.13 17.92
CA TYR G 265 -58.02 -5.02 17.01
C TYR G 265 -56.85 -5.84 17.50
N TYR G 266 -56.11 -6.40 16.56
CA TYR G 266 -54.97 -7.26 16.81
C TYR G 266 -53.69 -6.56 16.40
N VAL G 267 -52.63 -6.76 17.20
CA VAL G 267 -51.33 -6.17 16.94
C VAL G 267 -50.28 -7.26 16.89
N GLY G 268 -49.48 -7.27 15.82
CA GLY G 268 -48.35 -8.18 15.70
C GLY G 268 -47.13 -7.42 15.21
N TYR G 269 -45.98 -8.08 15.31
CA TYR G 269 -44.70 -7.44 15.03
C TYR G 269 -43.99 -8.15 13.89
N LEU G 270 -43.41 -7.37 12.98
CA LEU G 270 -42.67 -7.92 11.86
C LEU G 270 -41.28 -8.37 12.30
N GLN G 271 -40.73 -9.31 11.55
CA GLN G 271 -39.38 -9.80 11.74
C GLN G 271 -38.73 -9.99 10.37
N PRO G 272 -37.41 -9.91 10.29
CA PRO G 272 -36.73 -10.16 9.02
C PRO G 272 -36.79 -11.63 8.65
N ARG G 273 -37.57 -11.97 7.61
CA ARG G 273 -37.74 -13.35 7.20
C ARG G 273 -37.59 -13.47 5.70
N THR G 274 -37.25 -14.68 5.26
CA THR G 274 -37.17 -15.03 3.85
C THR G 274 -38.46 -15.73 3.45
N PHE G 275 -39.15 -15.16 2.47
CA PHE G 275 -40.43 -15.69 2.00
C PHE G 275 -40.29 -16.17 0.56
N LEU G 276 -41.13 -17.14 0.20
CA LEU G 276 -41.27 -17.60 -1.17
C LEU G 276 -42.71 -17.30 -1.56
N LEU G 277 -42.88 -16.41 -2.54
CA LEU G 277 -44.21 -15.93 -2.93
C LEU G 277 -44.56 -16.46 -4.31
N LYS G 278 -45.76 -17.01 -4.45
CA LYS G 278 -46.25 -17.49 -5.73
C LYS G 278 -47.08 -16.41 -6.41
N TYR G 279 -46.58 -15.93 -7.55
CA TYR G 279 -47.27 -14.93 -8.35
C TYR G 279 -48.13 -15.64 -9.39
N ASN G 280 -49.43 -15.38 -9.34
CA ASN G 280 -50.40 -16.01 -10.21
C ASN G 280 -50.28 -15.49 -11.65
N GLU G 281 -51.03 -16.11 -12.56
CA GLU G 281 -51.12 -15.58 -13.92
C GLU G 281 -51.76 -14.20 -13.93
N ASN G 282 -52.67 -13.95 -12.98
CA ASN G 282 -53.20 -12.60 -12.80
C ASN G 282 -52.12 -11.60 -12.46
N GLY G 283 -50.99 -12.06 -11.92
CA GLY G 283 -49.96 -11.17 -11.40
C GLY G 283 -50.05 -10.92 -9.91
N THR G 284 -50.84 -11.69 -9.18
CA THR G 284 -51.04 -11.48 -7.75
C THR G 284 -50.42 -12.60 -6.94
N ILE G 285 -50.13 -12.31 -5.68
CA ILE G 285 -49.53 -13.28 -4.76
C ILE G 285 -50.63 -14.11 -4.13
N THR G 286 -50.86 -15.30 -4.67
CA THR G 286 -51.96 -16.12 -4.18
C THR G 286 -51.54 -17.02 -3.02
N ASP G 287 -50.22 -17.22 -2.85
CA ASP G 287 -49.74 -18.09 -1.78
C ASP G 287 -48.31 -17.70 -1.42
N ALA G 288 -47.91 -18.07 -0.22
CA ALA G 288 -46.58 -17.76 0.27
C ALA G 288 -46.18 -18.75 1.34
N VAL G 289 -44.87 -19.00 1.44
CA VAL G 289 -44.32 -19.88 2.47
C VAL G 289 -43.17 -19.17 3.15
N ASP G 290 -43.07 -19.36 4.47
CA ASP G 290 -41.99 -18.81 5.29
C ASP G 290 -40.94 -19.89 5.46
N CYS G 291 -39.72 -19.62 4.99
CA CYS G 291 -38.67 -20.63 4.91
C CYS G 291 -38.32 -21.21 6.27
N ALA G 292 -38.25 -20.37 7.30
CA ALA G 292 -37.75 -20.79 8.60
C ALA G 292 -38.84 -21.29 9.54
N LEU G 293 -40.09 -21.36 9.08
CA LEU G 293 -41.17 -21.79 9.97
C LEU G 293 -41.05 -23.27 10.32
N ASP G 294 -40.87 -24.13 9.31
CA ASP G 294 -40.83 -25.57 9.51
C ASP G 294 -39.84 -26.21 8.54
N PRO G 295 -39.33 -27.42 8.85
CA PRO G 295 -38.42 -28.07 7.90
C PRO G 295 -39.03 -28.32 6.54
N LEU G 296 -40.31 -28.65 6.48
CA LEU G 296 -40.97 -28.80 5.18
C LEU G 296 -41.00 -27.47 4.43
N SER G 297 -41.26 -26.37 5.15
CA SER G 297 -41.19 -25.06 4.53
C SER G 297 -39.78 -24.75 4.05
N GLU G 298 -38.76 -25.14 4.83
CA GLU G 298 -37.39 -24.88 4.44
C GLU G 298 -37.01 -25.64 3.17
N THR G 299 -37.42 -26.90 3.06
CA THR G 299 -37.11 -27.63 1.83
C THR G 299 -37.96 -27.15 0.66
N LYS G 300 -39.18 -26.66 0.92
CA LYS G 300 -39.94 -26.00 -0.13
C LYS G 300 -39.19 -24.79 -0.66
N CYS G 301 -38.60 -24.00 0.23
CA CYS G 301 -37.80 -22.86 -0.21
C CYS G 301 -36.56 -23.30 -0.99
N THR G 302 -35.84 -24.29 -0.47
CA THR G 302 -34.59 -24.71 -1.13
C THR G 302 -34.86 -25.29 -2.51
N LEU G 303 -35.90 -26.08 -2.66
CA LEU G 303 -36.29 -26.60 -3.97
C LEU G 303 -37.02 -25.58 -4.82
N LYS G 304 -37.40 -24.44 -4.24
CA LYS G 304 -38.15 -23.39 -4.94
C LYS G 304 -39.42 -23.96 -5.55
N SER G 305 -40.18 -24.65 -4.72
CA SER G 305 -41.43 -25.27 -5.17
C SER G 305 -42.35 -25.45 -3.97
N PHE G 306 -43.64 -25.57 -4.26
CA PHE G 306 -44.65 -25.78 -3.24
C PHE G 306 -44.94 -27.24 -2.99
N THR G 307 -44.36 -28.15 -3.77
CA THR G 307 -44.60 -29.58 -3.62
C THR G 307 -43.26 -30.30 -3.68
N VAL G 308 -42.87 -30.94 -2.57
CA VAL G 308 -41.68 -31.79 -2.55
C VAL G 308 -42.07 -33.16 -3.08
N GLU G 309 -41.08 -33.96 -3.49
CA GLU G 309 -41.33 -35.25 -4.13
C GLU G 309 -40.48 -36.33 -3.48
N LYS G 310 -40.98 -36.91 -2.38
CA LYS G 310 -40.55 -38.19 -1.85
C LYS G 310 -39.03 -38.39 -1.86
N GLY G 311 -38.30 -37.62 -1.07
CA GLY G 311 -36.86 -37.79 -1.06
C GLY G 311 -36.21 -37.14 0.14
N ILE G 312 -34.89 -37.23 0.16
CA ILE G 312 -34.05 -36.59 1.17
C ILE G 312 -33.40 -35.38 0.53
N TYR G 313 -33.50 -34.23 1.20
CA TYR G 313 -33.01 -32.97 0.65
C TYR G 313 -32.21 -32.23 1.72
N GLN G 314 -30.95 -31.94 1.41
CA GLN G 314 -30.13 -31.11 2.28
C GLN G 314 -30.63 -29.67 2.22
N THR G 315 -30.94 -29.09 3.39
CA THR G 315 -31.55 -27.78 3.45
C THR G 315 -30.67 -26.71 4.07
N SER G 316 -29.82 -27.05 5.05
CA SER G 316 -28.93 -26.07 5.65
C SER G 316 -27.83 -26.78 6.43
N ASN G 317 -27.05 -26.02 7.20
CA ASN G 317 -25.92 -26.57 7.93
C ASN G 317 -26.04 -26.27 9.42
N PHE G 318 -25.84 -27.30 10.22
CA PHE G 318 -25.81 -27.20 11.67
C PHE G 318 -24.36 -27.13 12.12
N ARG G 319 -23.96 -25.99 12.67
CA ARG G 319 -22.63 -25.78 13.20
C ARG G 319 -22.75 -25.39 14.67
N VAL G 320 -22.09 -26.16 15.54
CA VAL G 320 -22.14 -25.85 16.96
C VAL G 320 -21.43 -24.53 17.23
N GLN G 321 -22.11 -23.64 17.93
CA GLN G 321 -21.56 -22.32 18.17
C GLN G 321 -20.56 -22.35 19.32
N PRO G 322 -19.59 -21.44 19.32
CA PRO G 322 -18.62 -21.41 20.42
C PRO G 322 -19.27 -21.09 21.75
N THR G 323 -18.77 -21.74 22.80
CA THR G 323 -19.24 -21.53 24.16
C THR G 323 -18.05 -21.27 25.05
N GLU G 324 -17.98 -20.05 25.61
CA GLU G 324 -16.94 -19.63 26.54
C GLU G 324 -15.59 -19.48 25.84
N SER G 325 -14.80 -18.51 26.26
CA SER G 325 -13.47 -18.28 25.70
C SER G 325 -12.43 -18.48 26.79
N ILE G 326 -11.39 -19.25 26.47
CA ILE G 326 -10.33 -19.59 27.42
C ILE G 326 -9.01 -19.06 26.87
N VAL G 327 -8.26 -18.36 27.73
CA VAL G 327 -6.94 -17.86 27.39
C VAL G 327 -5.94 -18.37 28.43
N ARG G 328 -4.95 -19.14 27.97
CA ARG G 328 -3.90 -19.63 28.86
C ARG G 328 -2.55 -19.07 28.43
N PHE G 329 -1.75 -18.64 29.40
CA PHE G 329 -0.45 -18.03 29.12
C PHE G 329 0.56 -18.46 30.18
N PRO G 330 1.79 -18.85 29.76
CA PRO G 330 2.80 -19.44 30.67
C PRO G 330 2.45 -19.61 32.14
N ASN G 331 3.18 -18.92 33.00
CA ASN G 331 2.98 -18.97 34.45
C ASN G 331 3.78 -17.83 35.06
N ILE G 332 3.20 -17.10 36.01
CA ILE G 332 3.90 -15.95 36.56
C ILE G 332 4.87 -16.45 37.64
N THR G 333 6.05 -16.87 37.21
CA THR G 333 7.05 -17.34 38.17
C THR G 333 8.13 -16.30 38.39
N ASN G 334 8.54 -15.61 37.34
CA ASN G 334 9.53 -14.55 37.44
C ASN G 334 8.82 -13.22 37.72
N LEU G 335 9.11 -12.64 38.87
CA LEU G 335 8.52 -11.37 39.28
C LEU G 335 9.57 -10.28 39.18
N CYS G 336 9.19 -9.16 38.57
CA CYS G 336 10.14 -8.11 38.27
C CYS G 336 10.57 -7.40 39.56
N PRO G 337 11.88 -7.15 39.73
CA PRO G 337 12.37 -6.62 41.00
C PRO G 337 12.06 -5.15 41.22
N PHE G 338 10.78 -4.80 41.28
CA PHE G 338 10.41 -3.42 41.61
C PHE G 338 10.50 -3.17 43.10
N GLY G 339 10.41 -4.23 43.90
CA GLY G 339 10.47 -4.06 45.35
C GLY G 339 11.79 -3.46 45.81
N GLU G 340 12.90 -3.96 45.25
CA GLU G 340 14.21 -3.47 45.67
C GLU G 340 14.38 -1.98 45.34
N VAL G 341 14.00 -1.57 44.13
CA VAL G 341 14.21 -0.19 43.73
C VAL G 341 13.25 0.76 44.46
N PHE G 342 11.98 0.36 44.60
CA PHE G 342 11.00 1.27 45.18
C PHE G 342 11.11 1.34 46.70
N ASN G 343 11.35 0.21 47.37
CA ASN G 343 11.20 0.14 48.81
C ASN G 343 12.52 -0.23 49.50
N ALA G 344 13.63 0.25 48.95
CA ALA G 344 14.92 0.07 49.60
C ALA G 344 15.01 0.94 50.85
N THR G 345 15.76 0.46 51.84
CA THR G 345 15.90 1.21 53.08
C THR G 345 16.63 2.53 52.87
N ARG G 346 17.70 2.51 52.08
CA ARG G 346 18.54 3.68 51.86
C ARG G 346 18.61 4.00 50.38
N PHE G 347 18.18 5.20 50.01
CA PHE G 347 18.34 5.71 48.66
C PHE G 347 19.68 6.45 48.58
N ALA G 348 19.90 7.21 47.50
CA ALA G 348 21.12 7.97 47.33
C ALA G 348 20.79 9.43 47.06
N SER G 349 21.78 10.30 47.28
CA SER G 349 21.60 11.71 47.03
C SER G 349 21.39 11.97 45.54
N VAL G 350 20.86 13.15 45.23
CA VAL G 350 20.40 13.41 43.87
C VAL G 350 21.57 13.43 42.89
N TYR G 351 22.72 13.94 43.31
CA TYR G 351 23.85 14.05 42.37
C TYR G 351 24.35 12.67 41.99
N ALA G 352 24.46 11.75 42.96
CA ALA G 352 24.78 10.36 42.68
C ALA G 352 23.51 9.53 42.67
N TRP G 353 22.62 9.86 41.74
CA TRP G 353 21.34 9.18 41.64
C TRP G 353 21.55 7.75 41.16
N ASN G 354 20.93 6.79 41.86
CA ASN G 354 21.15 5.40 41.53
C ASN G 354 20.43 5.02 40.25
N ARG G 355 21.14 4.32 39.37
CA ARG G 355 20.57 3.85 38.12
C ARG G 355 20.59 2.34 38.13
N LYS G 356 19.41 1.72 38.05
CA LYS G 356 19.27 0.28 38.02
C LYS G 356 18.68 -0.13 36.67
N ARG G 357 19.36 -1.02 35.96
CA ARG G 357 18.80 -1.58 34.74
C ARG G 357 17.87 -2.73 35.09
N ILE G 358 16.74 -2.79 34.41
CA ILE G 358 15.73 -3.81 34.61
C ILE G 358 15.43 -4.43 33.26
N SER G 359 15.57 -5.75 33.18
CA SER G 359 15.29 -6.50 31.97
C SER G 359 14.98 -7.94 32.32
N ASN G 360 14.42 -8.65 31.35
CA ASN G 360 14.19 -10.10 31.46
C ASN G 360 13.20 -10.44 32.58
N CYS G 361 12.35 -9.47 32.92
CA CYS G 361 11.38 -9.65 33.99
C CYS G 361 9.98 -9.50 33.42
N VAL G 362 9.00 -10.04 34.15
CA VAL G 362 7.59 -9.82 33.87
C VAL G 362 7.10 -8.80 34.89
N ALA G 363 6.88 -7.57 34.43
CA ALA G 363 6.59 -6.47 35.33
C ALA G 363 5.15 -6.55 35.83
N ASP G 364 4.88 -5.83 36.93
CA ASP G 364 3.54 -5.70 37.48
C ASP G 364 3.36 -4.25 37.92
N TYR G 365 2.87 -3.42 37.00
CA TYR G 365 2.67 -2.01 37.32
C TYR G 365 1.39 -1.79 38.11
N SER G 366 0.50 -2.79 38.14
CA SER G 366 -0.73 -2.71 38.90
C SER G 366 -0.45 -2.36 40.34
N VAL G 367 0.56 -3.03 40.93
CA VAL G 367 0.98 -2.72 42.28
C VAL G 367 1.46 -1.27 42.36
N LEU G 368 2.08 -0.78 41.29
CA LEU G 368 2.61 0.58 41.32
C LEU G 368 1.50 1.61 41.38
N TYR G 369 0.50 1.53 40.50
CA TYR G 369 -0.49 2.61 40.54
C TYR G 369 -1.67 2.32 41.46
N ASN G 370 -1.79 1.11 42.00
CA ASN G 370 -2.85 0.86 42.98
C ASN G 370 -2.51 1.49 44.33
N SER G 371 -1.26 1.36 44.77
CA SER G 371 -0.85 1.97 46.03
C SER G 371 -0.99 3.49 45.95
N ALA G 372 -1.62 4.07 46.96
CA ALA G 372 -1.90 5.50 46.98
C ALA G 372 -0.88 6.31 47.77
N SER G 373 0.18 5.67 48.28
CA SER G 373 1.21 6.42 49.00
C SER G 373 1.96 7.36 48.08
N PHE G 374 1.99 7.07 46.79
CA PHE G 374 2.69 7.91 45.82
C PHE G 374 1.85 9.15 45.53
N SER G 375 2.31 10.30 46.03
CA SER G 375 1.57 11.54 45.82
C SER G 375 1.50 11.91 44.35
N THR G 376 2.60 11.73 43.62
CA THR G 376 2.64 12.01 42.19
C THR G 376 3.02 10.75 41.43
N PHE G 377 2.18 10.38 40.46
CA PHE G 377 2.47 9.26 39.59
C PHE G 377 2.37 9.69 38.13
N LYS G 378 3.01 10.80 37.76
CA LYS G 378 2.91 11.34 36.42
C LYS G 378 3.65 10.47 35.41
N CYS G 379 2.95 10.06 34.35
CA CYS G 379 3.52 9.26 33.28
C CYS G 379 3.50 10.09 32.00
N TYR G 380 4.66 10.25 31.37
CA TYR G 380 4.81 11.04 30.17
C TYR G 380 5.09 10.15 28.97
N GLY G 381 4.26 10.27 27.94
CA GLY G 381 4.43 9.48 26.73
C GLY G 381 3.75 8.13 26.76
N VAL G 382 3.26 7.69 27.92
CA VAL G 382 2.59 6.41 28.06
C VAL G 382 1.34 6.59 28.91
N SER G 383 0.37 5.71 28.72
CA SER G 383 -0.86 5.73 29.49
C SER G 383 -0.70 4.83 30.70
N PRO G 384 -0.84 5.35 31.92
CA PRO G 384 -0.70 4.48 33.11
C PRO G 384 -1.63 3.28 33.09
N THR G 385 -2.85 3.46 32.60
CA THR G 385 -3.79 2.35 32.52
C THR G 385 -3.32 1.29 31.51
N LYS G 386 -2.71 1.72 30.42
CA LYS G 386 -2.38 0.85 29.30
C LYS G 386 -0.98 0.26 29.37
N LEU G 387 -0.25 0.48 30.47
CA LEU G 387 1.16 0.08 30.51
C LEU G 387 1.32 -1.43 30.39
N ASN G 388 0.46 -2.20 31.05
CA ASN G 388 0.64 -3.65 31.09
C ASN G 388 0.51 -4.27 29.70
N ASP G 389 -0.09 -3.55 28.76
CA ASP G 389 -0.24 -4.07 27.41
C ASP G 389 1.06 -3.99 26.62
N LEU G 390 1.91 -3.02 26.95
CA LEU G 390 3.07 -2.72 26.12
C LEU G 390 4.29 -3.54 26.54
N CYS G 391 5.17 -3.81 25.59
CA CYS G 391 6.45 -4.48 25.83
C CYS G 391 7.58 -3.51 25.52
N PHE G 392 8.65 -3.58 26.31
CA PHE G 392 9.80 -2.71 26.15
C PHE G 392 11.08 -3.52 26.21
N THR G 393 12.12 -2.98 25.56
CA THR G 393 13.42 -3.66 25.55
C THR G 393 14.01 -3.72 26.95
N ASN G 394 14.09 -2.56 27.63
CA ASN G 394 14.67 -2.51 28.97
C ASN G 394 14.15 -1.26 29.67
N VAL G 395 14.35 -1.22 30.98
CA VAL G 395 13.90 -0.11 31.81
C VAL G 395 15.08 0.39 32.61
N TYR G 396 15.17 1.70 32.78
CA TYR G 396 16.12 2.33 33.69
C TYR G 396 15.35 2.95 34.84
N ALA G 397 15.68 2.53 36.06
CA ALA G 397 15.07 3.07 37.27
C ALA G 397 16.11 3.95 37.94
N ASP G 398 15.87 5.25 37.93
CA ASP G 398 16.73 6.21 38.59
C ASP G 398 16.09 6.64 39.89
N SER G 399 16.71 6.26 41.01
CA SER G 399 16.17 6.52 42.33
C SER G 399 17.03 7.53 43.05
N PHE G 400 16.38 8.47 43.75
CA PHE G 400 17.09 9.44 44.55
C PHE G 400 16.12 10.08 45.53
N VAL G 401 16.65 11.00 46.34
CA VAL G 401 15.88 11.77 47.31
C VAL G 401 16.04 13.24 46.98
N ILE G 402 14.93 13.97 46.92
CA ILE G 402 14.92 15.37 46.51
C ILE G 402 14.12 16.15 47.54
N ARG G 403 14.23 17.47 47.48
CA ARG G 403 13.37 18.31 48.31
C ARG G 403 11.94 18.28 47.79
N GLY G 404 11.00 18.57 48.68
CA GLY G 404 9.59 18.45 48.32
C GLY G 404 9.18 19.38 47.19
N ASP G 405 9.65 20.63 47.23
CA ASP G 405 9.24 21.60 46.22
C ASP G 405 9.77 21.23 44.84
N GLU G 406 11.01 20.78 44.77
CA GLU G 406 11.68 20.62 43.47
C GLU G 406 11.20 19.40 42.69
N VAL G 407 10.21 18.65 43.19
CA VAL G 407 9.63 17.57 42.40
C VAL G 407 9.02 18.11 41.12
N ARG G 408 8.55 19.36 41.15
CA ARG G 408 8.03 19.99 39.94
C ARG G 408 9.11 20.19 38.88
N GLN G 409 10.39 20.14 39.26
CA GLN G 409 11.46 20.29 38.29
C GLN G 409 11.86 18.98 37.63
N ILE G 410 11.33 17.85 38.09
CA ILE G 410 11.60 16.57 37.44
C ILE G 410 10.57 16.34 36.35
N ALA G 411 10.84 16.88 35.17
CA ALA G 411 9.96 16.80 34.02
C ALA G 411 10.71 17.29 32.80
N PRO G 412 10.31 16.86 31.60
CA PRO G 412 10.99 17.33 30.39
C PRO G 412 10.90 18.84 30.24
N GLY G 413 11.98 19.45 29.76
CA GLY G 413 12.00 20.87 29.50
C GLY G 413 11.78 21.74 30.72
N GLN G 414 12.39 21.38 31.84
CA GLN G 414 12.29 22.15 33.07
C GLN G 414 13.63 22.81 33.36
N THR G 415 13.59 23.84 34.21
CA THR G 415 14.77 24.58 34.59
C THR G 415 14.80 24.74 36.10
N GLY G 416 15.99 24.93 36.63
CA GLY G 416 16.19 25.03 38.06
C GLY G 416 17.51 24.42 38.45
N LYS G 417 17.80 24.49 39.75
CA LYS G 417 19.08 24.00 40.25
C LYS G 417 19.21 22.49 40.02
N ILE G 418 18.23 21.72 40.48
CA ILE G 418 18.31 20.28 40.39
C ILE G 418 18.25 19.82 38.94
N ALA G 419 17.30 20.37 38.18
CA ALA G 419 17.12 19.92 36.80
C ALA G 419 18.31 20.28 35.93
N ASP G 420 18.86 21.48 36.11
CA ASP G 420 19.92 21.93 35.20
C ASP G 420 21.31 21.56 35.71
N TYR G 421 21.41 21.06 36.94
CA TYR G 421 22.72 20.73 37.49
C TYR G 421 22.85 19.31 38.02
N ASN G 422 21.81 18.76 38.64
CA ASN G 422 21.93 17.45 39.31
C ASN G 422 21.34 16.33 38.47
N TYR G 423 20.07 16.44 38.05
CA TYR G 423 19.41 15.38 37.30
C TYR G 423 18.54 16.03 36.24
N LYS G 424 18.98 15.95 34.98
CA LYS G 424 18.29 16.55 33.86
C LYS G 424 17.53 15.47 33.11
N LEU G 425 16.26 15.73 32.84
CA LEU G 425 15.43 14.74 32.18
C LEU G 425 15.21 15.15 30.72
N PRO G 426 15.40 14.21 29.77
CA PRO G 426 15.32 14.57 28.35
C PRO G 426 13.92 15.00 27.95
N ASP G 427 13.85 15.66 26.79
CA ASP G 427 12.59 16.20 26.31
C ASP G 427 11.57 15.10 25.99
N ASP G 428 12.02 14.00 25.38
CA ASP G 428 11.09 12.95 24.98
C ASP G 428 10.55 12.20 26.19
N PHE G 429 11.43 11.50 26.91
CA PHE G 429 11.10 10.79 28.13
C PHE G 429 9.83 9.95 28.03
N THR G 430 9.85 8.88 27.23
CA THR G 430 8.76 7.93 27.19
C THR G 430 8.87 7.08 28.46
N GLY G 431 8.33 7.60 29.55
CA GLY G 431 8.45 6.94 30.84
C GLY G 431 7.53 7.57 31.87
N CYS G 432 7.82 7.27 33.14
CA CYS G 432 7.01 7.71 34.27
C CYS G 432 7.89 8.25 35.38
N VAL G 433 7.32 9.11 36.21
CA VAL G 433 7.99 9.67 37.39
C VAL G 433 7.09 9.43 38.59
N ILE G 434 7.66 8.89 39.66
CA ILE G 434 6.94 8.59 40.88
C ILE G 434 7.65 9.31 42.02
N ALA G 435 6.88 10.00 42.85
CA ALA G 435 7.44 10.68 44.01
C ALA G 435 6.50 10.52 45.19
N TRP G 436 7.07 10.26 46.36
CA TRP G 436 6.25 10.17 47.56
C TRP G 436 7.02 10.70 48.76
N ASN G 437 6.26 11.17 49.75
CA ASN G 437 6.84 11.74 50.95
C ASN G 437 7.55 10.68 51.77
N SER G 438 8.73 11.01 52.28
CA SER G 438 9.48 10.14 53.16
C SER G 438 9.96 10.87 54.39
N ASN G 439 9.13 11.76 54.93
CA ASN G 439 9.53 12.56 56.09
C ASN G 439 9.78 11.68 57.30
N ASN G 440 8.96 10.65 57.49
CA ASN G 440 9.13 9.75 58.62
C ASN G 440 10.41 8.95 58.52
N LEU G 441 10.80 8.60 57.29
CA LEU G 441 11.93 7.69 57.12
C LEU G 441 13.27 8.43 57.08
N ASP G 442 13.35 9.52 56.33
CA ASP G 442 14.63 10.15 56.02
C ASP G 442 14.89 11.43 56.80
N SER G 443 14.04 11.78 57.74
CA SER G 443 14.23 12.97 58.57
C SER G 443 14.48 12.54 60.01
N LYS G 444 15.59 13.00 60.58
CA LYS G 444 15.94 12.75 61.97
C LYS G 444 16.03 14.08 62.70
N VAL G 445 15.81 14.04 64.01
CA VAL G 445 15.88 15.23 64.85
C VAL G 445 17.24 15.89 64.66
N GLY G 446 17.24 17.22 64.55
CA GLY G 446 18.45 17.93 64.19
C GLY G 446 18.50 18.17 62.70
N GLY G 447 19.24 17.32 61.98
CA GLY G 447 19.30 17.42 60.54
C GLY G 447 20.00 16.26 59.89
N ASN G 448 19.40 15.70 58.83
CA ASN G 448 19.99 14.61 58.08
C ASN G 448 20.79 15.19 56.91
N TYR G 449 22.11 15.25 57.07
CA TYR G 449 22.99 15.84 56.08
C TYR G 449 23.55 14.81 55.09
N ASN G 450 23.03 13.58 55.13
CA ASN G 450 23.51 12.55 54.21
C ASN G 450 23.20 12.91 52.76
N TYR G 451 22.00 13.45 52.51
CA TYR G 451 21.57 13.74 51.15
C TYR G 451 22.07 15.12 50.74
N LEU G 452 22.73 15.20 49.60
CA LEU G 452 23.32 16.44 49.11
C LEU G 452 22.77 16.74 47.73
N TYR G 453 23.07 17.95 47.25
CA TYR G 453 22.73 18.33 45.88
C TYR G 453 23.77 19.32 45.37
N ARG G 454 23.93 19.35 44.05
CA ARG G 454 25.00 20.11 43.40
C ARG G 454 24.55 21.54 43.15
N LEU G 455 25.11 22.48 43.91
CA LEU G 455 24.72 23.89 43.76
C LEU G 455 25.33 24.49 42.51
N PHE G 456 26.61 24.22 42.24
CA PHE G 456 27.33 24.88 41.15
C PHE G 456 27.83 23.85 40.15
N ARG G 457 27.75 24.20 38.87
CA ARG G 457 28.29 23.37 37.81
C ARG G 457 28.63 24.27 36.63
N LYS G 458 29.69 23.89 35.89
CA LYS G 458 30.16 24.74 34.81
C LYS G 458 29.13 24.87 33.69
N SER G 459 28.51 23.75 33.31
CA SER G 459 27.55 23.75 32.22
C SER G 459 26.33 22.92 32.60
N ASN G 460 25.19 23.25 32.01
CA ASN G 460 23.99 22.46 32.22
C ASN G 460 24.19 21.06 31.64
N LEU G 461 24.10 20.07 32.52
CA LEU G 461 24.44 18.70 32.15
C LEU G 461 23.49 18.14 31.11
N LYS G 462 24.01 17.23 30.29
CA LYS G 462 23.23 16.59 29.24
C LYS G 462 22.15 15.69 29.84
N PRO G 463 21.11 15.38 29.07
CA PRO G 463 20.08 14.48 29.59
C PRO G 463 20.66 13.13 30.00
N PHE G 464 20.16 12.62 31.13
CA PHE G 464 20.58 11.33 31.67
C PHE G 464 22.08 11.27 31.93
N GLU G 465 22.66 12.42 32.29
CA GLU G 465 24.06 12.48 32.67
C GLU G 465 24.18 12.49 34.18
N ARG G 466 25.28 11.93 34.68
CA ARG G 466 25.55 11.88 36.11
C ARG G 466 26.88 12.57 36.38
N ASP G 467 26.86 13.53 37.31
CA ASP G 467 28.05 14.28 37.70
C ASP G 467 28.40 13.90 39.13
N ILE G 468 29.62 13.41 39.33
CA ILE G 468 30.09 12.96 40.64
C ILE G 468 31.33 13.72 41.07
N SER G 469 31.96 14.47 40.17
CA SER G 469 33.18 15.18 40.49
C SER G 469 32.95 16.19 41.60
N THR G 470 33.86 16.20 42.57
CA THR G 470 33.81 17.12 43.70
C THR G 470 34.86 18.21 43.62
N GLU G 471 35.41 18.46 42.44
CA GLU G 471 36.40 19.51 42.29
C GLU G 471 35.80 20.86 42.63
N ILE G 472 36.61 21.72 43.27
CA ILE G 472 36.11 23.00 43.75
C ILE G 472 35.69 23.86 42.57
N TYR G 473 34.49 24.44 42.66
CA TYR G 473 33.98 25.31 41.62
C TYR G 473 34.79 26.60 41.56
N GLN G 474 34.75 27.25 40.39
CA GLN G 474 35.43 28.52 40.16
C GLN G 474 34.40 29.49 39.60
N ALA G 475 33.66 30.13 40.51
CA ALA G 475 32.64 31.10 40.08
C ALA G 475 33.27 32.34 39.48
N GLY G 476 34.30 32.87 40.13
CA GLY G 476 34.95 34.08 39.65
C GLY G 476 36.01 33.80 38.60
N SER G 477 36.59 34.89 38.11
CA SER G 477 37.64 34.78 37.10
C SER G 477 38.93 34.25 37.72
N THR G 478 39.08 34.40 39.03
CA THR G 478 40.30 33.95 39.68
C THR G 478 40.41 32.43 39.62
N PRO G 479 41.58 31.87 39.30
CA PRO G 479 41.75 30.42 39.35
C PRO G 479 41.67 29.90 40.77
N CYS G 480 41.22 28.67 40.90
CA CYS G 480 40.97 28.07 42.21
C CYS G 480 42.06 27.10 42.65
N ASN G 481 42.51 26.21 41.76
CA ASN G 481 43.60 25.28 42.05
C ASN G 481 43.28 24.37 43.23
N GLY G 482 42.00 24.04 43.43
CA GLY G 482 41.59 23.10 44.45
C GLY G 482 41.40 23.67 45.83
N VAL G 483 41.61 24.98 46.03
CA VAL G 483 41.41 25.59 47.33
C VAL G 483 39.97 26.08 47.43
N GLU G 484 39.50 26.31 48.66
CA GLU G 484 38.18 26.88 48.91
C GLU G 484 38.37 28.29 49.47
N GLY G 485 37.78 29.28 48.79
CA GLY G 485 37.97 30.66 49.17
C GLY G 485 36.78 31.55 48.89
N PHE G 486 37.05 32.75 48.37
CA PHE G 486 35.98 33.71 48.11
C PHE G 486 35.01 33.16 47.06
N ASN G 487 35.47 32.99 45.83
CA ASN G 487 34.64 32.45 44.76
C ASN G 487 34.96 31.00 44.44
N CYS G 488 35.76 30.34 45.27
CA CYS G 488 36.04 28.92 45.14
C CYS G 488 35.12 28.17 46.10
N TYR G 489 34.04 27.61 45.57
CA TYR G 489 33.00 27.02 46.39
C TYR G 489 32.96 25.51 46.21
N PHE G 490 32.60 24.83 47.29
CA PHE G 490 32.36 23.39 47.22
C PHE G 490 31.01 23.15 46.54
N PRO G 491 30.96 22.41 45.43
CA PRO G 491 29.71 22.32 44.67
C PRO G 491 28.56 21.67 45.45
N LEU G 492 28.84 20.68 46.29
CA LEU G 492 27.78 19.95 46.95
C LEU G 492 27.32 20.66 48.22
N GLN G 493 26.03 20.57 48.49
CA GLN G 493 25.43 21.22 49.64
C GLN G 493 24.39 20.30 50.25
N SER G 494 24.36 20.25 51.59
CA SER G 494 23.44 19.39 52.31
C SER G 494 22.01 19.95 52.23
N TYR G 495 21.04 19.05 52.44
CA TYR G 495 19.64 19.45 52.47
C TYR G 495 19.19 19.97 53.83
N GLY G 496 19.68 19.40 54.93
CA GLY G 496 19.23 19.82 56.24
C GLY G 496 17.76 19.51 56.46
N PHE G 497 17.45 18.21 56.51
CA PHE G 497 16.08 17.78 56.69
C PHE G 497 15.68 17.70 58.14
N GLN G 498 14.75 18.53 58.54
CA GLN G 498 14.29 18.52 59.90
C GLN G 498 12.90 17.95 59.84
N PRO G 499 12.57 17.06 60.78
CA PRO G 499 11.26 16.43 60.69
C PRO G 499 10.16 17.47 60.78
N THR G 500 10.30 18.45 61.65
CA THR G 500 9.32 19.51 61.71
C THR G 500 9.66 20.62 60.73
N ASN G 501 9.43 20.38 59.46
CA ASN G 501 9.71 21.38 58.45
C ASN G 501 8.49 21.51 57.59
N GLY G 502 8.35 22.65 56.94
CA GLY G 502 7.17 22.86 56.13
C GLY G 502 7.09 21.85 55.02
N VAL G 503 5.88 21.39 54.74
CA VAL G 503 5.68 20.40 53.71
C VAL G 503 6.49 20.74 52.49
N GLY G 504 6.61 22.03 52.20
CA GLY G 504 7.27 22.42 50.98
C GLY G 504 8.67 21.85 50.81
N TYR G 505 9.48 21.88 51.88
CA TYR G 505 10.85 21.43 51.79
C TYR G 505 11.13 20.15 52.58
N GLN G 506 10.09 19.37 52.83
CA GLN G 506 10.31 18.11 53.49
C GLN G 506 10.81 17.09 52.44
N PRO G 507 11.65 16.09 52.81
CA PRO G 507 12.21 15.18 51.82
C PRO G 507 11.14 14.36 51.10
N TYR G 508 11.38 14.11 49.81
CA TYR G 508 10.52 13.27 48.99
C TYR G 508 11.40 12.32 48.20
N ARG G 509 11.07 11.03 48.22
CA ARG G 509 11.81 10.08 47.41
C ARG G 509 11.20 9.97 46.03
N VAL G 510 12.07 9.95 45.02
CA VAL G 510 11.66 10.01 43.62
C VAL G 510 12.32 8.86 42.86
N VAL G 511 11.50 8.12 42.11
CA VAL G 511 11.96 7.07 41.20
C VAL G 511 11.47 7.40 39.81
N VAL G 512 12.40 7.45 38.85
CA VAL G 512 12.11 7.78 37.47
C VAL G 512 12.31 6.54 36.63
N LEU G 513 11.24 6.06 36.01
CA LEU G 513 11.29 4.88 35.15
C LEU G 513 11.34 5.34 33.70
N SER G 514 12.37 4.91 32.98
CA SER G 514 12.51 5.19 31.57
C SER G 514 12.46 3.88 30.80
N PHE G 515 11.63 3.83 29.76
CA PHE G 515 11.49 2.65 28.92
C PHE G 515 12.25 2.88 27.62
N GLU G 516 13.16 1.97 27.30
CA GLU G 516 13.98 2.10 26.10
C GLU G 516 13.34 1.27 25.00
N LEU G 517 13.02 1.91 23.87
CA LEU G 517 12.50 1.17 22.73
C LEU G 517 13.58 0.30 22.10
N LEU G 518 14.64 0.93 21.59
CA LEU G 518 15.87 0.23 21.23
C LEU G 518 15.62 -0.99 20.37
N HIS G 519 15.22 -0.78 19.10
CA HIS G 519 14.74 -1.87 18.25
C HIS G 519 15.65 -3.08 18.34
N ALA G 520 15.13 -4.13 18.98
CA ALA G 520 15.82 -5.35 19.34
C ALA G 520 14.76 -6.26 19.97
N PRO G 521 15.04 -7.54 20.21
CA PRO G 521 14.06 -8.37 20.90
C PRO G 521 13.67 -7.77 22.25
N ALA G 522 12.37 -7.79 22.54
CA ALA G 522 11.81 -7.16 23.73
C ALA G 522 11.65 -8.21 24.82
N THR G 523 12.16 -7.92 26.01
CA THR G 523 12.13 -8.85 27.13
C THR G 523 11.11 -8.49 28.18
N VAL G 524 10.97 -7.22 28.53
CA VAL G 524 10.04 -6.81 29.57
C VAL G 524 8.65 -6.67 28.97
N CYS G 525 7.69 -7.39 29.55
CA CYS G 525 6.30 -7.32 29.14
C CYS G 525 5.41 -7.37 30.37
N GLY G 526 4.14 -7.00 30.18
CA GLY G 526 3.19 -6.97 31.26
C GLY G 526 2.81 -8.35 31.75
N PRO G 527 2.18 -8.41 32.92
CA PRO G 527 1.84 -9.71 33.50
C PRO G 527 0.68 -10.37 32.78
N LYS G 528 0.96 -11.48 32.09
CA LYS G 528 -0.08 -12.18 31.35
C LYS G 528 -1.14 -12.73 32.30
N LYS G 529 -2.39 -12.64 31.87
CA LYS G 529 -3.53 -13.15 32.62
C LYS G 529 -4.10 -14.36 31.89
N SER G 530 -4.55 -15.35 32.66
CA SER G 530 -5.01 -16.60 32.09
C SER G 530 -6.36 -16.98 32.69
N THR G 531 -7.12 -17.76 31.93
CA THR G 531 -8.46 -18.19 32.33
C THR G 531 -8.38 -19.51 33.08
N ASN G 532 -9.53 -20.15 33.29
CA ASN G 532 -9.58 -21.31 34.18
C ASN G 532 -9.57 -22.63 33.42
N LEU G 533 -9.94 -22.63 32.14
CA LEU G 533 -9.87 -23.79 31.25
C LEU G 533 -10.99 -24.79 31.54
N VAL G 534 -11.82 -25.07 30.54
CA VAL G 534 -12.88 -26.06 30.64
C VAL G 534 -12.71 -27.04 29.48
N LYS G 535 -12.94 -28.33 29.74
CA LYS G 535 -12.57 -29.36 28.78
C LYS G 535 -13.60 -29.48 27.66
N ASN G 536 -14.82 -29.90 27.99
CA ASN G 536 -15.75 -30.44 27.00
C ASN G 536 -16.82 -29.42 26.65
N LYS G 537 -16.52 -28.56 25.67
CA LYS G 537 -17.50 -27.69 25.03
C LYS G 537 -16.81 -26.93 23.91
N CYS G 538 -17.59 -26.25 23.06
CA CYS G 538 -17.03 -25.48 21.95
C CYS G 538 -16.38 -24.20 22.46
N VAL G 539 -15.17 -24.37 23.01
CA VAL G 539 -14.45 -23.23 23.56
C VAL G 539 -13.72 -22.49 22.46
N ASN G 540 -13.48 -21.20 22.69
CA ASN G 540 -12.53 -20.44 21.90
C ASN G 540 -11.24 -20.32 22.70
N PHE G 541 -10.19 -20.99 22.21
CA PHE G 541 -8.96 -21.13 22.98
C PHE G 541 -7.85 -20.28 22.39
N ASN G 542 -7.01 -19.76 23.30
CA ASN G 542 -5.82 -18.99 22.95
C ASN G 542 -4.65 -19.50 23.81
N PHE G 543 -3.95 -20.51 23.30
CA PHE G 543 -2.79 -21.07 23.99
C PHE G 543 -1.52 -20.43 23.43
N ASN G 544 -0.94 -19.50 24.20
CA ASN G 544 0.33 -18.87 23.88
C ASN G 544 0.31 -18.26 22.47
N GLY G 545 -0.71 -17.45 22.22
CA GLY G 545 -0.83 -16.78 20.94
C GLY G 545 -1.26 -17.72 19.83
N LEU G 546 -1.71 -18.91 20.19
CA LEU G 546 -2.28 -19.87 19.25
C LEU G 546 -3.78 -19.90 19.44
N THR G 547 -4.51 -19.30 18.50
CA THR G 547 -5.95 -19.13 18.62
C THR G 547 -6.67 -20.19 17.80
N GLY G 548 -7.86 -20.56 18.28
CA GLY G 548 -8.67 -21.50 17.55
C GLY G 548 -9.96 -21.80 18.29
N THR G 549 -10.73 -22.72 17.74
CA THR G 549 -11.99 -23.15 18.33
C THR G 549 -12.09 -24.67 18.23
N GLY G 550 -12.61 -25.29 19.28
CA GLY G 550 -12.77 -26.73 19.31
C GLY G 550 -12.78 -27.29 20.71
N VAL G 551 -13.43 -28.44 20.89
CA VAL G 551 -13.52 -29.06 22.21
C VAL G 551 -12.17 -29.62 22.60
N LEU G 552 -11.80 -29.46 23.87
CA LEU G 552 -10.51 -29.91 24.40
C LEU G 552 -10.75 -31.17 25.21
N THR G 553 -10.22 -32.29 24.72
CA THR G 553 -10.34 -33.55 25.43
C THR G 553 -8.99 -33.96 26.00
N GLU G 554 -9.01 -34.47 27.24
CA GLU G 554 -7.78 -34.99 27.83
C GLU G 554 -7.24 -36.12 26.96
N SER G 555 -5.96 -36.01 26.62
CA SER G 555 -5.36 -36.84 25.58
C SER G 555 -4.29 -37.75 26.16
N ASN G 556 -4.11 -38.90 25.52
CA ASN G 556 -3.07 -39.83 25.95
C ASN G 556 -1.76 -39.60 25.20
N LYS G 557 -1.74 -38.62 24.30
CA LYS G 557 -0.53 -38.28 23.56
C LYS G 557 0.56 -37.81 24.50
N LYS G 558 1.80 -38.17 24.18
CA LYS G 558 2.97 -37.75 24.94
C LYS G 558 3.87 -36.89 24.06
N PHE G 559 4.03 -35.64 24.44
CA PHE G 559 4.90 -34.70 23.74
C PHE G 559 6.33 -34.83 24.25
N LEU G 560 7.27 -34.30 23.47
CA LEU G 560 8.61 -34.10 23.97
C LEU G 560 8.61 -32.95 24.98
N PRO G 561 9.53 -32.97 25.95
CA PRO G 561 9.54 -31.92 26.98
C PRO G 561 9.60 -30.51 26.42
N PHE G 562 10.33 -30.33 25.32
CA PHE G 562 10.47 -28.99 24.76
C PHE G 562 9.31 -28.64 23.83
N GLN G 563 8.46 -29.61 23.50
CA GLN G 563 7.39 -29.37 22.55
C GLN G 563 6.13 -28.90 23.27
N GLN G 564 5.38 -28.03 22.59
CA GLN G 564 4.22 -27.40 23.20
C GLN G 564 2.91 -27.73 22.47
N PHE G 565 2.86 -27.50 21.17
CA PHE G 565 1.65 -27.75 20.38
C PHE G 565 1.98 -28.65 19.21
N GLY G 566 1.12 -29.63 18.95
CA GLY G 566 1.34 -30.61 17.90
C GLY G 566 0.27 -30.51 16.82
N ARG G 567 0.67 -30.78 15.58
CA ARG G 567 -0.24 -30.78 14.45
C ARG G 567 -0.10 -32.09 13.69
N ASP G 568 -1.22 -32.54 13.12
CA ASP G 568 -1.22 -33.77 12.33
C ASP G 568 -0.91 -33.45 10.87
N ILE G 569 -1.18 -34.43 10.00
CA ILE G 569 -0.99 -34.25 8.58
C ILE G 569 -1.81 -33.05 8.10
N ALA G 570 -1.29 -32.36 7.08
CA ALA G 570 -1.88 -31.16 6.48
C ALA G 570 -1.78 -29.94 7.40
N ASP G 571 -0.85 -29.97 8.35
CA ASP G 571 -0.54 -28.81 9.20
C ASP G 571 -1.78 -28.28 9.91
N THR G 572 -2.57 -29.21 10.47
CA THR G 572 -3.74 -28.87 11.27
C THR G 572 -3.41 -29.21 12.72
N THR G 573 -3.43 -28.20 13.59
CA THR G 573 -3.11 -28.41 14.99
C THR G 573 -4.16 -29.30 15.64
N ASP G 574 -3.69 -30.36 16.31
CA ASP G 574 -4.61 -31.31 16.93
C ASP G 574 -4.34 -31.58 18.39
N ALA G 575 -3.20 -31.16 18.94
CA ALA G 575 -2.92 -31.38 20.35
C ALA G 575 -2.02 -30.26 20.86
N VAL G 576 -2.35 -29.74 22.04
CA VAL G 576 -1.58 -28.66 22.65
C VAL G 576 -1.50 -28.91 24.15
N ARG G 577 -0.38 -28.57 24.76
CA ARG G 577 -0.26 -28.67 26.21
C ARG G 577 -0.54 -27.33 26.85
N ASP G 578 -1.36 -27.35 27.91
CA ASP G 578 -1.66 -26.11 28.62
C ASP G 578 -0.41 -25.60 29.34
N PRO G 579 -0.15 -24.30 29.29
CA PRO G 579 1.11 -23.78 29.84
C PRO G 579 1.28 -24.03 31.33
N GLN G 580 0.18 -24.11 32.09
CA GLN G 580 0.28 -24.14 33.54
C GLN G 580 0.30 -25.57 34.07
N THR G 581 -0.57 -26.43 33.54
CA THR G 581 -0.71 -27.78 34.06
C THR G 581 0.20 -28.79 33.37
N LEU G 582 0.66 -28.48 32.15
CA LEU G 582 1.55 -29.37 31.39
C LEU G 582 0.91 -30.73 31.15
N GLU G 583 -0.33 -30.70 30.68
CA GLU G 583 -1.04 -31.91 30.28
C GLU G 583 -1.61 -31.72 28.88
N ILE G 584 -1.50 -32.77 28.06
CA ILE G 584 -1.84 -32.66 26.65
C ILE G 584 -3.36 -32.61 26.49
N LEU G 585 -3.82 -31.82 25.52
CA LEU G 585 -5.23 -31.69 25.22
C LEU G 585 -5.43 -31.82 23.71
N ASP G 586 -6.27 -32.76 23.32
CA ASP G 586 -6.67 -32.90 21.93
C ASP G 586 -7.73 -31.87 21.57
N ILE G 587 -7.54 -31.25 20.41
CA ILE G 587 -8.47 -30.26 19.88
C ILE G 587 -9.32 -30.96 18.83
N THR G 588 -10.63 -31.07 19.10
CA THR G 588 -11.52 -31.67 18.13
C THR G 588 -12.48 -30.60 17.62
N PRO G 589 -12.60 -30.43 16.31
CA PRO G 589 -13.48 -29.38 15.78
C PRO G 589 -14.91 -29.57 16.25
N CYS G 590 -15.57 -28.45 16.54
CA CYS G 590 -16.96 -28.51 16.98
C CYS G 590 -17.84 -29.08 15.87
N SER G 591 -18.87 -29.82 16.28
CA SER G 591 -19.66 -30.59 15.33
C SER G 591 -20.29 -29.69 14.28
N PHE G 592 -19.87 -29.87 13.03
CA PHE G 592 -20.47 -29.21 11.89
C PHE G 592 -20.98 -30.28 10.94
N GLY G 593 -22.17 -30.06 10.38
CA GLY G 593 -22.74 -31.04 9.49
C GLY G 593 -23.87 -30.42 8.69
N GLY G 594 -24.43 -31.23 7.81
CA GLY G 594 -25.57 -30.82 6.99
C GLY G 594 -26.85 -31.43 7.53
N VAL G 595 -27.93 -30.66 7.46
CA VAL G 595 -29.25 -31.14 7.84
C VAL G 595 -29.99 -31.53 6.57
N SER G 596 -30.77 -32.59 6.65
CA SER G 596 -31.55 -33.09 5.53
C SER G 596 -32.95 -33.39 6.03
N VAL G 597 -33.92 -33.35 5.13
CA VAL G 597 -35.31 -33.59 5.49
C VAL G 597 -35.80 -34.84 4.76
N ILE G 598 -36.39 -35.75 5.52
CA ILE G 598 -37.06 -36.92 4.98
C ILE G 598 -38.54 -36.57 4.86
N THR G 599 -39.04 -36.51 3.63
CA THR G 599 -40.42 -36.16 3.36
C THR G 599 -41.05 -37.27 2.51
N PRO G 600 -42.15 -37.87 2.96
CA PRO G 600 -42.86 -38.82 2.09
C PRO G 600 -43.32 -38.20 0.78
N GLY G 601 -43.59 -36.91 0.78
CA GLY G 601 -44.08 -36.22 -0.39
C GLY G 601 -45.25 -35.34 -0.01
N THR G 602 -45.42 -34.24 -0.75
CA THR G 602 -46.51 -33.31 -0.46
C THR G 602 -47.87 -33.99 -0.65
N ASN G 603 -47.99 -34.83 -1.69
CA ASN G 603 -49.23 -35.58 -1.87
C ASN G 603 -49.52 -36.55 -0.73
N THR G 604 -48.48 -36.99 -0.02
CA THR G 604 -48.64 -37.97 1.05
C THR G 604 -48.17 -37.34 2.36
N SER G 605 -49.07 -36.63 3.03
CA SER G 605 -48.85 -36.06 4.36
C SER G 605 -47.75 -34.99 4.37
N ASN G 606 -47.76 -34.14 5.40
CA ASN G 606 -46.74 -33.12 5.59
C ASN G 606 -45.75 -33.50 6.67
N GLN G 607 -45.85 -34.72 7.21
CA GLN G 607 -44.93 -35.16 8.26
C GLN G 607 -43.53 -35.27 7.69
N VAL G 608 -42.54 -34.84 8.47
CA VAL G 608 -41.16 -34.75 8.01
C VAL G 608 -40.21 -35.16 9.13
N ALA G 609 -39.13 -35.83 8.75
CA ALA G 609 -38.05 -36.17 9.68
C ALA G 609 -36.83 -35.34 9.31
N VAL G 610 -35.89 -35.21 10.25
CA VAL G 610 -34.69 -34.41 10.05
C VAL G 610 -33.47 -35.25 10.40
N LEU G 611 -32.52 -35.31 9.48
CA LEU G 611 -31.26 -36.02 9.68
C LEU G 611 -30.14 -35.00 9.80
N TYR G 612 -29.46 -34.99 10.94
CA TYR G 612 -28.26 -34.19 11.14
C TYR G 612 -27.07 -35.09 10.86
N GLN G 613 -26.35 -34.83 9.77
CA GLN G 613 -25.26 -35.71 9.37
C GLN G 613 -24.11 -35.62 10.36
N ASP G 614 -23.47 -36.77 10.62
CA ASP G 614 -22.31 -36.94 11.51
C ASP G 614 -22.37 -36.05 12.75
N VAL G 615 -23.55 -35.94 13.35
CA VAL G 615 -23.75 -35.19 14.58
C VAL G 615 -24.24 -36.16 15.64
N ASN G 616 -23.53 -36.20 16.78
CA ASN G 616 -23.97 -36.99 17.91
C ASN G 616 -25.32 -36.49 18.41
N CYS G 617 -26.19 -37.43 18.78
CA CYS G 617 -27.53 -37.05 19.22
C CYS G 617 -27.54 -36.25 20.51
N THR G 618 -26.42 -36.21 21.24
CA THR G 618 -26.34 -35.36 22.42
C THR G 618 -26.49 -33.89 22.06
N GLU G 619 -25.87 -33.46 20.97
CA GLU G 619 -26.04 -32.10 20.47
C GLU G 619 -27.35 -32.02 19.69
N VAL G 620 -28.10 -30.94 19.89
CA VAL G 620 -29.40 -30.78 19.25
C VAL G 620 -29.25 -30.72 17.74
N ASN G 641 -38.30 -38.51 19.79
CA ASN G 641 -37.96 -39.62 18.91
C ASN G 641 -36.62 -39.39 18.23
N VAL G 642 -35.53 -39.73 18.91
CA VAL G 642 -34.18 -39.54 18.42
C VAL G 642 -33.56 -40.91 18.18
N PHE G 643 -32.90 -41.07 17.04
CA PHE G 643 -32.23 -42.31 16.68
C PHE G 643 -30.82 -42.00 16.21
N GLN G 644 -29.86 -42.82 16.63
CA GLN G 644 -28.46 -42.62 16.30
C GLN G 644 -28.01 -43.68 15.31
N THR G 645 -27.44 -43.23 14.19
CA THR G 645 -26.91 -44.12 13.17
C THR G 645 -25.56 -43.59 12.71
N ARG G 646 -24.87 -44.39 11.89
CA ARG G 646 -23.57 -43.98 11.37
C ARG G 646 -23.69 -42.75 10.48
N ALA G 647 -24.82 -42.59 9.81
CA ALA G 647 -25.03 -41.39 8.99
C ALA G 647 -25.15 -40.14 9.85
N GLY G 648 -25.84 -40.24 10.98
CA GLY G 648 -26.03 -39.10 11.86
C GLY G 648 -27.12 -39.31 12.88
N CYS G 649 -27.81 -38.24 13.26
CA CYS G 649 -28.91 -38.28 14.21
C CYS G 649 -30.21 -38.02 13.46
N LEU G 650 -31.15 -38.95 13.54
CA LEU G 650 -32.39 -38.88 12.78
C LEU G 650 -33.56 -38.65 13.75
N ILE G 651 -34.01 -37.39 13.81
CA ILE G 651 -35.14 -37.03 14.64
C ILE G 651 -36.42 -37.09 13.83
N GLY G 652 -37.50 -37.55 14.46
CA GLY G 652 -38.79 -37.60 13.83
C GLY G 652 -39.16 -38.92 13.18
N ALA G 653 -38.29 -39.92 13.25
CA ALA G 653 -38.59 -41.24 12.72
C ALA G 653 -38.32 -42.29 13.79
N GLU G 654 -39.16 -43.31 13.83
CA GLU G 654 -39.09 -44.35 14.84
C GLU G 654 -38.39 -45.58 14.26
N HIS G 655 -37.33 -46.02 14.94
CA HIS G 655 -36.62 -47.21 14.50
C HIS G 655 -37.44 -48.45 14.80
N VAL G 656 -37.45 -49.37 13.83
CA VAL G 656 -38.22 -50.62 13.94
C VAL G 656 -37.27 -51.79 13.72
N ASN G 657 -37.62 -52.94 14.30
CA ASN G 657 -36.76 -54.11 14.14
C ASN G 657 -36.90 -54.72 12.76
N ASN G 658 -38.03 -54.50 12.09
CA ASN G 658 -38.28 -55.12 10.80
C ASN G 658 -37.40 -54.52 9.72
N SER G 659 -37.22 -55.27 8.64
CA SER G 659 -36.46 -54.84 7.47
C SER G 659 -37.36 -54.86 6.25
N TYR G 660 -37.34 -53.78 5.49
CA TYR G 660 -38.14 -53.63 4.29
C TYR G 660 -37.24 -53.19 3.14
N GLU G 661 -37.82 -53.12 1.95
CA GLU G 661 -37.09 -52.60 0.80
C GLU G 661 -36.80 -51.12 1.00
N CYS G 662 -35.61 -50.69 0.59
CA CYS G 662 -35.19 -49.32 0.83
C CYS G 662 -36.07 -48.35 0.04
N ASP G 663 -36.65 -47.38 0.75
CA ASP G 663 -37.51 -46.39 0.14
C ASP G 663 -36.82 -45.04 0.03
N ILE G 664 -36.34 -44.49 1.14
CA ILE G 664 -35.58 -43.25 1.16
C ILE G 664 -34.23 -43.54 1.81
N PRO G 665 -33.13 -43.55 1.07
CA PRO G 665 -31.85 -43.96 1.65
C PRO G 665 -31.26 -42.95 2.62
N ILE G 666 -31.31 -43.28 3.92
CA ILE G 666 -30.62 -42.46 4.91
C ILE G 666 -29.11 -42.62 4.78
N GLY G 667 -28.66 -43.86 4.59
CA GLY G 667 -27.23 -44.13 4.49
C GLY G 667 -26.75 -45.13 5.52
N ALA G 668 -25.56 -45.70 5.28
CA ALA G 668 -24.95 -46.65 6.20
C ALA G 668 -25.85 -47.87 6.46
N GLY G 669 -26.65 -48.24 5.46
CA GLY G 669 -27.56 -49.36 5.60
C GLY G 669 -28.93 -49.01 6.12
N ILE G 670 -29.17 -47.76 6.53
CA ILE G 670 -30.43 -47.33 7.09
C ILE G 670 -31.24 -46.63 6.01
N CYS G 671 -32.52 -46.96 5.92
CA CYS G 671 -33.45 -46.34 5.00
C CYS G 671 -34.68 -45.86 5.77
N ALA G 672 -35.44 -44.97 5.14
CA ALA G 672 -36.63 -44.40 5.76
C ALA G 672 -37.82 -44.58 4.83
N SER G 673 -39.00 -44.69 5.44
CA SER G 673 -40.22 -44.91 4.67
C SER G 673 -41.40 -44.34 5.45
N TYR G 674 -42.53 -44.23 4.76
CA TYR G 674 -43.77 -43.73 5.34
C TYR G 674 -44.75 -44.90 5.45
N GLN G 675 -45.05 -45.29 6.68
CA GLN G 675 -45.97 -46.41 6.92
C GLN G 675 -46.82 -46.14 8.16
N GLN G 690 -48.94 -43.85 8.89
CA GLN G 690 -49.33 -43.04 10.04
C GLN G 690 -48.12 -42.35 10.66
N SER G 691 -46.93 -42.80 10.29
CA SER G 691 -45.69 -42.24 10.82
C SER G 691 -44.56 -42.53 9.84
N ILE G 692 -43.39 -41.98 10.15
CA ILE G 692 -42.17 -42.20 9.37
C ILE G 692 -41.29 -43.16 10.15
N ILE G 693 -40.85 -44.24 9.47
CA ILE G 693 -40.09 -45.29 10.11
C ILE G 693 -38.70 -45.35 9.47
N ALA G 694 -37.71 -45.66 10.31
CA ALA G 694 -36.34 -45.89 9.87
C ALA G 694 -35.95 -47.32 10.19
N TYR G 695 -35.32 -47.99 9.23
CA TYR G 695 -35.05 -49.41 9.37
C TYR G 695 -33.80 -49.79 8.59
N THR G 696 -33.22 -50.91 8.97
CA THR G 696 -32.18 -51.53 8.14
C THR G 696 -32.82 -52.10 6.89
N MET G 697 -32.25 -51.76 5.74
CA MET G 697 -32.85 -52.19 4.48
C MET G 697 -32.77 -53.71 4.35
N SER G 698 -33.78 -54.27 3.68
CA SER G 698 -33.86 -55.70 3.45
C SER G 698 -33.23 -56.01 2.10
N LEU G 699 -32.16 -56.81 2.12
CA LEU G 699 -31.47 -57.14 0.88
C LEU G 699 -32.33 -58.02 -0.01
N GLY G 700 -33.16 -58.86 0.58
CA GLY G 700 -34.04 -59.71 -0.18
C GLY G 700 -34.50 -60.87 0.66
N ALA G 701 -35.35 -61.70 0.06
CA ALA G 701 -35.83 -62.89 0.74
C ALA G 701 -34.72 -63.92 0.86
N GLU G 702 -34.77 -64.70 1.92
CA GLU G 702 -33.81 -65.77 2.12
C GLU G 702 -34.28 -67.04 1.43
N ASN G 703 -33.43 -67.61 0.59
CA ASN G 703 -33.80 -68.75 -0.22
C ASN G 703 -32.62 -69.70 -0.33
N SER G 704 -32.62 -70.75 0.48
CA SER G 704 -31.57 -71.77 0.44
C SER G 704 -31.99 -72.85 -0.56
N VAL G 705 -31.28 -72.90 -1.68
CA VAL G 705 -31.63 -73.85 -2.74
C VAL G 705 -31.33 -75.27 -2.26
N ALA G 706 -32.27 -76.19 -2.52
CA ALA G 706 -32.17 -77.56 -2.04
C ALA G 706 -31.17 -78.33 -2.90
N TYR G 707 -29.91 -77.94 -2.78
CA TYR G 707 -28.85 -78.58 -3.53
C TYR G 707 -28.61 -79.99 -3.02
N SER G 708 -28.36 -80.91 -3.96
CA SER G 708 -27.97 -82.27 -3.64
C SER G 708 -27.14 -82.79 -4.79
N ASN G 709 -26.33 -83.80 -4.51
CA ASN G 709 -25.40 -84.30 -5.51
C ASN G 709 -26.09 -85.20 -6.52
N ASN G 710 -27.39 -85.46 -6.32
CA ASN G 710 -28.14 -86.27 -7.27
C ASN G 710 -29.55 -85.74 -7.48
N SER G 711 -29.74 -84.42 -7.42
CA SER G 711 -31.06 -83.82 -7.67
C SER G 711 -31.01 -82.63 -8.60
N ILE G 712 -31.96 -82.54 -9.53
CA ILE G 712 -31.98 -81.45 -10.50
C ILE G 712 -33.37 -80.86 -10.57
N ALA G 713 -33.46 -79.57 -10.86
CA ALA G 713 -34.75 -78.95 -11.03
C ALA G 713 -34.94 -78.59 -12.47
N ILE G 714 -35.83 -79.27 -13.16
CA ILE G 714 -36.09 -79.06 -14.58
C ILE G 714 -37.38 -78.25 -14.70
N PRO G 715 -37.39 -77.15 -15.42
CA PRO G 715 -38.65 -76.42 -15.64
C PRO G 715 -39.62 -77.25 -16.46
N THR G 716 -40.91 -77.07 -16.16
CA THR G 716 -41.97 -77.73 -16.89
C THR G 716 -42.88 -76.77 -17.63
N ASN G 717 -42.66 -75.46 -17.50
CA ASN G 717 -43.49 -74.48 -18.18
C ASN G 717 -42.65 -73.22 -18.37
N PHE G 718 -43.21 -72.23 -19.05
CA PHE G 718 -42.44 -71.03 -19.33
C PHE G 718 -43.34 -69.82 -19.28
N THR G 719 -42.72 -68.65 -19.37
CA THR G 719 -43.41 -67.37 -19.39
C THR G 719 -42.71 -66.46 -20.39
N ILE G 720 -43.47 -65.90 -21.30
CA ILE G 720 -42.93 -64.93 -22.26
C ILE G 720 -43.08 -63.54 -21.66
N SER G 721 -41.96 -62.95 -21.25
CA SER G 721 -41.99 -61.69 -20.54
C SER G 721 -41.34 -60.61 -21.38
N VAL G 722 -42.03 -59.47 -21.53
CA VAL G 722 -41.51 -58.33 -22.27
C VAL G 722 -41.16 -57.24 -21.27
N THR G 723 -39.90 -56.83 -21.27
CA THR G 723 -39.37 -55.86 -20.31
C THR G 723 -38.96 -54.59 -21.06
N THR G 724 -39.20 -53.44 -20.45
CA THR G 724 -38.87 -52.16 -21.05
C THR G 724 -37.53 -51.64 -20.54
N GLU G 725 -36.68 -51.22 -21.46
CA GLU G 725 -35.40 -50.60 -21.10
C GLU G 725 -35.31 -49.26 -21.81
N ILE G 726 -35.06 -48.19 -21.05
CA ILE G 726 -35.12 -46.83 -21.56
C ILE G 726 -33.71 -46.27 -21.58
N LEU G 727 -33.27 -45.79 -22.74
CA LEU G 727 -31.91 -45.27 -22.84
C LEU G 727 -31.90 -43.91 -23.53
N PRO G 728 -31.34 -42.89 -22.88
CA PRO G 728 -31.20 -41.58 -23.55
C PRO G 728 -30.16 -41.65 -24.65
N VAL G 729 -30.48 -41.08 -25.81
CA VAL G 729 -29.58 -41.08 -26.96
C VAL G 729 -29.08 -39.69 -27.31
N SER G 730 -29.80 -38.63 -26.96
CA SER G 730 -29.38 -37.28 -27.28
C SER G 730 -30.06 -36.31 -26.34
N MET G 731 -29.55 -35.08 -26.33
CA MET G 731 -30.12 -33.99 -25.55
C MET G 731 -30.28 -32.77 -26.44
N THR G 732 -30.96 -31.76 -25.89
CA THR G 732 -31.28 -30.57 -26.67
C THR G 732 -30.00 -29.88 -27.15
N LYS G 733 -29.98 -29.53 -28.44
CA LYS G 733 -28.85 -28.85 -29.04
C LYS G 733 -28.97 -27.36 -28.72
N THR G 734 -28.06 -26.86 -27.88
CA THR G 734 -28.09 -25.47 -27.45
C THR G 734 -26.90 -24.72 -28.04
N SER G 735 -27.15 -23.45 -28.36
CA SER G 735 -26.11 -22.57 -28.89
C SER G 735 -26.17 -21.27 -28.08
N VAL G 736 -25.03 -20.90 -27.50
CA VAL G 736 -24.94 -19.72 -26.66
C VAL G 736 -23.88 -18.82 -27.27
N ASP G 737 -24.29 -17.67 -27.78
CA ASP G 737 -23.32 -16.72 -28.31
C ASP G 737 -22.62 -16.02 -27.16
N CYS G 738 -21.31 -16.23 -27.06
CA CYS G 738 -20.55 -15.70 -25.93
C CYS G 738 -20.62 -14.18 -25.88
N THR G 739 -20.47 -13.51 -27.03
CA THR G 739 -20.52 -12.06 -27.06
C THR G 739 -21.91 -11.56 -26.66
N MET G 740 -22.96 -12.22 -27.13
CA MET G 740 -24.31 -11.82 -26.75
C MET G 740 -24.61 -12.08 -25.29
N TYR G 741 -24.14 -13.21 -24.75
CA TYR G 741 -24.40 -13.51 -23.34
C TYR G 741 -23.66 -12.55 -22.43
N ILE G 742 -22.37 -12.35 -22.66
CA ILE G 742 -21.58 -11.50 -21.78
C ILE G 742 -21.96 -10.04 -21.95
N CYS G 743 -22.16 -9.61 -23.20
CA CYS G 743 -22.32 -8.20 -23.50
C CYS G 743 -23.70 -7.82 -24.05
N GLY G 744 -24.19 -8.54 -25.05
CA GLY G 744 -25.45 -8.17 -25.67
C GLY G 744 -25.27 -7.28 -26.87
N ASP G 745 -25.64 -6.00 -26.73
CA ASP G 745 -25.56 -5.03 -27.82
C ASP G 745 -24.68 -3.84 -27.45
N SER G 746 -23.69 -4.03 -26.58
CA SER G 746 -22.80 -2.96 -26.15
C SER G 746 -21.47 -3.10 -26.87
N THR G 747 -21.04 -2.02 -27.54
CA THR G 747 -19.77 -2.05 -28.25
C THR G 747 -18.60 -1.98 -27.29
N GLU G 748 -18.73 -1.19 -26.23
CA GLU G 748 -17.65 -1.08 -25.25
C GLU G 748 -17.39 -2.40 -24.56
N CYS G 749 -18.45 -3.12 -24.21
CA CYS G 749 -18.28 -4.44 -23.61
C CYS G 749 -17.58 -5.39 -24.56
N SER G 750 -17.94 -5.34 -25.85
CA SER G 750 -17.27 -6.19 -26.83
C SER G 750 -15.79 -5.83 -26.95
N ASN G 751 -15.48 -4.54 -26.95
CA ASN G 751 -14.08 -4.12 -27.04
C ASN G 751 -13.27 -4.61 -25.84
N LEU G 752 -13.85 -4.51 -24.64
CA LEU G 752 -13.17 -5.06 -23.47
C LEU G 752 -13.11 -6.58 -23.49
N LEU G 753 -14.07 -7.25 -24.13
CA LEU G 753 -14.06 -8.71 -24.18
C LEU G 753 -13.04 -9.25 -25.16
N LEU G 754 -12.79 -8.53 -26.26
CA LEU G 754 -11.79 -8.98 -27.23
C LEU G 754 -10.39 -9.00 -26.64
N GLN G 755 -10.16 -8.27 -25.55
CA GLN G 755 -8.84 -8.29 -24.92
C GLN G 755 -8.53 -9.66 -24.33
N TYR G 756 -9.56 -10.38 -23.86
CA TYR G 756 -9.35 -11.68 -23.26
C TYR G 756 -8.83 -12.69 -24.28
N GLY G 757 -9.33 -12.63 -25.52
CA GLY G 757 -8.83 -13.46 -26.58
C GLY G 757 -9.91 -14.33 -27.18
N SER G 758 -9.53 -15.57 -27.50
CA SER G 758 -10.42 -16.48 -28.21
C SER G 758 -11.25 -17.34 -27.26
N PHE G 759 -11.51 -16.83 -26.06
CA PHE G 759 -12.37 -17.56 -25.13
C PHE G 759 -13.76 -17.78 -25.71
N CYS G 760 -14.35 -16.73 -26.29
CA CYS G 760 -15.69 -16.85 -26.84
C CYS G 760 -15.72 -17.81 -28.02
N THR G 761 -14.71 -17.72 -28.89
CA THR G 761 -14.63 -18.63 -30.03
C THR G 761 -14.49 -20.08 -29.56
N GLN G 762 -13.65 -20.30 -28.55
CA GLN G 762 -13.46 -21.65 -28.03
C GLN G 762 -14.76 -22.20 -27.44
N LEU G 763 -15.48 -21.39 -26.66
CA LEU G 763 -16.73 -21.85 -26.07
C LEU G 763 -17.77 -22.15 -27.14
N ASN G 764 -17.89 -21.28 -28.15
CA ASN G 764 -18.83 -21.54 -29.24
C ASN G 764 -18.46 -22.79 -30.00
N ARG G 765 -17.16 -23.03 -30.22
CA ARG G 765 -16.74 -24.25 -30.91
C ARG G 765 -17.09 -25.48 -30.10
N ALA G 766 -16.89 -25.44 -28.79
CA ALA G 766 -17.25 -26.58 -27.94
C ALA G 766 -18.75 -26.85 -28.00
N LEU G 767 -19.56 -25.80 -27.92
CA LEU G 767 -21.01 -25.98 -27.97
C LEU G 767 -21.46 -26.52 -29.32
N THR G 768 -20.85 -26.03 -30.41
CA THR G 768 -21.18 -26.55 -31.74
C THR G 768 -20.80 -28.03 -31.86
N GLY G 769 -19.65 -28.40 -31.31
CA GLY G 769 -19.26 -29.80 -31.30
C GLY G 769 -20.27 -30.66 -30.56
N ILE G 770 -20.73 -30.20 -29.41
CA ILE G 770 -21.76 -30.94 -28.66
C ILE G 770 -23.02 -31.07 -29.50
N ALA G 771 -23.44 -29.97 -30.14
CA ALA G 771 -24.68 -29.97 -30.91
C ALA G 771 -24.61 -30.98 -32.06
N VAL G 772 -23.50 -30.99 -32.78
CA VAL G 772 -23.37 -31.93 -33.91
C VAL G 772 -23.21 -33.35 -33.39
N GLU G 773 -22.61 -33.52 -32.21
CA GLU G 773 -22.45 -34.85 -31.64
C GLU G 773 -23.81 -35.43 -31.26
N GLN G 774 -24.75 -34.59 -30.86
CA GLN G 774 -26.11 -35.09 -30.60
C GLN G 774 -26.74 -35.70 -31.84
N ASP G 775 -26.62 -35.02 -32.98
CA ASP G 775 -27.15 -35.56 -34.23
C ASP G 775 -26.42 -36.84 -34.63
N LYS G 776 -25.10 -36.88 -34.42
CA LYS G 776 -24.35 -38.11 -34.69
C LYS G 776 -24.84 -39.25 -33.82
N ASN G 777 -25.14 -38.98 -32.55
CA ASN G 777 -25.66 -40.00 -31.65
C ASN G 777 -27.00 -40.54 -32.15
N THR G 778 -27.91 -39.64 -32.52
CA THR G 778 -29.21 -40.08 -33.01
C THR G 778 -29.05 -40.92 -34.29
N GLN G 779 -28.18 -40.47 -35.20
CA GLN G 779 -27.96 -41.21 -36.43
C GLN G 779 -27.39 -42.60 -36.15
N GLU G 780 -26.44 -42.70 -35.22
CA GLU G 780 -25.85 -43.99 -34.90
C GLU G 780 -26.88 -44.92 -34.28
N VAL G 781 -27.74 -44.41 -33.39
CA VAL G 781 -28.70 -45.27 -32.72
C VAL G 781 -29.78 -45.75 -33.70
N PHE G 782 -30.36 -44.83 -34.48
CA PHE G 782 -31.55 -45.20 -35.24
C PHE G 782 -31.27 -45.53 -36.70
N ALA G 783 -30.35 -44.82 -37.36
CA ALA G 783 -30.10 -45.03 -38.78
C ALA G 783 -29.18 -46.24 -38.99
N GLN G 784 -29.66 -47.39 -38.51
CA GLN G 784 -28.94 -48.66 -38.65
C GLN G 784 -29.58 -49.58 -39.67
N VAL G 785 -30.52 -49.08 -40.48
CA VAL G 785 -31.21 -49.91 -41.45
C VAL G 785 -31.14 -49.23 -42.81
N LYS G 786 -30.88 -50.02 -43.84
CA LYS G 786 -30.96 -49.57 -45.23
C LYS G 786 -32.31 -50.03 -45.77
N GLN G 787 -33.02 -49.11 -46.42
CA GLN G 787 -34.37 -49.32 -46.95
C GLN G 787 -35.39 -49.28 -45.82
N ILE G 788 -36.49 -48.57 -46.04
CA ILE G 788 -37.55 -48.45 -45.02
C ILE G 788 -38.51 -49.60 -45.27
N TYR G 789 -38.35 -50.68 -44.50
CA TYR G 789 -39.25 -51.82 -44.60
C TYR G 789 -40.62 -51.47 -44.05
N LYS G 790 -41.65 -51.98 -44.72
CA LYS G 790 -43.04 -51.76 -44.30
C LYS G 790 -43.72 -53.10 -44.07
N THR G 791 -44.55 -53.14 -43.04
CA THR G 791 -45.27 -54.36 -42.72
C THR G 791 -46.38 -54.60 -43.75
N PRO G 792 -46.66 -55.86 -44.08
CA PRO G 792 -47.68 -56.14 -45.08
C PRO G 792 -49.05 -55.74 -44.59
N PRO G 793 -49.97 -55.40 -45.49
CA PRO G 793 -51.35 -55.10 -45.06
C PRO G 793 -52.02 -56.26 -44.34
N ILE G 794 -51.77 -57.50 -44.78
CA ILE G 794 -52.34 -58.68 -44.15
C ILE G 794 -51.37 -59.13 -43.07
N LYS G 795 -51.71 -58.85 -41.82
CA LYS G 795 -50.81 -59.09 -40.70
C LYS G 795 -51.14 -60.43 -40.05
N ASP G 796 -50.75 -61.49 -40.74
CA ASP G 796 -50.91 -62.86 -40.24
C ASP G 796 -49.56 -63.29 -39.67
N PHE G 797 -49.37 -63.05 -38.37
CA PHE G 797 -48.10 -63.30 -37.72
C PHE G 797 -48.15 -64.48 -36.76
N GLY G 798 -48.86 -65.54 -37.14
CA GLY G 798 -48.93 -66.72 -36.30
C GLY G 798 -49.65 -66.53 -34.99
N GLY G 799 -50.58 -65.58 -34.92
CA GLY G 799 -51.29 -65.29 -33.69
C GLY G 799 -50.63 -64.24 -32.83
N PHE G 800 -49.42 -63.80 -33.16
CA PHE G 800 -48.76 -62.73 -32.44
C PHE G 800 -49.32 -61.39 -32.89
N ASN G 801 -49.57 -60.51 -31.92
CA ASN G 801 -50.26 -59.25 -32.15
C ASN G 801 -49.27 -58.11 -31.91
N PHE G 802 -48.96 -57.35 -32.96
CA PHE G 802 -48.13 -56.17 -32.87
C PHE G 802 -48.93 -54.89 -33.16
N SER G 803 -50.22 -54.90 -32.85
CA SER G 803 -51.06 -53.73 -33.12
C SER G 803 -50.60 -52.53 -32.32
N GLN G 804 -50.25 -52.73 -31.05
CA GLN G 804 -49.80 -51.65 -30.20
C GLN G 804 -48.35 -51.25 -30.46
N ILE G 805 -47.63 -52.00 -31.28
CA ILE G 805 -46.24 -51.71 -31.55
C ILE G 805 -46.03 -51.14 -32.96
N LEU G 806 -46.81 -51.58 -33.94
CA LEU G 806 -46.71 -51.09 -35.30
C LEU G 806 -47.30 -49.68 -35.41
N PRO G 807 -46.87 -48.90 -36.39
CA PRO G 807 -47.37 -47.52 -36.52
C PRO G 807 -48.85 -47.48 -36.84
N ASP G 808 -49.50 -46.40 -36.40
CA ASP G 808 -50.90 -46.13 -36.68
C ASP G 808 -51.01 -44.97 -37.66
N PRO G 809 -51.58 -45.18 -38.85
CA PRO G 809 -51.67 -44.07 -39.82
C PRO G 809 -52.47 -42.88 -39.33
N SER G 810 -53.50 -43.10 -38.51
CA SER G 810 -54.35 -41.99 -38.08
C SER G 810 -53.63 -41.09 -37.08
N LYS G 811 -52.54 -41.56 -36.50
CA LYS G 811 -51.84 -40.77 -35.50
C LYS G 811 -51.16 -39.56 -36.16
N PRO G 812 -50.86 -38.51 -35.39
CA PRO G 812 -50.27 -37.30 -36.01
C PRO G 812 -48.97 -37.56 -36.74
N SER G 813 -47.98 -38.14 -36.06
CA SER G 813 -46.69 -38.44 -36.67
C SER G 813 -46.61 -39.87 -37.18
N LYS G 814 -47.76 -40.54 -37.33
CA LYS G 814 -47.81 -41.95 -37.71
C LYS G 814 -47.00 -42.80 -36.74
N ARG G 815 -47.03 -42.42 -35.47
CA ARG G 815 -46.36 -43.16 -34.42
C ARG G 815 -47.22 -44.32 -33.95
N SER G 816 -46.60 -45.29 -33.29
CA SER G 816 -47.36 -46.37 -32.69
C SER G 816 -48.05 -45.89 -31.42
N PHE G 817 -48.92 -46.74 -30.88
CA PHE G 817 -49.64 -46.39 -29.67
C PHE G 817 -48.69 -46.20 -28.51
N ILE G 818 -47.76 -47.14 -28.32
CA ILE G 818 -46.82 -47.06 -27.22
C ILE G 818 -45.91 -45.85 -27.37
N GLU G 819 -45.51 -45.53 -28.60
CA GLU G 819 -44.67 -44.35 -28.82
C GLU G 819 -45.39 -43.07 -28.40
N ASP G 820 -46.69 -42.97 -28.72
CA ASP G 820 -47.44 -41.78 -28.32
C ASP G 820 -47.64 -41.73 -26.81
N LEU G 821 -47.86 -42.88 -26.17
CA LEU G 821 -47.89 -42.90 -24.71
C LEU G 821 -46.58 -42.40 -24.12
N LEU G 822 -45.45 -42.85 -24.68
CA LEU G 822 -44.15 -42.39 -24.20
C LEU G 822 -43.99 -40.89 -24.40
N PHE G 823 -44.41 -40.38 -25.55
CA PHE G 823 -44.27 -38.95 -25.82
C PHE G 823 -45.14 -38.12 -24.89
N ASN G 824 -46.30 -38.64 -24.50
CA ASN G 824 -47.15 -37.91 -23.56
C ASN G 824 -46.60 -37.99 -22.14
N LYS G 825 -45.99 -39.12 -21.77
CA LYS G 825 -45.50 -39.26 -20.40
C LYS G 825 -44.42 -38.24 -20.06
N VAL G 826 -43.48 -38.04 -20.97
CA VAL G 826 -42.36 -37.12 -20.72
C VAL G 826 -42.54 -35.89 -21.61
N THR G 827 -42.48 -34.71 -21.00
CA THR G 827 -42.61 -33.46 -21.72
C THR G 827 -41.56 -32.46 -21.27
N LYS G 854 -35.69 -18.17 -27.16
CA LYS G 854 -34.59 -17.35 -27.63
C LYS G 854 -34.49 -16.05 -26.83
N PHE G 855 -33.71 -16.09 -25.75
CA PHE G 855 -33.53 -14.93 -24.88
C PHE G 855 -32.08 -14.87 -24.43
N ASN G 856 -31.50 -13.67 -24.47
CA ASN G 856 -30.14 -13.42 -23.99
C ASN G 856 -29.11 -14.28 -24.73
N GLY G 857 -29.31 -14.44 -26.03
CA GLY G 857 -28.35 -15.16 -26.85
C GLY G 857 -28.48 -16.67 -26.83
N LEU G 858 -29.47 -17.20 -26.13
CA LEU G 858 -29.68 -18.65 -26.03
C LEU G 858 -30.56 -19.10 -27.19
N THR G 859 -30.11 -20.10 -27.94
CA THR G 859 -30.89 -20.66 -29.03
C THR G 859 -30.90 -22.17 -28.93
N VAL G 860 -31.99 -22.78 -29.39
CA VAL G 860 -32.15 -24.22 -29.40
C VAL G 860 -32.25 -24.67 -30.85
N LEU G 861 -31.20 -25.28 -31.35
CA LEU G 861 -31.16 -25.75 -32.72
C LEU G 861 -32.03 -27.01 -32.87
N PRO G 862 -32.91 -27.03 -33.87
CA PRO G 862 -33.75 -28.22 -34.07
C PRO G 862 -32.90 -29.41 -34.47
N PRO G 863 -33.28 -30.61 -34.04
CA PRO G 863 -32.53 -31.81 -34.43
C PRO G 863 -32.60 -32.03 -35.92
N LEU G 864 -31.54 -32.64 -36.48
CA LEU G 864 -31.53 -32.95 -37.90
C LEU G 864 -32.63 -33.95 -38.25
N LEU G 865 -32.84 -34.95 -37.41
CA LEU G 865 -33.89 -35.94 -37.61
C LEU G 865 -35.11 -35.56 -36.79
N THR G 866 -36.17 -35.16 -37.49
CA THR G 866 -37.41 -34.85 -36.80
C THR G 866 -38.06 -36.13 -36.27
N ASP G 867 -39.00 -35.95 -35.33
CA ASP G 867 -39.61 -37.10 -34.66
C ASP G 867 -40.29 -38.04 -35.65
N GLU G 868 -40.82 -37.50 -36.75
CA GLU G 868 -41.44 -38.35 -37.76
C GLU G 868 -40.42 -39.30 -38.38
N MET G 869 -39.22 -38.81 -38.67
CA MET G 869 -38.21 -39.66 -39.28
C MET G 869 -37.67 -40.69 -38.29
N ILE G 870 -37.56 -40.32 -37.01
CA ILE G 870 -37.15 -41.31 -36.01
C ILE G 870 -38.20 -42.39 -35.87
N ALA G 871 -39.48 -42.01 -35.88
CA ALA G 871 -40.55 -43.00 -35.86
C ALA G 871 -40.51 -43.87 -37.11
N GLN G 872 -40.17 -43.28 -38.25
CA GLN G 872 -40.09 -44.06 -39.49
C GLN G 872 -38.94 -45.05 -39.43
N TYR G 873 -37.80 -44.65 -38.87
CA TYR G 873 -36.69 -45.58 -38.68
C TYR G 873 -37.09 -46.72 -37.75
N THR G 874 -37.79 -46.39 -36.66
CA THR G 874 -38.25 -47.41 -35.74
C THR G 874 -39.20 -48.37 -36.43
N SER G 875 -40.11 -47.85 -37.26
CA SER G 875 -41.02 -48.69 -38.01
C SER G 875 -40.28 -49.59 -39.00
N ALA G 876 -39.25 -49.07 -39.65
CA ALA G 876 -38.47 -49.88 -40.58
C ALA G 876 -37.77 -51.02 -39.86
N LEU G 877 -37.12 -50.72 -38.73
CA LEU G 877 -36.48 -51.78 -37.95
C LEU G 877 -37.51 -52.80 -37.45
N LEU G 878 -38.67 -52.32 -37.02
CA LEU G 878 -39.74 -53.19 -36.56
C LEU G 878 -40.23 -54.13 -37.65
N ALA G 879 -40.50 -53.58 -38.85
CA ALA G 879 -40.94 -54.43 -39.95
C ALA G 879 -39.86 -55.43 -40.35
N GLY G 880 -38.60 -55.00 -40.33
CA GLY G 880 -37.52 -55.92 -40.64
C GLY G 880 -37.42 -57.06 -39.66
N THR G 881 -37.52 -56.76 -38.35
CA THR G 881 -37.37 -57.80 -37.35
C THR G 881 -38.60 -58.70 -37.27
N ILE G 882 -39.79 -58.19 -37.55
CA ILE G 882 -40.98 -59.02 -37.57
C ILE G 882 -41.02 -59.91 -38.80
N THR G 883 -40.73 -59.33 -39.97
CA THR G 883 -40.87 -60.06 -41.22
C THR G 883 -39.68 -60.98 -41.48
N SER G 884 -38.47 -60.46 -41.31
CA SER G 884 -37.27 -61.19 -41.72
C SER G 884 -36.39 -61.64 -40.57
N GLY G 885 -36.58 -61.12 -39.36
CA GLY G 885 -35.78 -61.58 -38.23
C GLY G 885 -34.34 -61.13 -38.33
N TRP G 886 -33.42 -62.10 -38.24
CA TRP G 886 -31.99 -61.79 -38.27
C TRP G 886 -31.55 -61.22 -39.60
N THR G 887 -32.17 -61.68 -40.70
CA THR G 887 -31.54 -61.58 -42.02
C THR G 887 -31.26 -60.15 -42.42
N PHE G 888 -32.22 -59.24 -42.21
CA PHE G 888 -32.04 -57.87 -42.69
C PHE G 888 -30.86 -57.20 -41.98
N GLY G 889 -30.50 -57.68 -40.80
CA GLY G 889 -29.31 -57.19 -40.13
C GLY G 889 -28.03 -57.56 -40.86
N ALA G 890 -27.98 -58.81 -41.36
CA ALA G 890 -26.77 -59.28 -42.02
C ALA G 890 -26.72 -58.85 -43.48
N GLY G 891 -27.86 -58.88 -44.17
CA GLY G 891 -27.90 -58.55 -45.57
C GLY G 891 -29.29 -58.18 -46.05
N ALA G 892 -29.66 -58.65 -47.23
CA ALA G 892 -31.00 -58.41 -47.73
C ALA G 892 -32.03 -59.13 -46.88
N ALA G 893 -33.14 -58.46 -46.61
CA ALA G 893 -34.18 -59.04 -45.76
C ALA G 893 -34.78 -60.26 -46.43
N LEU G 894 -34.79 -61.38 -45.70
CA LEU G 894 -35.30 -62.65 -46.20
C LEU G 894 -36.58 -62.97 -45.43
N GLN G 895 -37.70 -63.01 -46.13
CA GLN G 895 -38.99 -63.25 -45.48
C GLN G 895 -39.01 -64.63 -44.85
N ILE G 896 -39.72 -64.72 -43.73
CA ILE G 896 -39.88 -65.99 -43.01
C ILE G 896 -41.12 -65.87 -42.13
N PRO G 897 -41.94 -66.91 -42.01
CA PRO G 897 -43.10 -66.84 -41.12
C PRO G 897 -42.64 -66.59 -39.69
N PHE G 898 -43.47 -65.81 -38.96
CA PHE G 898 -43.06 -65.41 -37.62
C PHE G 898 -42.98 -66.60 -36.68
N ALA G 899 -43.83 -67.60 -36.87
CA ALA G 899 -43.77 -68.80 -36.03
C ALA G 899 -42.43 -69.49 -36.20
N MET G 900 -41.95 -69.62 -37.43
CA MET G 900 -40.68 -70.28 -37.66
C MET G 900 -39.52 -69.44 -37.14
N GLN G 901 -39.64 -68.11 -37.23
CA GLN G 901 -38.63 -67.24 -36.64
C GLN G 901 -38.55 -67.44 -35.14
N MET G 902 -39.70 -67.54 -34.48
CA MET G 902 -39.71 -67.78 -33.04
C MET G 902 -39.17 -69.16 -32.71
N ALA G 903 -39.39 -70.14 -33.59
CA ALA G 903 -38.80 -71.46 -33.38
C ALA G 903 -37.28 -71.40 -33.48
N TYR G 904 -36.76 -70.63 -34.44
CA TYR G 904 -35.32 -70.46 -34.55
C TYR G 904 -34.75 -69.77 -33.32
N ARG G 905 -35.46 -68.78 -32.79
CA ARG G 905 -35.01 -68.14 -31.56
C ARG G 905 -35.08 -69.08 -30.35
N PHE G 906 -36.09 -69.96 -30.31
CA PHE G 906 -36.14 -70.99 -29.29
C PHE G 906 -34.95 -71.93 -29.38
N ASN G 907 -34.57 -72.33 -30.59
CA ASN G 907 -33.33 -73.07 -30.77
C ASN G 907 -32.14 -72.27 -30.28
N GLY G 908 -32.15 -70.97 -30.53
CA GLY G 908 -31.06 -70.12 -30.04
C GLY G 908 -30.93 -70.17 -28.53
N ILE G 909 -32.06 -70.15 -27.81
CA ILE G 909 -32.00 -70.19 -26.35
C ILE G 909 -31.88 -71.60 -25.79
N GLY G 910 -31.77 -72.61 -26.64
CA GLY G 910 -31.59 -73.97 -26.19
C GLY G 910 -32.84 -74.80 -26.04
N VAL G 911 -33.95 -74.40 -26.62
CA VAL G 911 -35.22 -75.12 -26.54
C VAL G 911 -35.61 -75.59 -27.94
N THR G 912 -36.11 -76.81 -28.02
CA THR G 912 -36.42 -77.40 -29.32
C THR G 912 -37.60 -76.70 -29.99
N GLN G 913 -37.75 -76.94 -31.29
CA GLN G 913 -38.83 -76.33 -32.06
C GLN G 913 -40.20 -76.80 -31.59
N ASN G 914 -40.33 -78.08 -31.24
CA ASN G 914 -41.63 -78.64 -30.89
C ASN G 914 -42.24 -77.90 -29.72
N VAL G 915 -41.41 -77.36 -28.81
CA VAL G 915 -41.94 -76.64 -27.66
C VAL G 915 -42.73 -75.42 -28.12
N LEU G 916 -42.17 -74.66 -29.06
CA LEU G 916 -42.90 -73.53 -29.62
C LEU G 916 -44.10 -74.00 -30.43
N TYR G 917 -43.89 -74.93 -31.36
CA TYR G 917 -44.93 -75.25 -32.33
C TYR G 917 -46.14 -75.88 -31.65
N GLU G 918 -45.92 -76.65 -30.59
CA GLU G 918 -47.03 -77.24 -29.86
C GLU G 918 -47.72 -76.21 -28.97
N ASN G 919 -46.97 -75.21 -28.49
CA ASN G 919 -47.48 -74.18 -27.59
C ASN G 919 -47.56 -72.82 -28.28
N GLN G 920 -47.85 -72.79 -29.57
CA GLN G 920 -47.85 -71.54 -30.31
C GLN G 920 -48.94 -70.60 -29.80
N LYS G 921 -50.14 -71.13 -29.57
CA LYS G 921 -51.25 -70.29 -29.11
C LYS G 921 -50.98 -69.74 -27.71
N LEU G 922 -50.46 -70.59 -26.81
CA LEU G 922 -50.17 -70.13 -25.46
C LEU G 922 -49.11 -69.04 -25.46
N ILE G 923 -48.06 -69.20 -26.28
CA ILE G 923 -46.99 -68.22 -26.33
C ILE G 923 -47.49 -66.92 -26.96
N ALA G 924 -48.33 -67.03 -27.99
CA ALA G 924 -48.91 -65.82 -28.57
C ALA G 924 -49.77 -65.07 -27.55
N ASN G 925 -50.57 -65.81 -26.78
CA ASN G 925 -51.39 -65.17 -25.76
C ASN G 925 -50.52 -64.51 -24.69
N GLN G 926 -49.44 -65.18 -24.28
CA GLN G 926 -48.55 -64.60 -23.28
C GLN G 926 -47.88 -63.34 -23.80
N PHE G 927 -47.44 -63.34 -25.05
CA PHE G 927 -46.81 -62.15 -25.63
C PHE G 927 -47.80 -61.00 -25.71
N ASN G 928 -49.03 -61.29 -26.14
CA ASN G 928 -50.06 -60.24 -26.22
C ASN G 928 -50.37 -59.68 -24.84
N SER G 929 -50.49 -60.55 -23.84
CA SER G 929 -50.77 -60.09 -22.48
C SER G 929 -49.63 -59.26 -21.93
N ALA G 930 -48.38 -59.64 -22.23
CA ALA G 930 -47.24 -58.86 -21.78
C ALA G 930 -47.21 -57.49 -22.43
N ILE G 931 -47.54 -57.42 -23.72
CA ILE G 931 -47.59 -56.12 -24.39
C ILE G 931 -48.71 -55.26 -23.79
N GLY G 932 -49.86 -55.87 -23.49
CA GLY G 932 -50.91 -55.13 -22.83
C GLY G 932 -50.51 -54.61 -21.46
N LYS G 933 -49.76 -55.42 -20.72
CA LYS G 933 -49.30 -54.99 -19.41
C LYS G 933 -48.28 -53.86 -19.53
N ILE G 934 -47.47 -53.88 -20.59
CA ILE G 934 -46.57 -52.75 -20.85
C ILE G 934 -47.37 -51.49 -21.15
N GLN G 935 -48.43 -51.62 -21.96
CA GLN G 935 -49.35 -50.52 -22.18
C GLN G 935 -49.86 -49.94 -20.87
N ASP G 936 -50.34 -50.83 -19.99
CA ASP G 936 -50.90 -50.37 -18.73
C ASP G 936 -49.85 -49.69 -17.86
N SER G 937 -48.64 -50.26 -17.81
CA SER G 937 -47.58 -49.67 -17.00
C SER G 937 -47.20 -48.29 -17.51
N LEU G 938 -47.11 -48.12 -18.82
CA LEU G 938 -46.72 -46.83 -19.37
C LEU G 938 -47.86 -45.81 -19.25
N SER G 939 -49.10 -46.28 -19.25
CA SER G 939 -50.23 -45.35 -19.17
C SER G 939 -50.50 -44.93 -17.73
N SER G 940 -50.85 -45.88 -16.87
CA SER G 940 -51.28 -45.53 -15.51
C SER G 940 -50.11 -45.04 -14.66
N THR G 941 -48.99 -45.76 -14.69
CA THR G 941 -47.85 -45.48 -13.81
C THR G 941 -46.95 -44.44 -14.49
N ALA G 942 -46.82 -43.28 -13.87
CA ALA G 942 -45.95 -42.23 -14.38
C ALA G 942 -44.54 -42.45 -13.87
N SER G 943 -43.63 -41.55 -14.24
CA SER G 943 -42.22 -41.59 -13.83
C SER G 943 -41.52 -42.86 -14.31
N ALA G 944 -42.15 -43.60 -15.22
CA ALA G 944 -41.49 -44.75 -15.83
C ALA G 944 -40.32 -44.31 -16.69
N LEU G 945 -40.52 -43.23 -17.45
CA LEU G 945 -39.47 -42.65 -18.28
C LEU G 945 -38.56 -41.76 -17.45
N GLY G 946 -38.00 -42.32 -16.36
CA GLY G 946 -37.27 -41.50 -15.42
C GLY G 946 -36.02 -40.87 -16.00
N LYS G 947 -35.20 -41.68 -16.69
CA LYS G 947 -33.89 -41.21 -17.11
C LYS G 947 -34.00 -40.07 -18.11
N LEU G 948 -34.95 -40.17 -19.05
CA LEU G 948 -35.15 -39.09 -20.02
C LEU G 948 -35.54 -37.81 -19.31
N GLN G 949 -36.43 -37.89 -18.33
CA GLN G 949 -36.83 -36.70 -17.59
C GLN G 949 -35.67 -36.14 -16.77
N ASP G 950 -34.82 -37.00 -16.22
CA ASP G 950 -33.65 -36.49 -15.51
C ASP G 950 -32.72 -35.73 -16.44
N VAL G 951 -32.51 -36.25 -17.65
CA VAL G 951 -31.67 -35.54 -18.61
C VAL G 951 -32.27 -34.19 -18.96
N VAL G 952 -33.58 -34.16 -19.24
CA VAL G 952 -34.24 -32.90 -19.59
C VAL G 952 -34.14 -31.91 -18.42
N ASN G 953 -34.39 -32.39 -17.21
CA ASN G 953 -34.34 -31.53 -16.04
C ASN G 953 -32.94 -30.98 -15.81
N GLN G 954 -31.91 -31.82 -15.97
CA GLN G 954 -30.54 -31.34 -15.79
C GLN G 954 -30.20 -30.26 -16.80
N ASN G 955 -30.54 -30.50 -18.08
CA ASN G 955 -30.24 -29.48 -19.09
C ASN G 955 -31.00 -28.19 -18.84
N ALA G 956 -32.29 -28.28 -18.55
CA ALA G 956 -33.10 -27.09 -18.33
C ALA G 956 -32.64 -26.32 -17.09
N GLN G 957 -32.26 -27.03 -16.02
CA GLN G 957 -31.82 -26.34 -14.82
C GLN G 957 -30.45 -25.72 -15.00
N ALA G 958 -29.57 -26.37 -15.78
CA ALA G 958 -28.30 -25.73 -16.10
C ALA G 958 -28.51 -24.45 -16.90
N LEU G 959 -29.44 -24.49 -17.86
CA LEU G 959 -29.78 -23.28 -18.60
C LEU G 959 -30.34 -22.20 -17.67
N ASN G 960 -31.21 -22.60 -16.74
CA ASN G 960 -31.78 -21.64 -15.79
C ASN G 960 -30.71 -21.01 -14.92
N THR G 961 -29.74 -21.81 -14.47
CA THR G 961 -28.63 -21.26 -13.69
C THR G 961 -27.81 -20.29 -14.52
N LEU G 962 -27.57 -20.63 -15.79
CA LEU G 962 -26.83 -19.73 -16.67
C LEU G 962 -27.56 -18.40 -16.82
N VAL G 963 -28.88 -18.43 -16.98
CA VAL G 963 -29.64 -17.19 -17.12
C VAL G 963 -29.63 -16.41 -15.82
N LYS G 964 -29.80 -17.08 -14.68
CA LYS G 964 -29.83 -16.39 -13.40
C LYS G 964 -28.48 -15.76 -13.07
N GLN G 965 -27.39 -16.31 -13.60
CA GLN G 965 -26.08 -15.72 -13.34
C GLN G 965 -25.93 -14.34 -13.96
N LEU G 966 -26.83 -13.96 -14.86
CA LEU G 966 -26.78 -12.61 -15.43
C LEU G 966 -27.15 -11.56 -14.40
N SER G 967 -28.04 -11.90 -13.46
CA SER G 967 -28.51 -10.92 -12.49
C SER G 967 -27.52 -10.70 -11.35
N SER G 968 -26.43 -11.45 -11.30
CA SER G 968 -25.43 -11.26 -10.25
C SER G 968 -24.59 -10.02 -10.54
N ASN G 969 -24.28 -9.28 -9.49
CA ASN G 969 -23.51 -8.04 -9.65
C ASN G 969 -22.04 -8.30 -9.91
N PHE G 970 -21.49 -9.37 -9.33
CA PHE G 970 -20.06 -9.69 -9.43
C PHE G 970 -19.20 -8.52 -8.97
N GLY G 971 -19.68 -7.80 -7.95
CA GLY G 971 -18.97 -6.66 -7.41
C GLY G 971 -19.22 -5.35 -8.14
N ALA G 972 -19.97 -5.36 -9.23
CA ALA G 972 -20.28 -4.13 -9.93
C ALA G 972 -21.43 -3.40 -9.24
N ILE G 973 -21.54 -2.10 -9.54
CA ILE G 973 -22.61 -1.29 -8.96
C ILE G 973 -23.98 -1.72 -9.46
N SER G 974 -24.04 -2.39 -10.61
CA SER G 974 -25.30 -2.88 -11.15
C SER G 974 -25.02 -4.11 -12.00
N SER G 975 -26.06 -4.89 -12.23
CA SER G 975 -25.98 -6.10 -13.04
C SER G 975 -26.46 -5.89 -14.46
N VAL G 976 -26.74 -4.63 -14.84
CA VAL G 976 -27.21 -4.31 -16.19
C VAL G 976 -26.17 -3.40 -16.83
N LEU G 977 -25.67 -3.81 -18.00
CA LEU G 977 -24.66 -3.00 -18.69
C LEU G 977 -25.24 -1.67 -19.15
N ASN G 978 -26.54 -1.64 -19.45
CA ASN G 978 -27.16 -0.39 -19.89
C ASN G 978 -27.11 0.65 -18.79
N ASP G 979 -27.44 0.26 -17.56
CA ASP G 979 -27.40 1.21 -16.44
C ASP G 979 -25.96 1.68 -16.18
N ILE G 980 -25.00 0.77 -16.24
CA ILE G 980 -23.60 1.13 -16.01
C ILE G 980 -23.13 2.12 -17.06
N LEU G 981 -23.47 1.86 -18.33
CA LEU G 981 -23.06 2.78 -19.40
C LEU G 981 -23.78 4.10 -19.29
N SER G 982 -25.01 4.10 -18.76
CA SER G 982 -25.78 5.33 -18.67
C SER G 982 -25.29 6.21 -17.53
N ARG G 983 -24.87 5.62 -16.42
CA ARG G 983 -24.57 6.39 -15.23
C ARG G 983 -23.08 6.63 -14.98
N LEU G 984 -22.21 6.25 -15.89
CA LEU G 984 -20.77 6.42 -15.68
C LEU G 984 -20.06 6.83 -16.96
N ASP G 985 -18.98 7.57 -16.78
CA ASP G 985 -18.06 7.88 -17.86
C ASP G 985 -17.29 6.62 -18.27
N PRO G 986 -16.70 6.61 -19.47
CA PRO G 986 -15.98 5.43 -19.95
C PRO G 986 -14.91 4.94 -18.98
N PRO G 987 -14.18 5.83 -18.29
CA PRO G 987 -13.16 5.31 -17.34
C PRO G 987 -13.70 4.35 -16.29
N GLU G 988 -14.67 4.77 -15.49
CA GLU G 988 -15.17 3.91 -14.43
C GLU G 988 -16.09 2.82 -14.97
N ALA G 989 -16.84 3.14 -16.02
CA ALA G 989 -17.67 2.13 -16.67
C ALA G 989 -16.81 0.99 -17.19
N GLU G 990 -15.56 1.28 -17.59
CA GLU G 990 -14.67 0.22 -18.02
C GLU G 990 -14.39 -0.77 -16.91
N VAL G 991 -14.12 -0.27 -15.70
CA VAL G 991 -13.87 -1.16 -14.57
C VAL G 991 -15.11 -1.98 -14.22
N GLN G 992 -16.26 -1.31 -14.18
CA GLN G 992 -17.48 -2.04 -13.84
C GLN G 992 -17.81 -3.10 -14.89
N ILE G 993 -17.67 -2.75 -16.16
CA ILE G 993 -17.92 -3.69 -17.24
C ILE G 993 -16.90 -4.84 -17.19
N ASP G 994 -15.66 -4.54 -16.80
CA ASP G 994 -14.66 -5.59 -16.69
C ASP G 994 -15.04 -6.59 -15.61
N ARG G 995 -15.52 -6.11 -14.46
CA ARG G 995 -15.96 -7.02 -13.42
C ARG G 995 -17.13 -7.88 -13.90
N LEU G 996 -18.11 -7.26 -14.56
CA LEU G 996 -19.24 -8.03 -15.07
C LEU G 996 -18.77 -9.04 -16.13
N ILE G 997 -17.83 -8.65 -16.97
CA ILE G 997 -17.34 -9.54 -18.02
C ILE G 997 -16.64 -10.75 -17.43
N THR G 998 -15.76 -10.53 -16.45
CA THR G 998 -15.05 -11.66 -15.88
C THR G 998 -16.01 -12.60 -15.15
N GLY G 999 -16.99 -12.05 -14.42
CA GLY G 999 -17.96 -12.91 -13.77
C GLY G 999 -18.77 -13.72 -14.76
N ARG G 1000 -19.31 -13.07 -15.80
CA ARG G 1000 -20.14 -13.77 -16.76
C ARG G 1000 -19.33 -14.77 -17.59
N LEU G 1001 -18.08 -14.45 -17.88
CA LEU G 1001 -17.23 -15.37 -18.63
C LEU G 1001 -16.93 -16.61 -17.79
N GLN G 1002 -16.67 -16.43 -16.49
CA GLN G 1002 -16.47 -17.60 -15.63
C GLN G 1002 -17.72 -18.45 -15.58
N SER G 1003 -18.90 -17.82 -15.46
CA SER G 1003 -20.15 -18.57 -15.45
C SER G 1003 -20.35 -19.34 -16.74
N LEU G 1004 -20.09 -18.70 -17.89
CA LEU G 1004 -20.26 -19.35 -19.17
C LEU G 1004 -19.29 -20.51 -19.34
N GLN G 1005 -18.04 -20.33 -18.89
CA GLN G 1005 -17.06 -21.40 -18.97
C GLN G 1005 -17.48 -22.59 -18.12
N THR G 1006 -17.99 -22.34 -16.92
CA THR G 1006 -18.50 -23.43 -16.10
C THR G 1006 -19.65 -24.15 -16.78
N TYR G 1007 -20.56 -23.39 -17.39
CA TYR G 1007 -21.68 -24.01 -18.11
C TYR G 1007 -21.19 -24.88 -19.25
N VAL G 1008 -20.23 -24.40 -20.03
CA VAL G 1008 -19.73 -25.18 -21.16
C VAL G 1008 -19.03 -26.44 -20.67
N THR G 1009 -18.24 -26.32 -19.60
CA THR G 1009 -17.56 -27.50 -19.07
C THR G 1009 -18.55 -28.54 -18.59
N GLN G 1010 -19.58 -28.13 -17.86
N GLN G 1010 -19.58 -28.11 -17.85
CA GLN G 1010 -20.55 -29.11 -17.38
CA GLN G 1010 -20.59 -29.04 -17.37
C GLN G 1010 -21.37 -29.70 -18.52
C GLN G 1010 -21.35 -29.69 -18.53
N GLN G 1011 -21.65 -28.90 -19.56
CA GLN G 1011 -22.34 -29.45 -20.72
C GLN G 1011 -21.48 -30.47 -21.45
N LEU G 1012 -20.17 -30.22 -21.54
CA LEU G 1012 -19.28 -31.21 -22.15
C LEU G 1012 -19.26 -32.50 -21.34
N ILE G 1013 -19.17 -32.39 -20.01
CA ILE G 1013 -19.15 -33.58 -19.17
C ILE G 1013 -20.46 -34.35 -19.31
N ARG G 1014 -21.60 -33.65 -19.35
CA ARG G 1014 -22.87 -34.35 -19.53
C ARG G 1014 -22.98 -34.97 -20.91
N ALA G 1015 -22.48 -34.29 -21.95
CA ALA G 1015 -22.53 -34.82 -23.29
C ALA G 1015 -21.68 -36.08 -23.42
N ALA G 1016 -20.60 -36.18 -22.65
CA ALA G 1016 -19.83 -37.42 -22.64
C ALA G 1016 -20.67 -38.59 -22.14
N GLU G 1017 -21.41 -38.39 -21.06
CA GLU G 1017 -22.30 -39.44 -20.55
C GLU G 1017 -23.40 -39.76 -21.55
N ILE G 1018 -23.95 -38.73 -22.20
CA ILE G 1018 -25.00 -38.97 -23.20
C ILE G 1018 -24.44 -39.75 -24.37
N ARG G 1019 -23.19 -39.48 -24.76
CA ARG G 1019 -22.57 -40.24 -25.84
C ARG G 1019 -22.35 -41.69 -25.43
N ALA G 1020 -21.94 -41.92 -24.19
CA ALA G 1020 -21.81 -43.29 -23.70
C ALA G 1020 -23.15 -44.02 -23.75
N SER G 1021 -24.22 -43.35 -23.32
CA SER G 1021 -25.54 -43.96 -23.35
C SER G 1021 -26.01 -44.20 -24.79
N ALA G 1022 -25.64 -43.31 -25.71
CA ALA G 1022 -26.03 -43.49 -27.10
C ALA G 1022 -25.27 -44.65 -27.73
N ASN G 1023 -24.00 -44.81 -27.37
CA ASN G 1023 -23.25 -45.98 -27.84
C ASN G 1023 -23.85 -47.27 -27.29
N LEU G 1024 -24.26 -47.26 -26.02
CA LEU G 1024 -24.96 -48.42 -25.46
C LEU G 1024 -26.25 -48.69 -26.21
N ALA G 1025 -27.02 -47.65 -26.52
CA ALA G 1025 -28.28 -47.82 -27.23
C ALA G 1025 -28.05 -48.36 -28.65
N ALA G 1026 -27.01 -47.87 -29.33
CA ALA G 1026 -26.71 -48.38 -30.67
C ALA G 1026 -26.27 -49.83 -30.61
N THR G 1027 -25.47 -50.20 -29.61
CA THR G 1027 -25.07 -51.60 -29.46
C THR G 1027 -26.27 -52.49 -29.17
N LYS G 1028 -27.18 -52.01 -28.33
CA LYS G 1028 -28.39 -52.79 -28.05
C LYS G 1028 -29.30 -52.90 -29.26
N MET G 1029 -29.37 -51.85 -30.08
CA MET G 1029 -30.14 -51.94 -31.31
C MET G 1029 -29.51 -52.95 -32.28
N SER G 1030 -28.19 -52.97 -32.35
CA SER G 1030 -27.53 -53.90 -33.26
C SER G 1030 -27.68 -55.34 -32.78
N GLU G 1031 -27.58 -55.57 -31.47
CA GLU G 1031 -27.49 -56.94 -30.98
C GLU G 1031 -28.84 -57.51 -30.55
N CYS G 1032 -29.63 -56.76 -29.79
CA CYS G 1032 -30.94 -57.22 -29.33
C CYS G 1032 -32.00 -57.21 -30.43
N VAL G 1033 -32.02 -56.16 -31.26
CA VAL G 1033 -33.06 -56.03 -32.28
C VAL G 1033 -32.68 -56.73 -33.57
N LEU G 1034 -31.54 -56.37 -34.15
CA LEU G 1034 -31.11 -56.94 -35.42
C LEU G 1034 -30.66 -58.39 -35.30
N GLY G 1035 -30.52 -58.91 -34.10
CA GLY G 1035 -30.13 -60.29 -33.92
C GLY G 1035 -30.61 -60.82 -32.60
N GLN G 1036 -30.05 -61.96 -32.20
CA GLN G 1036 -30.32 -62.57 -30.91
C GLN G 1036 -29.03 -62.63 -30.12
N SER G 1037 -29.08 -62.18 -28.87
CA SER G 1037 -27.88 -62.02 -28.06
C SER G 1037 -27.83 -63.09 -26.97
N LYS G 1038 -26.68 -63.76 -26.86
CA LYS G 1038 -26.42 -64.71 -25.80
C LYS G 1038 -25.89 -64.05 -24.54
N ARG G 1039 -25.63 -62.75 -24.58
CA ARG G 1039 -25.10 -62.05 -23.42
C ARG G 1039 -26.15 -61.97 -22.33
N VAL G 1040 -25.77 -62.37 -21.12
CA VAL G 1040 -26.73 -62.46 -20.03
C VAL G 1040 -27.08 -61.06 -19.54
N ASP G 1041 -28.37 -60.78 -19.38
CA ASP G 1041 -28.91 -59.54 -18.86
C ASP G 1041 -28.63 -58.34 -19.76
N PHE G 1042 -27.99 -58.55 -20.91
CA PHE G 1042 -27.78 -57.45 -21.84
C PHE G 1042 -29.09 -57.03 -22.50
N CYS G 1043 -29.86 -58.00 -22.99
CA CYS G 1043 -31.12 -57.75 -23.68
C CYS G 1043 -32.24 -58.30 -22.81
N GLY G 1044 -32.70 -57.49 -21.86
CA GLY G 1044 -33.73 -57.92 -20.93
C GLY G 1044 -33.21 -58.88 -19.89
N LYS G 1045 -34.13 -59.34 -19.04
CA LYS G 1045 -33.82 -60.29 -17.99
C LYS G 1045 -34.44 -61.64 -18.33
N GLY G 1046 -33.59 -62.64 -18.52
CA GLY G 1046 -34.02 -63.97 -18.90
C GLY G 1046 -33.25 -64.40 -20.14
N TYR G 1047 -33.74 -65.47 -20.78
CA TYR G 1047 -33.17 -65.94 -22.03
C TYR G 1047 -33.75 -65.11 -23.16
N HIS G 1048 -32.90 -64.34 -23.83
CA HIS G 1048 -33.37 -63.39 -24.83
C HIS G 1048 -33.95 -64.09 -26.04
N LEU G 1049 -35.17 -63.69 -26.41
CA LEU G 1049 -35.77 -64.13 -27.66
C LEU G 1049 -35.69 -63.04 -28.73
N MET G 1050 -36.19 -61.84 -28.45
CA MET G 1050 -36.11 -60.78 -29.44
C MET G 1050 -36.28 -59.43 -28.74
N SER G 1051 -36.22 -58.37 -29.54
CA SER G 1051 -36.41 -57.02 -29.02
C SER G 1051 -37.05 -56.14 -30.08
N PHE G 1052 -37.80 -55.14 -29.61
CA PHE G 1052 -38.49 -54.21 -30.47
C PHE G 1052 -38.14 -52.78 -30.08
N PRO G 1053 -37.69 -51.96 -31.01
CA PRO G 1053 -37.40 -50.56 -30.68
C PRO G 1053 -38.68 -49.72 -30.68
N GLN G 1054 -38.65 -48.64 -29.91
CA GLN G 1054 -39.72 -47.66 -29.88
C GLN G 1054 -39.11 -46.28 -29.68
N SER G 1055 -39.60 -45.31 -30.45
CA SER G 1055 -39.09 -43.96 -30.37
C SER G 1055 -39.49 -43.30 -29.05
N ALA G 1056 -38.59 -42.47 -28.54
CA ALA G 1056 -38.82 -41.68 -27.34
C ALA G 1056 -38.40 -40.26 -27.65
N PRO G 1057 -38.91 -39.28 -26.89
CA PRO G 1057 -38.63 -37.87 -27.24
C PRO G 1057 -37.16 -37.54 -27.35
N HIS G 1058 -36.31 -38.10 -26.48
CA HIS G 1058 -34.86 -37.90 -26.58
C HIS G 1058 -34.10 -39.18 -26.33
N GLY G 1059 -34.72 -40.32 -26.51
CA GLY G 1059 -34.08 -41.60 -26.25
C GLY G 1059 -34.74 -42.70 -27.05
N VAL G 1060 -34.51 -43.93 -26.61
CA VAL G 1060 -35.07 -45.10 -27.26
C VAL G 1060 -35.54 -46.07 -26.18
N VAL G 1061 -36.68 -46.71 -26.44
CA VAL G 1061 -37.24 -47.71 -25.52
C VAL G 1061 -37.15 -49.07 -26.21
N PHE G 1062 -36.53 -50.03 -25.52
CA PHE G 1062 -36.40 -51.38 -26.04
C PHE G 1062 -37.38 -52.28 -25.29
N LEU G 1063 -38.19 -53.00 -26.05
CA LEU G 1063 -39.08 -54.02 -25.50
C LEU G 1063 -38.40 -55.36 -25.73
N HIS G 1064 -37.83 -55.93 -24.66
CA HIS G 1064 -37.09 -57.18 -24.72
C HIS G 1064 -38.07 -58.32 -24.42
N VAL G 1065 -38.38 -59.11 -25.44
CA VAL G 1065 -39.16 -60.33 -25.25
C VAL G 1065 -38.22 -61.47 -24.91
N THR G 1066 -38.43 -62.08 -23.75
CA THR G 1066 -37.53 -63.08 -23.19
C THR G 1066 -38.32 -64.26 -22.67
N TYR G 1067 -37.63 -65.40 -22.59
CA TYR G 1067 -38.20 -66.67 -22.18
C TYR G 1067 -37.75 -66.95 -20.75
N VAL G 1068 -38.69 -67.03 -19.82
CA VAL G 1068 -38.39 -67.22 -18.41
C VAL G 1068 -38.95 -68.58 -17.99
N PRO G 1069 -38.13 -69.54 -17.60
CA PRO G 1069 -38.65 -70.83 -17.15
C PRO G 1069 -39.47 -70.69 -15.88
N ALA G 1070 -40.43 -71.60 -15.70
CA ALA G 1070 -41.32 -71.56 -14.56
C ALA G 1070 -41.93 -72.94 -14.33
N GLN G 1071 -42.51 -73.12 -13.15
CA GLN G 1071 -43.12 -74.37 -12.73
C GLN G 1071 -42.12 -75.52 -12.80
N GLU G 1072 -40.98 -75.31 -12.14
CA GLU G 1072 -39.93 -76.31 -12.13
C GLU G 1072 -40.28 -77.47 -11.20
N LYS G 1073 -39.72 -78.64 -11.48
CA LYS G 1073 -39.95 -79.80 -10.61
C LYS G 1073 -38.61 -80.42 -10.30
N ASN G 1074 -38.52 -81.19 -9.23
CA ASN G 1074 -37.24 -81.76 -8.83
C ASN G 1074 -37.18 -83.24 -9.15
N PHE G 1075 -36.09 -83.67 -9.77
CA PHE G 1075 -35.98 -85.05 -10.18
C PHE G 1075 -34.63 -85.60 -9.77
N THR G 1076 -34.48 -86.90 -9.68
CA THR G 1076 -33.19 -87.49 -9.40
C THR G 1076 -32.38 -87.32 -10.66
N THR G 1077 -31.06 -87.36 -10.57
CA THR G 1077 -30.22 -87.07 -11.73
C THR G 1077 -29.02 -88.00 -11.79
N ALA G 1078 -28.58 -88.30 -13.00
CA ALA G 1078 -27.37 -89.09 -13.15
C ALA G 1078 -26.42 -88.43 -14.16
N PRO G 1079 -25.12 -88.49 -13.90
CA PRO G 1079 -24.15 -87.97 -14.88
C PRO G 1079 -24.06 -88.85 -16.11
N ALA G 1080 -24.04 -90.16 -15.90
CA ALA G 1080 -23.96 -91.12 -16.99
C ALA G 1080 -24.73 -92.36 -16.59
N ILE G 1081 -24.85 -93.30 -17.53
CA ILE G 1081 -25.55 -94.55 -17.28
C ILE G 1081 -24.67 -95.72 -17.72
N CYS G 1082 -24.49 -96.69 -16.83
CA CYS G 1082 -23.70 -97.87 -17.12
C CYS G 1082 -24.62 -98.95 -17.72
N HIS G 1083 -24.41 -99.25 -19.00
CA HIS G 1083 -25.13 -100.31 -19.68
C HIS G 1083 -24.13 -101.17 -20.44
N ASP G 1084 -24.17 -102.48 -20.20
CA ASP G 1084 -23.24 -103.42 -20.81
C ASP G 1084 -21.79 -103.02 -20.54
N GLY G 1085 -21.56 -102.53 -19.33
CA GLY G 1085 -20.23 -102.10 -18.95
C GLY G 1085 -19.72 -100.89 -19.69
N LYS G 1086 -20.62 -100.11 -20.30
CA LYS G 1086 -20.24 -98.91 -21.03
C LYS G 1086 -20.98 -97.70 -20.46
N ALA G 1087 -20.29 -96.57 -20.43
CA ALA G 1087 -20.84 -95.34 -19.88
C ALA G 1087 -21.48 -94.53 -21.00
N HIS G 1088 -22.76 -94.23 -20.84
CA HIS G 1088 -23.52 -93.44 -21.80
C HIS G 1088 -23.79 -92.06 -21.23
N PHE G 1089 -23.58 -91.04 -22.06
CA PHE G 1089 -23.79 -89.64 -21.73
C PHE G 1089 -24.82 -89.04 -22.69
N PRO G 1090 -25.59 -88.06 -22.25
CA PRO G 1090 -26.60 -87.48 -23.14
C PRO G 1090 -25.96 -86.65 -24.24
N ARG G 1091 -26.55 -86.72 -25.44
CA ARG G 1091 -26.07 -85.90 -26.54
C ARG G 1091 -26.38 -84.43 -26.30
N GLU G 1092 -27.61 -84.11 -25.92
CA GLU G 1092 -28.02 -82.74 -25.72
C GLU G 1092 -28.94 -82.53 -24.53
N GLY G 1093 -29.12 -83.52 -23.67
CA GLY G 1093 -30.07 -83.43 -22.58
C GLY G 1093 -29.44 -83.78 -21.25
N VAL G 1094 -30.30 -84.21 -20.32
CA VAL G 1094 -29.93 -84.59 -18.97
C VAL G 1094 -30.60 -85.91 -18.65
N PHE G 1095 -29.93 -86.74 -17.85
CA PHE G 1095 -30.48 -88.01 -17.37
C PHE G 1095 -31.27 -87.77 -16.09
N VAL G 1096 -32.59 -87.68 -16.24
CA VAL G 1096 -33.48 -87.43 -15.11
C VAL G 1096 -34.21 -88.72 -14.76
N SER G 1097 -34.82 -88.71 -13.58
CA SER G 1097 -35.58 -89.85 -13.08
C SER G 1097 -36.69 -89.33 -12.17
N ASN G 1098 -37.89 -89.86 -12.40
CA ASN G 1098 -39.08 -89.55 -11.60
C ASN G 1098 -39.25 -90.50 -10.42
N GLY G 1099 -38.30 -91.40 -10.19
CA GLY G 1099 -38.34 -92.27 -9.03
C GLY G 1099 -38.15 -93.73 -9.37
N THR G 1100 -38.72 -94.18 -10.49
CA THR G 1100 -38.63 -95.58 -10.90
C THR G 1100 -38.21 -95.77 -12.35
N HIS G 1101 -38.08 -94.69 -13.12
CA HIS G 1101 -37.70 -94.78 -14.52
C HIS G 1101 -36.76 -93.63 -14.85
N TRP G 1102 -35.95 -93.85 -15.89
CA TRP G 1102 -34.95 -92.88 -16.31
C TRP G 1102 -35.28 -92.36 -17.71
N PHE G 1103 -35.10 -91.06 -17.91
CA PHE G 1103 -35.38 -90.42 -19.19
C PHE G 1103 -34.27 -89.43 -19.51
N VAL G 1104 -34.22 -89.03 -20.78
CA VAL G 1104 -33.35 -87.96 -21.25
C VAL G 1104 -34.23 -86.78 -21.62
N THR G 1105 -33.98 -85.62 -21.03
CA THR G 1105 -34.78 -84.46 -21.35
C THR G 1105 -33.90 -83.23 -21.59
N GLN G 1106 -34.37 -82.35 -22.46
CA GLN G 1106 -33.66 -81.11 -22.68
C GLN G 1106 -33.59 -80.28 -21.41
N ARG G 1107 -32.49 -79.55 -21.25
CA ARG G 1107 -32.17 -78.96 -19.96
C ARG G 1107 -33.16 -77.88 -19.55
N ASN G 1108 -33.66 -77.10 -20.50
CA ASN G 1108 -34.49 -75.95 -20.20
C ASN G 1108 -35.99 -76.22 -20.27
N PHE G 1109 -36.40 -77.47 -20.51
CA PHE G 1109 -37.81 -77.79 -20.58
C PHE G 1109 -37.98 -79.29 -20.35
N TYR G 1110 -38.98 -79.66 -19.55
CA TYR G 1110 -39.21 -81.06 -19.23
C TYR G 1110 -39.89 -81.74 -20.41
N GLU G 1111 -39.12 -82.48 -21.20
CA GLU G 1111 -39.63 -83.29 -22.30
C GLU G 1111 -39.00 -84.66 -22.19
N PRO G 1112 -39.44 -85.47 -21.24
CA PRO G 1112 -38.80 -86.78 -21.03
C PRO G 1112 -38.96 -87.69 -22.24
N GLN G 1113 -37.92 -88.44 -22.53
CA GLN G 1113 -37.92 -89.40 -23.63
C GLN G 1113 -37.17 -90.66 -23.21
N ILE G 1114 -37.55 -91.78 -23.81
CA ILE G 1114 -36.89 -93.05 -23.49
C ILE G 1114 -35.43 -92.99 -23.92
N ILE G 1115 -34.54 -93.42 -23.04
CA ILE G 1115 -33.11 -93.34 -23.29
C ILE G 1115 -32.74 -94.35 -24.37
N THR G 1116 -32.21 -93.85 -25.48
CA THR G 1116 -31.86 -94.70 -26.62
C THR G 1116 -30.43 -94.42 -27.03
N THR G 1117 -29.94 -95.23 -27.97
CA THR G 1117 -28.61 -95.02 -28.50
C THR G 1117 -28.55 -93.77 -29.38
N ASP G 1118 -29.70 -93.33 -29.90
CA ASP G 1118 -29.71 -92.16 -30.77
C ASP G 1118 -29.46 -90.87 -30.02
N ASN G 1119 -29.96 -90.76 -28.78
CA ASN G 1119 -29.81 -89.53 -28.00
C ASN G 1119 -28.71 -89.62 -26.95
N THR G 1120 -27.90 -90.68 -26.95
CA THR G 1120 -26.78 -90.83 -26.04
C THR G 1120 -25.56 -91.29 -26.81
N PHE G 1121 -24.39 -91.08 -26.22
CA PHE G 1121 -23.13 -91.53 -26.80
C PHE G 1121 -22.28 -92.22 -25.74
N VAL G 1122 -21.43 -93.13 -26.20
CA VAL G 1122 -20.66 -94.02 -25.34
C VAL G 1122 -19.24 -93.50 -25.27
N SER G 1123 -18.68 -93.46 -24.06
CA SER G 1123 -17.29 -93.07 -23.86
C SER G 1123 -16.70 -93.92 -22.74
N GLY G 1124 -16.06 -95.03 -23.09
CA GLY G 1124 -15.34 -95.84 -22.14
C GLY G 1124 -16.25 -96.68 -21.26
N ASN G 1125 -15.62 -97.34 -20.30
CA ASN G 1125 -16.33 -98.19 -19.34
C ASN G 1125 -16.91 -97.36 -18.20
N CYS G 1126 -17.77 -97.99 -17.42
CA CYS G 1126 -18.56 -97.30 -16.41
C CYS G 1126 -17.97 -97.39 -15.01
N ASP G 1127 -16.65 -97.47 -14.86
CA ASP G 1127 -16.06 -97.52 -13.53
C ASP G 1127 -15.29 -96.25 -13.20
N VAL G 1128 -15.15 -95.34 -14.16
CA VAL G 1128 -14.40 -94.11 -13.92
C VAL G 1128 -15.30 -93.00 -13.41
N VAL G 1129 -16.40 -92.75 -14.10
CA VAL G 1129 -17.26 -91.62 -13.76
C VAL G 1129 -17.92 -91.85 -12.40
N ILE G 1130 -17.98 -90.78 -11.60
CA ILE G 1130 -18.55 -90.84 -10.26
C ILE G 1130 -20.04 -90.59 -10.35
N GLY G 1131 -20.82 -91.39 -9.61
CA GLY G 1131 -22.25 -91.21 -9.55
C GLY G 1131 -23.03 -91.86 -10.67
N ILE G 1132 -22.39 -92.68 -11.49
CA ILE G 1132 -23.10 -93.34 -12.58
C ILE G 1132 -24.13 -94.32 -12.02
N VAL G 1133 -25.24 -94.47 -12.74
CA VAL G 1133 -26.32 -95.35 -12.33
C VAL G 1133 -26.52 -96.41 -13.41
N ASN G 1134 -27.45 -97.32 -13.14
CA ASN G 1134 -27.79 -98.39 -14.08
C ASN G 1134 -29.17 -98.18 -14.68
N ASN G 1135 -29.28 -98.46 -15.97
CA ASN G 1135 -30.54 -98.46 -16.69
C ASN G 1135 -30.30 -99.22 -18.00
N THR G 1136 -31.31 -99.25 -18.87
CA THR G 1136 -31.19 -99.89 -20.16
C THR G 1136 -31.26 -98.83 -21.26
N VAL G 1137 -30.25 -98.83 -22.13
CA VAL G 1137 -30.20 -97.93 -23.27
C VAL G 1137 -30.83 -98.68 -24.43
N TYR G 1138 -32.09 -98.37 -24.72
CA TYR G 1138 -32.84 -99.11 -25.74
C TYR G 1138 -32.24 -98.85 -27.12
N ASP G 1139 -31.86 -99.93 -27.80
CA ASP G 1139 -31.27 -99.83 -29.12
C ASP G 1139 -32.36 -99.97 -30.16
N PRO G 1140 -32.65 -98.94 -30.97
CA PRO G 1140 -33.77 -99.04 -31.92
C PRO G 1140 -33.59 -100.13 -32.96
N LEU G 1141 -32.36 -100.45 -33.35
CA LEU G 1141 -32.15 -101.40 -34.44
C LEU G 1141 -32.60 -102.81 -34.06
N GLN G 1142 -32.36 -103.21 -32.82
CA GLN G 1142 -32.59 -104.61 -32.44
C GLN G 1142 -34.04 -105.06 -32.59
N PRO G 1143 -35.05 -104.33 -32.12
CA PRO G 1143 -36.43 -104.81 -32.31
C PRO G 1143 -36.81 -105.01 -33.76
N GLU G 1144 -36.37 -104.12 -34.65
CA GLU G 1144 -36.68 -104.29 -36.07
C GLU G 1144 -35.98 -105.52 -36.64
N LEU G 1145 -34.88 -105.93 -36.02
CA LEU G 1145 -34.13 -107.10 -36.47
C LEU G 1145 -34.61 -108.36 -35.77
N ILE H 22 28.83 47.40 51.56
CA ILE H 22 27.47 47.21 52.06
C ILE H 22 27.48 47.39 53.57
N VAL H 23 26.49 48.15 54.07
CA VAL H 23 26.34 48.39 55.50
C VAL H 23 25.12 47.60 55.96
N LEU H 24 25.30 46.78 57.00
CA LEU H 24 24.25 45.91 57.49
C LEU H 24 23.62 46.54 58.72
N THR H 25 22.32 46.78 58.68
CA THR H 25 21.57 47.34 59.79
C THR H 25 20.83 46.20 60.48
N GLN H 26 20.96 46.12 61.80
CA GLN H 26 20.41 45.03 62.59
C GLN H 26 19.29 45.55 63.47
N SER H 27 18.06 45.46 62.98
CA SER H 27 16.89 45.86 63.76
C SER H 27 16.63 44.80 64.83
N PRO H 28 15.75 45.09 65.78
CA PRO H 28 16.19 45.32 67.16
C PRO H 28 17.44 44.54 67.56
N ALA H 29 18.41 45.31 68.06
CA ALA H 29 19.71 44.76 68.43
C ALA H 29 19.83 44.53 69.93
N SER H 30 18.73 44.66 70.66
CA SER H 30 18.72 44.34 72.08
C SER H 30 17.29 44.01 72.48
N LEU H 31 17.03 42.73 72.74
CA LEU H 31 15.69 42.25 73.06
C LEU H 31 15.73 41.32 74.26
N ALA H 32 14.61 41.27 74.97
CA ALA H 32 14.42 40.37 76.10
C ALA H 32 13.17 39.55 75.87
N VAL H 33 13.29 38.23 75.98
CA VAL H 33 12.17 37.32 75.78
C VAL H 33 12.20 36.25 76.86
N SER H 34 11.03 35.90 77.37
CA SER H 34 10.92 34.81 78.32
C SER H 34 11.06 33.47 77.60
N LEU H 35 11.26 32.42 78.40
CA LEU H 35 11.40 31.08 77.85
C LEU H 35 10.15 30.68 77.07
N GLY H 36 10.37 30.04 75.92
CA GLY H 36 9.26 29.60 75.10
C GLY H 36 8.59 30.69 74.29
N GLN H 37 9.28 31.80 74.02
CA GLN H 37 8.71 32.91 73.27
C GLN H 37 9.43 33.10 71.94
N ARG H 38 8.68 33.56 70.95
CA ARG H 38 9.25 33.79 69.62
C ARG H 38 10.08 35.07 69.62
N ALA H 39 11.32 34.95 69.18
CA ALA H 39 12.25 36.07 69.11
C ALA H 39 12.72 36.25 67.67
N THR H 40 12.64 37.47 67.17
CA THR H 40 13.01 37.78 65.79
C THR H 40 14.06 38.87 65.79
N ILE H 41 15.16 38.64 65.06
CA ILE H 41 16.22 39.61 64.90
C ILE H 41 16.38 39.87 63.40
N SER H 42 16.25 41.13 62.98
CA SER H 42 16.12 41.37 61.55
C SER H 42 17.35 42.08 61.03
N CYS H 43 17.80 41.70 59.84
CA CYS H 43 18.96 42.31 59.20
C CYS H 43 18.60 42.82 57.82
N ARG H 44 19.09 44.02 57.51
CA ARG H 44 18.85 44.68 56.23
C ARG H 44 20.19 45.10 55.64
N ALA H 45 20.30 44.96 54.32
CA ALA H 45 21.56 45.19 53.62
C ALA H 45 21.44 46.39 52.70
N SER H 46 22.58 47.08 52.52
CA SER H 46 22.61 48.22 51.60
C SER H 46 22.39 47.78 50.16
N GLU H 47 23.01 46.67 49.75
CA GLU H 47 22.88 46.16 48.40
C GLU H 47 22.38 44.72 48.48
N SER H 48 21.85 44.25 47.35
CA SER H 48 21.38 42.86 47.27
C SER H 48 22.56 41.90 47.49
N VAL H 49 22.34 40.92 48.37
CA VAL H 49 23.36 39.92 48.67
C VAL H 49 23.08 38.60 47.97
N ASP H 50 22.04 38.53 47.16
CA ASP H 50 21.71 37.33 46.41
C ASP H 50 22.62 37.25 45.18
N ASN H 51 23.28 36.11 45.02
CA ASN H 51 24.15 35.88 43.88
C ASN H 51 24.12 34.41 43.53
N TYR H 52 24.22 34.13 42.23
CA TYR H 52 24.21 32.77 41.71
C TYR H 52 22.95 32.01 42.10
N GLY H 53 21.87 32.76 42.36
CA GLY H 53 20.60 32.16 42.75
C GLY H 53 20.45 32.02 44.26
N ILE H 54 21.52 31.56 44.92
CA ILE H 54 21.49 31.33 46.36
C ILE H 54 21.72 32.64 47.10
N SER H 55 21.51 32.63 48.41
CA SER H 55 21.77 33.78 49.27
C SER H 55 23.06 33.55 50.03
N PHE H 56 23.83 34.62 50.23
CA PHE H 56 25.12 34.52 50.89
C PHE H 56 25.12 35.21 52.26
N MET H 57 24.04 35.06 53.02
CA MET H 57 23.92 35.75 54.29
C MET H 57 24.06 34.73 55.41
N ASN H 58 24.74 35.13 56.48
CA ASN H 58 25.17 34.24 57.53
C ASN H 58 24.73 34.78 58.88
N TRP H 59 24.37 33.89 59.79
CA TRP H 59 24.05 34.24 61.16
C TRP H 59 24.94 33.49 62.13
N PHE H 60 25.60 34.26 63.00
CA PHE H 60 26.58 33.79 63.95
C PHE H 60 26.08 33.97 65.38
N GLN H 61 26.46 33.03 66.25
CA GLN H 61 26.15 33.09 67.67
C GLN H 61 27.45 33.13 68.47
N GLN H 62 27.51 34.03 69.44
CA GLN H 62 28.67 34.16 70.32
C GLN H 62 28.20 34.21 71.75
N THR H 63 28.47 33.16 72.51
CA THR H 63 28.26 33.17 73.95
C THR H 63 29.43 33.86 74.64
N PRO H 64 29.21 34.45 75.81
CA PRO H 64 30.29 35.19 76.48
C PRO H 64 31.51 34.31 76.74
N GLY H 65 32.68 34.85 76.44
CA GLY H 65 33.92 34.12 76.65
C GLY H 65 34.20 33.03 75.63
N GLN H 66 33.44 32.98 74.55
CA GLN H 66 33.57 31.94 73.54
C GLN H 66 33.66 32.57 72.16
N PRO H 67 34.37 31.94 71.23
CA PRO H 67 34.41 32.45 69.86
C PRO H 67 33.06 32.33 69.20
N PRO H 68 32.75 33.20 68.24
CA PRO H 68 31.46 33.11 67.55
C PRO H 68 31.31 31.77 66.84
N LYS H 69 30.08 31.25 66.86
CA LYS H 69 29.76 29.98 66.25
C LYS H 69 28.72 30.19 65.15
N LEU H 70 28.92 29.50 64.04
CA LEU H 70 28.02 29.63 62.89
C LEU H 70 26.68 28.96 63.21
N LEU H 71 25.61 29.76 63.23
CA LEU H 71 24.27 29.22 63.34
C LEU H 71 23.68 28.87 61.98
N ILE H 72 23.60 29.85 61.08
CA ILE H 72 22.88 29.69 59.82
C ILE H 72 23.78 30.14 58.69
N TYR H 73 24.32 29.19 57.93
CA TYR H 73 25.03 29.52 56.71
C TYR H 73 24.06 29.52 55.55
N GLY H 74 24.15 30.54 54.71
CA GLY H 74 23.11 30.77 53.72
C GLY H 74 21.88 31.33 54.39
N SER H 75 20.85 31.59 53.57
CA SER H 75 19.64 32.21 54.09
C SER H 75 18.93 31.31 55.09
N SER H 76 18.89 30.00 54.83
CA SER H 76 18.09 29.08 55.64
C SER H 76 18.85 27.87 56.15
N ASN H 77 19.93 27.45 55.48
CA ASN H 77 20.62 26.22 55.88
C ASN H 77 21.23 26.38 57.26
N GLN H 78 21.16 25.31 58.05
CA GLN H 78 21.63 25.34 59.43
C GLN H 78 23.03 24.74 59.53
N GLY H 79 23.84 25.32 60.42
CA GLY H 79 25.19 24.84 60.62
C GLY H 79 25.25 23.56 61.44
N SER H 80 26.47 23.06 61.60
CA SER H 80 26.67 21.82 62.33
C SER H 80 26.36 22.01 63.81
N GLY H 81 25.66 21.04 64.38
CA GLY H 81 25.30 21.08 65.79
C GLY H 81 24.39 22.22 66.16
N VAL H 82 23.48 22.58 65.28
CA VAL H 82 22.55 23.70 65.49
C VAL H 82 21.16 23.12 65.72
N PRO H 83 20.54 23.34 66.87
CA PRO H 83 19.19 22.81 67.10
C PRO H 83 18.17 23.44 66.16
N ALA H 84 17.06 22.72 65.96
CA ALA H 84 16.06 23.13 64.99
C ALA H 84 15.33 24.40 65.40
N ARG H 85 15.51 24.84 66.65
CA ARG H 85 14.84 26.05 67.11
C ARG H 85 15.25 27.25 66.28
N PHE H 86 16.54 27.36 65.98
CA PHE H 86 17.04 28.46 65.17
C PHE H 86 16.55 28.32 63.73
N SER H 87 16.04 29.41 63.16
CA SER H 87 15.59 29.40 61.77
C SER H 87 15.96 30.72 61.13
N GLY H 88 16.31 30.66 59.85
CA GLY H 88 16.60 31.85 59.06
C GLY H 88 15.66 31.94 57.88
N SER H 89 15.25 33.17 57.57
CA SER H 89 14.33 33.40 56.46
C SER H 89 14.62 34.76 55.84
N GLY H 90 14.05 35.01 54.68
CA GLY H 90 14.17 36.30 54.06
C GLY H 90 14.62 36.20 52.61
N SER H 91 14.67 37.35 51.95
CA SER H 91 15.04 37.43 50.56
C SER H 91 15.57 38.82 50.25
N GLY H 92 16.27 38.92 49.12
CA GLY H 92 16.86 40.18 48.71
C GLY H 92 17.75 40.77 49.78
N THR H 93 17.29 41.85 50.40
CA THR H 93 18.03 42.51 51.46
C THR H 93 17.37 42.41 52.83
N ASP H 94 16.16 41.84 52.92
CA ASP H 94 15.43 41.74 54.17
C ASP H 94 15.48 40.31 54.68
N PHE H 95 16.10 40.12 55.85
CA PHE H 95 16.35 38.80 56.41
C PHE H 95 15.97 38.80 57.88
N SER H 96 15.64 37.62 58.40
CA SER H 96 15.21 37.49 59.79
C SER H 96 15.71 36.17 60.37
N LEU H 97 16.09 36.23 61.65
CA LEU H 97 16.42 35.06 62.45
C LEU H 97 15.36 34.89 63.51
N ASN H 98 14.81 33.68 63.61
CA ASN H 98 13.71 33.39 64.52
C ASN H 98 14.07 32.21 65.43
N ILE H 99 13.84 32.38 66.73
CA ILE H 99 14.05 31.34 67.72
C ILE H 99 12.75 31.26 68.53
N HIS H 100 11.85 30.37 68.14
CA HIS H 100 10.57 30.29 68.85
C HIS H 100 10.67 29.49 70.14
N PRO H 101 11.19 28.24 70.16
CA PRO H 101 11.35 27.54 71.45
C PRO H 101 12.59 28.00 72.18
N MET H 102 12.70 29.30 72.43
CA MET H 102 13.92 29.85 73.01
C MET H 102 14.09 29.34 74.43
N GLU H 103 15.32 28.96 74.78
CA GLU H 103 15.61 28.34 76.06
C GLU H 103 16.92 28.86 76.63
N GLU H 104 17.42 28.16 77.66
CA GLU H 104 18.35 28.74 78.62
C GLU H 104 19.59 29.33 77.96
N ASP H 105 20.45 28.48 77.37
CA ASP H 105 21.75 28.98 76.94
C ASP H 105 21.70 29.79 75.66
N ASP H 106 20.52 30.14 75.16
CA ASP H 106 20.40 31.02 74.01
C ASP H 106 20.79 32.45 74.31
N THR H 107 21.00 32.79 75.58
CA THR H 107 21.46 34.13 75.93
C THR H 107 22.87 34.33 75.37
N ALA H 108 22.97 35.12 74.31
CA ALA H 108 24.23 35.32 73.62
C ALA H 108 24.08 36.51 72.68
N MET H 109 25.15 36.81 71.97
CA MET H 109 25.17 37.91 71.02
C MET H 109 25.17 37.36 69.60
N TYR H 110 24.25 37.84 68.78
CA TYR H 110 23.97 37.29 67.46
C TYR H 110 24.38 38.30 66.40
N PHE H 111 24.97 37.80 65.32
CA PHE H 111 25.43 38.67 64.25
C PHE H 111 24.90 38.21 62.90
N CYS H 112 24.60 39.19 62.06
CA CYS H 112 24.22 38.99 60.67
C CYS H 112 25.32 39.53 59.77
N GLN H 113 25.80 38.67 58.87
CA GLN H 113 26.99 38.94 58.08
C GLN H 113 26.72 38.62 56.61
N GLN H 114 27.38 39.35 55.71
CA GLN H 114 27.20 39.18 54.28
C GLN H 114 28.48 38.60 53.68
N SER H 115 28.33 37.77 52.65
CA SER H 115 29.47 37.18 51.95
C SER H 115 29.43 37.43 50.45
N LYS H 116 28.58 38.35 49.97
CA LYS H 116 28.44 38.56 48.54
C LYS H 116 29.66 39.26 47.95
N GLU H 117 30.16 40.30 48.61
CA GLU H 117 31.26 41.09 48.11
C GLU H 117 32.53 40.79 48.92
N VAL H 118 33.67 41.19 48.37
CA VAL H 118 34.95 40.87 49.01
C VAL H 118 35.04 41.37 50.45
N PRO H 119 34.71 42.63 50.77
CA PRO H 119 34.73 43.06 52.17
C PRO H 119 33.57 42.45 52.93
N TYR H 120 33.85 41.42 53.72
CA TYR H 120 32.83 40.84 54.58
C TYR H 120 32.49 41.80 55.70
N THR H 121 31.21 42.04 55.91
CA THR H 121 30.74 42.98 56.91
C THR H 121 29.77 42.29 57.87
N PHE H 122 29.95 42.57 59.16
CA PHE H 122 29.10 42.04 60.20
C PHE H 122 28.10 43.09 60.65
N GLY H 123 26.93 42.62 61.10
CA GLY H 123 25.92 43.51 61.63
C GLY H 123 26.29 44.06 62.99
N GLY H 124 25.41 44.91 63.51
CA GLY H 124 25.65 45.52 64.80
C GLY H 124 25.74 44.51 65.93
N GLY H 125 24.93 43.46 65.86
CA GLY H 125 24.92 42.45 66.91
C GLY H 125 23.79 42.66 67.90
N THR H 126 23.18 41.56 68.34
CA THR H 126 22.06 41.62 69.26
C THR H 126 22.36 40.78 70.49
N LYS H 127 22.26 41.39 71.66
CA LYS H 127 22.37 40.65 72.92
C LYS H 127 20.99 40.16 73.30
N LEU H 128 20.73 38.87 73.11
CA LEU H 128 19.43 38.28 73.40
C LEU H 128 19.42 37.84 74.85
N GLU H 129 18.47 38.37 75.61
CA GLU H 129 18.47 38.23 77.06
C GLU H 129 17.12 37.71 77.51
N ILE H 130 17.13 37.01 78.65
CA ILE H 130 15.91 36.42 79.19
C ILE H 130 15.14 37.47 79.97
N LYS H 131 13.84 37.55 79.75
CA LYS H 131 12.99 38.54 80.39
C LYS H 131 12.46 38.03 81.73
N ARG H 132 12.24 38.97 82.65
CA ARG H 132 11.61 38.69 83.93
C ARG H 132 10.82 39.94 84.31
N THR H 133 9.87 39.79 85.23
CA THR H 133 9.04 40.92 85.62
C THR H 133 9.89 42.03 86.23
N VAL H 134 9.42 43.27 86.06
CA VAL H 134 10.18 44.43 86.54
C VAL H 134 10.29 44.37 88.04
N ALA H 135 11.50 44.63 88.55
CA ALA H 135 11.78 44.54 89.98
C ALA H 135 12.33 45.87 90.47
N ALA H 136 12.20 46.08 91.78
CA ALA H 136 12.71 47.30 92.41
C ALA H 136 14.19 47.14 92.74
N PRO H 137 15.04 48.06 92.33
CA PRO H 137 16.47 47.93 92.62
C PRO H 137 16.78 47.98 94.10
N SER H 138 17.81 47.22 94.50
CA SER H 138 18.34 47.26 95.85
C SER H 138 19.43 48.33 95.87
N VAL H 139 19.11 49.49 96.41
CA VAL H 139 20.04 50.62 96.38
C VAL H 139 20.75 50.75 97.71
N PHE H 140 22.07 50.89 97.67
CA PHE H 140 22.85 51.12 98.86
C PHE H 140 24.08 51.93 98.46
N ILE H 141 24.75 52.53 99.45
CA ILE H 141 25.84 53.47 99.20
C ILE H 141 27.07 53.04 99.98
N PHE H 142 28.24 53.33 99.42
CA PHE H 142 29.55 52.96 99.95
C PHE H 142 30.41 54.20 100.12
N PRO H 143 30.65 54.66 101.36
CA PRO H 143 31.59 55.77 101.56
C PRO H 143 33.01 55.31 101.32
N PRO H 144 33.91 56.22 100.94
CA PRO H 144 35.31 55.84 100.74
C PRO H 144 35.95 55.36 102.04
N SER H 145 36.85 54.38 101.92
CA SER H 145 37.51 53.83 103.09
C SER H 145 38.53 54.82 103.63
N ASP H 146 38.81 54.70 104.93
CA ASP H 146 39.74 55.63 105.58
C ASP H 146 41.15 55.45 105.04
N GLU H 147 41.57 54.20 104.80
CA GLU H 147 42.90 53.97 104.25
C GLU H 147 43.02 54.56 102.85
N GLN H 148 41.93 54.56 102.09
CA GLN H 148 41.92 55.27 100.82
C GLN H 148 42.07 56.77 101.02
N LEU H 149 41.37 57.31 102.02
CA LEU H 149 41.46 58.75 102.28
C LEU H 149 42.88 59.15 102.67
N LYS H 150 43.61 58.22 103.30
CA LYS H 150 45.02 58.47 103.61
C LYS H 150 45.85 58.66 102.36
N SER H 151 45.49 57.96 101.28
CA SER H 151 46.28 57.98 100.06
C SER H 151 45.90 59.16 99.15
N GLY H 152 45.07 60.07 99.66
CA GLY H 152 44.72 61.25 98.89
C GLY H 152 43.67 61.05 97.84
N THR H 153 42.90 59.97 97.90
CA THR H 153 41.84 59.71 96.94
C THR H 153 40.61 59.20 97.71
N ALA H 154 39.42 59.53 97.20
CA ALA H 154 38.18 59.11 97.82
C ALA H 154 37.19 58.68 96.73
N SER H 155 36.71 57.45 96.83
CA SER H 155 35.76 56.89 95.87
C SER H 155 34.48 56.50 96.60
N VAL H 156 33.37 57.11 96.20
CA VAL H 156 32.06 56.80 96.75
C VAL H 156 31.31 55.96 95.73
N VAL H 157 30.68 54.87 96.19
CA VAL H 157 30.10 53.88 95.29
C VAL H 157 28.60 53.83 95.51
N CYS H 158 27.85 53.66 94.43
CA CYS H 158 26.41 53.44 94.47
C CYS H 158 26.12 52.05 93.92
N LEU H 159 25.39 51.25 94.71
CA LEU H 159 25.14 49.85 94.44
C LEU H 159 23.67 49.64 94.15
N LEU H 160 23.38 49.06 92.98
CA LEU H 160 22.04 48.63 92.62
C LEU H 160 22.07 47.13 92.41
N ASN H 161 21.34 46.39 93.24
CA ASN H 161 21.38 44.94 93.24
C ASN H 161 20.02 44.37 92.84
N ASN H 162 20.05 43.44 91.89
CA ASN H 162 18.88 42.67 91.48
C ASN H 162 17.73 43.57 91.02
N PHE H 163 17.96 44.27 89.91
CA PHE H 163 16.94 45.12 89.30
C PHE H 163 16.81 44.77 87.82
N TYR H 164 15.60 44.91 87.29
CA TYR H 164 15.33 44.71 85.88
C TYR H 164 14.42 45.83 85.40
N PRO H 165 14.61 46.34 84.16
CA PRO H 165 15.65 46.01 83.18
C PRO H 165 16.98 46.72 83.44
N ARG H 166 17.84 46.73 82.42
CA ARG H 166 19.15 47.35 82.55
C ARG H 166 19.06 48.87 82.53
N GLU H 167 18.02 49.42 81.92
CA GLU H 167 17.89 50.87 81.82
C GLU H 167 17.66 51.48 83.20
N ALA H 168 18.59 52.35 83.61
CA ALA H 168 18.49 53.05 84.88
C ALA H 168 19.37 54.28 84.82
N LYS H 169 18.95 55.33 85.52
CA LYS H 169 19.67 56.60 85.55
C LYS H 169 20.24 56.80 86.94
N VAL H 170 21.56 56.96 87.03
CA VAL H 170 22.26 57.16 88.30
C VAL H 170 22.90 58.54 88.28
N GLN H 171 22.57 59.36 89.26
CA GLN H 171 23.09 60.71 89.37
C GLN H 171 23.72 60.92 90.74
N TRP H 172 24.92 61.49 90.76
CA TRP H 172 25.60 61.85 92.00
C TRP H 172 25.20 63.28 92.37
N LYS H 173 24.89 63.48 93.66
CA LYS H 173 24.47 64.78 94.16
C LYS H 173 25.38 65.12 95.35
N VAL H 174 26.33 66.02 95.12
CA VAL H 174 27.22 66.49 96.16
C VAL H 174 26.79 67.89 96.58
N ASP H 175 26.16 67.99 97.74
CA ASP H 175 25.59 69.24 98.22
C ASP H 175 24.61 69.84 97.21
N ASN H 176 23.68 68.99 96.74
CA ASN H 176 22.65 69.38 95.78
C ASN H 176 23.26 69.92 94.49
N ALA H 177 24.35 69.29 94.02
CA ALA H 177 25.00 69.67 92.78
C ALA H 177 25.21 68.42 91.92
N LEU H 178 24.95 68.55 90.62
CA LEU H 178 25.13 67.44 89.70
C LEU H 178 26.58 67.36 89.26
N GLN H 179 27.09 66.13 89.16
CA GLN H 179 28.46 65.90 88.70
C GLN H 179 28.45 65.00 87.46
N SER H 180 29.26 65.40 86.47
CA SER H 180 29.36 64.66 85.22
C SER H 180 30.82 64.63 84.78
N GLY H 181 31.18 63.59 84.02
CA GLY H 181 32.55 63.42 83.60
C GLY H 181 33.49 63.00 84.72
N ASN H 182 32.94 62.50 85.82
CA ASN H 182 33.74 62.12 86.98
C ASN H 182 33.35 60.76 87.53
N SER H 183 32.39 60.08 86.90
CA SER H 183 31.87 58.82 87.42
C SER H 183 32.11 57.71 86.40
N GLN H 184 32.44 56.53 86.91
CA GLN H 184 32.69 55.35 86.10
C GLN H 184 31.63 54.31 86.42
N GLU H 185 31.09 53.69 85.38
CA GLU H 185 29.95 52.79 85.51
C GLU H 185 30.31 51.35 85.12
N SER H 186 29.85 50.40 85.92
CA SER H 186 30.03 48.98 85.62
C SER H 186 28.71 48.26 85.82
N VAL H 187 28.40 47.31 84.93
CA VAL H 187 27.19 46.49 85.02
C VAL H 187 27.58 45.04 84.76
N THR H 188 27.13 44.14 85.63
CA THR H 188 27.39 42.72 85.43
C THR H 188 26.41 42.14 84.42
N GLU H 189 26.66 40.89 84.02
CA GLU H 189 25.76 40.18 83.13
C GLU H 189 24.53 39.70 83.88
N GLN H 190 23.50 39.34 83.13
CA GLN H 190 22.28 38.79 83.69
C GLN H 190 22.56 37.51 84.47
N ASP H 191 21.95 37.39 85.65
CA ASP H 191 22.09 36.16 86.42
C ASP H 191 21.35 35.02 85.74
N SER H 192 21.95 33.82 85.79
CA SER H 192 21.31 32.65 85.21
C SER H 192 20.03 32.30 85.95
N LYS H 193 20.02 32.47 87.27
CA LYS H 193 18.86 32.18 88.10
C LYS H 193 18.03 33.41 88.44
N ASP H 194 18.66 34.46 88.97
CA ASP H 194 17.91 35.66 89.33
C ASP H 194 17.38 36.40 88.11
N SER H 195 18.14 36.39 87.01
CA SER H 195 17.76 37.09 85.78
C SER H 195 17.57 38.58 86.00
N THR H 196 18.32 39.16 86.94
CA THR H 196 18.26 40.57 87.26
C THR H 196 19.66 41.17 87.19
N TYR H 197 19.75 42.43 86.79
CA TYR H 197 21.04 43.08 86.60
C TYR H 197 21.64 43.53 87.92
N SER H 198 22.95 43.78 87.91
CA SER H 198 23.64 44.40 89.02
C SER H 198 24.51 45.53 88.49
N LEU H 199 24.49 46.65 89.21
CA LEU H 199 24.98 47.93 88.71
C LEU H 199 25.80 48.62 89.79
N SER H 200 26.88 49.26 89.36
CA SER H 200 27.82 49.90 90.28
C SER H 200 28.31 51.21 89.66
N SER H 201 28.14 52.31 90.39
CA SER H 201 28.63 53.61 89.96
C SER H 201 29.68 54.10 90.93
N THR H 202 30.85 54.47 90.42
CA THR H 202 31.94 54.96 91.26
C THR H 202 32.23 56.41 90.94
N LEU H 203 32.19 57.26 91.96
CA LEU H 203 32.59 58.66 91.83
C LEU H 203 33.90 58.87 92.60
N THR H 204 34.93 59.31 91.90
CA THR H 204 36.27 59.44 92.45
C THR H 204 36.64 60.92 92.54
N LEU H 205 37.32 61.28 93.63
CA LEU H 205 37.73 62.66 93.87
C LEU H 205 39.06 62.66 94.61
N SER H 206 39.76 63.79 94.54
CA SER H 206 40.90 64.01 95.42
C SER H 206 40.40 64.24 96.84
N LYS H 207 41.29 63.99 97.80
CA LYS H 207 40.91 64.11 99.21
C LYS H 207 40.48 65.54 99.55
N ALA H 208 41.21 66.54 99.06
CA ALA H 208 40.92 67.93 99.41
C ALA H 208 39.54 68.35 98.92
N ASP H 209 39.18 67.96 97.70
CA ASP H 209 37.84 68.25 97.20
C ASP H 209 36.77 67.38 97.87
N TYR H 210 37.12 66.15 98.23
CA TYR H 210 36.15 65.26 98.87
C TYR H 210 35.72 65.80 100.24
N GLU H 211 36.68 66.26 101.04
CA GLU H 211 36.30 66.76 102.36
C GLU H 211 35.63 68.13 102.28
N LYS H 212 35.66 68.79 101.13
CA LYS H 212 35.11 70.13 100.99
C LYS H 212 33.58 70.15 101.04
N HIS H 213 32.92 69.00 101.02
CA HIS H 213 31.48 68.92 101.04
C HIS H 213 31.04 67.85 102.03
N LYS H 214 29.79 67.97 102.49
CA LYS H 214 29.26 67.14 103.56
C LYS H 214 28.30 66.06 103.08
N VAL H 215 27.26 66.44 102.35
CA VAL H 215 26.19 65.52 101.99
C VAL H 215 26.46 64.95 100.60
N TYR H 216 26.63 63.64 100.54
CA TYR H 216 26.87 62.94 99.27
C TYR H 216 25.73 61.95 99.05
N ALA H 217 25.08 62.05 97.88
CA ALA H 217 23.88 61.27 97.61
C ALA H 217 23.96 60.62 96.24
N CYS H 218 23.31 59.47 96.12
CA CYS H 218 23.11 58.78 94.85
C CYS H 218 21.62 58.70 94.58
N GLU H 219 21.19 59.17 93.42
CA GLU H 219 19.79 59.17 93.02
C GLU H 219 19.62 58.22 91.84
N VAL H 220 18.65 57.32 91.94
CA VAL H 220 18.42 56.27 90.94
C VAL H 220 17.01 56.44 90.39
N THR H 221 16.89 56.38 89.07
CA THR H 221 15.61 56.39 88.38
C THR H 221 15.48 55.11 87.56
N HIS H 222 14.34 54.43 87.71
CA HIS H 222 14.15 53.14 87.08
C HIS H 222 12.65 52.87 86.93
N GLN H 223 12.35 51.90 86.06
CA GLN H 223 10.95 51.52 85.81
C GLN H 223 10.29 50.97 87.07
N GLY H 224 11.02 50.17 87.85
CA GLY H 224 10.47 49.61 89.07
C GLY H 224 10.30 50.60 90.20
N LEU H 225 10.69 51.85 89.99
CA LEU H 225 10.51 52.91 90.99
C LEU H 225 9.51 53.93 90.46
N SER H 226 8.49 54.24 91.26
CA SER H 226 7.53 55.27 90.88
C SER H 226 8.18 56.64 90.83
N SER H 227 9.12 56.92 91.72
CA SER H 227 9.84 58.18 91.76
C SER H 227 11.31 57.87 91.98
N PRO H 228 12.21 58.78 91.61
CA PRO H 228 13.64 58.54 91.87
C PRO H 228 13.90 58.36 93.35
N VAL H 229 14.79 57.42 93.67
CA VAL H 229 15.14 57.08 95.03
C VAL H 229 16.54 57.60 95.32
N THR H 230 16.68 58.38 96.39
CA THR H 230 17.95 59.00 96.74
C THR H 230 18.44 58.46 98.08
N LYS H 231 19.69 58.02 98.11
CA LYS H 231 20.35 57.59 99.33
C LYS H 231 21.55 58.49 99.58
N SER H 232 21.57 59.13 100.75
CA SER H 232 22.57 60.15 101.05
C SER H 232 23.26 59.81 102.37
N PHE H 233 24.48 60.34 102.52
CA PHE H 233 25.23 60.19 103.76
C PHE H 233 26.06 61.43 104.00
N ASN H 234 26.40 61.65 105.27
CA ASN H 234 27.27 62.74 105.68
C ASN H 234 28.66 62.19 106.00
N ARG H 235 29.69 62.87 105.50
CA ARG H 235 31.07 62.47 105.75
C ARG H 235 31.41 62.59 107.22
N GLY H 236 31.73 61.46 107.85
CA GLY H 236 32.07 61.43 109.26
C GLY H 236 30.87 61.25 110.16
N VAL I 21 38.16 19.91 63.37
CA VAL I 21 38.63 21.21 62.93
C VAL I 21 38.98 22.07 64.14
N GLN I 22 40.21 21.94 64.63
CA GLN I 22 40.67 22.66 65.81
C GLN I 22 41.65 23.75 65.41
N LEU I 23 41.42 24.96 65.89
CA LEU I 23 42.28 26.09 65.63
C LEU I 23 42.81 26.60 66.97
N GLN I 24 44.14 26.73 67.06
CA GLN I 24 44.80 27.13 68.31
C GLN I 24 45.56 28.44 68.09
N GLN I 25 45.52 29.31 69.08
CA GLN I 25 46.16 30.62 68.98
C GLN I 25 47.07 30.87 70.17
N SER I 26 47.81 31.97 70.08
CA SER I 26 48.57 32.48 71.21
C SER I 26 47.64 33.20 72.17
N ALA I 27 48.21 33.73 73.26
CA ALA I 27 47.41 34.33 74.33
C ALA I 27 48.05 35.60 74.85
N ALA I 28 47.22 36.60 75.14
CA ALA I 28 47.58 37.77 75.92
C ALA I 28 48.82 38.49 75.42
N GLU I 29 48.75 39.06 74.22
CA GLU I 29 49.83 39.88 73.70
C GLU I 29 49.68 41.30 74.23
N LEU I 30 50.73 41.77 74.90
CA LEU I 30 50.78 43.12 75.46
C LEU I 30 51.91 43.88 74.78
N ALA I 31 51.63 45.10 74.34
CA ALA I 31 52.65 45.89 73.65
C ALA I 31 52.45 47.37 73.92
N ARG I 32 53.55 48.10 73.91
CA ARG I 32 53.51 49.55 73.95
C ARG I 32 53.21 50.09 72.56
N PRO I 33 52.51 51.22 72.47
CA PRO I 33 52.25 51.81 71.14
C PRO I 33 53.54 52.04 70.36
N GLY I 34 53.48 51.70 69.07
CA GLY I 34 54.60 51.83 68.17
C GLY I 34 55.33 50.54 67.87
N ALA I 35 55.03 49.46 68.59
CA ALA I 35 55.72 48.20 68.42
C ALA I 35 55.09 47.39 67.28
N SER I 36 55.45 46.12 67.22
CA SER I 36 54.90 45.16 66.28
C SER I 36 54.59 43.86 67.00
N VAL I 37 53.56 43.15 66.55
CA VAL I 37 53.08 41.93 67.20
C VAL I 37 52.81 40.87 66.14
N LYS I 38 53.22 39.63 66.42
CA LYS I 38 53.03 38.49 65.53
C LYS I 38 52.06 37.51 66.19
N MET I 39 51.00 37.15 65.48
CA MET I 39 50.01 36.18 65.90
C MET I 39 50.18 34.89 65.12
N SER I 40 50.13 33.77 65.84
CA SER I 40 50.24 32.45 65.23
C SER I 40 48.97 31.66 65.51
N CYS I 41 48.44 31.06 64.44
CA CYS I 41 47.24 30.23 64.50
C CYS I 41 47.57 28.88 63.90
N LYS I 42 47.69 27.87 64.75
CA LYS I 42 47.87 26.50 64.31
C LYS I 42 46.52 25.88 63.94
N ALA I 43 46.55 24.98 62.96
CA ALA I 43 45.35 24.32 62.46
C ALA I 43 45.52 22.81 62.52
N SER I 44 44.43 22.12 62.87
CA SER I 44 44.43 20.67 62.91
C SER I 44 43.04 20.17 62.54
N GLY I 45 42.97 18.91 62.13
CA GLY I 45 41.73 18.30 61.70
C GLY I 45 41.40 18.49 60.24
N TYR I 46 42.25 19.17 59.47
CA TYR I 46 42.04 19.32 58.04
C TYR I 46 43.39 19.58 57.38
N THR I 47 43.40 19.44 56.06
CA THR I 47 44.66 19.43 55.32
C THR I 47 45.37 20.78 55.39
N PHE I 48 44.63 21.84 55.70
CA PHE I 48 45.15 23.20 55.90
C PHE I 48 45.56 23.83 54.56
N THR I 49 45.52 23.07 53.48
CA THR I 49 45.89 23.59 52.17
C THR I 49 44.69 23.82 51.27
N SER I 50 43.50 23.36 51.65
CA SER I 50 42.32 23.47 50.81
C SER I 50 41.38 24.61 51.23
N TYR I 51 41.63 25.27 52.35
CA TYR I 51 40.74 26.28 52.88
C TYR I 51 41.52 27.53 53.26
N THR I 52 41.07 28.68 52.78
CA THR I 52 41.72 29.94 53.12
C THR I 52 41.45 30.30 54.57
N MET I 53 42.32 31.14 55.12
CA MET I 53 42.26 31.53 56.52
C MET I 53 41.89 33.00 56.63
N HIS I 54 40.91 33.32 57.47
CA HIS I 54 40.43 34.67 57.67
C HIS I 54 40.77 35.15 59.08
N TRP I 55 41.04 36.45 59.18
CA TRP I 55 41.35 37.09 60.46
C TRP I 55 40.29 38.14 60.75
N VAL I 56 39.75 38.11 61.96
CA VAL I 56 38.63 38.98 62.32
C VAL I 56 38.97 39.74 63.59
N LYS I 57 38.73 41.05 63.57
CA LYS I 57 38.96 41.92 64.71
C LYS I 57 37.66 42.20 65.43
N GLN I 58 37.70 42.19 66.77
CA GLN I 58 36.54 42.52 67.59
C GLN I 58 37.02 43.31 68.79
N ARG I 59 36.65 44.58 68.86
CA ARG I 59 36.89 45.33 70.08
C ARG I 59 35.99 44.76 71.19
N PRO I 60 36.50 44.69 72.42
CA PRO I 60 35.71 44.07 73.50
C PRO I 60 34.35 44.74 73.71
N GLY I 61 33.31 43.92 73.79
CA GLY I 61 31.96 44.45 73.92
C GLY I 61 31.50 45.24 72.73
N GLN I 62 32.12 45.03 71.57
CA GLN I 62 31.78 45.78 70.36
C GLN I 62 31.48 44.84 69.21
N GLY I 63 31.28 45.40 68.02
CA GLY I 63 31.01 44.59 66.85
C GLY I 63 32.27 43.95 66.28
N LEU I 64 32.08 43.20 65.20
CA LEU I 64 33.17 42.53 64.51
C LEU I 64 33.42 43.16 63.15
N GLU I 65 34.68 43.22 62.76
CA GLU I 65 35.08 43.73 61.45
C GLU I 65 36.06 42.75 60.83
N TRP I 66 35.84 42.41 59.56
CA TRP I 66 36.73 41.49 58.88
C TRP I 66 38.00 42.20 58.43
N ILE I 67 39.14 41.60 58.76
CA ILE I 67 40.44 42.17 58.44
C ILE I 67 40.92 41.75 57.06
N GLY I 68 41.12 40.45 56.87
CA GLY I 68 41.62 39.96 55.60
C GLY I 68 41.78 38.46 55.63
N TYR I 69 42.02 37.91 54.44
CA TYR I 69 42.17 36.47 54.29
C TYR I 69 43.43 36.17 53.49
N ILE I 70 43.92 34.94 53.69
CA ILE I 70 45.13 34.45 53.05
C ILE I 70 44.86 33.06 52.50
N ASN I 71 45.45 32.77 51.34
CA ASN I 71 45.34 31.45 50.73
C ASN I 71 46.56 30.62 51.12
N PRO I 72 46.39 29.39 51.62
CA PRO I 72 47.55 28.63 52.09
C PRO I 72 48.52 28.23 51.00
N THR I 73 48.03 27.59 49.92
CA THR I 73 48.93 27.08 48.89
C THR I 73 49.69 28.21 48.21
N SER I 74 48.97 29.22 47.73
CA SER I 74 49.59 30.39 47.11
C SER I 74 49.34 31.57 48.03
N GLY I 75 50.41 32.27 48.40
CA GLY I 75 50.30 33.34 49.37
C GLY I 75 49.55 34.55 48.84
N TYR I 76 48.31 34.33 48.41
CA TYR I 76 47.47 35.40 47.92
C TYR I 76 46.71 36.01 49.09
N THR I 77 47.05 37.25 49.43
CA THR I 77 46.48 37.94 50.59
C THR I 77 45.55 39.05 50.14
N GLU I 78 44.39 39.13 50.78
CA GLU I 78 43.47 40.23 50.57
C GLU I 78 43.16 40.89 51.91
N TYR I 79 43.12 42.21 51.92
CA TYR I 79 42.96 43.01 53.12
C TYR I 79 41.79 43.97 52.98
N ASN I 80 41.18 44.30 54.09
CA ASN I 80 40.23 45.39 54.12
C ASN I 80 40.95 46.69 53.80
N GLN I 81 40.21 47.63 53.20
CA GLN I 81 40.81 48.91 52.83
C GLN I 81 41.35 49.65 54.04
N ASN I 82 40.70 49.48 55.19
CA ASN I 82 41.13 50.20 56.40
C ASN I 82 42.41 49.59 56.97
N PHE I 83 42.53 48.27 56.94
CA PHE I 83 43.65 47.58 57.57
C PHE I 83 44.75 47.18 56.60
N LYS I 84 44.73 47.70 55.37
CA LYS I 84 45.71 47.29 54.37
C LYS I 84 47.12 47.69 54.80
N ASP I 85 47.28 48.89 55.36
CA ASP I 85 48.61 49.41 55.67
C ASP I 85 49.22 48.74 56.89
N LYS I 86 48.42 48.50 57.93
CA LYS I 86 48.95 48.08 59.22
C LYS I 86 48.92 46.57 59.44
N THR I 87 48.48 45.79 58.45
CA THR I 87 48.35 44.34 58.63
C THR I 87 49.13 43.62 57.54
N THR I 88 49.80 42.54 57.94
CA THR I 88 50.48 41.66 57.00
C THR I 88 50.10 40.22 57.33
N LEU I 89 49.87 39.41 56.30
CA LEU I 89 49.47 38.02 56.50
C LEU I 89 50.47 37.08 55.85
N THR I 90 50.87 36.04 56.58
CA THR I 90 51.76 35.02 56.06
C THR I 90 51.19 33.65 56.41
N ALA I 91 51.55 32.65 55.60
CA ALA I 91 51.07 31.29 55.82
C ALA I 91 52.24 30.32 55.71
N ASP I 92 52.33 29.41 56.67
CA ASP I 92 53.39 28.41 56.73
C ASP I 92 52.72 27.03 56.61
N LYS I 93 52.74 26.48 55.39
CA LYS I 93 52.18 25.16 55.17
C LYS I 93 53.05 24.07 55.79
N SER I 94 54.34 24.34 55.95
CA SER I 94 55.24 23.35 56.54
C SER I 94 54.84 23.03 57.97
N SER I 95 54.53 24.05 58.76
CA SER I 95 54.06 23.86 60.13
C SER I 95 52.55 24.01 60.24
N SER I 96 51.86 24.23 59.13
CA SER I 96 50.40 24.29 59.09
C SER I 96 49.86 25.36 60.04
N THR I 97 50.22 26.60 59.76
CA THR I 97 49.81 27.72 60.60
C THR I 97 49.77 29.02 59.81
N ALA I 98 49.12 30.02 60.40
CA ALA I 98 49.02 31.35 59.81
C ALA I 98 49.53 32.40 60.77
N TYR I 99 50.18 33.43 60.25
CA TYR I 99 50.73 34.50 61.06
C TYR I 99 50.17 35.84 60.61
N MET I 100 49.82 36.65 61.59
CA MET I 100 49.42 38.04 61.37
C MET I 100 50.46 38.96 61.98
N GLN I 101 50.90 39.94 61.20
CA GLN I 101 51.87 40.92 61.67
C GLN I 101 51.19 42.28 61.75
N LEU I 102 51.13 42.83 62.95
CA LEU I 102 50.60 44.17 63.17
C LEU I 102 51.76 45.11 63.51
N ASN I 103 51.84 46.23 62.79
CA ASN I 103 52.87 47.22 63.04
C ASN I 103 52.26 48.55 63.47
N SER I 104 53.02 49.27 64.28
CA SER I 104 52.61 50.56 64.84
C SER I 104 51.27 50.43 65.58
N LEU I 105 51.28 49.60 66.61
CA LEU I 105 50.08 49.41 67.42
C LEU I 105 49.69 50.71 68.11
N THR I 106 48.38 50.91 68.26
CA THR I 106 47.84 52.12 68.84
C THR I 106 46.69 51.72 69.77
N SER I 107 46.22 52.68 70.57
CA SER I 107 45.20 52.38 71.58
C SER I 107 43.94 51.79 70.97
N GLU I 108 43.60 52.17 69.73
CA GLU I 108 42.42 51.62 69.08
C GLU I 108 42.60 50.14 68.76
N ASP I 109 43.83 49.71 68.48
CA ASP I 109 44.05 48.35 68.02
C ASP I 109 43.89 47.31 69.13
N SER I 110 43.80 47.73 70.39
CA SER I 110 43.61 46.81 71.48
C SER I 110 42.27 46.09 71.36
N ALA I 111 42.29 44.79 71.08
CA ALA I 111 41.06 44.07 70.78
C ALA I 111 41.35 42.57 70.73
N VAL I 112 40.28 41.79 70.60
CA VAL I 112 40.39 40.34 70.47
C VAL I 112 40.36 39.98 68.99
N TYR I 113 41.35 39.22 68.56
CA TYR I 113 41.49 38.83 67.17
C TYR I 113 41.30 37.33 67.05
N TYR I 114 40.57 36.91 66.03
CA TYR I 114 40.23 35.52 65.79
C TYR I 114 40.76 35.06 64.44
N CYS I 115 41.18 33.80 64.40
CA CYS I 115 41.53 33.11 63.17
C CYS I 115 40.45 32.08 62.86
N ALA I 116 39.98 32.08 61.62
CA ALA I 116 38.88 31.23 61.21
C ALA I 116 39.19 30.56 59.87
N ARG I 117 38.59 29.40 59.69
CA ARG I 117 38.69 28.61 58.47
C ARG I 117 37.45 28.80 57.61
N GLU I 118 37.68 28.87 56.30
CA GLU I 118 36.61 28.96 55.32
C GLU I 118 35.79 27.68 55.33
N GLY I 119 34.47 27.81 55.21
CA GLY I 119 33.59 26.66 55.12
C GLY I 119 32.17 27.09 54.89
N HIS I 120 31.41 26.24 54.21
CA HIS I 120 29.99 26.46 53.95
C HIS I 120 29.74 27.81 53.29
N ARG I 121 30.64 28.18 52.37
CA ARG I 121 30.55 29.44 51.63
C ARG I 121 30.65 30.64 52.57
N VAL I 122 31.07 30.40 53.81
CA VAL I 122 31.33 31.47 54.77
C VAL I 122 32.81 31.82 54.72
N GLY I 123 33.12 33.11 54.83
CA GLY I 123 34.50 33.53 54.91
C GLY I 123 35.12 33.09 56.21
N PRO I 124 34.68 33.69 57.32
CA PRO I 124 35.10 33.20 58.64
C PRO I 124 34.14 32.16 59.20
N ALA I 125 34.24 30.92 58.72
CA ALA I 125 33.26 29.91 59.13
C ALA I 125 33.60 29.32 60.49
N TYR I 126 34.74 28.65 60.61
CA TYR I 126 35.10 27.94 61.84
C TYR I 126 36.14 28.75 62.61
N TRP I 127 35.77 29.24 63.79
CA TRP I 127 36.59 30.15 64.55
C TRP I 127 37.41 29.41 65.59
N GLY I 128 38.59 29.94 65.90
CA GLY I 128 39.47 29.35 66.90
C GLY I 128 39.72 30.30 68.07
N GLN I 129 39.38 29.82 69.26
CA GLN I 129 39.46 30.54 70.54
C GLN I 129 39.49 32.07 70.40
N GLY I 130 40.67 32.68 70.51
CA GLY I 130 40.80 34.12 70.37
C GLY I 130 42.00 34.66 71.13
N THR I 131 42.71 35.62 70.55
CA THR I 131 43.89 36.19 71.17
C THR I 131 43.69 37.68 71.42
N LEU I 132 44.07 38.14 72.61
CA LEU I 132 43.82 39.52 73.03
C LEU I 132 45.09 40.34 72.84
N VAL I 133 44.94 41.54 72.27
CA VAL I 133 46.03 42.49 72.13
C VAL I 133 45.72 43.72 72.97
N THR I 134 46.62 44.03 73.89
CA THR I 134 46.53 45.20 74.76
C THR I 134 47.65 46.17 74.39
N VAL I 135 47.28 47.30 73.82
CA VAL I 135 48.24 48.33 73.43
C VAL I 135 48.22 49.44 74.49
N SER I 136 49.32 49.56 75.22
CA SER I 136 49.41 50.56 76.28
C SER I 136 50.85 50.76 76.72
N ALA I 137 51.21 52.00 77.04
CA ALA I 137 52.56 52.32 77.50
C ALA I 137 52.76 52.06 78.98
N ALA I 138 51.71 51.70 79.71
CA ALA I 138 51.82 51.49 81.15
C ALA I 138 52.68 50.27 81.45
N SER I 139 52.94 50.06 82.74
CA SER I 139 53.77 48.96 83.21
C SER I 139 53.03 48.19 84.28
N THR I 140 53.59 47.04 84.66
CA THR I 140 52.98 46.19 85.67
C THR I 140 52.89 46.93 87.00
N LYS I 141 51.67 47.04 87.52
CA LYS I 141 51.42 47.72 88.79
C LYS I 141 50.54 46.83 89.65
N GLY I 142 50.81 46.83 90.96
CA GLY I 142 50.03 46.03 91.89
C GLY I 142 48.71 46.68 92.23
N PRO I 143 47.66 45.87 92.33
CA PRO I 143 46.35 46.40 92.72
C PRO I 143 46.35 46.82 94.19
N SER I 144 45.54 47.82 94.49
CA SER I 144 45.28 48.19 95.87
C SER I 144 43.81 47.99 96.17
N VAL I 145 43.52 47.24 97.24
CA VAL I 145 42.15 46.87 97.58
C VAL I 145 41.77 47.51 98.91
N PHE I 146 40.59 48.09 98.94
CA PHE I 146 40.10 48.93 100.02
C PHE I 146 38.80 48.37 100.55
N PRO I 147 38.61 48.28 101.88
CA PRO I 147 37.37 47.73 102.41
C PRO I 147 36.25 48.75 102.36
N LEU I 148 35.25 48.49 101.52
CA LEU I 148 34.05 49.31 101.44
C LEU I 148 33.11 48.78 102.53
N ALA I 149 33.18 49.42 103.69
CA ALA I 149 32.55 48.91 104.89
C ALA I 149 31.04 49.16 104.85
N PRO I 150 30.24 48.38 105.58
CA PRO I 150 28.81 48.67 105.67
C PRO I 150 28.58 50.01 106.38
N SER I 151 27.52 50.70 105.96
CA SER I 151 27.12 51.91 106.64
C SER I 151 26.59 51.58 108.03
N SER I 152 26.88 52.45 108.99
CA SER I 152 26.42 52.26 110.36
C SER I 152 24.91 52.40 110.46
N GLY I 158 17.34 43.85 108.36
CA GLY I 158 17.35 42.83 107.33
C GLY I 158 18.74 42.49 106.82
N THR I 159 19.04 42.91 105.60
CA THR I 159 20.33 42.67 104.98
C THR I 159 20.96 43.99 104.56
N ALA I 160 22.28 44.08 104.73
CA ALA I 160 23.07 45.23 104.28
C ALA I 160 24.10 44.78 103.27
N ALA I 161 24.78 45.76 102.67
CA ALA I 161 25.76 45.50 101.64
C ALA I 161 27.14 46.00 102.06
N LEU I 162 28.16 45.23 101.73
CA LEU I 162 29.55 45.60 101.97
C LEU I 162 30.35 45.17 100.75
N GLY I 163 31.66 45.39 100.79
CA GLY I 163 32.48 44.87 99.72
C GLY I 163 33.90 45.40 99.77
N CYS I 164 34.55 45.32 98.61
CA CYS I 164 35.91 45.79 98.44
C CYS I 164 36.04 46.49 97.09
N LEU I 165 36.92 47.49 97.06
CA LEU I 165 37.24 48.22 95.84
C LEU I 165 38.68 47.94 95.47
N VAL I 166 38.90 47.42 94.26
CA VAL I 166 40.24 47.16 93.76
C VAL I 166 40.55 48.21 92.69
N LYS I 167 41.62 48.96 92.91
CA LYS I 167 41.95 50.07 92.03
C LYS I 167 43.44 50.06 91.71
N ASP I 168 43.78 50.68 90.59
CA ASP I 168 45.16 50.93 90.19
C ASP I 168 45.96 49.63 90.03
N TYR I 169 45.53 48.81 89.07
CA TYR I 169 46.27 47.60 88.70
C TYR I 169 46.39 47.51 87.19
N PHE I 170 47.43 46.80 86.74
CA PHE I 170 47.67 46.55 85.33
C PHE I 170 48.40 45.24 85.15
N PRO I 171 47.93 44.37 84.24
CA PRO I 171 46.66 44.54 83.52
C PRO I 171 45.57 43.63 84.09
N GLU I 172 44.43 43.59 83.41
CA GLU I 172 43.39 42.64 83.78
C GLU I 172 43.87 41.21 83.49
N PRO I 173 43.31 40.19 84.15
CA PRO I 173 42.25 40.24 85.17
C PRO I 173 42.76 40.08 86.59
N VAL I 174 41.85 40.22 87.55
CA VAL I 174 42.14 40.02 88.96
C VAL I 174 41.13 39.02 89.51
N THR I 175 41.63 38.02 90.25
CA THR I 175 40.78 37.02 90.88
C THR I 175 40.34 37.55 92.23
N VAL I 176 39.02 37.70 92.41
CA VAL I 176 38.45 38.25 93.63
C VAL I 176 37.54 37.19 94.25
N SER I 177 37.74 36.90 95.53
CA SER I 177 36.92 35.94 96.24
C SER I 177 36.57 36.44 97.64
N TRP I 178 35.64 35.77 98.31
CA TRP I 178 35.25 36.13 99.67
C TRP I 178 35.35 34.91 100.56
N ASN I 179 36.04 35.06 101.69
CA ASN I 179 36.27 33.97 102.64
C ASN I 179 36.87 32.75 101.95
N SER I 180 37.82 33.01 101.04
CA SER I 180 38.49 31.96 100.27
C SER I 180 37.48 31.08 99.54
N GLY I 181 36.45 31.73 99.01
CA GLY I 181 35.40 31.03 98.28
C GLY I 181 34.29 30.46 99.13
N ALA I 182 34.35 30.62 100.46
CA ALA I 182 33.29 30.15 101.33
C ALA I 182 32.09 31.07 101.39
N LEU I 183 32.19 32.26 100.80
CA LEU I 183 31.08 33.21 100.72
C LEU I 183 30.79 33.44 99.24
N THR I 184 29.71 32.82 98.74
CA THR I 184 29.33 32.93 97.35
C THR I 184 27.96 33.58 97.15
N SER I 185 27.09 33.53 98.15
CA SER I 185 25.77 34.13 98.01
C SER I 185 25.86 35.65 97.99
N GLY I 186 25.17 36.26 97.04
CA GLY I 186 25.17 37.71 96.93
C GLY I 186 26.47 38.33 96.50
N VAL I 187 27.35 37.55 95.87
CA VAL I 187 28.64 38.04 95.42
C VAL I 187 28.50 38.59 94.01
N HIS I 188 28.77 39.88 93.84
CA HIS I 188 28.74 40.53 92.54
C HIS I 188 30.08 41.21 92.32
N THR I 189 30.88 40.68 91.39
CA THR I 189 32.17 41.25 91.03
C THR I 189 32.01 41.95 89.70
N PHE I 190 31.87 43.28 89.74
CA PHE I 190 31.54 44.03 88.53
C PHE I 190 32.74 44.07 87.60
N PRO I 191 32.52 44.01 86.28
CA PRO I 191 33.65 44.09 85.35
C PRO I 191 34.40 45.40 85.48
N ALA I 192 35.72 45.32 85.30
CA ALA I 192 36.57 46.49 85.51
C ALA I 192 36.37 47.51 84.39
N VAL I 193 36.67 48.76 84.69
CA VAL I 193 36.64 49.84 83.73
C VAL I 193 38.01 50.51 83.68
N LEU I 194 38.48 50.77 82.47
CA LEU I 194 39.78 51.39 82.26
C LEU I 194 39.67 52.88 82.52
N GLN I 195 40.68 53.45 83.17
CA GLN I 195 40.66 54.85 83.56
C GLN I 195 41.44 55.70 82.57
N SER I 196 41.36 57.02 82.76
CA SER I 196 42.15 57.95 81.96
C SER I 196 43.64 57.77 82.18
N SER I 197 44.04 57.34 83.38
CA SER I 197 45.44 57.09 83.68
C SER I 197 45.95 55.80 83.02
N GLY I 198 45.08 55.00 82.43
CA GLY I 198 45.46 53.72 81.87
C GLY I 198 45.42 52.57 82.84
N LEU I 199 44.91 52.78 84.05
CA LEU I 199 44.82 51.76 85.08
C LEU I 199 43.36 51.32 85.23
N TYR I 200 43.15 50.20 85.91
CA TYR I 200 41.84 49.55 85.96
C TYR I 200 41.24 49.68 87.36
N SER I 201 39.91 49.75 87.41
CA SER I 201 39.16 49.84 88.66
C SER I 201 37.99 48.88 88.62
N LEU I 202 37.76 48.16 89.72
CA LEU I 202 36.66 47.22 89.84
C LEU I 202 36.17 47.18 91.28
N SER I 203 34.97 46.63 91.47
CA SER I 203 34.38 46.52 92.79
C SER I 203 33.71 45.16 92.95
N SER I 204 33.90 44.55 94.11
CA SER I 204 33.26 43.28 94.45
C SER I 204 32.42 43.47 95.70
N VAL I 205 31.11 43.26 95.58
CA VAL I 205 30.18 43.54 96.65
C VAL I 205 29.48 42.26 97.08
N VAL I 206 29.06 42.25 98.35
CA VAL I 206 28.36 41.12 98.95
C VAL I 206 27.27 41.67 99.87
N THR I 207 26.09 41.05 99.80
CA THR I 207 25.00 41.36 100.72
C THR I 207 24.91 40.30 101.80
N VAL I 208 24.90 40.74 103.06
CA VAL I 208 24.82 39.81 104.19
C VAL I 208 23.81 40.35 105.21
N PRO I 209 23.20 39.48 106.03
CA PRO I 209 22.30 39.98 107.08
C PRO I 209 23.00 40.91 108.06
N SER I 210 22.27 41.89 108.59
CA SER I 210 22.85 42.83 109.53
C SER I 210 23.21 42.16 110.85
N SER I 211 22.72 40.93 111.08
CA SER I 211 23.07 40.22 112.31
C SER I 211 24.51 39.74 112.30
N SER I 212 25.04 39.38 111.12
CA SER I 212 26.40 38.88 111.04
C SER I 212 27.45 39.98 110.89
N LEU I 213 27.03 41.25 110.92
CA LEU I 213 28.00 42.35 110.83
C LEU I 213 28.94 42.35 112.02
N GLY I 214 28.40 42.13 113.23
CA GLY I 214 29.20 42.16 114.43
C GLY I 214 29.74 40.80 114.85
N THR I 215 29.29 39.73 114.18
CA THR I 215 29.68 38.39 114.58
C THR I 215 30.58 37.70 113.54
N GLN I 216 30.11 37.62 112.30
CA GLN I 216 30.84 36.91 111.26
C GLN I 216 31.95 37.77 110.68
N THR I 217 33.09 37.14 110.38
CA THR I 217 34.21 37.86 109.78
C THR I 217 34.21 37.66 108.27
N TYR I 218 34.35 38.76 107.54
CA TYR I 218 34.39 38.74 106.08
C TYR I 218 35.71 39.32 105.59
N ILE I 219 36.37 38.60 104.68
CA ILE I 219 37.63 39.02 104.09
C ILE I 219 37.53 38.88 102.58
N CYS I 220 37.95 39.91 101.87
CA CYS I 220 38.05 39.85 100.42
C CYS I 220 39.47 39.51 100.00
N ASN I 221 39.59 38.54 99.10
CA ASN I 221 40.88 38.06 98.60
C ASN I 221 41.05 38.56 97.17
N VAL I 222 42.19 39.22 96.92
CA VAL I 222 42.52 39.82 95.63
C VAL I 222 43.83 39.20 95.16
N ASN I 223 43.81 38.63 93.96
CA ASN I 223 44.99 38.01 93.35
C ASN I 223 45.23 38.62 91.99
N HIS I 224 46.43 39.15 91.78
CA HIS I 224 46.85 39.75 90.52
C HIS I 224 48.19 39.12 90.15
N LYS I 225 48.15 38.04 89.37
CA LYS I 225 49.33 37.27 88.99
C LYS I 225 50.38 38.10 88.23
N PRO I 226 49.98 38.96 87.28
CA PRO I 226 51.02 39.73 86.54
C PRO I 226 51.96 40.50 87.46
N SER I 227 51.46 41.06 88.55
CA SER I 227 52.31 41.66 89.56
C SER I 227 52.55 40.73 90.74
N ASN I 228 51.93 39.55 90.74
CA ASN I 228 52.01 38.59 91.84
C ASN I 228 51.65 39.25 93.17
N THR I 229 50.44 39.79 93.23
CA THR I 229 49.94 40.49 94.41
C THR I 229 48.77 39.69 94.98
N LYS I 230 48.94 39.18 96.19
CA LYS I 230 47.87 38.50 96.92
C LYS I 230 47.58 39.29 98.18
N VAL I 231 46.38 39.84 98.29
CA VAL I 231 45.98 40.67 99.41
C VAL I 231 44.70 40.09 100.01
N ASP I 232 44.65 40.02 101.33
CA ASP I 232 43.46 39.59 102.07
C ASP I 232 43.06 40.73 102.98
N LYS I 233 41.92 41.36 102.71
CA LYS I 233 41.49 42.53 103.47
C LYS I 233 40.22 42.20 104.25
N LYS I 234 40.27 42.44 105.56
CA LYS I 234 39.11 42.27 106.44
C LYS I 234 38.17 43.46 106.25
N VAL I 235 36.87 43.20 106.32
CA VAL I 235 35.87 44.28 106.29
C VAL I 235 35.07 44.24 107.58
N GLU I 236 34.98 45.40 108.24
CA GLU I 236 34.25 45.51 109.49
C GLU I 236 33.53 46.86 109.56
N PRO I 237 32.40 46.93 110.29
CA PRO I 237 31.64 48.19 110.40
C PRO I 237 32.29 49.18 111.35
C1 NAG J . 26.77 -0.38 -38.99
C2 NAG J . 27.06 -0.98 -40.36
C3 NAG J . 28.43 -1.66 -40.33
C4 NAG J . 29.49 -0.69 -39.83
C5 NAG J . 29.06 -0.01 -38.53
C6 NAG J . 29.99 1.11 -38.11
C7 NAG J . 25.51 -1.91 -42.01
C8 NAG J . 24.45 -2.94 -42.29
N2 NAG J . 26.02 -1.90 -40.78
O3 NAG J . 28.72 -2.25 -41.59
O4 NAG J . 30.70 -1.39 -39.54
O5 NAG J . 27.75 0.57 -38.66
O6 NAG J . 30.02 2.15 -39.08
O7 NAG J . 25.90 -1.12 -42.87
C1 NAG J . 29.72 -1.60 -42.41
C2 NAG J . 30.96 -2.49 -42.52
C3 NAG J . 31.49 -2.48 -43.94
C4 NAG J . 30.45 -3.07 -44.87
C5 NAG J . 29.14 -2.30 -44.75
C6 NAG J . 27.96 -3.17 -44.38
C7 NAG J . 32.84 -2.93 -41.00
C8 NAG J . 33.84 -2.34 -40.07
N2 NAG J . 31.99 -2.08 -41.58
O3 NAG J . 32.68 -3.24 -44.00
O4 NAG J . 30.90 -3.02 -46.22
O5 NAG J . 29.22 -1.25 -43.76
O6 NAG J . 28.25 -4.54 -44.55
O7 NAG J . 32.79 -4.14 -41.23
C1 NAG K . -7.89 -92.37 -54.15
C2 NAG K . -6.67 -91.72 -54.79
C3 NAG K . -6.96 -91.36 -56.24
C4 NAG K . -7.47 -92.58 -57.01
C5 NAG K . -8.66 -93.18 -56.26
C6 NAG K . -9.15 -94.47 -56.90
C7 NAG K . -5.04 -90.36 -53.54
C8 NAG K . -4.80 -89.08 -52.80
N2 NAG K . -6.27 -90.53 -54.04
O3 NAG K . -5.76 -90.86 -56.84
O4 NAG K . -7.87 -92.20 -58.32
O5 NAG K . -8.29 -93.50 -54.92
O6 NAG K . -9.30 -95.49 -55.92
O7 NAG K . -4.16 -91.20 -53.69
C1 NAG K . -6.85 -92.63 -59.24
C2 NAG K . -7.52 -93.16 -60.51
C3 NAG K . -6.45 -93.56 -61.53
C4 NAG K . -5.48 -92.41 -61.78
C5 NAG K . -4.92 -91.91 -60.46
C6 NAG K . -4.05 -90.67 -60.62
C7 NAG K . -9.71 -94.26 -60.47
C8 NAG K . -10.46 -95.51 -60.11
N2 NAG K . -8.39 -94.28 -60.22
O3 NAG K . -7.08 -93.93 -62.76
O4 NAG K . -4.41 -92.86 -62.60
O5 NAG K . -5.98 -91.54 -59.57
O6 NAG K . -4.82 -89.48 -60.49
O7 NAG K . -10.26 -93.29 -60.96
C1 NAG L . -1.98 -94.90 -34.72
C2 NAG L . -0.80 -95.84 -34.62
C3 NAG L . -1.24 -97.27 -34.90
C4 NAG L . -2.40 -97.66 -33.99
C5 NAG L . -3.52 -96.61 -34.07
C6 NAG L . -4.62 -96.86 -33.08
C7 NAG L . 1.34 -94.76 -35.14
C8 NAG L . 2.35 -94.44 -36.21
N2 NAG L . 0.27 -95.45 -35.53
O3 NAG L . -0.15 -98.16 -34.70
O4 NAG L . -2.92 -98.92 -34.40
O5 NAG L . -3.00 -95.31 -33.80
O6 NAG L . -4.34 -96.23 -31.83
O7 NAG L . 1.50 -94.40 -33.98
C1 NAG L . -2.73 -99.87 -33.34
C2 NAG L . -2.50 -101.25 -33.97
C3 NAG L . -2.27 -102.30 -32.89
C4 NAG L . -1.14 -101.86 -31.96
C5 NAG L . -1.41 -100.45 -31.42
C6 NAG L . -0.26 -99.91 -30.59
C7 NAG L . -4.87 -101.79 -34.45
C8 NAG L . -5.84 -102.19 -35.52
N2 NAG L . -3.60 -101.64 -34.85
O3 NAG L . -1.96 -103.55 -33.49
O4 NAG L . -1.03 -102.77 -30.87
O5 NAG L . -1.61 -99.54 -32.50
O6 NAG L . 0.42 -100.94 -29.90
O7 NAG L . -5.22 -101.61 -33.29
C1 NAG M . -10.85 -76.95 1.43
C2 NAG M . -11.09 -78.20 2.25
C3 NAG M . -11.13 -77.84 3.73
C4 NAG M . -9.86 -77.09 4.13
C5 NAG M . -9.61 -75.92 3.18
C6 NAG M . -8.27 -75.26 3.42
C7 NAG M . -12.41 -80.15 1.57
C8 NAG M . -13.77 -80.66 1.18
N2 NAG M . -12.34 -78.85 1.85
O3 NAG M . -11.25 -79.04 4.49
O4 NAG M . -10.02 -76.57 5.45
O5 NAG M . -9.61 -76.37 1.82
O6 NAG M . -7.27 -76.22 3.74
O7 NAG M . -11.44 -80.90 1.64
C1 NAG M . -9.24 -77.35 6.37
C2 NAG M . -8.94 -76.48 7.60
C3 NAG M . -8.17 -77.28 8.65
C4 NAG M . -8.92 -78.57 8.98
C5 NAG M . -9.19 -79.35 7.69
C6 NAG M . -10.02 -80.60 7.93
C7 NAG M . -7.00 -75.25 6.66
C8 NAG M . -6.44 -73.90 6.38
N2 NAG M . -8.22 -75.27 7.23
O3 NAG M . -8.03 -76.48 9.82
O4 NAG M . -8.13 -79.37 9.86
O5 NAG M . -9.93 -78.54 6.77
O6 NAG M . -9.91 -81.50 6.84
O7 NAG M . -6.39 -76.29 6.40
C1 NAG N . -2.43 -83.66 -17.89
C2 NAG N . -1.81 -85.03 -17.71
C3 NAG N . -1.81 -85.43 -16.24
C4 NAG N . -1.13 -84.36 -15.39
C5 NAG N . -1.78 -83.00 -15.66
C6 NAG N . -1.08 -81.86 -14.96
C7 NAG N . -1.99 -86.56 -19.62
C8 NAG N . -2.84 -87.57 -20.32
N2 NAG N . -2.50 -86.03 -18.51
O3 NAG N . -1.13 -86.67 -16.08
O4 NAG N . -1.25 -84.68 -14.02
O5 NAG N . -1.75 -82.70 -17.07
O6 NAG N . -1.92 -81.24 -13.99
O7 NAG N . -0.88 -86.23 -20.05
C1 NAG N . 0.06 -84.91 -13.46
C2 NAG N . -0.11 -85.58 -12.11
C3 NAG N . 1.26 -85.90 -11.50
C4 NAG N . 2.11 -86.69 -12.48
C5 NAG N . 2.18 -85.98 -13.82
C6 NAG N . 2.90 -86.78 -14.89
C7 NAG N . -2.21 -84.83 -11.10
C8 NAG N . -2.86 -83.90 -10.13
N2 NAG N . -0.88 -84.75 -11.20
O3 NAG N . 1.10 -86.62 -10.29
O4 NAG N . 3.42 -86.86 -11.97
O5 NAG N . 0.85 -85.74 -14.33
O6 NAG N . 2.62 -86.29 -16.19
O7 NAG N . -2.87 -85.62 -11.78
C1 NAG O . 0.23 -79.35 -49.45
C2 NAG O . -0.44 -80.20 -50.52
C3 NAG O . 0.61 -80.99 -51.31
C4 NAG O . 1.72 -80.08 -51.82
C5 NAG O . 2.27 -79.23 -50.68
C6 NAG O . 3.28 -78.20 -51.14
C7 NAG O . -2.66 -80.74 -49.63
C8 NAG O . -3.52 -81.81 -49.02
N2 NAG O . -1.41 -81.10 -49.93
O3 NAG O . -0.01 -81.66 -52.40
O4 NAG O . 2.76 -80.87 -52.38
O5 NAG O . 1.22 -78.51 -50.04
O6 NAG O . 2.65 -77.06 -51.69
O7 NAG O . -3.08 -79.61 -49.85
C1 NAG O . 3.00 -80.52 -53.75
C2 NAG O . 4.19 -81.33 -54.25
C3 NAG O . 4.48 -81.00 -55.71
C4 NAG O . 3.23 -81.22 -56.54
C5 NAG O . 2.05 -80.44 -55.97
C6 NAG O . 0.74 -80.72 -56.67
C7 NAG O . 5.74 -81.90 -52.43
C8 NAG O . 6.97 -81.49 -51.68
N2 NAG O . 5.36 -81.08 -53.41
O3 NAG O . 5.53 -81.84 -56.17
O4 NAG O . 3.46 -80.78 -57.88
O5 NAG O . 1.85 -80.79 -54.59
O6 NAG O . 0.38 -82.09 -56.55
O7 NAG O . 5.11 -82.92 -52.16
C1 NAG P . 23.82 -5.43 11.71
C2 NAG P . 23.56 -4.02 12.24
C3 NAG P . 22.39 -3.39 11.48
C4 NAG P . 22.64 -3.44 9.98
C5 NAG P . 22.97 -4.87 9.55
C6 NAG P . 23.37 -5.00 8.10
C7 NAG P . 24.22 -3.87 14.60
C8 NAG P . 23.76 -3.93 16.02
N2 NAG P . 23.28 -4.05 13.67
O3 NAG P . 22.22 -2.05 11.91
O4 NAG P . 21.45 -3.00 9.31
O5 NAG P . 24.08 -5.37 10.32
O6 NAG P . 24.72 -4.62 7.89
O7 NAG P . 25.40 -3.67 14.31
C1 NAG P . 21.60 -1.92 8.36
C2 NAG P . 22.50 -0.77 8.89
C3 NAG P . 22.70 0.29 7.81
C4 NAG P . 23.19 -0.33 6.52
C5 NAG P . 22.24 -1.44 6.08
C6 NAG P . 22.70 -2.17 4.83
C7 NAG P . 22.58 0.65 10.90
C8 NAG P . 21.81 1.16 12.08
N2 NAG P . 21.92 -0.17 10.08
O3 NAG P . 23.65 1.26 8.26
O4 NAG P . 23.25 0.65 5.49
O5 NAG P . 22.16 -2.42 7.12
O6 NAG P . 22.46 -1.40 3.66
O7 NAG P . 23.75 0.96 10.70
C1 NAG Q . 33.36 21.71 -31.27
C2 NAG Q . 34.23 20.50 -31.63
C3 NAG Q . 34.16 19.49 -30.49
C4 NAG Q . 34.57 20.15 -29.18
C5 NAG Q . 33.75 21.42 -28.93
C6 NAG Q . 34.22 22.20 -27.73
C7 NAG Q . 34.43 20.15 -34.04
C8 NAG Q . 33.87 19.45 -35.24
N2 NAG Q . 33.81 19.90 -32.88
O3 NAG Q . 34.91 18.30 -30.73
O4 NAG Q . 34.36 19.25 -28.10
O5 NAG Q . 33.85 22.30 -30.06
O6 NAG Q . 35.47 22.82 -27.97
O7 NAG Q . 35.40 20.90 -34.12
C1 NAG Q . 36.23 18.44 -31.26
C2 NAG Q . 37.25 17.84 -30.29
C3 NAG Q . 38.65 17.82 -30.91
C4 NAG Q . 38.62 17.12 -32.26
C5 NAG Q . 37.59 17.79 -33.16
C6 NAG Q . 37.42 17.10 -34.48
C7 NAG Q . 37.14 17.97 -27.84
C8 NAG Q . 36.98 16.49 -27.85
N2 NAG Q . 37.27 18.57 -29.03
O3 NAG Q . 39.55 17.14 -30.03
O4 NAG Q . 39.90 17.20 -32.88
O5 NAG Q . 36.31 17.77 -32.51
O6 NAG Q . 36.23 16.34 -34.52
O7 NAG Q . 37.16 18.62 -26.79
C1 NAG R . -52.50 -85.11 -44.71
C2 NAG R . -53.74 -84.23 -44.87
C3 NAG R . -54.83 -84.66 -43.88
C4 NAG R . -55.10 -86.15 -44.00
C5 NAG R . -53.80 -86.94 -43.89
C6 NAG R . -53.98 -88.42 -44.13
C7 NAG R . -53.35 -81.96 -45.72
C8 NAG R . -53.01 -80.55 -45.37
N2 NAG R . -53.42 -82.83 -44.71
O3 NAG R . -56.00 -83.91 -44.14
O4 NAG R . -55.98 -86.57 -42.96
O5 NAG R . -52.86 -86.48 -44.86
O6 NAG R . -54.03 -88.71 -45.52
O7 NAG R . -53.57 -82.30 -46.88
C1 NAG R . -57.30 -86.75 -43.49
C2 NAG R . -57.98 -87.91 -42.75
C3 NAG R . -59.42 -88.08 -43.23
C4 NAG R . -60.17 -86.75 -43.11
C5 NAG R . -59.41 -85.65 -43.84
C6 NAG R . -60.03 -84.29 -43.68
C7 NAG R . -56.47 -89.69 -41.98
C8 NAG R . -55.79 -90.97 -42.34
N2 NAG R . -57.24 -89.15 -42.93
O3 NAG R . -60.07 -89.08 -42.44
O4 NAG R . -61.47 -86.88 -43.67
O5 NAG R . -58.07 -85.56 -43.34
O6 NAG R . -59.92 -83.83 -42.33
O7 NAG R . -56.33 -89.16 -40.88
C1 NAG S . -38.24 -79.75 -57.68
C2 NAG S . -38.55 -79.77 -59.18
C3 NAG S . -38.77 -81.20 -59.66
C4 NAG S . -37.61 -82.09 -59.26
C5 NAG S . -37.32 -81.96 -57.76
C6 NAG S . -36.08 -82.71 -57.34
C7 NAG S . -39.62 -77.81 -60.19
C8 NAG S . -40.90 -77.07 -60.41
N2 NAG S . -39.70 -78.93 -59.48
O3 NAG S . -38.92 -81.19 -61.08
O4 NAG S . -37.96 -83.44 -59.54
O5 NAG S . -37.12 -80.59 -57.42
O6 NAG S . -35.00 -82.45 -58.20
O7 NAG S . -38.55 -77.40 -60.64
C1 NAG S . -37.04 -84.04 -60.47
C2 NAG S . -37.83 -85.11 -61.25
C3 NAG S . -36.92 -85.76 -62.29
C4 NAG S . -36.26 -84.72 -63.17
C5 NAG S . -35.55 -83.67 -62.31
C6 NAG S . -34.97 -82.53 -63.12
C7 NAG S . -37.74 -86.88 -59.54
C8 NAG S . -38.54 -87.83 -58.71
N2 NAG S . -38.43 -86.09 -60.37
O3 NAG S . -37.69 -86.65 -63.09
O4 NAG S . -35.30 -85.34 -64.03
O5 NAG S . -36.48 -83.09 -61.39
O6 NAG S . -33.68 -82.86 -63.63
O7 NAG S . -36.51 -86.83 -59.45
C1 NAG T . -1.24 -61.50 -53.95
C2 NAG T . -0.31 -62.20 -54.93
C3 NAG T . 0.84 -61.28 -55.33
C4 NAG T . 0.31 -59.93 -55.81
C5 NAG T . -0.68 -59.35 -54.80
C6 NAG T . -1.36 -58.10 -55.30
C7 NAG T . -0.02 -64.65 -54.88
C8 NAG T . 0.59 -65.80 -54.16
N2 NAG T . 0.21 -63.44 -54.35
O3 NAG T . 1.61 -61.89 -56.35
O4 NAG T . 1.40 -59.03 -55.96
O5 NAG T . -1.72 -60.30 -54.53
O6 NAG T . -1.82 -58.24 -56.63
O7 NAG T . -0.71 -64.79 -55.89
C1 NAG T . 1.46 -58.46 -57.28
C2 NAG T . 2.88 -58.66 -57.83
C3 NAG T . 3.00 -58.13 -59.26
C4 NAG T . 1.89 -58.69 -60.14
C5 NAG T . 0.53 -58.44 -59.49
C6 NAG T . -0.61 -59.05 -60.26
C7 NAG T . 4.15 -56.87 -56.55
C8 NAG T . 3.22 -55.80 -57.04
N2 NAG T . 3.93 -58.15 -56.96
O3 NAG T . 4.28 -58.50 -59.80
O4 NAG T . 1.91 -58.06 -61.42
O5 NAG T . 0.50 -59.03 -58.18
O6 NAG T . -1.87 -58.77 -59.66
O7 NAG T . 5.09 -56.60 -55.81
C1 NAG U . -22.02 -66.83 -56.81
C2 NAG U . -22.15 -67.61 -58.12
C3 NAG U . -20.84 -67.60 -58.88
C4 NAG U . -20.34 -66.17 -59.07
C5 NAG U . -20.25 -65.48 -57.71
C6 NAG U . -19.85 -64.02 -57.81
C7 NAG U . -23.80 -69.42 -58.24
C8 NAG U . -24.09 -70.86 -57.90
N2 NAG U . -22.60 -68.97 -57.87
O3 NAG U . -21.01 -68.23 -60.14
O4 NAG U . -19.05 -66.19 -59.66
O5 NAG U . -21.54 -65.51 -57.08
O6 NAG U . -18.86 -63.69 -56.85
O7 NAG U . -24.62 -68.70 -58.80
C1 NAG U . -19.12 -65.58 -60.97
C2 NAG U . -17.70 -65.36 -61.47
C3 NAG U . -17.71 -64.74 -62.87
C4 NAG U . -18.57 -65.59 -63.81
C5 NAG U . -19.95 -65.81 -63.20
C6 NAG U . -20.81 -66.75 -64.03
C7 NAG U . -16.10 -64.99 -59.64
C8 NAG U . -15.42 -63.97 -58.78
N2 NAG U . -16.95 -64.50 -60.55
O3 NAG U . -16.39 -64.66 -63.37
O4 NAG U . -18.69 -64.95 -65.06
O5 NAG U . -19.83 -66.40 -61.90
O6 NAG U . -22.18 -66.59 -63.73
O7 NAG U . -15.88 -66.19 -59.53
C1 NAG V . -51.76 -69.08 -44.05
C2 NAG V . -52.82 -69.84 -43.25
C3 NAG V . -53.91 -70.39 -44.17
C4 NAG V . -54.46 -69.30 -45.07
C5 NAG V . -53.33 -68.53 -45.77
C6 NAG V . -53.81 -67.33 -46.54
C7 NAG V . -51.58 -71.98 -42.68
C8 NAG V . -51.30 -72.25 -44.14
N2 NAG V . -52.27 -70.87 -42.36
O3 NAG V . -54.97 -70.93 -43.38
O4 NAG V . -55.27 -69.87 -46.09
O5 NAG V . -52.39 -68.05 -44.80
O6 NAG V . -54.45 -66.40 -45.69
O7 NAG V . -51.19 -72.75 -41.81
C1 NAG V . -56.67 -69.72 -45.77
C2 NAG V . -57.43 -69.37 -47.05
C3 NAG V . -58.92 -69.26 -46.76
C4 NAG V . -59.43 -70.52 -46.07
C5 NAG V . -58.59 -70.82 -44.83
C6 NAG V . -58.95 -72.13 -44.17
C7 NAG V . -56.52 -68.08 -48.92
C8 NAG V . -56.03 -66.73 -49.38
N2 NAG V . -56.94 -68.15 -47.65
O3 NAG V . -59.63 -69.05 -47.98
O4 NAG V . -60.80 -70.35 -45.68
O5 NAG V . -57.20 -70.91 -45.19
O6 NAG V . -58.35 -73.23 -44.85
O7 NAG V . -56.53 -69.05 -49.66
C1 NAG W . -7.14 17.33 -37.01
C2 NAG W . -8.29 18.21 -36.54
C3 NAG W . -7.85 19.05 -35.34
C4 NAG W . -7.26 18.16 -34.26
C5 NAG W . -6.17 17.25 -34.83
C6 NAG W . -5.66 16.25 -33.83
C7 NAG W . -9.92 18.88 -38.25
C8 NAG W . -10.25 19.87 -39.34
N2 NAG W . -8.76 19.07 -37.62
O3 NAG W . -8.98 19.76 -34.84
O4 NAG W . -6.69 18.97 -33.24
O5 NAG W . -6.69 16.51 -35.94
O6 NAG W . -6.59 15.18 -33.65
O7 NAG W . -10.68 17.96 -37.96
C1 NAG W . -7.48 18.85 -32.04
C2 NAG W . -6.56 18.90 -30.83
C3 NAG W . -7.37 18.81 -29.54
C4 NAG W . -8.45 19.88 -29.52
C5 NAG W . -9.29 19.81 -30.79
C6 NAG W . -10.30 20.94 -30.90
C7 NAG W . -4.26 18.07 -31.01
C8 NAG W . -3.38 16.86 -31.04
N2 NAG W . -5.57 17.83 -30.88
O3 NAG W . -6.51 18.96 -28.42
O4 NAG W . -9.29 19.72 -28.38
O5 NAG W . -8.45 19.90 -31.95
O6 NAG W . -11.55 20.58 -30.34
O7 NAG W . -3.81 19.20 -31.11
C1 NAG X . -27.89 30.83 -8.46
C2 NAG X . -28.68 30.66 -9.77
C3 NAG X . -28.52 31.90 -10.66
C4 NAG X . -28.30 33.14 -9.81
C5 NAG X . -26.97 33.03 -9.09
C6 NAG X . -26.89 33.89 -7.85
C7 NAG X . -28.51 28.24 -10.06
C8 NAG X . -27.97 27.11 -10.90
N2 NAG X . -28.23 29.47 -10.48
O3 NAG X . -29.73 32.04 -11.43
O4 NAG X . -28.31 34.34 -10.58
O5 NAG X . -26.72 31.67 -8.68
O6 NAG X . -28.11 33.88 -7.13
O7 NAG X . -29.16 28.01 -9.03
C1 NAG X . -27.78 34.31 -11.93
C2 NAG X . -27.74 35.77 -12.40
C3 NAG X . -27.21 35.84 -13.84
C4 NAG X . -25.88 35.12 -13.95
C5 NAG X . -25.99 33.70 -13.40
C6 NAG X . -24.66 32.97 -13.39
C7 NAG X . -29.49 36.98 -11.19
C8 NAG X . -30.86 37.58 -11.26
N2 NAG X . -29.04 36.39 -12.31
O3 NAG X . -27.06 37.20 -14.22
O4 NAG X . -25.47 35.06 -15.31
O5 NAG X . -26.46 33.73 -12.04
O6 NAG X . -23.93 33.21 -14.57
O7 NAG X . -28.81 37.03 -10.17
C1 NAG Y . 1.92 -22.72 37.53
C2 NAG Y . 2.46 -24.07 37.95
C3 NAG Y . 1.41 -24.83 38.74
C4 NAG Y . 0.92 -23.99 39.92
C5 NAG Y . 0.56 -22.56 39.47
C6 NAG Y . 0.31 -21.63 40.64
C7 NAG Y . 3.90 -25.76 36.89
C8 NAG Y . 4.24 -26.48 35.62
N2 NAG Y . 2.91 -24.86 36.81
O3 NAG Y . 1.96 -26.05 39.21
O4 NAG Y . -0.25 -24.57 40.46
O5 NAG Y . 1.60 -21.97 38.68
O6 NAG Y . 1.26 -21.85 41.69
O7 NAG Y . 4.49 -25.97 37.95
C1 NAG Y . -0.03 -25.50 41.55
C2 NAG Y . -1.02 -26.65 41.34
C3 NAG Y . -0.83 -27.70 42.44
C4 NAG Y . 0.62 -28.16 42.49
C5 NAG Y . 1.54 -26.96 42.64
C6 NAG Y . 3.01 -27.33 42.58
C7 NAG Y . -3.22 -26.39 40.30
C8 NAG Y . -4.60 -25.82 40.45
N2 NAG Y . -2.39 -26.17 41.33
O3 NAG Y . -1.68 -28.81 42.20
O4 NAG Y . 0.82 -29.04 43.59
O5 NAG Y . 1.31 -26.02 41.59
O6 NAG Y . 3.22 -28.39 41.65
O7 NAG Y . -2.87 -27.01 39.30
C1 NAG Z . -24.89 -101.81 -12.12
C2 NAG Z . -24.41 -101.71 -10.66
C3 NAG Z . -23.08 -102.43 -10.48
C4 NAG Z . -23.15 -103.85 -11.03
C5 NAG Z . -23.68 -103.84 -12.46
C6 NAG Z . -23.89 -105.22 -13.03
C7 NAG Z . -24.41 -99.90 -8.99
C8 NAG Z . -24.26 -98.42 -8.76
N2 NAG Z . -24.29 -100.31 -10.26
O3 NAG Z . -22.73 -102.45 -9.11
O4 NAG Z . -21.87 -104.45 -11.02
O5 NAG Z . -24.95 -103.17 -12.50
O6 NAG Z . -24.49 -106.09 -12.08
O7 NAG Z . -24.65 -100.68 -8.07
C1 NAG Z . -21.82 -105.40 -9.94
C2 NAG Z . -20.93 -106.57 -10.37
C3 NAG Z . -20.80 -107.58 -9.23
C4 NAG Z . -20.31 -106.88 -7.97
C5 NAG Z . -21.21 -105.70 -7.64
C6 NAG Z . -20.70 -104.87 -6.47
C7 NAG Z . -20.86 -107.15 -12.76
C8 NAG Z . -21.55 -107.88 -13.87
N2 NAG Z . -21.46 -107.22 -11.56
O3 NAG Z . -19.89 -108.61 -9.60
O4 NAG Z . -20.32 -107.79 -6.87
O5 NAG Z . -21.28 -104.81 -8.76
O6 NAG Z . -19.87 -103.81 -6.92
O7 NAG Z . -19.84 -106.52 -12.93
C1 NAG AA . -42.33 -92.52 -13.80
C2 NAG AA . -43.59 -93.00 -13.08
C3 NAG AA . -44.03 -94.36 -13.64
C4 NAG AA . -44.19 -94.29 -15.16
C5 NAG AA . -42.91 -93.74 -15.79
C6 NAG AA . -43.05 -93.52 -17.28
C7 NAG AA . -43.66 -92.11 -10.80
C8 NAG AA . -43.36 -92.38 -9.35
N2 NAG AA . -43.36 -93.11 -11.65
O3 NAG AA . -45.26 -94.74 -13.04
O4 NAG AA . -44.46 -95.59 -15.67
O5 NAG AA . -42.59 -92.47 -15.21
O6 NAG AA . -44.04 -92.54 -17.58
O7 NAG AA . -44.15 -91.06 -11.18
C1 NAG AA . -45.75 -95.60 -16.33
C2 NAG AA . -46.03 -97.01 -16.84
C3 NAG AA . -47.41 -97.06 -17.49
C4 NAG AA . -48.47 -96.52 -16.54
C5 NAG AA . -48.08 -95.14 -16.04
C6 NAG AA . -49.04 -94.59 -15.01
C7 NAG AA . -43.95 -98.18 -17.41
C8 NAG AA . -43.00 -98.54 -18.51
N2 NAG AA . -45.01 -97.44 -17.77
O3 NAG AA . -47.71 -98.40 -17.86
O4 NAG AA . -49.72 -96.45 -17.21
O5 NAG AA . -46.79 -95.19 -15.42
O6 NAG AA . -50.36 -94.52 -15.52
O7 NAG AA . -43.78 -98.54 -16.25
C1 NAG BA . -54.47 -56.88 -31.33
C2 NAG BA . -55.79 -57.43 -31.86
C3 NAG BA . -56.75 -56.28 -32.19
C4 NAG BA . -56.89 -55.33 -31.00
C5 NAG BA . -55.51 -54.91 -30.50
C6 NAG BA . -55.56 -54.09 -29.22
C7 NAG BA . -56.09 -59.47 -33.20
C8 NAG BA . -55.76 -60.17 -34.47
N2 NAG BA . -55.57 -58.24 -33.04
O3 NAG BA . -58.03 -56.82 -32.53
O4 NAG BA . -57.58 -54.16 -31.44
O5 NAG BA . -54.72 -56.08 -30.21
O6 NAG BA . -54.90 -54.76 -28.15
O7 NAG BA . -56.80 -59.98 -32.34
C1 NAG BA . -58.72 -53.87 -30.60
C2 NAG BA . -59.82 -53.30 -31.50
C3 NAG BA . -61.06 -52.98 -30.68
C4 NAG BA . -61.50 -54.20 -29.87
C5 NAG BA . -60.32 -54.74 -29.05
C6 NAG BA . -60.66 -56.02 -28.31
C7 NAG BA . -58.89 -51.02 -31.67
C8 NAG BA . -58.47 -49.94 -32.63
N2 NAG BA . -59.36 -52.14 -32.24
O3 NAG BA . -62.11 -52.57 -31.55
O4 NAG BA . -62.56 -53.85 -28.99
O5 NAG BA . -59.21 -55.03 -29.91
O6 NAG BA . -59.66 -56.33 -27.34
O7 NAG BA . -58.81 -50.88 -30.45
C1 NAG CA . -48.27 -73.14 -18.32
C2 NAG CA . -49.41 -74.14 -18.13
C3 NAG CA . -50.69 -73.61 -18.77
C4 NAG CA . -51.01 -72.23 -18.23
C5 NAG CA . -49.82 -71.30 -18.44
C6 NAG CA . -50.01 -69.93 -17.86
C7 NAG CA . -48.71 -76.47 -17.92
C8 NAG CA . -48.38 -77.74 -18.65
N2 NAG CA . -49.06 -75.44 -18.67
O3 NAG CA . -51.77 -74.50 -18.50
O4 NAG CA . -52.16 -71.70 -18.90
O5 NAG CA . -48.66 -71.86 -17.81
O6 NAG CA . -49.61 -68.91 -18.77
O7 NAG CA . -48.64 -76.40 -16.69
C1 NAG CA . -53.19 -71.42 -17.92
C2 NAG CA . -54.22 -70.49 -18.55
C3 NAG CA . -55.34 -70.19 -17.57
C4 NAG CA . -55.93 -71.48 -17.02
C5 NAG CA . -54.83 -72.37 -16.45
C6 NAG CA . -55.33 -73.72 -16.00
C7 NAG CA . -53.25 -69.05 -20.29
C8 NAG CA . -52.62 -67.73 -20.59
N2 NAG CA . -53.60 -69.26 -19.02
O3 NAG CA . -56.36 -69.42 -18.21
O4 NAG CA . -56.88 -71.19 -15.99
O5 NAG CA . -53.84 -72.62 -17.46
O6 NAG CA . -54.75 -74.10 -14.77
O7 NAG CA . -53.41 -69.91 -21.15
C1 NAG DA . -24.04 -88.20 -2.87
C2 NAG DA . -23.01 -89.33 -3.02
C3 NAG DA . -23.42 -90.57 -2.23
C4 NAG DA . -23.77 -90.21 -0.80
C5 NAG DA . -24.75 -89.03 -0.75
C6 NAG DA . -25.00 -88.53 0.65
C7 NAG DA . -23.51 -90.10 -5.39
C8 NAG DA . -24.95 -90.35 -5.06
N2 NAG DA . -22.69 -89.64 -4.42
O3 NAG DA . -22.36 -91.52 -2.27
O4 NAG DA . -24.39 -91.31 -0.15
O5 NAG DA . -24.22 -87.91 -1.49
O6 NAG DA . -23.81 -88.48 1.42
O7 NAG DA . -23.08 -90.32 -6.52
C1 NAG DA . -23.43 -92.07 0.62
C2 NAG DA . -23.99 -92.34 2.01
C3 NAG DA . -23.02 -93.19 2.81
C4 NAG DA . -22.69 -94.47 2.05
C5 NAG DA . -22.19 -94.14 0.65
C6 NAG DA . -21.97 -95.36 -0.21
C7 NAG DA . -25.35 -90.90 3.46
C8 NAG DA . -25.48 -89.55 4.11
N2 NAG DA . -24.26 -91.09 2.71
O3 NAG DA . -23.59 -93.51 4.07
O4 NAG DA . -21.69 -95.20 2.74
O5 NAG DA . -23.15 -93.32 -0.04
O6 NAG DA . -23.18 -96.08 -0.40
O7 NAG DA . -26.20 -91.78 3.61
C1 NAG EA . -35.58 6.28 18.29
C2 NAG EA . -34.43 7.21 18.02
C3 NAG EA . -33.51 7.22 19.24
C4 NAG EA . -34.26 7.24 20.57
C5 NAG EA . -35.67 6.60 20.56
C6 NAG EA . -36.58 7.15 21.63
C7 NAG EA . -33.21 7.72 15.97
C8 NAG EA . -32.49 7.16 14.78
N2 NAG EA . -33.71 6.83 16.82
O3 NAG EA . -32.65 8.35 19.16
O4 NAG EA . -33.56 6.42 21.51
O5 NAG EA . -36.34 6.79 19.30
O6 NAG EA . -36.69 8.57 21.54
O7 NAG EA . -33.34 8.93 16.14
C1 NAG EA . -32.31 6.94 22.00
C2 NAG EA . -32.17 6.40 23.42
C3 NAG EA . -30.82 6.83 24.01
C4 NAG EA . -29.69 6.39 23.09
C5 NAG EA . -29.93 6.94 21.68
C6 NAG EA . -28.91 6.46 20.67
C7 NAG EA . -33.95 6.01 25.06
C8 NAG EA . -35.05 6.64 25.86
N2 NAG EA . -33.26 6.84 24.27
O3 NAG EA . -30.66 6.24 25.29
O4 NAG EA . -28.45 6.89 23.58
O5 NAG EA . -31.21 6.49 21.21
O6 NAG EA . -28.35 7.54 19.96
O7 NAG EA . -33.71 4.82 25.12
C1 NAG FA . 7.68 -2.14 49.88
C2 NAG FA . 6.58 -2.96 50.56
C3 NAG FA . 6.01 -3.97 49.58
C4 NAG FA . 5.55 -3.30 48.29
C5 NAG FA . 6.69 -2.45 47.72
C6 NAG FA . 6.27 -1.64 46.51
C7 NAG FA . 6.39 -3.69 52.89
C8 NAG FA . 7.07 -4.42 54.03
N2 NAG FA . 7.09 -3.62 51.76
O3 NAG FA . 4.95 -4.70 50.20
O4 NAG FA . 5.19 -4.27 47.33
O5 NAG FA . 7.15 -1.51 48.70
O6 NAG FA . 5.07 -2.15 45.95
O7 NAG FA . 5.28 -3.21 53.01
C1 NAG FA . 3.63 -4.13 50.02
C2 NAG FA . 2.72 -5.24 49.47
C3 NAG FA . 1.29 -4.71 49.30
C4 NAG FA . 0.79 -4.12 50.62
C5 NAG FA . 1.77 -3.07 51.12
C6 NAG FA . 1.40 -2.51 52.47
C7 NAG FA . 3.39 -7.04 47.94
C8 NAG FA . 3.02 -7.99 49.04
N2 NAG FA . 3.23 -5.74 48.20
O3 NAG FA . 0.45 -5.78 48.90
O4 NAG FA . -0.48 -3.52 50.42
O5 NAG FA . 3.09 -3.64 51.25
O6 NAG FA . 2.20 -3.09 53.50
O7 NAG FA . 3.83 -7.44 46.86
C1 NAG GA . 27.42 -54.44 -29.56
C2 NAG GA . 27.58 -52.91 -29.60
C3 NAG GA . 28.99 -52.53 -30.07
C4 NAG GA . 30.04 -53.24 -29.24
C5 NAG GA . 29.79 -54.74 -29.25
C6 NAG GA . 30.74 -55.52 -28.37
C7 NAG GA . 26.44 -52.50 -31.76
C8 NAG GA . 25.33 -51.75 -32.43
N2 NAG GA . 26.57 -52.28 -30.44
O3 NAG GA . 29.16 -51.12 -29.96
O4 NAG GA . 31.33 -52.99 -29.78
O5 NAG GA . 28.46 -55.02 -28.76
O6 NAG GA . 30.75 -55.02 -27.04
O7 NAG GA . 27.17 -53.27 -32.37
C1 NAG HA . 23.10 -32.27 -31.09
C2 NAG HA . 24.07 -33.48 -31.16
C3 NAG HA . 23.46 -34.63 -31.95
C4 NAG HA . 21.96 -34.68 -31.73
C5 NAG HA . 21.32 -33.45 -32.37
C6 NAG HA . 19.99 -33.07 -31.75
C7 NAG HA . 26.47 -33.75 -31.63
C8 NAG HA . 27.68 -33.18 -32.32
N2 NAG HA . 25.34 -33.07 -31.76
O3 NAG HA . 24.04 -35.85 -31.54
O4 NAG HA . 21.41 -35.85 -32.32
O5 NAG HA . 22.18 -32.31 -32.24
O6 NAG HA . 19.25 -32.21 -32.61
O7 NAG HA . 26.54 -34.78 -30.97
C1 NAG IA . 11.94 -54.52 -1.31
C2 NAG IA . 12.63 -55.74 -0.66
C3 NAG IA . 11.60 -56.77 -0.20
C4 NAG IA . 10.41 -56.06 0.42
C5 NAG IA . 9.65 -55.32 -0.67
C6 NAG IA . 8.92 -54.10 -0.17
C7 NAG IA . 13.31 -56.85 -2.76
C8 NAG IA . 14.46 -57.42 -3.53
N2 NAG IA . 13.60 -56.35 -1.56
O3 NAG IA . 12.20 -57.64 0.75
O4 NAG IA . 9.55 -57.01 1.04
O5 NAG IA . 10.56 -54.88 -1.70
O6 NAG IA . 7.86 -53.73 -1.04
O7 NAG IA . 12.16 -56.85 -3.21
C1 NAG JA . 29.65 2.17 27.02
C2 NAG JA . 29.30 3.30 28.03
C3 NAG JA . 30.46 3.55 29.00
C4 NAG JA . 31.42 2.37 29.03
C5 NAG JA . 32.07 2.24 27.66
C6 NAG JA . 32.84 0.94 27.49
C7 NAG JA . 27.79 4.67 26.66
C8 NAG JA . 27.59 6.00 26.02
N2 NAG JA . 28.93 4.52 27.34
O3 NAG JA . 29.93 3.78 30.31
O4 NAG JA . 32.42 2.59 30.02
O5 NAG JA . 31.08 2.27 26.62
O6 NAG JA . 32.09 -0.16 27.95
O7 NAG JA . 26.96 3.78 26.59
C1 NAG KA . 36.81 -30.76 2.19
C2 NAG KA . 36.82 -31.94 1.20
C3 NAG KA . 37.76 -31.67 0.03
C4 NAG KA . 37.70 -30.20 -0.36
C5 NAG KA . 38.32 -29.37 0.76
C6 NAG KA . 37.78 -27.96 0.82
C7 NAG KA . 36.33 -34.19 2.05
C8 NAG KA . 34.95 -33.99 1.51
N2 NAG KA . 37.18 -33.17 1.88
O3 NAG KA . 37.40 -32.49 -1.07
O4 NAG KA . 38.42 -29.98 -1.56
O5 NAG KA . 38.06 -29.97 2.04
O6 NAG KA . 36.38 -27.92 0.56
O7 NAG KA . 36.66 -35.22 2.63
C1 NAG LA . 8.98 -43.96 23.14
C2 NAG LA . 9.77 -45.16 22.58
C3 NAG LA . 9.72 -46.32 23.56
C4 NAG LA . 10.18 -45.88 24.94
C5 NAG LA . 9.36 -44.68 25.41
C6 NAG LA . 9.84 -44.13 26.74
C7 NAG LA . 8.05 -45.96 21.01
C8 NAG LA . 7.76 -46.34 19.59
N2 NAG LA . 9.29 -45.55 21.26
O3 NAG LA . 10.55 -47.38 23.09
O4 NAG LA . 10.01 -46.95 25.88
O5 NAG LA . 9.47 -43.62 24.46
O6 NAG LA . 9.05 -43.01 27.14
O7 NAG LA . 7.18 -46.04 21.88
C1 NAG MA . 32.81 -19.16 37.65
C2 NAG MA . 33.28 -19.16 39.11
C3 NAG MA . 32.27 -18.42 39.97
C4 NAG MA . 32.03 -17.02 39.42
C5 NAG MA . 31.60 -17.10 37.96
C6 NAG MA . 31.47 -15.75 37.31
C7 NAG MA . 34.70 -21.05 39.79
C8 NAG MA . 35.86 -20.17 39.46
N2 NAG MA . 33.48 -20.51 39.59
O3 NAG MA . 32.75 -18.34 41.31
O4 NAG MA . 31.00 -16.38 40.18
O5 NAG MA . 32.59 -17.82 37.21
O6 NAG MA . 30.65 -14.88 38.10
O7 NAG MA . 34.84 -22.19 40.20
C1 NAG NA . 5.55 -80.93 -33.94
C2 NAG NA . 6.46 -80.79 -32.71
C3 NAG NA . 7.80 -80.17 -33.10
C4 NAG NA . 7.62 -78.86 -33.85
C5 NAG NA . 6.51 -78.90 -34.91
C6 NAG NA . 6.98 -79.40 -36.27
C7 NAG NA . 4.98 -80.52 -30.81
C8 NAG NA . 4.23 -79.54 -29.97
N2 NAG NA . 5.82 -79.98 -31.69
O3 NAG NA . 8.55 -81.10 -33.89
O4 NAG NA . 7.33 -77.81 -32.93
O5 NAG NA . 5.36 -79.61 -34.46
O6 NAG NA . 8.33 -78.97 -36.51
O7 NAG NA . 4.84 -81.72 -30.68
C1 NAG OA . 4.93 -83.07 -35.85
C2 NAG OA . 4.62 -84.44 -36.57
C3 NAG OA . 5.84 -85.32 -36.91
C4 NAG OA . 6.99 -84.53 -37.45
C5 NAG OA . 7.19 -83.34 -36.54
C6 NAG OA . 8.42 -82.56 -36.98
C7 NAG OA . 2.98 -86.25 -36.32
C8 NAG OA . 2.78 -87.44 -35.43
N2 NAG OA . 3.68 -85.25 -35.81
O3 NAG OA . 5.49 -86.26 -37.94
O4 NAG OA . 8.17 -85.34 -37.46
O5 NAG OA . 6.00 -82.55 -36.63
O6 NAG OA . 8.20 -82.04 -38.29
O7 NAG OA . 2.52 -86.22 -37.45
C1 NAG PA . -43.91 -30.04 -57.04
C2 NAG PA . -44.92 -29.39 -56.08
C3 NAG PA . -45.97 -28.61 -56.87
C4 NAG PA . -45.30 -27.62 -57.81
C5 NAG PA . -44.25 -28.32 -58.67
C6 NAG PA . -43.45 -27.36 -59.53
C7 NAG PA . -46.28 -31.42 -55.65
C8 NAG PA . -46.83 -32.32 -54.59
N2 NAG PA . -45.54 -30.38 -55.22
O3 NAG PA . -46.81 -27.90 -55.95
O4 NAG PA . -46.27 -27.02 -58.65
O5 NAG PA . -43.30 -29.01 -57.84
O6 NAG PA . -42.74 -26.42 -58.74
O7 NAG PA . -46.48 -31.63 -56.85
C1 NAG QA . -43.57 -15.47 -39.18
C2 NAG QA . -44.09 -15.46 -40.64
C3 NAG QA . -44.31 -16.88 -41.14
C4 NAG QA . -43.33 -17.84 -40.49
C5 NAG QA . -43.64 -17.94 -39.00
C6 NAG QA . -42.44 -18.36 -38.18
C7 NAG QA . -45.41 -13.38 -40.50
C8 NAG QA . -46.77 -12.78 -40.66
N2 NAG QA . -45.32 -14.69 -40.75
O3 NAG QA . -44.15 -16.91 -42.55
O4 NAG QA . -43.45 -19.13 -41.07
O5 NAG QA . -44.07 -16.67 -38.49
O6 NAG QA . -42.33 -17.60 -36.99
O7 NAG QA . -44.44 -12.71 -40.15
C1 NAG RA . -13.20 -31.44 -55.91
C2 NAG RA . -13.12 -31.20 -57.42
C3 NAG RA . -12.15 -32.20 -58.07
C4 NAG RA . -10.80 -32.17 -57.37
C5 NAG RA . -10.99 -32.38 -55.86
C6 NAG RA . -9.69 -32.27 -55.09
C7 NAG RA . -14.73 -30.75 -59.22
C8 NAG RA . -16.13 -30.96 -59.70
N2 NAG RA . -14.43 -31.30 -58.04
O3 NAG RA . -11.99 -31.89 -59.45
O4 NAG RA . -9.96 -33.19 -57.88
O5 NAG RA . -11.88 -31.39 -55.34
O6 NAG RA . -9.46 -33.42 -54.30
O7 NAG RA . -13.91 -30.13 -59.87
C1 NAG SA . 4.25 31.41 -37.98
C2 NAG SA . 5.28 32.19 -37.09
C3 NAG SA . 5.82 33.45 -37.80
C4 NAG SA . 5.23 33.59 -39.19
C5 NAG SA . 3.71 33.62 -39.07
C6 NAG SA . 3.03 33.84 -40.39
C7 NAG SA . 4.96 31.86 -34.69
C8 NAG SA . 4.28 32.35 -33.45
N2 NAG SA . 4.71 32.54 -35.80
O3 NAG SA . 7.24 33.37 -37.88
O4 NAG SA . 5.68 34.81 -39.78
O5 NAG SA . 3.24 32.36 -38.56
O6 NAG SA . 3.89 33.57 -41.49
O7 NAG SA . 5.70 30.88 -34.68
C1 NAG TA . -19.84 3.17 -58.31
C2 NAG TA . -20.63 1.87 -58.58
C3 NAG TA . -22.02 2.19 -59.10
C4 NAG TA . -22.70 3.17 -58.14
C5 NAG TA . -21.97 4.51 -58.21
C6 NAG TA . -21.84 5.18 -56.86
C7 NAG TA . -19.32 -0.11 -59.21
C8 NAG TA . -19.43 -0.52 -57.77
N2 NAG TA . -19.91 1.04 -59.54
O3 NAG TA . -22.78 0.99 -59.17
O4 NAG TA . -24.06 3.35 -58.52
O5 NAG TA . -20.65 4.35 -58.73
O6 NAG TA . -21.80 4.23 -55.81
O7 NAG TA . -18.72 -0.79 -60.03
C1 NAG UA . 11.36 -17.56 -53.93
C2 NAG UA . 10.46 -18.01 -55.10
C3 NAG UA . 11.25 -18.86 -56.09
C4 NAG UA . 12.51 -18.13 -56.54
C5 NAG UA . 13.33 -17.70 -55.32
C6 NAG UA . 14.54 -16.88 -55.68
C7 NAG UA . 9.33 -19.88 -53.94
C8 NAG UA . 8.00 -20.45 -53.55
N2 NAG UA . 9.28 -18.73 -54.63
O3 NAG UA . 10.44 -19.16 -57.22
O4 NAG UA . 13.30 -18.98 -57.36
O5 NAG UA . 12.52 -16.89 -54.45
O6 NAG UA . 14.52 -15.62 -55.04
O7 NAG UA . 10.38 -20.43 -53.64
C1 NAG VA . 14.20 21.16 -59.39
C2 NAG VA . 14.82 20.71 -58.07
C3 NAG VA . 16.26 21.20 -57.96
C4 NAG VA . 17.06 20.78 -59.18
C5 NAG VA . 16.35 21.23 -60.45
C6 NAG VA . 17.03 20.75 -61.71
C7 NAG VA . 13.73 20.39 -55.88
C8 NAG VA . 14.23 18.99 -55.95
N2 NAG VA . 14.04 21.17 -56.92
O3 NAG VA . 16.86 20.69 -56.78
O4 NAG VA . 18.37 21.34 -59.14
O5 NAG VA . 15.02 20.71 -60.48
O6 NAG VA . 16.16 20.83 -62.83
O7 NAG VA . 13.08 20.82 -54.94
C1 NAG WA . -49.96 14.10 -20.40
C2 NAG WA . -49.91 15.46 -21.10
C3 NAG WA . -51.01 15.55 -22.15
C4 NAG WA . -50.94 14.37 -23.10
C5 NAG WA . -50.94 13.06 -22.32
C6 NAG WA . -50.77 11.84 -23.20
C7 NAG WA . -49.24 17.62 -20.17
C8 NAG WA . -49.49 18.65 -19.10
N2 NAG WA . -50.03 16.54 -20.13
O3 NAG WA . -50.87 16.78 -22.87
O4 NAG WA . -52.05 14.39 -24.00
O5 NAG WA . -49.87 13.05 -21.38
O6 NAG WA . -50.11 12.17 -24.43
O7 NAG WA . -48.37 17.77 -21.02
C1 NAG XA . -39.48 -63.76 -54.83
C2 NAG XA . -38.69 -63.04 -55.94
C3 NAG XA . -39.48 -61.85 -56.45
C4 NAG XA . -39.78 -60.88 -55.31
C5 NAG XA . -40.25 -61.56 -54.02
C6 NAG XA . -41.77 -61.68 -54.00
C7 NAG XA . -36.31 -63.34 -55.48
C8 NAG XA . -35.07 -62.65 -55.01
N2 NAG XA . -37.41 -62.60 -55.43
O3 NAG XA . -40.69 -62.29 -57.07
O4 NAG XA . -38.64 -60.07 -55.03
O5 NAG XA . -39.64 -62.83 -53.75
O6 NAG XA . -42.34 -60.47 -54.51
O7 NAG XA . -36.32 -64.50 -55.88
C1 NAG YA . -41.39 -65.99 -54.70
C2 NAG YA . -42.16 -67.28 -55.15
C3 NAG YA . -42.97 -67.10 -56.45
C4 NAG YA . -43.90 -65.93 -56.29
C5 NAG YA . -43.08 -64.73 -55.88
C6 NAG YA . -43.98 -63.51 -55.83
C7 NAG YA . -41.77 -69.69 -55.15
C8 NAG YA . -41.12 -70.75 -55.99
N2 NAG YA . -41.30 -68.45 -55.29
O3 NAG YA . -43.78 -68.25 -56.74
O4 NAG YA . -44.58 -65.67 -57.52
O5 NAG YA . -42.45 -65.01 -54.62
O6 NAG YA . -44.96 -63.66 -54.80
O7 NAG YA . -42.70 -69.95 -54.39
C1 NAG ZA . -38.23 -54.82 18.87
C2 NAG ZA . -37.23 -53.96 19.66
C3 NAG ZA . -37.65 -53.87 21.12
C4 NAG ZA . -39.10 -53.40 21.24
C5 NAG ZA . -40.01 -54.26 20.38
C6 NAG ZA . -41.44 -53.77 20.34
C7 NAG ZA . -35.48 -55.68 19.96
C8 NAG ZA . -34.02 -56.00 19.74
N2 NAG ZA . -35.86 -54.48 19.54
O3 NAG ZA . -36.79 -52.97 21.81
O4 NAG ZA . -39.53 -53.47 22.59
O5 NAG ZA . -39.55 -54.28 19.02
O6 NAG ZA . -41.55 -52.57 19.59
O7 NAG ZA . -36.23 -56.48 20.48
C1 NAG AB . -21.23 -39.40 21.40
C2 NAG AB . -22.32 -40.21 22.14
C3 NAG AB . -22.14 -41.70 21.88
C4 NAG AB . -22.04 -41.94 20.38
C5 NAG AB . -20.75 -41.35 19.86
C6 NAG AB . -20.88 -40.73 18.48
C7 NAG AB . -23.37 -40.01 24.34
C8 NAG AB . -23.15 -39.68 25.80
N2 NAG AB . -22.28 -39.94 23.56
O3 NAG AB . -23.24 -42.41 22.42
O4 NAG AB . -22.05 -43.35 20.12
O5 NAG AB . -20.25 -40.33 20.74
O6 NAG AB . -19.62 -40.32 17.97
O7 NAG AB . -24.47 -40.32 23.90
C1 NAG BB . -50.52 -37.52 -5.35
C2 NAG BB . -52.02 -37.78 -5.10
C3 NAG BB . -52.72 -38.26 -6.37
C4 NAG BB . -52.16 -37.52 -7.58
C5 NAG BB . -50.71 -37.97 -7.80
C6 NAG BB . -49.87 -36.92 -8.49
C7 NAG BB . -51.81 -39.99 -4.02
C8 NAG BB . -52.13 -40.79 -2.79
N2 NAG BB . -52.23 -38.72 -4.01
O3 NAG BB . -54.11 -38.03 -6.26
O4 NAG BB . -52.92 -37.82 -8.73
O5 NAG BB . -50.07 -38.27 -6.55
O6 NAG BB . -48.85 -37.52 -9.28
O7 NAG BB . -51.22 -40.49 -4.97
C1 NAG CB . -39.99 25.19 17.87
C2 NAG CB . -39.93 26.66 17.40
C3 NAG CB . -40.46 27.59 18.47
C4 NAG CB . -41.82 27.09 18.95
C5 NAG CB . -41.63 25.78 19.69
C6 NAG CB . -42.75 24.79 19.44
C7 NAG CB . -38.15 27.12 15.78
C8 NAG CB . -36.71 27.51 15.59
N2 NAG CB . -38.56 27.02 17.04
O3 NAG CB . -40.58 28.90 17.96
O4 NAG CB . -42.42 28.05 19.82
O5 NAG CB . -40.41 25.13 19.30
O6 NAG CB . -43.10 24.08 20.62
O7 NAG CB . -38.89 26.90 14.83
C1 NAG DB . -49.15 -16.77 22.28
C2 NAG DB . -49.16 -18.31 22.41
C3 NAG DB . -49.07 -18.73 23.87
C4 NAG DB . -48.06 -17.87 24.60
C5 NAG DB . -48.59 -16.44 24.69
C6 NAG DB . -47.49 -15.40 24.69
C7 NAG DB . -50.31 -19.55 20.62
C8 NAG DB . -48.96 -19.71 20.00
N2 NAG DB . -50.34 -18.87 21.78
O3 NAG DB . -48.72 -20.10 23.95
O4 NAG DB . -47.84 -18.38 25.91
O5 NAG DB . -49.45 -16.15 23.59
O6 NAG DB . -46.40 -15.79 23.85
O7 NAG DB . -51.33 -20.02 20.12
C1 NAG EB . -57.52 -13.62 -13.45
C2 NAG EB . -57.99 -15.00 -12.93
C3 NAG EB . -59.26 -15.42 -13.64
C4 NAG EB . -60.33 -14.35 -13.53
C5 NAG EB . -59.77 -13.01 -14.03
C6 NAG EB . -60.74 -11.87 -13.84
C7 NAG EB . -56.41 -16.40 -14.23
C8 NAG EB . -55.36 -17.45 -14.15
N2 NAG EB . -56.95 -16.00 -13.06
O3 NAG EB . -59.74 -16.64 -13.05
O4 NAG EB . -61.47 -14.70 -14.29
O5 NAG EB . -58.58 -12.67 -13.31
O6 NAG EB . -60.17 -10.83 -13.05
O7 NAG EB . -56.77 -15.92 -15.31
C1 NAG FB . -61.27 17.45 8.03
C2 NAG FB . -62.52 17.11 8.82
C3 NAG FB . -62.53 17.87 10.15
C4 NAG FB . -61.48 18.97 10.21
C5 NAG FB . -60.08 18.51 9.76
C6 NAG FB . -59.20 18.09 10.92
C7 NAG FB . -64.93 16.93 8.38
C8 NAG FB . -66.07 17.35 7.48
N2 NAG FB . -63.73 17.42 8.05
O3 NAG FB . -62.35 16.97 11.23
O4 NAG FB . -61.88 20.10 9.44
O5 NAG FB . -60.17 17.39 8.87
O6 NAG FB . -57.85 18.47 10.70
O7 NAG FB . -65.10 16.19 9.33
C1 NAG GB . -38.35 -80.76 -5.37
C2 NAG GB . -39.52 -79.81 -5.74
C3 NAG GB . -40.13 -79.22 -4.48
C4 NAG GB . -39.24 -79.48 -3.27
C5 NAG GB . -37.79 -79.18 -3.60
C6 NAG GB . -36.87 -79.55 -2.44
C7 NAG GB . -39.52 -77.56 -6.76
C8 NAG GB . -38.54 -76.45 -6.48
N2 NAG GB . -39.02 -78.79 -6.64
O3 NAG GB . -41.41 -79.82 -4.25
O4 NAG GB . -39.69 -78.64 -2.20
O5 NAG GB . -37.37 -79.91 -4.74
O6 NAG GB . -37.20 -78.83 -1.26
O7 NAG GB . -40.67 -77.34 -7.08
C1 NAG HB . -37.81 -83.50 -4.43
C2 NAG HB . -38.25 -84.98 -4.30
C3 NAG HB . -39.38 -85.10 -3.30
C4 NAG HB . -38.93 -84.52 -1.97
C5 NAG HB . -38.37 -83.13 -2.15
C6 NAG HB . -37.83 -82.64 -0.82
C7 NAG HB . -37.88 -86.37 -6.26
C8 NAG HB . -38.49 -87.04 -7.45
N2 NAG HB . -38.66 -85.54 -5.57
O3 NAG HB . -39.71 -86.48 -3.15
O4 NAG HB . -40.05 -84.45 -1.08
O5 NAG HB . -37.34 -83.15 -3.13
O6 NAG HB . -36.72 -83.45 -0.44
O7 NAG HB . -36.72 -86.57 -5.93
#